data_3GLF
#
_entry.id   3GLF
#
_cell.length_a   100.264
_cell.length_b   219.947
_cell.length_c   273.150
_cell.angle_alpha   90.00
_cell.angle_beta   90.00
_cell.angle_gamma   90.00
#
_symmetry.space_group_name_H-M   'P 21 21 21'
#
loop_
_entity.id
_entity.type
_entity.pdbx_description
1 polymer 'DNA polymerase III subunit delta'
2 polymer 'DNA polymerase III subunit tau'
3 polymer "DNA polymerase III subunit delta'"
4 polymer "DNA (5'-D(*TP*TP*TP*TP*TP*TP*AP*TP*AP*GP*GP*CP*CP*AP*G)-3')"
5 polymer "DNA (5'-D(*CP*TP*GP*GP*CP*CP*TP*AP*TP*A)-3')"
6 non-polymer "ADENOSINE-5'-DIPHOSPHATE"
7 non-polymer 'BERYLLIUM TRIFLUORIDE ION'
8 non-polymer 'MAGNESIUM ION'
9 non-polymer 'ZINC ION'
#
loop_
_entity_poly.entity_id
_entity_poly.type
_entity_poly.pdbx_seq_one_letter_code
_entity_poly.pdbx_strand_id
1 'polypeptide(L)'
;MIRLYPEQLRAQLNEGLRAAYLLLGNDPLLLQESQDAVRQVAAAQGFEEHHTFSIDPNTDWNAIFSLCQAMSLFASRQTL
LLLLPENGPNAAINEQLLTLTGLLHDDLLLIVRGNKLSKAQENAAWFTALANRSVQVTCQTPEQAQLPRWVAARAKQLNL
ELDDAANQVLCYCYEGNLLALAQALERLSLLWPDGKLTLPRVEQAVNDAAHFTPFHWVDALLMGKSKRALHILQQLRLEG
SEPVILLRTLQRELLLLVNLKRQSAHTPLRALFDKHRVWQNRRGMMGEALNRLSQTQLRQAVQLLTRTELTLKQDYGQSV
WAELEGLSLLLCHKPLADVFIDG
;
A,F
2 'polypeptide(L)'
;MGSSHHHHHHSSGLEVLFQGPHMSYQVLARKWRPQTFADVVGQEHVLTALANGLSLGRIHHAYLFSGTRGVGKTSIARLL
AKGLNCETGITATPCGVCDNCREIEQGRFVDLIEIDAASRTKVEDTRDLLDNVQYAPARGRFKVYLIDEVHMLSRHSFNA
LLKTLEEPPEHVKFLLATTDPQKLPVTILSRCLQFHLKALDVEQIRHQLEHILNEEHIAHEPRALQLLARAAEGSLRDAL
SLTDQAIASGDGQVSTQAVSAMLGTLDDDQALSLVEAMVEANGERVMALINEAAARGIEWEALLVEMLGLLHRIAMVQLS
PAALGNDMAAIELRMRELARTIPPTDIQLYYQTLLIGRKELPYAPDRRMGVEMTLLRALAFHPRMPLPEPEVPRQ
;
B,C,D,G,H,I
3 'polypeptide(L)'
;MRWYPWLRPDFEKLVASYQAGRGHHALLIQALPGMGDDALIYALSRYLLCQQPQGHKSCGHCRGCQLMQAGTHPDYYTLA
PEKGKNTLGVDAVREVTEKLNEHARLGGAKVVWVTDAALLTDAAANALLKTLEEPPAETWFFLATREPERLLATLRSRCR
LHYLAPPPEQYAVTWLSREVTMSQDALLAALRLSAGSPGAALALFQGDNWQARETLCQALAYSVPSGDWYSLLAALNHEQ
APARLHWLATLLMDALKRHHGAAQVTNVDVPGLVAELANHLSPSRLQAILGDVCHIREQLMSVTGINRELLITDLLLRIE
HYLQPGVVLPVPHL
;
E,J
4 'polydeoxyribonucleotide' (DT)(DT)(DT)(DT)(DT)(DT)(DA)(DT)(DA)(DG)(DG)(DC)(DC)(DA)(DG) K,M
5 'polydeoxyribonucleotide' (DC)(DT)(DG)(DG)(DC)(DC)(DT)(DA)(DT)(DA) L,N
#
# COMPACT_ATOMS: atom_id res chain seq x y z
N MET A 1 16.77 61.17 -7.04
CA MET A 1 15.49 60.91 -7.70
C MET A 1 14.34 60.66 -6.74
N ILE A 2 13.46 61.66 -6.63
CA ILE A 2 12.35 61.62 -5.69
C ILE A 2 11.28 60.60 -6.14
N ARG A 3 11.23 59.44 -5.47
CA ARG A 3 10.23 58.41 -5.77
C ARG A 3 8.90 58.72 -5.09
N LEU A 4 7.79 58.43 -5.77
CA LEU A 4 6.50 58.88 -5.28
C LEU A 4 5.38 57.88 -5.52
N TYR A 5 4.33 57.99 -4.72
CA TYR A 5 3.05 57.32 -4.98
C TYR A 5 2.08 58.32 -5.63
N PRO A 6 1.18 57.86 -6.50
CA PRO A 6 0.52 58.83 -7.38
C PRO A 6 -0.24 59.89 -6.59
N GLU A 7 -0.74 59.50 -5.42
CA GLU A 7 -1.43 60.43 -4.54
C GLU A 7 -0.53 61.61 -4.17
N GLN A 8 0.66 61.29 -3.62
CA GLN A 8 1.70 62.27 -3.23
C GLN A 8 2.18 63.18 -4.38
N LEU A 9 1.98 62.77 -5.63
CA LEU A 9 2.47 63.52 -6.79
C LEU A 9 1.97 64.97 -6.87
N ARG A 10 0.65 65.14 -6.79
CA ARG A 10 0.06 66.46 -6.96
C ARG A 10 0.87 67.50 -6.19
N ALA A 11 1.44 67.08 -5.06
CA ALA A 11 2.17 67.96 -4.13
C ALA A 11 3.62 68.29 -4.52
N GLN A 12 4.33 67.33 -5.11
CA GLN A 12 5.74 67.51 -5.46
C GLN A 12 5.91 67.94 -6.91
N LEU A 13 4.79 68.26 -7.53
CA LEU A 13 4.76 68.90 -8.85
C LEU A 13 4.42 70.37 -8.67
N ASN A 14 3.85 70.70 -7.51
CA ASN A 14 3.66 72.08 -7.08
C ASN A 14 4.96 72.71 -6.60
N GLU A 15 5.52 72.13 -5.54
CA GLU A 15 6.82 72.57 -5.05
C GLU A 15 7.67 72.99 -6.25
N GLY A 16 8.22 72.02 -6.97
CA GLY A 16 9.04 72.32 -8.13
C GLY A 16 8.86 71.32 -9.24
N LEU A 17 8.71 71.82 -10.46
CA LEU A 17 8.81 70.93 -11.59
C LEU A 17 10.25 70.47 -11.71
N ARG A 18 10.46 69.29 -12.28
CA ARG A 18 11.79 68.77 -12.49
C ARG A 18 11.92 68.29 -13.95
N ALA A 19 13.12 68.40 -14.51
CA ALA A 19 13.33 68.15 -15.93
C ALA A 19 12.75 66.84 -16.49
N ALA A 20 12.60 65.82 -15.64
CA ALA A 20 12.25 64.46 -16.10
C ALA A 20 11.17 63.73 -15.28
N TYR A 21 9.97 63.58 -15.84
CA TYR A 21 8.89 62.87 -15.15
C TYR A 21 8.68 61.41 -15.61
N LEU A 22 9.03 60.47 -14.73
CA LEU A 22 9.04 59.01 -15.00
C LEU A 22 7.87 58.23 -14.41
N LEU A 23 6.91 57.89 -15.26
CA LEU A 23 5.69 57.22 -14.84
C LEU A 23 5.74 55.73 -15.16
N LEU A 24 6.31 54.95 -14.25
CA LEU A 24 6.42 53.51 -14.43
C LEU A 24 5.35 52.78 -13.63
N GLY A 25 4.72 51.81 -14.23
CA GLY A 25 3.70 51.11 -13.51
C GLY A 25 2.94 50.23 -14.45
N ASN A 26 1.87 49.64 -13.93
CA ASN A 26 1.12 48.68 -14.70
C ASN A 26 -0.35 49.05 -14.72
N ASP A 27 -0.77 49.81 -13.70
CA ASP A 27 -2.18 50.16 -13.57
C ASP A 27 -2.64 51.32 -14.46
N PRO A 28 -3.67 51.05 -15.28
CA PRO A 28 -4.08 51.98 -16.32
C PRO A 28 -4.55 53.30 -15.74
N LEU A 29 -5.16 53.29 -14.55
CA LEU A 29 -5.72 54.50 -13.97
C LEU A 29 -4.65 55.42 -13.36
N LEU A 30 -3.65 54.82 -12.72
CA LEU A 30 -2.64 55.57 -12.00
C LEU A 30 -1.67 56.13 -12.99
N LEU A 31 -1.54 55.46 -14.12
CA LEU A 31 -0.84 56.08 -15.21
C LEU A 31 -1.60 57.32 -15.67
N GLN A 32 -2.75 57.17 -16.34
CA GLN A 32 -3.47 58.35 -16.85
C GLN A 32 -3.45 59.51 -15.85
N GLU A 33 -3.91 59.27 -14.62
CA GLU A 33 -4.07 60.34 -13.65
C GLU A 33 -2.80 61.12 -13.37
N SER A 34 -1.70 60.39 -13.25
CA SER A 34 -0.40 60.98 -13.05
C SER A 34 0.01 61.76 -14.30
N GLN A 35 -0.03 61.08 -15.43
CA GLN A 35 0.21 61.71 -16.74
C GLN A 35 -0.45 63.06 -16.84
N ASP A 36 -1.76 63.08 -16.65
CA ASP A 36 -2.55 64.29 -16.82
C ASP A 36 -2.29 65.35 -15.76
N ALA A 37 -1.92 64.91 -14.56
CA ALA A 37 -1.61 65.84 -13.47
C ALA A 37 -0.39 66.69 -13.84
N VAL A 38 0.54 66.08 -14.58
CA VAL A 38 1.71 66.79 -15.09
C VAL A 38 1.37 67.69 -16.30
N ARG A 39 0.80 67.11 -17.36
CA ARG A 39 0.36 67.89 -18.55
C ARG A 39 -0.39 69.17 -18.17
N GLN A 40 -1.27 69.04 -17.16
CA GLN A 40 -2.10 70.12 -16.64
C GLN A 40 -1.26 71.25 -16.03
N VAL A 41 -0.30 70.87 -15.20
CA VAL A 41 0.51 71.84 -14.48
C VAL A 41 1.62 72.42 -15.40
N ALA A 42 1.84 71.76 -16.55
CA ALA A 42 2.80 72.25 -17.54
C ALA A 42 2.20 73.33 -18.47
N ALA A 43 1.00 73.11 -19.00
CA ALA A 43 0.27 74.21 -19.64
C ALA A 43 0.41 75.43 -18.73
N ALA A 44 -0.17 75.33 -17.53
CA ALA A 44 -0.14 76.37 -16.48
C ALA A 44 1.24 76.99 -16.16
N GLN A 45 2.32 76.44 -16.71
CA GLN A 45 3.66 77.00 -16.51
C GLN A 45 4.25 77.59 -17.81
N GLY A 46 3.38 77.78 -18.82
CA GLY A 46 3.75 78.42 -20.08
C GLY A 46 3.86 77.48 -21.28
N PHE A 47 3.56 76.20 -21.03
CA PHE A 47 3.75 75.14 -22.01
C PHE A 47 2.59 74.98 -23.02
N GLU A 48 2.83 75.39 -24.27
CA GLU A 48 1.86 75.16 -25.35
C GLU A 48 2.09 73.82 -26.13
N GLU A 49 3.31 73.65 -26.66
CA GLU A 49 3.61 72.58 -27.62
C GLU A 49 3.76 71.19 -27.01
N HIS A 50 2.73 70.35 -27.14
CA HIS A 50 2.77 69.01 -26.56
C HIS A 50 2.94 67.90 -27.60
N HIS A 51 4.10 67.25 -27.56
CA HIS A 51 4.43 66.19 -28.50
C HIS A 51 4.41 64.82 -27.84
N THR A 52 3.69 63.89 -28.44
CA THR A 52 3.69 62.51 -27.98
C THR A 52 4.45 61.61 -28.98
N PHE A 53 4.98 60.49 -28.49
CA PHE A 53 5.88 59.62 -29.27
C PHE A 53 5.95 58.22 -28.59
N SER A 54 5.26 57.23 -29.18
CA SER A 54 5.34 55.84 -28.71
C SER A 54 6.64 55.17 -29.21
N ILE A 55 7.44 54.63 -28.28
CA ILE A 55 8.69 53.94 -28.62
C ILE A 55 8.60 52.40 -28.68
N ASP A 56 8.53 51.88 -29.91
CA ASP A 56 8.74 50.46 -30.19
C ASP A 56 10.25 50.27 -30.41
N PRO A 57 10.72 49.01 -30.46
CA PRO A 57 12.02 48.89 -31.13
C PRO A 57 11.93 49.33 -32.64
N ASN A 58 10.70 49.67 -33.06
CA ASN A 58 10.37 50.13 -34.43
C ASN A 58 10.92 51.52 -34.79
N THR A 59 10.67 52.50 -33.93
CA THR A 59 11.27 53.82 -34.05
C THR A 59 12.65 53.63 -34.61
N ASP A 60 12.85 54.08 -35.85
CA ASP A 60 14.17 53.95 -36.50
C ASP A 60 15.27 54.75 -35.73
N TRP A 61 16.50 54.78 -36.28
CA TRP A 61 17.56 55.73 -35.88
C TRP A 61 17.40 57.10 -36.62
N ASN A 62 16.31 57.22 -37.41
CA ASN A 62 15.82 58.49 -38.01
C ASN A 62 14.65 59.10 -37.18
N ALA A 63 13.88 58.24 -36.50
CA ALA A 63 12.78 58.66 -35.60
C ALA A 63 13.30 59.29 -34.29
N ILE A 64 14.42 58.76 -33.77
CA ILE A 64 15.15 59.30 -32.58
C ILE A 64 16.14 60.44 -32.90
N PHE A 65 16.29 60.78 -34.17
CA PHE A 65 17.10 61.93 -34.60
C PHE A 65 16.19 63.13 -34.92
N SER A 66 14.88 62.90 -34.81
CA SER A 66 13.84 63.95 -34.91
C SER A 66 13.25 64.29 -33.52
N LEU A 67 13.76 63.61 -32.49
CA LEU A 67 13.45 63.90 -31.08
C LEU A 67 14.55 64.74 -30.40
N CYS A 68 15.82 64.35 -30.60
CA CYS A 68 16.99 65.10 -30.12
C CYS A 68 16.99 66.50 -30.74
N GLN A 69 16.64 66.57 -32.02
CA GLN A 69 16.35 67.83 -32.72
C GLN A 69 15.05 68.50 -32.25
N ALA A 70 14.12 67.71 -31.71
CA ALA A 70 12.84 68.21 -31.21
C ALA A 70 12.96 69.20 -30.03
N MET A 71 14.19 69.52 -29.63
CA MET A 71 14.45 70.52 -28.59
C MET A 71 15.60 71.51 -28.89
N SER A 72 15.21 72.72 -29.30
CA SER A 72 16.11 73.82 -29.56
C SER A 72 15.49 75.13 -28.99
N LEU A 73 16.33 76.07 -28.54
CA LEU A 73 15.88 77.33 -27.91
C LEU A 73 15.95 78.53 -28.90
N PHE A 74 14.99 79.47 -28.88
CA PHE A 74 13.93 79.64 -27.86
C PHE A 74 12.48 79.45 -28.37
N ALA A 75 11.87 78.30 -28.06
CA ALA A 75 10.45 78.07 -28.41
C ALA A 75 9.58 78.09 -27.17
N SER A 76 8.40 78.70 -27.24
CA SER A 76 7.46 78.61 -26.12
C SER A 76 7.48 77.15 -25.59
N ARG A 77 7.58 77.00 -24.26
CA ARG A 77 7.81 75.72 -23.57
C ARG A 77 7.02 74.50 -24.13
N GLN A 78 7.72 73.39 -24.41
CA GLN A 78 7.10 72.18 -24.99
C GLN A 78 7.24 70.85 -24.19
N THR A 79 6.16 70.06 -24.16
CA THR A 79 6.08 68.85 -23.33
C THR A 79 6.20 67.54 -24.11
N LEU A 80 7.43 67.03 -24.19
CA LEU A 80 7.74 65.81 -24.92
C LEU A 80 7.44 64.52 -24.15
N LEU A 81 6.42 63.77 -24.57
CA LEU A 81 6.06 62.49 -23.95
C LEU A 81 6.63 61.29 -24.72
N LEU A 82 6.99 60.23 -24.01
CA LEU A 82 7.51 59.02 -24.65
C LEU A 82 6.84 57.78 -24.04
N LEU A 83 6.28 56.90 -24.87
CA LEU A 83 5.70 55.65 -24.37
C LEU A 83 6.65 54.50 -24.60
N LEU A 84 6.48 53.43 -23.82
CA LEU A 84 7.51 52.36 -23.79
C LEU A 84 7.02 50.96 -24.22
N PRO A 85 8.00 50.11 -24.66
CA PRO A 85 7.77 48.72 -25.06
C PRO A 85 7.54 47.80 -23.85
N GLU A 86 6.93 46.64 -24.10
CA GLU A 86 6.82 45.60 -23.08
C GLU A 86 8.08 45.49 -22.22
N ASN A 87 9.20 45.24 -22.88
CA ASN A 87 10.50 44.98 -22.23
C ASN A 87 11.11 46.16 -21.46
N GLY A 88 10.77 47.37 -21.88
CA GLY A 88 11.42 48.55 -21.36
C GLY A 88 12.60 48.87 -22.24
N PRO A 89 13.56 49.65 -21.72
CA PRO A 89 14.67 50.17 -22.54
C PRO A 89 15.68 49.10 -23.05
N ASN A 90 15.52 48.57 -24.27
CA ASN A 90 16.49 47.58 -24.84
C ASN A 90 17.89 48.17 -25.01
N ALA A 91 18.84 47.37 -25.47
CA ALA A 91 20.17 47.92 -25.69
C ALA A 91 20.19 48.95 -26.84
N ALA A 92 19.17 48.87 -27.71
CA ALA A 92 18.99 49.82 -28.82
C ALA A 92 18.52 51.20 -28.34
N ILE A 93 17.58 51.17 -27.38
CA ILE A 93 16.94 52.36 -26.79
C ILE A 93 17.54 52.77 -25.41
N ASN A 94 18.43 51.93 -24.86
CA ASN A 94 19.19 52.25 -23.64
C ASN A 94 20.17 53.40 -23.95
N GLU A 95 20.60 53.45 -25.22
CA GLU A 95 21.49 54.50 -25.76
C GLU A 95 20.80 55.79 -26.26
N GLN A 96 19.73 55.65 -27.06
CA GLN A 96 18.91 56.79 -27.49
C GLN A 96 18.54 57.71 -26.32
N LEU A 97 18.19 57.08 -25.20
CA LEU A 97 17.82 57.79 -23.98
C LEU A 97 18.99 58.65 -23.48
N LEU A 98 20.17 58.04 -23.40
CA LEU A 98 21.42 58.71 -23.02
C LEU A 98 21.63 60.03 -23.74
N THR A 99 21.14 60.12 -24.98
CA THR A 99 21.26 61.34 -25.78
C THR A 99 20.41 62.47 -25.18
N LEU A 100 19.24 62.11 -24.69
CA LEU A 100 18.26 63.08 -24.20
C LEU A 100 18.52 63.54 -22.77
N THR A 101 19.38 62.83 -22.05
CA THR A 101 19.67 63.10 -20.63
C THR A 101 20.37 64.43 -20.35
N GLY A 102 21.08 64.96 -21.36
CA GLY A 102 21.86 66.18 -21.24
C GLY A 102 21.27 67.44 -21.87
N LEU A 103 20.41 67.26 -22.87
CA LEU A 103 19.58 68.35 -23.39
C LEU A 103 18.34 68.57 -22.50
N LEU A 104 18.50 69.26 -21.37
CA LEU A 104 17.36 69.51 -20.48
C LEU A 104 17.19 71.00 -20.20
N HIS A 105 16.02 71.51 -20.56
CA HIS A 105 15.74 72.92 -20.33
C HIS A 105 14.57 73.05 -19.34
N ASP A 106 14.32 74.28 -18.88
CA ASP A 106 13.05 74.65 -18.26
C ASP A 106 12.00 74.74 -19.36
N ASP A 107 12.50 74.86 -20.60
CA ASP A 107 11.69 74.91 -21.82
C ASP A 107 11.20 73.52 -22.28
N LEU A 108 12.05 72.48 -22.13
CA LEU A 108 11.69 71.09 -22.49
C LEU A 108 11.43 70.20 -21.27
N LEU A 109 10.18 69.71 -21.15
CA LEU A 109 9.78 68.85 -20.04
C LEU A 109 9.52 67.43 -20.53
N LEU A 110 10.28 66.48 -20.00
CA LEU A 110 10.15 65.07 -20.40
C LEU A 110 9.11 64.28 -19.55
N ILE A 111 8.23 63.54 -20.22
CA ILE A 111 7.31 62.61 -19.55
C ILE A 111 7.40 61.20 -20.14
N VAL A 112 7.58 60.19 -19.30
CA VAL A 112 7.83 58.84 -19.78
C VAL A 112 6.88 57.82 -19.15
N ARG A 113 6.22 57.01 -19.99
CA ARG A 113 5.20 56.03 -19.53
C ARG A 113 5.60 54.60 -19.90
N GLY A 114 5.40 53.69 -18.95
CA GLY A 114 5.66 52.26 -19.16
C GLY A 114 5.67 51.41 -17.90
N ASN A 115 5.99 50.12 -18.05
CA ASN A 115 6.07 49.16 -16.93
C ASN A 115 7.30 49.37 -16.04
N LYS A 116 7.30 48.71 -14.88
CA LYS A 116 8.47 48.68 -14.01
C LYS A 116 9.68 48.11 -14.77
N LEU A 117 10.86 48.56 -14.37
CA LEU A 117 12.07 48.18 -15.07
C LEU A 117 12.75 47.00 -14.37
N SER A 118 13.64 46.29 -15.07
CA SER A 118 14.48 45.29 -14.41
C SER A 118 15.59 46.06 -13.70
N LYS A 119 16.19 45.46 -12.68
CA LYS A 119 17.09 46.25 -11.84
C LYS A 119 18.35 46.81 -12.50
N ALA A 120 18.93 46.10 -13.49
CA ALA A 120 20.09 46.63 -14.23
C ALA A 120 19.66 47.55 -15.40
N GLN A 121 18.36 47.59 -15.66
CA GLN A 121 17.76 48.54 -16.59
C GLN A 121 17.67 49.91 -15.95
N GLU A 122 17.26 49.93 -14.68
CA GLU A 122 17.20 51.16 -13.91
C GLU A 122 18.60 51.70 -13.65
N ASN A 123 19.53 50.82 -13.28
CA ASN A 123 20.90 51.23 -13.01
C ASN A 123 21.76 51.48 -14.27
N ALA A 124 21.15 51.55 -15.46
CA ALA A 124 21.90 51.86 -16.69
C ALA A 124 22.19 53.37 -16.80
N ALA A 125 23.47 53.71 -16.97
CA ALA A 125 24.01 55.08 -16.78
C ALA A 125 23.00 56.25 -16.87
N TRP A 126 22.46 56.48 -18.06
CA TRP A 126 21.55 57.60 -18.32
C TRP A 126 20.53 57.88 -17.22
N PHE A 127 20.03 56.82 -16.62
CA PHE A 127 18.91 56.89 -15.70
C PHE A 127 19.33 57.47 -14.34
N THR A 128 20.57 57.21 -13.93
CA THR A 128 21.08 57.69 -12.63
C THR A 128 21.59 59.12 -12.71
N ALA A 129 22.14 59.52 -13.86
CA ALA A 129 22.55 60.91 -14.06
C ALA A 129 21.33 61.77 -14.44
N LEU A 130 20.21 61.11 -14.70
CA LEU A 130 18.91 61.79 -14.74
C LEU A 130 18.47 62.02 -13.30
N ALA A 131 19.04 61.21 -12.38
CA ALA A 131 18.51 60.99 -11.03
C ALA A 131 18.13 62.19 -10.16
N ASN A 132 19.04 63.10 -9.89
CA ASN A 132 18.67 64.22 -9.02
C ASN A 132 17.65 65.17 -9.66
N ARG A 133 17.57 65.15 -10.99
CA ARG A 133 16.65 65.98 -11.78
C ARG A 133 15.22 65.45 -11.82
N SER A 134 15.07 64.13 -11.87
CA SER A 134 13.78 63.48 -12.16
C SER A 134 12.90 63.05 -10.98
N VAL A 135 11.59 63.09 -11.23
CA VAL A 135 10.61 62.49 -10.34
C VAL A 135 10.18 61.15 -10.98
N GLN A 136 9.87 60.16 -10.15
CA GLN A 136 9.50 58.84 -10.62
C GLN A 136 8.26 58.38 -9.85
N VAL A 137 7.22 57.94 -10.55
CA VAL A 137 6.00 57.59 -9.86
C VAL A 137 5.69 56.12 -9.97
N THR A 138 5.40 55.47 -8.84
CA THR A 138 4.98 54.06 -8.82
C THR A 138 3.48 53.90 -9.08
N CYS A 139 3.16 53.18 -10.14
CA CYS A 139 1.78 53.06 -10.56
C CYS A 139 1.32 51.61 -10.48
N GLN A 140 2.04 50.79 -9.73
CA GLN A 140 1.63 49.41 -9.53
C GLN A 140 0.32 49.42 -8.77
N THR A 141 -0.63 48.61 -9.22
CA THR A 141 -1.93 48.49 -8.61
C THR A 141 -1.73 47.95 -7.22
N PRO A 142 -2.62 48.27 -6.29
CA PRO A 142 -2.54 47.67 -4.95
C PRO A 142 -3.17 46.31 -4.96
N GLU A 143 -2.63 45.38 -4.16
CA GLU A 143 -3.18 44.02 -4.04
C GLU A 143 -4.18 43.82 -2.89
N GLN A 144 -4.76 42.62 -2.78
CA GLN A 144 -5.88 42.38 -1.89
C GLN A 144 -5.62 42.84 -0.50
N ALA A 145 -4.34 42.87 -0.13
CA ALA A 145 -3.86 43.37 1.18
C ALA A 145 -3.87 44.91 1.25
N GLN A 146 -2.94 45.52 0.52
CA GLN A 146 -2.72 46.96 0.50
C GLN A 146 -3.91 47.83 0.03
N LEU A 147 -4.96 47.19 -0.51
CA LEU A 147 -6.03 47.92 -1.23
C LEU A 147 -6.94 48.82 -0.39
N PRO A 148 -7.56 48.25 0.67
CA PRO A 148 -8.54 49.06 1.40
C PRO A 148 -7.93 50.38 1.83
N ARG A 149 -6.70 50.37 2.35
CA ARG A 149 -6.06 51.63 2.70
C ARG A 149 -6.21 52.67 1.54
N TRP A 150 -5.84 52.26 0.33
CA TRP A 150 -5.89 53.14 -0.85
C TRP A 150 -7.27 53.67 -1.18
N VAL A 151 -8.29 52.92 -0.80
CA VAL A 151 -9.66 53.34 -0.98
C VAL A 151 -10.08 54.34 0.09
N ALA A 152 -9.94 53.96 1.36
CA ALA A 152 -10.26 54.86 2.47
C ALA A 152 -9.46 56.17 2.40
N ALA A 153 -8.42 56.17 1.58
CA ALA A 153 -7.58 57.34 1.34
C ALA A 153 -8.20 58.23 0.29
N ARG A 154 -8.40 57.67 -0.90
CA ARG A 154 -9.04 58.40 -1.97
C ARG A 154 -10.43 58.82 -1.53
N ALA A 155 -11.06 57.99 -0.71
CA ALA A 155 -12.37 58.29 -0.11
C ALA A 155 -12.35 59.66 0.56
N LYS A 156 -11.33 59.87 1.38
CA LYS A 156 -11.11 61.15 2.04
C LYS A 156 -10.70 62.29 1.09
N GLN A 157 -9.76 62.08 0.19
CA GLN A 157 -9.43 63.14 -0.79
C GLN A 157 -10.63 63.71 -1.55
N LEU A 158 -11.68 62.89 -1.71
CA LEU A 158 -12.97 63.27 -2.32
C LEU A 158 -13.96 63.66 -1.20
N ASN A 159 -13.38 63.99 -0.05
CA ASN A 159 -14.03 64.22 1.25
C ASN A 159 -15.21 63.32 1.66
N LEU A 160 -15.48 62.27 0.90
CA LEU A 160 -16.51 61.34 1.30
C LEU A 160 -16.08 60.52 2.54
N GLU A 161 -17.06 60.11 3.34
CA GLU A 161 -16.83 59.35 4.56
C GLU A 161 -17.26 57.89 4.44
N LEU A 162 -16.29 57.01 4.20
CA LEU A 162 -16.54 55.58 4.01
C LEU A 162 -16.59 54.72 5.28
N ASP A 163 -17.30 53.60 5.19
CA ASP A 163 -17.47 52.69 6.33
C ASP A 163 -16.56 51.46 6.23
N ASP A 164 -16.07 50.98 7.38
CA ASP A 164 -15.22 49.79 7.44
C ASP A 164 -15.80 48.72 6.55
N ALA A 165 -17.13 48.66 6.53
CA ALA A 165 -17.88 47.61 5.86
C ALA A 165 -18.14 47.93 4.39
N ALA A 166 -18.25 49.22 4.06
CA ALA A 166 -18.44 49.63 2.66
C ALA A 166 -17.13 49.51 1.88
N ASN A 167 -16.06 49.99 2.52
CA ASN A 167 -14.69 49.77 2.07
C ASN A 167 -14.45 48.31 1.70
N GLN A 168 -14.93 47.37 2.51
CA GLN A 168 -14.83 45.95 2.18
C GLN A 168 -15.58 45.64 0.91
N VAL A 169 -16.80 46.13 0.80
CA VAL A 169 -17.65 45.74 -0.31
C VAL A 169 -17.30 46.42 -1.64
N LEU A 170 -16.57 47.52 -1.58
CA LEU A 170 -15.95 48.07 -2.79
C LEU A 170 -14.71 47.29 -3.24
N CYS A 171 -13.88 46.89 -2.27
CA CYS A 171 -12.64 46.17 -2.54
C CYS A 171 -12.95 44.79 -3.08
N TYR A 172 -14.07 44.22 -2.63
CA TYR A 172 -14.48 42.96 -3.20
C TYR A 172 -14.78 43.14 -4.67
N CYS A 173 -15.67 44.07 -5.00
CA CYS A 173 -16.22 44.15 -6.38
C CYS A 173 -15.28 44.61 -7.46
N TYR A 174 -14.27 45.35 -7.07
CA TYR A 174 -13.45 46.06 -8.04
C TYR A 174 -11.95 45.74 -7.94
N GLU A 175 -11.60 44.80 -7.07
CA GLU A 175 -10.22 44.37 -6.89
C GLU A 175 -9.58 44.33 -8.26
N GLY A 176 -8.38 44.89 -8.40
CA GLY A 176 -7.66 44.88 -9.67
C GLY A 176 -8.17 45.72 -10.85
N ASN A 177 -9.26 46.43 -10.63
CA ASN A 177 -9.82 47.29 -11.64
C ASN A 177 -9.99 48.63 -10.99
N LEU A 178 -8.88 49.29 -10.67
CA LEU A 178 -8.97 50.54 -9.95
C LEU A 178 -9.81 51.61 -10.66
N LEU A 179 -9.75 51.62 -11.98
CA LEU A 179 -10.46 52.63 -12.74
C LEU A 179 -11.96 52.58 -12.49
N ALA A 180 -12.45 51.41 -12.12
CA ALA A 180 -13.87 51.21 -11.92
C ALA A 180 -14.25 51.47 -10.49
N LEU A 181 -13.27 51.25 -9.62
CA LEU A 181 -13.43 51.58 -8.23
C LEU A 181 -13.44 53.09 -8.11
N ALA A 182 -12.64 53.75 -8.94
CA ALA A 182 -12.54 55.19 -8.89
C ALA A 182 -13.86 55.87 -9.28
N GLN A 183 -14.47 55.36 -10.34
CA GLN A 183 -15.75 55.87 -10.80
C GLN A 183 -16.84 55.39 -9.84
N ALA A 184 -16.60 54.31 -9.13
CA ALA A 184 -17.51 53.90 -8.09
C ALA A 184 -17.73 55.02 -7.06
N LEU A 185 -16.67 55.73 -6.70
CA LEU A 185 -16.81 56.79 -5.73
C LEU A 185 -17.46 57.99 -6.41
N GLU A 186 -16.84 58.49 -7.49
CA GLU A 186 -17.41 59.54 -8.35
C GLU A 186 -18.94 59.39 -8.54
N ARG A 187 -19.40 58.18 -8.91
CA ARG A 187 -20.83 57.79 -9.01
C ARG A 187 -21.59 57.87 -7.64
N LEU A 188 -20.92 57.61 -6.51
CA LEU A 188 -21.60 57.62 -5.21
C LEU A 188 -21.65 59.00 -4.59
N SER A 189 -20.73 59.87 -4.97
CA SER A 189 -20.80 61.25 -4.51
C SER A 189 -21.88 62.03 -5.30
N LEU A 190 -22.12 61.62 -6.55
CA LEU A 190 -23.25 62.14 -7.33
C LEU A 190 -24.57 61.56 -6.81
N LEU A 191 -24.49 60.36 -6.24
CA LEU A 191 -25.67 59.74 -5.66
C LEU A 191 -26.05 60.47 -4.38
N TRP A 192 -25.09 60.58 -3.47
CA TRP A 192 -25.32 61.23 -2.18
C TRP A 192 -24.35 62.33 -1.85
N PRO A 193 -24.83 63.58 -1.91
CA PRO A 193 -24.14 64.82 -1.53
C PRO A 193 -23.84 64.89 -0.04
N ASP A 194 -24.48 64.04 0.75
CA ASP A 194 -24.11 63.85 2.15
C ASP A 194 -22.61 63.67 2.22
N GLY A 195 -22.13 62.73 1.40
CA GLY A 195 -20.75 62.27 1.43
C GLY A 195 -20.58 61.09 2.40
N LYS A 196 -21.71 60.64 2.97
CA LYS A 196 -21.72 59.51 3.90
C LYS A 196 -22.11 58.21 3.18
N LEU A 197 -21.21 57.23 3.19
CA LEU A 197 -21.45 56.01 2.43
C LEU A 197 -21.68 54.85 3.36
N THR A 198 -22.88 54.81 3.92
CA THR A 198 -23.29 53.71 4.79
C THR A 198 -23.14 52.45 3.97
N LEU A 199 -23.08 51.29 4.62
CA LEU A 199 -22.94 50.06 3.85
C LEU A 199 -24.13 49.87 2.91
N PRO A 200 -25.36 49.79 3.47
CA PRO A 200 -26.54 49.45 2.65
C PRO A 200 -26.73 50.39 1.45
N ARG A 201 -26.34 51.66 1.59
CA ARG A 201 -26.40 52.64 0.50
C ARG A 201 -25.48 52.23 -0.66
N VAL A 202 -24.24 51.91 -0.32
CA VAL A 202 -23.22 51.55 -1.28
C VAL A 202 -23.53 50.20 -1.95
N GLU A 203 -24.12 49.30 -1.20
CA GLU A 203 -24.52 48.01 -1.74
C GLU A 203 -25.29 48.18 -3.05
N GLN A 204 -26.26 49.09 -3.07
CA GLN A 204 -27.21 49.15 -4.18
C GLN A 204 -26.67 49.73 -5.47
N ALA A 205 -25.50 50.35 -5.38
CA ALA A 205 -24.91 51.07 -6.49
C ALA A 205 -23.67 50.38 -7.05
N VAL A 206 -23.47 49.15 -6.61
CA VAL A 206 -22.30 48.40 -7.03
C VAL A 206 -22.64 47.32 -8.10
N ASN A 207 -21.70 47.09 -9.02
CA ASN A 207 -21.73 45.90 -9.88
C ASN A 207 -20.40 45.13 -9.83
N ASP A 208 -20.45 43.81 -10.01
CA ASP A 208 -19.27 42.97 -9.82
C ASP A 208 -18.37 43.05 -11.04
N ALA A 209 -17.11 43.47 -10.87
CA ALA A 209 -16.19 43.59 -12.02
C ALA A 209 -14.70 43.64 -11.69
N ALA A 210 -14.18 42.57 -11.11
CA ALA A 210 -12.77 42.47 -10.77
C ALA A 210 -11.97 41.91 -11.94
N HIS A 211 -10.72 42.36 -12.09
CA HIS A 211 -9.77 41.73 -13.02
C HIS A 211 -8.75 40.93 -12.18
N PHE A 212 -8.65 39.62 -12.44
CA PHE A 212 -7.58 38.81 -11.86
C PHE A 212 -6.71 38.30 -12.94
N THR A 213 -5.56 37.79 -12.54
CA THR A 213 -4.73 37.02 -13.42
C THR A 213 -4.83 35.57 -12.94
N PRO A 214 -4.41 34.62 -13.80
CA PRO A 214 -4.45 33.21 -13.44
C PRO A 214 -3.75 33.04 -12.15
N PHE A 215 -2.77 33.88 -11.88
CA PHE A 215 -2.02 33.70 -10.67
C PHE A 215 -2.87 33.80 -9.46
N HIS A 216 -3.70 34.83 -9.43
CA HIS A 216 -4.56 35.04 -8.28
C HIS A 216 -5.32 33.79 -7.91
N TRP A 217 -5.58 32.93 -8.88
CA TRP A 217 -6.40 31.77 -8.67
C TRP A 217 -5.59 30.72 -7.99
N VAL A 218 -4.41 30.42 -8.53
CA VAL A 218 -3.54 29.42 -7.89
C VAL A 218 -3.19 29.89 -6.50
N ASP A 219 -2.90 31.18 -6.34
CA ASP A 219 -2.72 31.67 -4.99
C ASP A 219 -3.90 31.24 -4.15
N ALA A 220 -5.11 31.49 -4.61
CA ALA A 220 -6.28 31.23 -3.79
C ALA A 220 -6.44 29.74 -3.54
N LEU A 221 -6.12 28.91 -4.51
CA LEU A 221 -6.14 27.46 -4.24
C LEU A 221 -5.06 27.13 -3.21
N LEU A 222 -3.81 27.46 -3.50
CA LEU A 222 -2.76 27.28 -2.51
C LEU A 222 -3.16 27.60 -1.06
N MET A 223 -3.93 28.66 -0.80
CA MET A 223 -4.29 29.00 0.58
C MET A 223 -5.60 28.40 1.03
N GLY A 224 -6.29 27.72 0.12
CA GLY A 224 -7.50 27.03 0.46
C GLY A 224 -8.80 27.84 0.50
N LYS A 225 -8.74 29.15 0.24
CA LYS A 225 -9.96 29.98 0.16
C LYS A 225 -10.75 29.64 -1.11
N SER A 226 -11.88 28.97 -0.99
CA SER A 226 -12.48 28.44 -2.19
C SER A 226 -13.55 29.36 -2.75
N LYS A 227 -14.29 30.05 -1.88
CA LYS A 227 -15.29 30.98 -2.38
C LYS A 227 -14.55 31.98 -3.25
N ARG A 228 -13.39 32.43 -2.77
CA ARG A 228 -12.49 33.27 -3.57
C ARG A 228 -12.17 32.65 -4.96
N ALA A 229 -11.61 31.45 -4.94
CA ALA A 229 -11.34 30.75 -6.19
C ALA A 229 -12.51 30.90 -7.17
N LEU A 230 -13.65 30.36 -6.77
CA LEU A 230 -14.81 30.34 -7.65
C LEU A 230 -15.15 31.67 -8.30
N HIS A 231 -14.94 32.76 -7.56
CA HIS A 231 -15.21 34.10 -8.03
C HIS A 231 -14.19 34.32 -9.09
N ILE A 232 -12.95 34.03 -8.74
CA ILE A 232 -11.85 34.28 -9.64
C ILE A 232 -12.00 33.58 -10.99
N LEU A 233 -12.52 32.36 -10.99
CA LEU A 233 -12.81 31.66 -12.25
C LEU A 233 -13.84 32.42 -13.08
N GLN A 234 -15.03 32.59 -12.51
CA GLN A 234 -16.12 33.22 -13.21
C GLN A 234 -15.74 34.60 -13.74
N GLN A 235 -14.81 35.31 -13.11
CA GLN A 235 -14.37 36.57 -13.67
C GLN A 235 -13.40 36.31 -14.79
N LEU A 236 -12.50 35.36 -14.55
CA LEU A 236 -11.51 34.98 -15.56
C LEU A 236 -12.16 34.48 -16.85
N ARG A 237 -13.37 33.94 -16.74
CA ARG A 237 -14.15 33.55 -17.92
C ARG A 237 -14.63 34.78 -18.65
N LEU A 238 -15.43 35.60 -17.98
CA LEU A 238 -16.02 36.73 -18.65
C LEU A 238 -14.96 37.71 -19.16
N GLU A 239 -13.70 37.43 -18.92
CA GLU A 239 -12.66 38.25 -19.54
C GLU A 239 -12.14 37.56 -20.77
N GLY A 240 -12.49 36.29 -20.85
CA GLY A 240 -12.11 35.44 -21.97
C GLY A 240 -10.70 34.90 -21.94
N SER A 241 -10.23 34.52 -20.76
CA SER A 241 -8.88 33.97 -20.66
C SER A 241 -8.83 32.60 -21.31
N GLU A 242 -7.73 32.31 -21.99
CA GLU A 242 -7.59 31.01 -22.63
C GLU A 242 -7.43 30.03 -21.51
N PRO A 243 -8.32 29.03 -21.48
CA PRO A 243 -8.30 28.15 -20.33
C PRO A 243 -6.99 27.41 -20.31
N VAL A 244 -6.35 27.28 -21.44
CA VAL A 244 -5.05 26.63 -21.46
C VAL A 244 -4.12 27.32 -20.50
N ILE A 245 -4.15 28.64 -20.45
CA ILE A 245 -3.21 29.37 -19.57
C ILE A 245 -3.44 29.05 -18.10
N LEU A 246 -4.69 28.75 -17.76
CA LEU A 246 -5.02 28.41 -16.40
C LEU A 246 -4.37 27.08 -16.17
N LEU A 247 -4.67 26.11 -17.04
CA LEU A 247 -4.10 24.77 -16.87
C LEU A 247 -2.61 24.84 -16.61
N ARG A 248 -1.87 25.46 -17.52
CA ARG A 248 -0.41 25.43 -17.42
C ARG A 248 0.10 26.10 -16.17
N THR A 249 -0.59 27.12 -15.65
CA THR A 249 -0.11 27.76 -14.41
C THR A 249 -0.55 27.03 -13.15
N LEU A 250 -1.75 26.46 -13.13
CA LEU A 250 -2.10 25.61 -12.00
C LEU A 250 -1.13 24.44 -11.92
N GLN A 251 -0.59 24.01 -13.06
CA GLN A 251 0.32 22.87 -13.11
C GLN A 251 1.72 23.21 -12.60
N ARG A 252 2.29 24.37 -12.96
CA ARG A 252 3.63 24.68 -12.47
C ARG A 252 3.61 24.45 -10.99
N GLU A 253 2.50 24.79 -10.35
CA GLU A 253 2.46 24.77 -8.88
C GLU A 253 1.97 23.44 -8.36
N LEU A 254 1.05 22.84 -9.06
CA LEU A 254 0.51 21.59 -8.59
C LEU A 254 1.52 20.49 -8.69
N LEU A 255 2.32 20.47 -9.76
CA LEU A 255 3.41 19.51 -9.83
C LEU A 255 4.50 19.82 -8.82
N LEU A 256 4.80 21.09 -8.62
CA LEU A 256 5.78 21.46 -7.59
C LEU A 256 5.33 20.98 -6.20
N LEU A 257 4.05 21.17 -5.84
CA LEU A 257 3.49 20.62 -4.58
C LEU A 257 3.77 19.12 -4.53
N VAL A 258 3.31 18.37 -5.53
CA VAL A 258 3.58 16.94 -5.56
C VAL A 258 5.01 16.64 -5.14
N ASN A 259 5.94 17.29 -5.79
CA ASN A 259 7.32 16.96 -5.59
C ASN A 259 7.86 17.36 -4.20
N LEU A 260 7.30 18.41 -3.59
CA LEU A 260 7.73 18.80 -2.25
C LEU A 260 7.16 17.84 -1.23
N LYS A 261 5.85 17.62 -1.27
CA LYS A 261 5.18 16.67 -0.39
C LYS A 261 5.85 15.31 -0.27
N ARG A 262 6.61 14.92 -1.29
CA ARG A 262 7.41 13.70 -1.20
C ARG A 262 8.63 13.94 -0.38
N GLN A 263 9.53 14.79 -0.88
CA GLN A 263 10.77 15.03 -0.20
C GLN A 263 10.58 15.55 1.25
N SER A 264 9.35 15.94 1.60
CA SER A 264 9.08 16.62 2.87
C SER A 264 9.26 15.67 4.05
N ALA A 265 9.19 14.36 3.79
CA ALA A 265 9.46 13.34 4.83
C ALA A 265 10.95 13.16 5.13
N HIS A 266 11.79 13.34 4.11
CA HIS A 266 13.23 13.20 4.26
C HIS A 266 13.92 14.46 4.79
N THR A 267 13.82 15.56 4.05
CA THR A 267 14.52 16.82 4.39
C THR A 267 13.57 17.94 4.94
N PRO A 268 14.10 18.92 5.67
CA PRO A 268 13.12 19.77 6.34
C PRO A 268 12.42 20.62 5.27
N LEU A 269 11.37 21.31 5.70
CA LEU A 269 10.59 22.12 4.78
C LEU A 269 11.50 23.21 4.23
N ARG A 270 12.16 23.92 5.15
CA ARG A 270 13.01 25.10 4.88
C ARG A 270 14.13 24.89 3.86
N ALA A 271 14.65 23.65 3.81
CA ALA A 271 15.74 23.26 2.91
C ALA A 271 15.20 23.06 1.52
N LEU A 272 14.02 22.45 1.47
CA LEU A 272 13.38 22.22 0.19
C LEU A 272 12.99 23.49 -0.56
N PHE A 273 12.38 24.44 0.13
CA PHE A 273 12.04 25.71 -0.49
C PHE A 273 13.27 26.33 -1.14
N ASP A 274 14.42 26.19 -0.46
CA ASP A 274 15.70 26.75 -0.93
C ASP A 274 16.20 25.98 -2.16
N LYS A 275 16.27 24.66 -2.01
CA LYS A 275 16.64 23.77 -3.12
C LYS A 275 15.98 24.24 -4.43
N HIS A 276 14.69 24.57 -4.34
CA HIS A 276 13.84 24.85 -5.50
C HIS A 276 13.75 26.31 -5.95
N ARG A 277 14.27 27.23 -5.14
CA ARG A 277 14.17 28.64 -5.46
C ARG A 277 12.68 28.99 -5.47
N VAL A 278 12.10 28.98 -4.29
CA VAL A 278 10.72 29.42 -4.11
C VAL A 278 10.69 30.88 -3.63
N TRP A 279 10.31 31.80 -4.54
CA TRP A 279 10.15 33.22 -4.23
C TRP A 279 9.76 33.37 -2.75
N GLN A 280 10.46 34.20 -1.98
CA GLN A 280 10.20 34.31 -0.52
C GLN A 280 8.73 34.56 -0.07
N ASN A 281 8.00 35.44 -0.78
CA ASN A 281 6.64 35.78 -0.38
C ASN A 281 5.65 34.65 -0.61
N ARG A 282 5.98 33.75 -1.55
CA ARG A 282 5.17 32.56 -1.86
C ARG A 282 5.33 31.53 -0.76
N ARG A 283 6.46 31.57 -0.06
CA ARG A 283 6.87 30.43 0.78
C ARG A 283 5.95 30.08 1.97
N GLY A 284 5.30 31.11 2.53
CA GLY A 284 4.42 30.89 3.66
C GLY A 284 3.21 30.15 3.15
N MET A 285 2.60 30.77 2.15
CA MET A 285 1.47 30.22 1.39
C MET A 285 1.59 28.73 1.07
N MET A 286 2.70 28.35 0.44
CA MET A 286 3.02 26.97 0.11
C MET A 286 2.87 26.00 1.26
N GLY A 287 3.54 26.31 2.36
CA GLY A 287 3.51 25.46 3.54
C GLY A 287 2.08 25.22 3.94
N GLU A 288 1.33 26.30 4.08
CA GLU A 288 -0.08 26.18 4.37
C GLU A 288 -0.67 25.03 3.55
N ALA A 289 -0.41 25.06 2.26
CA ALA A 289 -0.96 24.09 1.32
C ALA A 289 -0.43 22.70 1.59
N LEU A 290 0.88 22.55 1.61
CA LEU A 290 1.54 21.26 1.90
C LEU A 290 0.95 20.60 3.11
N ASN A 291 0.56 21.39 4.11
CA ASN A 291 -0.05 20.87 5.33
C ASN A 291 -1.47 20.32 5.23
N ARG A 292 -2.31 21.00 4.49
CA ARG A 292 -3.72 20.63 4.38
C ARG A 292 -3.96 19.49 3.39
N LEU A 293 -3.07 19.37 2.42
CA LEU A 293 -3.28 18.45 1.32
C LEU A 293 -2.49 17.17 1.50
N SER A 294 -3.19 16.05 1.35
CA SER A 294 -2.54 14.74 1.41
C SER A 294 -1.73 14.42 0.19
N GLN A 295 -0.84 13.46 0.31
CA GLN A 295 -0.07 13.02 -0.84
C GLN A 295 -0.99 12.32 -1.86
N THR A 296 -2.23 12.08 -1.47
CA THR A 296 -3.20 11.39 -2.31
C THR A 296 -4.12 12.41 -2.94
N GLN A 297 -4.50 13.44 -2.20
CA GLN A 297 -5.29 14.49 -2.80
C GLN A 297 -4.48 15.08 -3.92
N LEU A 298 -3.19 15.26 -3.67
CA LEU A 298 -2.33 15.83 -4.67
C LEU A 298 -2.38 14.97 -5.89
N ARG A 299 -2.38 13.65 -5.71
CA ARG A 299 -2.40 12.75 -6.86
C ARG A 299 -3.69 12.87 -7.66
N GLN A 300 -4.84 12.87 -6.99
CA GLN A 300 -6.14 13.04 -7.66
C GLN A 300 -6.21 14.38 -8.32
N ALA A 301 -5.63 15.38 -7.68
CA ALA A 301 -5.46 16.65 -8.30
C ALA A 301 -4.77 16.46 -9.67
N VAL A 302 -3.61 15.80 -9.67
CA VAL A 302 -2.87 15.65 -10.91
C VAL A 302 -3.66 14.85 -11.94
N GLN A 303 -4.38 13.84 -11.52
CA GLN A 303 -5.09 13.02 -12.48
C GLN A 303 -6.18 13.81 -13.13
N LEU A 304 -6.86 14.57 -12.31
CA LEU A 304 -8.00 15.30 -12.75
C LEU A 304 -7.55 16.39 -13.66
N LEU A 305 -6.46 17.10 -13.32
CA LEU A 305 -5.89 18.09 -14.25
C LEU A 305 -5.61 17.49 -15.63
N THR A 306 -5.01 16.32 -15.65
CA THR A 306 -4.83 15.57 -16.87
C THR A 306 -6.14 15.25 -17.63
N ARG A 307 -7.20 14.83 -16.95
CA ARG A 307 -8.38 14.44 -17.72
C ARG A 307 -8.93 15.66 -18.39
N THR A 308 -8.75 16.81 -17.78
CA THR A 308 -9.32 18.01 -18.38
C THR A 308 -8.48 18.51 -19.53
N GLU A 309 -7.17 18.32 -19.46
CA GLU A 309 -6.26 18.64 -20.56
C GLU A 309 -6.50 17.75 -21.79
N LEU A 310 -6.65 16.45 -21.61
CA LEU A 310 -7.03 15.58 -22.70
C LEU A 310 -8.42 15.93 -23.25
N THR A 311 -9.39 16.09 -22.36
CA THR A 311 -10.71 16.56 -22.77
C THR A 311 -10.65 17.87 -23.55
N LEU A 312 -9.71 18.74 -23.24
CA LEU A 312 -9.60 19.98 -23.99
C LEU A 312 -9.00 19.82 -25.37
N LYS A 313 -7.81 19.22 -25.42
CA LYS A 313 -7.01 19.15 -26.66
C LYS A 313 -7.18 17.94 -27.56
N GLN A 314 -7.94 16.96 -27.10
CA GLN A 314 -8.20 15.77 -27.88
C GLN A 314 -9.68 15.68 -28.24
N ASP A 315 -10.55 15.80 -27.25
CA ASP A 315 -11.98 15.59 -27.44
C ASP A 315 -12.71 16.86 -27.88
N TYR A 316 -12.00 18.00 -27.87
CA TYR A 316 -12.55 19.35 -28.16
C TYR A 316 -13.74 19.75 -27.31
N GLY A 317 -13.67 19.42 -26.02
CA GLY A 317 -14.77 19.59 -25.10
C GLY A 317 -14.99 20.97 -24.54
N GLN A 318 -16.21 21.17 -24.06
CA GLN A 318 -16.77 22.43 -23.62
C GLN A 318 -16.58 22.45 -22.10
N SER A 319 -16.63 21.25 -21.51
CA SER A 319 -16.58 21.01 -20.07
C SER A 319 -15.54 21.85 -19.38
N VAL A 320 -14.43 22.07 -20.08
CA VAL A 320 -13.21 22.64 -19.50
C VAL A 320 -13.43 23.60 -18.34
N TRP A 321 -14.24 24.64 -18.55
CA TRP A 321 -14.47 25.59 -17.46
C TRP A 321 -15.08 25.00 -16.16
N ALA A 322 -16.02 24.08 -16.29
CA ALA A 322 -16.66 23.53 -15.13
C ALA A 322 -15.85 22.37 -14.56
N GLU A 323 -14.79 21.94 -15.27
CA GLU A 323 -13.95 20.84 -14.79
C GLU A 323 -12.91 21.40 -13.88
N LEU A 324 -12.65 22.68 -14.10
CA LEU A 324 -11.76 23.47 -13.27
C LEU A 324 -12.52 23.99 -12.05
N GLU A 325 -13.83 24.25 -12.20
CA GLU A 325 -14.60 24.67 -11.05
C GLU A 325 -14.50 23.52 -10.05
N GLY A 326 -14.55 22.29 -10.55
CA GLY A 326 -14.43 21.12 -9.70
C GLY A 326 -13.02 20.91 -9.16
N LEU A 327 -12.03 20.85 -10.04
CA LEU A 327 -10.65 20.80 -9.61
C LEU A 327 -10.36 21.86 -8.55
N SER A 328 -11.11 22.97 -8.55
CA SER A 328 -10.81 24.08 -7.65
C SER A 328 -11.27 23.71 -6.27
N LEU A 329 -12.45 23.11 -6.18
CA LEU A 329 -12.98 22.66 -4.89
C LEU A 329 -12.14 21.49 -4.33
N LEU A 330 -11.63 20.59 -5.18
CA LEU A 330 -10.88 19.46 -4.65
C LEU A 330 -9.64 19.92 -3.90
N LEU A 331 -9.03 21.01 -4.35
CA LEU A 331 -7.82 21.48 -3.71
C LEU A 331 -8.14 22.38 -2.53
N CYS A 332 -9.33 22.23 -1.97
CA CYS A 332 -9.75 23.06 -0.83
C CYS A 332 -10.48 22.25 0.26
N HIS A 333 -9.77 21.26 0.82
CA HIS A 333 -10.32 20.41 1.89
C HIS A 333 -9.41 20.26 3.12
N VAL B 27 -45.79 48.98 -32.56
CA VAL B 27 -45.19 47.92 -31.72
C VAL B 27 -45.05 48.40 -30.31
N LEU B 28 -45.20 47.54 -29.32
CA LEU B 28 -45.15 48.00 -27.93
C LEU B 28 -43.76 48.42 -27.53
N ALA B 29 -42.79 47.57 -27.84
CA ALA B 29 -41.39 47.94 -27.70
C ALA B 29 -41.09 49.40 -28.07
N ARG B 30 -41.58 49.87 -29.23
CA ARG B 30 -41.33 51.23 -29.71
C ARG B 30 -42.21 52.29 -29.03
N LYS B 31 -43.51 52.04 -28.90
CA LYS B 31 -44.46 53.07 -28.42
C LYS B 31 -44.11 53.52 -27.03
N TRP B 32 -43.87 52.57 -26.15
CA TRP B 32 -43.73 52.85 -24.72
C TRP B 32 -42.32 53.19 -24.22
N ARG B 33 -41.47 53.64 -25.13
CA ARG B 33 -40.14 54.11 -24.77
C ARG B 33 -40.38 55.39 -24.02
N PRO B 34 -39.86 55.47 -22.80
CA PRO B 34 -40.07 56.57 -21.85
C PRO B 34 -39.52 57.89 -22.40
N GLN B 35 -40.30 58.97 -22.31
CA GLN B 35 -39.84 60.24 -22.82
C GLN B 35 -39.59 61.19 -21.68
N THR B 36 -39.93 60.74 -20.47
CA THR B 36 -39.74 61.47 -19.20
C THR B 36 -38.93 60.60 -18.24
N PHE B 37 -38.18 61.21 -17.33
CA PHE B 37 -37.48 60.42 -16.32
C PHE B 37 -38.44 59.61 -15.44
N ALA B 38 -39.52 60.26 -14.99
CA ALA B 38 -40.57 59.58 -14.23
C ALA B 38 -40.94 58.23 -14.84
N ASP B 39 -41.08 58.24 -16.18
CA ASP B 39 -41.51 57.09 -16.99
C ASP B 39 -40.59 55.87 -17.00
N VAL B 40 -39.35 56.02 -16.55
CA VAL B 40 -38.38 54.94 -16.63
C VAL B 40 -38.52 53.98 -15.44
N VAL B 41 -38.47 52.68 -15.75
CA VAL B 41 -38.56 51.63 -14.76
C VAL B 41 -37.22 51.41 -14.04
N GLY B 42 -37.21 51.43 -12.72
CA GLY B 42 -36.01 51.12 -11.95
C GLY B 42 -34.80 51.93 -12.39
N GLN B 43 -33.61 51.37 -12.23
CA GLN B 43 -32.44 51.99 -12.84
C GLN B 43 -32.09 53.24 -12.07
N GLU B 44 -32.48 53.20 -10.80
CA GLU B 44 -32.65 54.42 -10.06
C GLU B 44 -31.32 54.99 -9.63
N HIS B 45 -30.31 54.15 -9.66
CA HIS B 45 -28.99 54.56 -9.21
C HIS B 45 -28.30 55.23 -10.37
N VAL B 46 -28.94 55.27 -11.52
CA VAL B 46 -28.34 55.98 -12.63
C VAL B 46 -29.06 57.28 -12.75
N LEU B 47 -30.38 57.20 -12.79
CA LEU B 47 -31.20 58.40 -12.90
C LEU B 47 -30.90 59.41 -11.78
N THR B 48 -30.88 58.94 -10.54
CA THR B 48 -30.64 59.85 -9.46
C THR B 48 -29.29 60.54 -9.58
N ALA B 49 -28.27 59.86 -10.11
CA ALA B 49 -26.95 60.48 -10.23
C ALA B 49 -26.89 61.41 -11.42
N LEU B 50 -27.62 61.08 -12.45
CA LEU B 50 -27.80 62.01 -13.54
C LEU B 50 -28.57 63.25 -13.06
N ALA B 51 -29.80 63.03 -12.65
CA ALA B 51 -30.65 64.07 -12.11
C ALA B 51 -29.84 65.09 -11.30
N ASN B 52 -29.27 64.61 -10.21
CA ASN B 52 -28.52 65.46 -9.31
C ASN B 52 -27.39 66.23 -10.02
N GLY B 53 -26.67 65.54 -10.92
CA GLY B 53 -25.58 66.18 -11.66
C GLY B 53 -26.02 67.32 -12.58
N LEU B 54 -27.15 67.11 -13.24
CA LEU B 54 -27.78 68.17 -14.00
C LEU B 54 -28.10 69.28 -13.02
N SER B 55 -29.06 69.01 -12.12
CA SER B 55 -29.40 69.89 -11.02
C SER B 55 -28.23 70.75 -10.45
N LEU B 56 -27.16 70.10 -9.98
CA LEU B 56 -26.03 70.76 -9.29
C LEU B 56 -24.80 71.04 -10.17
N GLY B 57 -25.03 71.19 -11.47
CA GLY B 57 -24.01 71.65 -12.40
C GLY B 57 -22.81 70.76 -12.70
N ARG B 58 -22.89 69.49 -12.34
CA ARG B 58 -21.77 68.57 -12.54
C ARG B 58 -21.94 67.68 -13.76
N ILE B 59 -21.71 68.24 -14.94
CA ILE B 59 -21.84 67.43 -16.16
C ILE B 59 -20.50 67.05 -16.74
N HIS B 60 -20.22 65.75 -16.77
CA HIS B 60 -18.93 65.27 -17.26
C HIS B 60 -18.97 65.44 -18.76
N HIS B 61 -17.81 65.45 -19.38
CA HIS B 61 -17.74 65.75 -20.79
C HIS B 61 -18.28 64.55 -21.59
N ALA B 62 -18.42 63.39 -20.93
CA ALA B 62 -18.73 62.14 -21.60
C ALA B 62 -19.25 61.00 -20.70
N TYR B 63 -20.41 60.43 -21.04
CA TYR B 63 -21.06 59.37 -20.26
C TYR B 63 -21.06 58.09 -21.06
N LEU B 64 -20.95 56.94 -20.40
CA LEU B 64 -21.06 55.63 -21.06
C LEU B 64 -22.15 54.75 -20.43
N PHE B 65 -23.13 54.32 -21.21
CA PHE B 65 -24.19 53.47 -20.66
C PHE B 65 -24.11 52.00 -21.08
N SER B 66 -23.94 51.13 -20.06
CA SER B 66 -23.82 49.66 -20.22
C SER B 66 -24.89 48.86 -19.45
N GLY B 67 -24.99 47.56 -19.75
CA GLY B 67 -25.94 46.65 -19.15
C GLY B 67 -26.51 45.80 -20.24
N THR B 68 -27.53 45.00 -19.97
CA THR B 68 -28.01 44.07 -20.99
C THR B 68 -29.13 44.52 -21.89
N ARG B 69 -29.22 43.86 -23.04
CA ARG B 69 -30.27 44.12 -24.02
C ARG B 69 -31.56 44.55 -23.38
N GLY B 70 -32.10 45.70 -23.75
CA GLY B 70 -33.44 46.03 -23.32
C GLY B 70 -33.65 46.39 -21.86
N VAL B 71 -32.77 47.18 -21.31
CA VAL B 71 -32.92 47.62 -19.94
C VAL B 71 -32.97 49.16 -19.77
N GLY B 72 -32.82 49.87 -20.90
CA GLY B 72 -32.94 51.32 -20.92
C GLY B 72 -31.68 52.11 -21.28
N LYS B 73 -30.66 51.40 -21.81
CA LYS B 73 -29.36 52.00 -22.16
C LYS B 73 -29.60 53.17 -23.09
N THR B 74 -30.20 52.92 -24.25
CA THR B 74 -30.29 54.01 -25.19
C THR B 74 -31.42 54.95 -24.81
N SER B 75 -32.40 54.41 -24.10
CA SER B 75 -33.54 55.21 -23.71
C SER B 75 -33.11 56.32 -22.79
N ILE B 76 -32.29 55.99 -21.81
CA ILE B 76 -31.78 57.01 -20.92
C ILE B 76 -30.82 57.94 -21.63
N ALA B 77 -30.10 57.43 -22.62
CA ALA B 77 -29.19 58.29 -23.35
C ALA B 77 -29.99 59.44 -23.93
N ARG B 78 -31.14 59.09 -24.52
CA ARG B 78 -32.02 60.10 -25.13
C ARG B 78 -32.68 61.03 -24.13
N LEU B 79 -32.87 60.60 -22.90
CA LEU B 79 -33.43 61.49 -21.90
C LEU B 79 -32.39 62.50 -21.49
N LEU B 80 -31.21 62.02 -21.13
CA LEU B 80 -30.10 62.91 -20.87
C LEU B 80 -29.95 64.00 -21.93
N ALA B 81 -30.21 63.67 -23.19
CA ALA B 81 -30.06 64.67 -24.25
C ALA B 81 -31.14 65.75 -24.13
N LYS B 82 -32.37 65.35 -23.80
CA LYS B 82 -33.48 66.27 -23.56
C LYS B 82 -33.20 67.18 -22.36
N GLY B 83 -32.93 66.55 -21.21
CA GLY B 83 -32.59 67.31 -20.02
C GLY B 83 -31.36 68.19 -20.21
N LEU B 84 -30.53 67.89 -21.21
CA LEU B 84 -29.29 68.64 -21.43
C LEU B 84 -29.51 69.84 -22.32
N ASN B 85 -30.65 69.87 -23.02
CA ASN B 85 -30.90 70.86 -24.05
C ASN B 85 -32.24 71.52 -23.92
N CYS B 86 -32.97 71.19 -22.86
CA CYS B 86 -34.33 71.68 -22.73
C CYS B 86 -34.37 73.20 -22.80
N GLU B 87 -35.49 73.74 -23.34
CA GLU B 87 -35.74 75.18 -23.50
C GLU B 87 -35.95 75.88 -22.14
N THR B 88 -36.54 75.14 -21.20
CA THR B 88 -36.64 75.49 -19.79
C THR B 88 -35.24 75.54 -19.09
N GLY B 89 -34.30 74.78 -19.63
CA GLY B 89 -32.93 74.84 -19.17
C GLY B 89 -32.44 73.49 -18.71
N ILE B 90 -31.15 73.37 -18.47
CA ILE B 90 -30.58 72.12 -17.96
C ILE B 90 -31.30 71.56 -16.72
N THR B 91 -32.03 70.45 -16.89
CA THR B 91 -32.92 69.94 -15.83
C THR B 91 -33.02 68.44 -15.81
N ALA B 92 -33.37 67.93 -14.62
CA ALA B 92 -33.57 66.52 -14.35
C ALA B 92 -35.01 66.16 -14.66
N THR B 93 -35.81 67.19 -14.87
CA THR B 93 -37.22 67.00 -15.11
C THR B 93 -37.59 67.59 -16.46
N PRO B 94 -36.89 67.18 -17.54
CA PRO B 94 -37.21 67.71 -18.88
C PRO B 94 -38.72 67.72 -19.12
N CYS B 95 -39.21 68.60 -19.99
CA CYS B 95 -40.64 68.86 -20.07
C CYS B 95 -41.38 68.02 -21.12
N GLY B 96 -40.67 67.56 -22.16
CA GLY B 96 -41.22 66.66 -23.17
C GLY B 96 -42.22 67.33 -24.12
N VAL B 97 -42.33 68.65 -23.99
CA VAL B 97 -43.33 69.43 -24.71
C VAL B 97 -42.74 70.56 -25.58
N CYS B 98 -41.71 71.27 -25.09
CA CYS B 98 -41.10 72.37 -25.84
C CYS B 98 -40.60 71.92 -27.23
N ASP B 99 -40.49 72.85 -28.19
CA ASP B 99 -39.97 72.53 -29.53
C ASP B 99 -38.81 71.46 -29.49
N ASN B 100 -37.74 71.77 -28.75
CA ASN B 100 -36.57 70.89 -28.56
C ASN B 100 -36.90 69.49 -28.02
N CYS B 101 -37.87 69.40 -27.12
CA CYS B 101 -38.16 68.11 -26.49
C CYS B 101 -39.00 67.15 -27.37
N ARG B 102 -40.04 67.69 -28.04
CA ARG B 102 -40.77 66.87 -29.00
C ARG B 102 -39.90 66.66 -30.23
N GLU B 103 -39.09 67.65 -30.59
CA GLU B 103 -38.15 67.48 -31.72
C GLU B 103 -37.25 66.23 -31.51
N ILE B 104 -36.83 65.97 -30.27
CA ILE B 104 -35.95 64.84 -30.00
C ILE B 104 -36.81 63.56 -29.93
N GLU B 105 -37.94 63.64 -29.24
CA GLU B 105 -38.92 62.55 -29.14
C GLU B 105 -39.23 61.97 -30.52
N GLN B 106 -39.34 62.88 -31.49
CA GLN B 106 -39.73 62.60 -32.88
C GLN B 106 -38.64 61.85 -33.68
N GLY B 107 -37.42 62.37 -33.61
CA GLY B 107 -36.32 61.81 -34.37
C GLY B 107 -35.40 62.93 -34.83
N ARG B 108 -35.98 64.07 -35.25
CA ARG B 108 -35.22 65.13 -35.91
C ARG B 108 -34.90 66.35 -35.05
N PHE B 109 -33.82 66.27 -34.29
CA PHE B 109 -33.26 67.41 -33.56
C PHE B 109 -31.82 67.72 -34.00
N VAL B 110 -31.69 68.85 -34.68
CA VAL B 110 -30.47 69.32 -35.33
C VAL B 110 -29.18 69.10 -34.57
N ASP B 111 -29.24 69.18 -33.25
CA ASP B 111 -28.03 69.05 -32.46
C ASP B 111 -28.06 67.84 -31.55
N LEU B 112 -28.84 66.83 -31.93
CA LEU B 112 -28.67 65.49 -31.38
C LEU B 112 -28.26 64.52 -32.48
N ILE B 113 -26.96 64.28 -32.57
CA ILE B 113 -26.41 63.49 -33.64
C ILE B 113 -26.30 62.06 -33.20
N GLU B 114 -27.28 61.23 -33.51
CA GLU B 114 -27.27 59.87 -33.01
C GLU B 114 -26.64 58.96 -34.01
N ILE B 115 -25.42 58.55 -33.73
CA ILE B 115 -24.64 57.69 -34.61
C ILE B 115 -24.93 56.19 -34.36
N ASP B 116 -25.39 55.45 -35.37
CA ASP B 116 -25.49 54.00 -35.26
C ASP B 116 -24.13 53.42 -35.56
N ALA B 117 -23.31 53.31 -34.51
CA ALA B 117 -21.89 53.02 -34.68
C ALA B 117 -21.62 51.65 -35.29
N ALA B 118 -22.63 50.79 -35.34
CA ALA B 118 -22.44 49.41 -35.80
C ALA B 118 -22.41 49.34 -37.28
N SER B 119 -22.93 50.37 -37.92
CA SER B 119 -22.91 50.41 -39.37
C SER B 119 -22.06 51.54 -39.92
N ARG B 120 -21.52 52.35 -39.02
CA ARG B 120 -20.61 53.42 -39.39
C ARG B 120 -19.39 53.24 -38.50
N THR B 121 -18.61 52.19 -38.76
CA THR B 121 -17.51 51.78 -37.88
C THR B 121 -16.14 52.03 -38.44
N LYS B 122 -16.03 52.20 -39.75
CA LYS B 122 -14.74 52.40 -40.41
C LYS B 122 -14.16 53.76 -39.94
N VAL B 123 -12.89 54.08 -40.20
CA VAL B 123 -12.38 55.35 -39.65
C VAL B 123 -12.79 56.49 -40.50
N GLU B 124 -12.67 56.35 -41.82
CA GLU B 124 -13.10 57.39 -42.76
C GLU B 124 -14.33 58.10 -42.21
N ASP B 125 -15.28 57.34 -41.68
CA ASP B 125 -16.60 57.83 -41.22
C ASP B 125 -16.57 58.48 -39.88
N THR B 126 -15.66 58.02 -39.03
CA THR B 126 -15.52 58.61 -37.72
C THR B 126 -14.72 59.90 -37.84
N ARG B 127 -13.73 59.93 -38.71
CA ARG B 127 -13.03 61.17 -38.97
C ARG B 127 -13.96 62.28 -39.47
N ASP B 128 -14.98 61.92 -40.24
CA ASP B 128 -15.90 62.91 -40.75
C ASP B 128 -16.90 63.33 -39.69
N LEU B 129 -17.44 62.36 -38.99
CA LEU B 129 -18.28 62.67 -37.86
C LEU B 129 -17.60 63.76 -37.02
N LEU B 130 -16.33 63.60 -36.71
CA LEU B 130 -15.68 64.53 -35.84
C LEU B 130 -15.14 65.82 -36.48
N ASP B 131 -15.22 65.98 -37.79
CA ASP B 131 -14.74 67.24 -38.39
C ASP B 131 -15.73 68.36 -38.09
N ASN B 132 -16.94 67.96 -37.77
CA ASN B 132 -18.01 68.88 -37.42
C ASN B 132 -18.18 69.11 -35.92
N VAL B 133 -17.34 68.45 -35.12
CA VAL B 133 -17.44 68.54 -33.66
C VAL B 133 -17.16 69.96 -33.22
N GLN B 134 -16.27 70.60 -33.96
CA GLN B 134 -15.74 71.88 -33.59
C GLN B 134 -16.67 73.12 -33.81
N TYR B 135 -17.49 73.08 -34.85
CA TYR B 135 -18.52 74.10 -35.08
C TYR B 135 -19.54 74.14 -33.95
N ALA B 136 -19.93 75.35 -33.55
CA ALA B 136 -20.90 75.51 -32.48
C ALA B 136 -22.28 75.00 -32.92
N PRO B 137 -23.14 74.63 -31.95
CA PRO B 137 -24.46 74.04 -32.13
C PRO B 137 -25.52 75.05 -32.54
N ALA B 138 -26.43 74.64 -33.40
CA ALA B 138 -27.32 75.61 -34.02
C ALA B 138 -28.74 75.70 -33.45
N ARG B 139 -29.06 74.96 -32.40
CA ARG B 139 -30.34 75.22 -31.73
C ARG B 139 -30.31 75.24 -30.21
N GLY B 140 -29.59 74.31 -29.60
CA GLY B 140 -29.64 74.22 -28.15
C GLY B 140 -28.32 74.50 -27.48
N ARG B 141 -28.27 74.26 -26.17
CA ARG B 141 -27.12 74.57 -25.32
C ARG B 141 -25.95 73.70 -25.70
N PHE B 142 -26.21 72.56 -26.31
CA PHE B 142 -25.20 71.54 -26.42
C PHE B 142 -25.29 70.70 -27.66
N LYS B 143 -24.16 70.55 -28.33
CA LYS B 143 -24.06 69.50 -29.32
C LYS B 143 -23.91 68.14 -28.59
N VAL B 144 -24.93 67.26 -28.67
CA VAL B 144 -24.87 65.90 -28.10
C VAL B 144 -24.72 64.73 -29.10
N TYR B 145 -23.53 64.13 -29.10
CA TYR B 145 -23.22 63.00 -29.95
C TYR B 145 -23.58 61.73 -29.21
N LEU B 146 -24.61 61.03 -29.69
CA LEU B 146 -25.04 59.80 -29.06
C LEU B 146 -24.61 58.59 -29.85
N ILE B 147 -23.55 57.94 -29.37
CA ILE B 147 -22.96 56.81 -30.08
C ILE B 147 -23.38 55.48 -29.48
N ASP B 148 -24.16 54.72 -30.26
CA ASP B 148 -24.88 53.51 -29.82
C ASP B 148 -24.30 52.27 -30.47
N GLU B 149 -24.33 51.18 -29.73
CA GLU B 149 -23.63 49.94 -30.09
C GLU B 149 -22.20 50.26 -30.46
N VAL B 150 -21.54 51.00 -29.58
CA VAL B 150 -20.21 51.59 -29.77
C VAL B 150 -19.06 50.62 -29.70
N HIS B 151 -19.30 49.43 -29.22
CA HIS B 151 -18.24 48.43 -29.14
C HIS B 151 -17.72 48.09 -30.53
N MET B 152 -18.49 48.37 -31.57
CA MET B 152 -18.15 47.89 -32.91
C MET B 152 -17.09 48.69 -33.69
N LEU B 153 -16.72 49.85 -33.17
CA LEU B 153 -15.80 50.72 -33.87
C LEU B 153 -14.41 50.13 -33.94
N SER B 154 -13.70 50.35 -35.05
CA SER B 154 -12.37 49.75 -35.25
C SER B 154 -11.32 50.25 -34.28
N ARG B 155 -10.12 49.66 -34.26
CA ARG B 155 -9.06 50.22 -33.43
C ARG B 155 -9.00 51.68 -33.75
N HIS B 156 -8.99 51.97 -35.05
CA HIS B 156 -8.63 53.29 -35.57
C HIS B 156 -9.68 54.34 -35.32
N SER B 157 -10.93 53.93 -35.39
CA SER B 157 -11.98 54.84 -35.03
C SER B 157 -11.98 55.14 -33.54
N PHE B 158 -11.44 54.25 -32.73
CA PHE B 158 -11.33 54.58 -31.33
C PHE B 158 -10.29 55.62 -31.12
N ASN B 159 -9.08 55.36 -31.54
CA ASN B 159 -8.06 56.37 -31.48
C ASN B 159 -8.53 57.75 -31.86
N ALA B 160 -9.34 57.84 -32.91
CA ALA B 160 -9.84 59.14 -33.36
C ALA B 160 -10.86 59.69 -32.38
N LEU B 161 -11.80 58.85 -31.96
CA LEU B 161 -12.79 59.25 -30.95
C LEU B 161 -12.05 59.80 -29.73
N LEU B 162 -11.00 59.11 -29.34
CA LEU B 162 -10.30 59.43 -28.11
C LEU B 162 -9.63 60.79 -28.18
N LYS B 163 -9.21 61.19 -29.38
CA LYS B 163 -8.48 62.45 -29.51
C LYS B 163 -9.44 63.57 -29.18
N THR B 164 -10.72 63.32 -29.42
CA THR B 164 -11.74 64.32 -29.16
C THR B 164 -12.33 64.28 -27.74
N LEU B 165 -12.10 63.20 -26.99
CA LEU B 165 -12.51 63.16 -25.59
C LEU B 165 -11.38 63.50 -24.67
N GLU B 166 -10.16 63.49 -25.20
CA GLU B 166 -9.01 63.95 -24.42
C GLU B 166 -9.04 65.47 -24.34
N GLU B 167 -9.60 66.10 -25.37
CA GLU B 167 -9.79 67.56 -25.42
C GLU B 167 -11.20 67.91 -25.88
N PRO B 168 -12.15 67.78 -24.96
CA PRO B 168 -13.55 67.94 -25.33
C PRO B 168 -13.84 69.41 -25.55
N PRO B 169 -14.47 69.76 -26.67
CA PRO B 169 -15.04 71.11 -26.78
C PRO B 169 -15.99 71.36 -25.62
N GLU B 170 -16.37 72.62 -25.39
CA GLU B 170 -17.23 72.93 -24.25
C GLU B 170 -18.69 72.67 -24.57
N HIS B 171 -19.07 72.92 -25.81
CA HIS B 171 -20.47 72.82 -26.21
C HIS B 171 -20.86 71.40 -26.55
N VAL B 172 -19.88 70.51 -26.46
CA VAL B 172 -20.07 69.11 -26.83
C VAL B 172 -20.07 68.18 -25.62
N LYS B 173 -21.00 67.23 -25.69
CA LYS B 173 -21.16 66.12 -24.75
C LYS B 173 -21.26 64.82 -25.53
N PHE B 174 -20.69 63.75 -24.99
CA PHE B 174 -20.73 62.46 -25.66
C PHE B 174 -21.47 61.42 -24.85
N LEU B 175 -22.48 60.80 -25.43
CA LEU B 175 -23.16 59.71 -24.74
C LEU B 175 -22.91 58.43 -25.48
N LEU B 176 -22.13 57.53 -24.87
CA LEU B 176 -21.74 56.27 -25.49
C LEU B 176 -22.52 55.13 -24.88
N ALA B 177 -23.18 54.32 -25.72
CA ALA B 177 -24.00 53.19 -25.22
C ALA B 177 -23.56 51.87 -25.81
N THR B 178 -23.55 50.83 -24.99
CA THR B 178 -23.15 49.51 -25.47
C THR B 178 -23.49 48.39 -24.53
N THR B 179 -23.74 47.25 -25.11
CA THR B 179 -23.95 46.02 -24.37
C THR B 179 -22.66 45.45 -23.83
N ASP B 180 -21.59 45.50 -24.62
CA ASP B 180 -20.31 44.95 -24.19
C ASP B 180 -19.21 46.01 -24.03
N PRO B 181 -19.09 46.62 -22.84
CA PRO B 181 -18.09 47.68 -22.62
C PRO B 181 -16.70 47.15 -22.58
N GLN B 182 -16.56 45.91 -22.13
CA GLN B 182 -15.30 45.21 -22.06
C GLN B 182 -14.44 45.39 -23.32
N LYS B 183 -15.07 45.82 -24.42
CA LYS B 183 -14.39 45.96 -25.70
C LYS B 183 -13.86 47.35 -26.03
N LEU B 184 -14.27 48.36 -25.29
CA LEU B 184 -13.67 49.65 -25.53
C LEU B 184 -12.27 49.64 -24.91
N PRO B 185 -11.30 50.30 -25.54
CA PRO B 185 -9.95 50.49 -24.97
C PRO B 185 -10.00 50.93 -23.53
N VAL B 186 -9.01 50.48 -22.74
CA VAL B 186 -8.90 50.95 -21.40
C VAL B 186 -8.85 52.46 -21.49
N THR B 187 -8.23 52.95 -22.58
CA THR B 187 -7.94 54.37 -22.80
C THR B 187 -9.15 55.20 -23.16
N ILE B 188 -10.31 54.58 -23.29
CA ILE B 188 -11.52 55.33 -23.50
C ILE B 188 -12.43 55.27 -22.26
N LEU B 189 -12.44 54.12 -21.62
CA LEU B 189 -13.23 53.97 -20.40
C LEU B 189 -12.68 54.92 -19.37
N SER B 190 -11.43 55.32 -19.54
CA SER B 190 -10.75 56.19 -18.56
C SER B 190 -11.15 57.63 -18.74
N ARG B 191 -11.96 57.88 -19.76
CA ARG B 191 -12.42 59.22 -20.05
C ARG B 191 -13.94 59.28 -20.08
N CYS B 192 -14.62 58.29 -19.51
CA CYS B 192 -16.09 58.27 -19.51
C CYS B 192 -16.64 57.93 -18.18
N LEU B 193 -17.55 58.71 -17.63
CA LEU B 193 -18.22 58.25 -16.43
C LEU B 193 -19.17 57.12 -16.83
N GLN B 194 -18.91 55.90 -16.40
CA GLN B 194 -19.70 54.78 -16.90
C GLN B 194 -20.74 54.28 -15.96
N PHE B 195 -21.98 54.29 -16.43
CA PHE B 195 -23.10 53.84 -15.62
C PHE B 195 -23.53 52.46 -16.03
N HIS B 196 -23.54 51.55 -15.08
CA HIS B 196 -23.97 50.21 -15.42
C HIS B 196 -25.41 49.99 -15.05
N LEU B 197 -26.22 49.73 -16.06
CA LEU B 197 -27.66 49.51 -15.85
C LEU B 197 -27.90 48.09 -15.38
N LYS B 198 -28.83 47.94 -14.44
CA LYS B 198 -29.09 46.64 -13.86
C LYS B 198 -30.16 45.94 -14.69
N ALA B 199 -30.14 44.62 -14.65
CA ALA B 199 -31.21 43.84 -15.22
C ALA B 199 -32.40 44.21 -14.39
N LEU B 200 -33.57 44.25 -15.00
CA LEU B 200 -34.76 44.63 -14.23
C LEU B 200 -35.30 43.41 -13.54
N ASP B 201 -36.00 43.66 -12.45
CA ASP B 201 -36.48 42.59 -11.62
C ASP B 201 -37.88 42.14 -12.02
N VAL B 202 -38.15 40.85 -11.82
CA VAL B 202 -39.49 40.28 -11.98
C VAL B 202 -40.70 41.20 -11.64
N GLU B 203 -40.76 41.71 -10.41
CA GLU B 203 -41.81 42.66 -10.06
C GLU B 203 -41.70 43.92 -10.89
N GLN B 204 -40.53 44.56 -10.90
CA GLN B 204 -40.32 45.77 -11.70
C GLN B 204 -40.91 45.65 -13.11
N ILE B 205 -40.62 44.53 -13.79
CA ILE B 205 -41.13 44.23 -15.15
C ILE B 205 -42.62 43.91 -15.18
N ARG B 206 -43.08 43.11 -14.23
CA ARG B 206 -44.50 42.74 -14.11
C ARG B 206 -45.35 44.01 -13.95
N HIS B 207 -44.85 44.94 -13.14
CA HIS B 207 -45.55 46.18 -12.87
C HIS B 207 -45.75 46.98 -14.15
N GLN B 208 -44.68 47.16 -14.93
CA GLN B 208 -44.75 47.90 -16.18
C GLN B 208 -45.56 47.15 -17.22
N LEU B 209 -45.56 45.84 -17.15
CA LEU B 209 -46.41 45.09 -18.05
C LEU B 209 -47.86 45.48 -17.81
N GLU B 210 -48.30 45.36 -16.56
CA GLU B 210 -49.65 45.72 -16.15
C GLU B 210 -50.02 47.15 -16.59
N HIS B 211 -49.20 48.12 -16.22
CA HIS B 211 -49.39 49.51 -16.62
C HIS B 211 -49.76 49.60 -18.08
N ILE B 212 -48.81 49.25 -18.94
CA ILE B 212 -48.96 49.36 -20.40
C ILE B 212 -50.21 48.68 -20.95
N LEU B 213 -50.32 47.39 -20.69
CA LEU B 213 -51.48 46.65 -21.16
C LEU B 213 -52.79 47.36 -20.82
N ASN B 214 -52.87 47.89 -19.60
CA ASN B 214 -54.02 48.68 -19.14
C ASN B 214 -54.30 49.93 -19.98
N GLU B 215 -53.27 50.75 -20.15
CA GLU B 215 -53.39 51.94 -20.97
C GLU B 215 -53.83 51.58 -22.38
N GLU B 216 -53.26 50.56 -22.99
CA GLU B 216 -53.67 50.22 -24.35
C GLU B 216 -55.09 49.71 -24.34
N HIS B 217 -55.63 49.48 -23.15
CA HIS B 217 -56.93 48.84 -22.95
C HIS B 217 -56.95 47.39 -23.49
N ILE B 218 -56.37 46.47 -22.72
CA ILE B 218 -56.26 45.09 -23.12
C ILE B 218 -56.44 44.17 -21.94
N ALA B 219 -57.31 43.17 -22.10
CA ALA B 219 -57.66 42.26 -21.01
C ALA B 219 -56.49 41.35 -20.64
N HIS B 220 -56.25 41.19 -19.35
CA HIS B 220 -55.13 40.35 -18.89
C HIS B 220 -55.42 39.75 -17.53
N GLU B 221 -54.96 38.53 -17.34
CA GLU B 221 -55.04 37.90 -16.02
C GLU B 221 -53.79 38.21 -15.23
N PRO B 222 -53.89 38.19 -13.89
CA PRO B 222 -52.70 38.48 -13.08
C PRO B 222 -51.54 37.54 -13.42
N ARG B 223 -51.76 36.24 -13.36
CA ARG B 223 -50.64 35.28 -13.45
C ARG B 223 -50.02 35.22 -14.83
N ALA B 224 -50.82 35.51 -15.85
CA ALA B 224 -50.30 35.58 -17.20
C ALA B 224 -49.13 36.54 -17.25
N LEU B 225 -49.27 37.67 -16.58
CA LEU B 225 -48.20 38.65 -16.55
C LEU B 225 -47.00 38.16 -15.76
N GLN B 226 -47.24 37.56 -14.61
CA GLN B 226 -46.12 37.13 -13.76
C GLN B 226 -45.27 36.08 -14.50
N LEU B 227 -45.93 35.35 -15.40
CA LEU B 227 -45.28 34.35 -16.27
C LEU B 227 -44.45 35.01 -17.35
N LEU B 228 -44.94 36.14 -17.87
CA LEU B 228 -44.20 36.88 -18.86
C LEU B 228 -42.94 37.48 -18.24
N ALA B 229 -43.08 38.24 -17.17
CA ALA B 229 -41.92 38.84 -16.50
C ALA B 229 -40.85 37.81 -16.15
N ARG B 230 -41.25 36.67 -15.58
CA ARG B 230 -40.31 35.56 -15.31
C ARG B 230 -39.58 35.11 -16.61
N ALA B 231 -40.31 34.96 -17.71
CA ALA B 231 -39.75 34.50 -18.98
C ALA B 231 -38.85 35.54 -19.70
N ALA B 232 -39.04 36.81 -19.36
CA ALA B 232 -38.31 37.88 -20.02
C ALA B 232 -36.82 37.81 -19.76
N GLU B 233 -36.48 37.12 -18.68
CA GLU B 233 -35.13 37.04 -18.21
C GLU B 233 -34.48 38.41 -18.03
N GLY B 234 -35.15 39.27 -17.26
CA GLY B 234 -34.57 40.51 -16.75
C GLY B 234 -34.61 41.70 -17.69
N SER B 235 -35.12 41.49 -18.91
CA SER B 235 -35.13 42.51 -19.94
C SER B 235 -36.51 43.01 -20.31
N LEU B 236 -36.70 44.31 -20.13
CA LEU B 236 -37.98 44.93 -20.42
C LEU B 236 -38.28 44.96 -21.91
N ARG B 237 -37.28 44.76 -22.76
CA ARG B 237 -37.63 44.61 -24.15
C ARG B 237 -38.05 43.19 -24.38
N ASP B 238 -37.22 42.21 -24.04
CA ASP B 238 -37.62 40.83 -24.31
C ASP B 238 -39.06 40.65 -23.82
N ALA B 239 -39.43 41.48 -22.84
CA ALA B 239 -40.76 41.42 -22.24
C ALA B 239 -41.86 41.95 -23.16
N LEU B 240 -41.73 43.20 -23.57
CA LEU B 240 -42.76 43.78 -24.44
C LEU B 240 -42.82 43.02 -25.76
N SER B 241 -41.70 42.48 -26.19
CA SER B 241 -41.66 41.70 -27.41
C SER B 241 -42.44 40.43 -27.19
N LEU B 242 -42.27 39.81 -26.02
CA LEU B 242 -43.00 38.58 -25.70
C LEU B 242 -44.50 38.83 -25.58
N THR B 243 -44.86 40.05 -25.19
CA THR B 243 -46.26 40.40 -24.96
C THR B 243 -46.96 40.62 -26.29
N ASP B 244 -46.32 41.36 -27.19
CA ASP B 244 -46.93 41.63 -28.50
C ASP B 244 -47.32 40.30 -29.10
N GLN B 245 -46.39 39.37 -29.05
CA GLN B 245 -46.65 38.04 -29.50
C GLN B 245 -47.76 37.36 -28.71
N ALA B 246 -47.73 37.48 -27.40
CA ALA B 246 -48.83 36.99 -26.59
C ALA B 246 -50.18 37.48 -27.16
N ILE B 247 -50.42 38.78 -27.07
CA ILE B 247 -51.63 39.41 -27.59
C ILE B 247 -52.13 38.80 -28.88
N ALA B 248 -51.21 38.42 -29.77
CA ALA B 248 -51.60 37.76 -31.01
C ALA B 248 -52.20 36.36 -30.76
N SER B 249 -51.46 35.50 -30.05
CA SER B 249 -51.88 34.14 -29.86
C SER B 249 -53.22 34.09 -29.16
N GLY B 250 -53.51 35.06 -28.31
CA GLY B 250 -54.79 35.09 -27.61
C GLY B 250 -55.93 35.90 -28.22
N ASP B 251 -55.75 36.33 -29.48
CA ASP B 251 -56.72 37.19 -30.22
C ASP B 251 -57.15 38.48 -29.47
N GLY B 252 -56.18 39.24 -28.96
CA GLY B 252 -56.47 40.50 -28.30
C GLY B 252 -56.64 40.40 -26.80
N GLN B 253 -56.54 39.18 -26.26
CA GLN B 253 -56.57 38.95 -24.82
C GLN B 253 -55.26 38.34 -24.36
N VAL B 254 -54.75 38.78 -23.22
CA VAL B 254 -53.56 38.14 -22.69
C VAL B 254 -53.95 37.19 -21.58
N SER B 255 -54.33 35.97 -21.95
CA SER B 255 -54.72 34.96 -20.95
C SER B 255 -53.58 34.00 -20.52
N THR B 256 -53.74 33.42 -19.33
CA THR B 256 -52.81 32.42 -18.81
C THR B 256 -52.96 31.16 -19.68
N GLN B 257 -54.20 30.92 -20.15
CA GLN B 257 -54.52 29.81 -21.05
C GLN B 257 -53.77 29.89 -22.37
N ALA B 258 -53.33 31.11 -22.69
CA ALA B 258 -52.69 31.40 -23.96
C ALA B 258 -51.20 31.63 -23.77
N VAL B 259 -50.84 32.48 -22.82
CA VAL B 259 -49.42 32.75 -22.58
C VAL B 259 -48.70 31.47 -22.13
N SER B 260 -49.29 30.70 -21.23
CA SER B 260 -48.70 29.43 -20.83
C SER B 260 -48.30 28.66 -22.09
N ALA B 261 -49.23 28.52 -23.01
CA ALA B 261 -49.00 27.79 -24.26
C ALA B 261 -47.77 28.26 -25.02
N MET B 262 -47.77 29.54 -25.33
CA MET B 262 -46.78 30.16 -26.19
C MET B 262 -45.39 30.14 -25.63
N LEU B 263 -45.27 30.09 -24.31
CA LEU B 263 -43.97 29.99 -23.69
C LEU B 263 -43.46 28.55 -23.70
N GLY B 264 -44.36 27.59 -23.80
CA GLY B 264 -44.00 26.20 -23.95
C GLY B 264 -43.47 25.96 -25.35
N THR B 265 -44.02 26.69 -26.32
CA THR B 265 -43.45 26.83 -27.67
C THR B 265 -41.95 27.16 -27.61
N LEU B 266 -41.60 28.03 -26.69
CA LEU B 266 -40.30 28.65 -26.74
C LEU B 266 -39.29 28.13 -25.73
N ASP B 267 -39.45 26.88 -25.27
CA ASP B 267 -38.67 26.34 -24.13
C ASP B 267 -37.22 25.89 -24.40
N ASP B 268 -36.30 26.66 -23.80
CA ASP B 268 -34.85 26.37 -23.63
C ASP B 268 -34.74 25.07 -22.86
N ASP B 269 -35.84 24.79 -22.16
CA ASP B 269 -35.92 24.16 -20.84
C ASP B 269 -35.58 22.69 -20.72
N GLN B 270 -35.86 21.91 -21.75
CA GLN B 270 -36.01 20.46 -21.59
C GLN B 270 -34.95 19.67 -20.84
N ALA B 271 -33.71 20.13 -20.75
CA ALA B 271 -32.68 19.32 -20.05
C ALA B 271 -32.66 19.47 -18.51
N LEU B 272 -32.89 20.69 -17.99
CA LEU B 272 -33.04 20.86 -16.54
C LEU B 272 -34.29 20.13 -16.12
N SER B 273 -35.31 20.26 -16.95
CA SER B 273 -36.59 19.70 -16.65
C SER B 273 -36.53 18.17 -16.62
N LEU B 274 -35.72 17.57 -17.50
CA LEU B 274 -35.62 16.13 -17.53
C LEU B 274 -34.96 15.60 -16.27
N VAL B 275 -33.97 16.34 -15.74
CA VAL B 275 -33.31 15.97 -14.48
C VAL B 275 -34.25 16.01 -13.26
N GLU B 276 -34.93 17.12 -13.05
CA GLU B 276 -36.04 17.18 -12.10
C GLU B 276 -36.97 15.96 -12.29
N ALA B 277 -37.53 15.80 -13.50
CA ALA B 277 -38.42 14.68 -13.86
C ALA B 277 -37.84 13.26 -13.63
N MET B 278 -36.53 13.11 -13.83
CA MET B 278 -35.84 11.81 -13.69
C MET B 278 -35.67 11.42 -12.24
N VAL B 279 -35.17 12.35 -11.44
CA VAL B 279 -35.01 12.14 -10.01
C VAL B 279 -36.35 11.80 -9.32
N GLU B 280 -37.41 12.54 -9.66
CA GLU B 280 -38.77 12.28 -9.12
C GLU B 280 -39.48 10.98 -9.65
N ALA B 281 -38.78 10.20 -10.49
CA ALA B 281 -39.26 8.91 -11.03
C ALA B 281 -40.40 8.98 -12.07
N ASN B 282 -40.85 10.19 -12.39
CA ASN B 282 -42.01 10.43 -13.24
C ASN B 282 -41.83 10.08 -14.71
N GLY B 283 -41.96 8.81 -15.04
CA GLY B 283 -41.74 8.30 -16.38
C GLY B 283 -42.65 8.79 -17.51
N GLU B 284 -43.89 9.20 -17.19
CA GLU B 284 -44.72 9.86 -18.21
C GLU B 284 -44.13 11.23 -18.47
N ARG B 285 -43.88 11.98 -17.40
CA ARG B 285 -43.32 13.33 -17.55
C ARG B 285 -41.94 13.23 -18.18
N VAL B 286 -41.21 12.18 -17.86
CA VAL B 286 -39.93 11.99 -18.51
C VAL B 286 -40.04 11.74 -20.01
N MET B 287 -40.94 10.86 -20.42
CA MET B 287 -41.03 10.52 -21.84
C MET B 287 -41.82 11.58 -22.63
N ALA B 288 -42.58 12.40 -21.91
CA ALA B 288 -43.29 13.52 -22.52
C ALA B 288 -42.33 14.65 -22.82
N LEU B 289 -41.41 14.91 -21.90
CA LEU B 289 -40.41 15.96 -22.09
C LEU B 289 -39.49 15.62 -23.24
N ILE B 290 -39.16 14.33 -23.37
CA ILE B 290 -38.35 13.87 -24.49
C ILE B 290 -39.10 14.14 -25.78
N ASN B 291 -40.43 14.13 -25.73
CA ASN B 291 -41.25 14.43 -26.90
C ASN B 291 -41.31 15.96 -27.16
N GLU B 292 -41.37 16.74 -26.09
CA GLU B 292 -41.29 18.19 -26.19
C GLU B 292 -39.96 18.59 -26.83
N ALA B 293 -38.93 17.79 -26.58
CA ALA B 293 -37.61 18.06 -27.11
C ALA B 293 -37.52 17.77 -28.59
N ALA B 294 -38.29 16.81 -29.09
CA ALA B 294 -38.27 16.49 -30.52
C ALA B 294 -38.93 17.60 -31.33
N ALA B 295 -39.99 18.20 -30.78
CA ALA B 295 -40.60 19.37 -31.39
C ALA B 295 -39.58 20.50 -31.59
N ARG B 296 -38.96 20.95 -30.51
CA ARG B 296 -37.98 22.02 -30.60
C ARG B 296 -36.90 21.68 -31.63
N GLY B 297 -36.79 20.40 -31.97
CA GLY B 297 -35.85 19.95 -32.99
C GLY B 297 -34.43 19.80 -32.51
N ILE B 298 -34.26 19.22 -31.31
CA ILE B 298 -32.98 19.17 -30.60
C ILE B 298 -31.92 18.32 -31.27
N GLU B 299 -30.66 18.61 -31.02
CA GLU B 299 -29.60 17.71 -31.41
C GLU B 299 -29.43 16.77 -30.22
N TRP B 300 -29.59 15.47 -30.42
CA TRP B 300 -29.72 14.61 -29.23
C TRP B 300 -28.46 14.49 -28.38
N GLU B 301 -27.29 14.31 -29.01
CA GLU B 301 -26.10 14.18 -28.19
C GLU B 301 -25.99 15.42 -27.31
N ALA B 302 -26.65 16.49 -27.75
CA ALA B 302 -26.63 17.79 -27.08
C ALA B 302 -27.43 17.82 -25.79
N LEU B 303 -28.65 17.30 -25.84
CA LEU B 303 -29.45 17.15 -24.62
C LEU B 303 -28.68 16.38 -23.54
N LEU B 304 -28.24 15.16 -23.87
CA LEU B 304 -27.42 14.35 -22.97
C LEU B 304 -26.36 15.15 -22.28
N VAL B 305 -25.62 15.92 -23.08
CA VAL B 305 -24.45 16.63 -22.56
C VAL B 305 -24.80 17.82 -21.69
N GLU B 306 -25.99 18.40 -21.91
CA GLU B 306 -26.46 19.49 -21.04
C GLU B 306 -26.90 18.90 -19.70
N MET B 307 -27.49 17.71 -19.77
CA MET B 307 -27.88 16.99 -18.59
C MET B 307 -26.65 16.68 -17.74
N LEU B 308 -25.69 15.93 -18.28
CA LEU B 308 -24.44 15.64 -17.57
C LEU B 308 -23.91 16.86 -16.89
N GLY B 309 -24.04 17.98 -17.59
CA GLY B 309 -23.44 19.24 -17.17
C GLY B 309 -24.20 19.86 -16.03
N LEU B 310 -25.51 19.71 -16.03
CA LEU B 310 -26.27 20.13 -14.87
C LEU B 310 -25.92 19.24 -13.64
N LEU B 311 -25.97 17.93 -13.82
CA LEU B 311 -25.67 17.01 -12.73
C LEU B 311 -24.37 17.42 -12.09
N HIS B 312 -23.35 17.67 -12.90
CA HIS B 312 -22.07 18.22 -12.43
C HIS B 312 -22.27 19.49 -11.60
N ARG B 313 -22.78 20.54 -12.26
CA ARG B 313 -23.02 21.84 -11.60
C ARG B 313 -23.67 21.70 -10.24
N ILE B 314 -24.62 20.78 -10.16
CA ILE B 314 -25.35 20.52 -8.92
C ILE B 314 -24.49 19.84 -7.87
N ALA B 315 -23.84 18.75 -8.25
CA ALA B 315 -22.98 18.03 -7.31
C ALA B 315 -21.99 18.99 -6.60
N MET B 316 -21.75 20.15 -7.20
CA MET B 316 -20.82 21.15 -6.67
C MET B 316 -21.44 22.18 -5.72
N VAL B 317 -22.71 22.53 -5.95
CA VAL B 317 -23.45 23.39 -5.02
C VAL B 317 -23.80 22.54 -3.80
N GLN B 318 -23.25 21.32 -3.79
CA GLN B 318 -23.24 20.42 -2.61
C GLN B 318 -21.99 20.67 -1.76
N LEU B 319 -20.90 21.05 -2.43
CA LEU B 319 -19.62 21.34 -1.77
C LEU B 319 -19.52 22.81 -1.29
N SER B 320 -20.12 23.72 -2.04
CA SER B 320 -20.39 25.04 -1.52
C SER B 320 -21.54 25.69 -2.27
N PRO B 321 -22.20 26.67 -1.61
CA PRO B 321 -23.22 27.56 -2.22
C PRO B 321 -22.68 28.41 -3.38
N ALA B 322 -21.46 28.92 -3.22
CA ALA B 322 -20.87 29.85 -4.18
C ALA B 322 -20.63 29.27 -5.58
N ALA B 323 -20.93 27.98 -5.75
CA ALA B 323 -20.72 27.27 -7.02
C ALA B 323 -21.83 27.49 -8.06
N LEU B 324 -22.82 28.31 -7.71
CA LEU B 324 -23.84 28.72 -8.66
C LEU B 324 -23.51 30.10 -9.22
N GLY B 325 -23.76 30.27 -10.52
CA GLY B 325 -23.36 31.47 -11.25
C GLY B 325 -24.06 32.78 -10.95
N ASN B 326 -23.32 33.86 -11.19
CA ASN B 326 -23.87 35.17 -11.55
C ASN B 326 -24.71 34.82 -12.79
N ASP B 327 -24.12 33.90 -13.55
CA ASP B 327 -24.66 33.26 -14.74
C ASP B 327 -26.09 32.71 -14.62
N MET B 328 -26.22 31.62 -13.86
CA MET B 328 -27.43 30.80 -13.67
C MET B 328 -28.79 31.49 -13.42
N ALA B 329 -28.81 32.53 -12.61
CA ALA B 329 -30.04 33.29 -12.20
C ALA B 329 -31.48 32.78 -12.53
N ALA B 330 -31.85 32.67 -13.79
CA ALA B 330 -33.21 32.23 -14.09
C ALA B 330 -33.46 30.74 -13.73
N ILE B 331 -32.54 29.87 -14.15
CA ILE B 331 -32.50 28.43 -13.83
C ILE B 331 -32.27 28.20 -12.33
N GLU B 332 -31.56 29.16 -11.73
CA GLU B 332 -30.99 29.07 -10.37
C GLU B 332 -31.88 28.59 -9.22
N LEU B 333 -33.02 29.23 -9.01
CA LEU B 333 -33.86 28.84 -7.89
C LEU B 333 -34.07 27.31 -7.85
N ARG B 334 -34.54 26.75 -8.98
CA ARG B 334 -34.79 25.31 -9.13
C ARG B 334 -33.57 24.50 -8.67
N MET B 335 -32.39 24.96 -9.09
CA MET B 335 -31.11 24.24 -8.88
C MET B 335 -30.74 24.00 -7.41
N ARG B 336 -30.65 25.08 -6.60
CA ARG B 336 -30.33 24.96 -5.17
C ARG B 336 -31.24 23.96 -4.46
N GLU B 337 -32.51 23.91 -4.89
CA GLU B 337 -33.50 22.95 -4.38
C GLU B 337 -33.19 21.53 -4.84
N LEU B 338 -32.93 21.37 -6.12
CA LEU B 338 -32.45 20.10 -6.61
C LEU B 338 -31.25 19.63 -5.78
N ALA B 339 -30.33 20.54 -5.44
CA ALA B 339 -29.13 20.17 -4.70
C ALA B 339 -29.43 19.66 -3.28
N ARG B 340 -30.30 20.39 -2.57
CA ARG B 340 -30.74 20.03 -1.22
C ARG B 340 -31.36 18.64 -1.17
N THR B 341 -32.42 18.48 -1.96
CA THR B 341 -33.26 17.29 -1.94
C THR B 341 -32.78 16.19 -2.91
N ILE B 342 -31.52 15.80 -2.72
CA ILE B 342 -30.95 14.68 -3.42
C ILE B 342 -29.80 14.10 -2.61
N PRO B 343 -29.53 12.79 -2.78
CA PRO B 343 -28.35 12.09 -2.23
C PRO B 343 -27.08 12.15 -3.12
N PRO B 344 -25.98 12.72 -2.58
CA PRO B 344 -24.72 12.88 -3.33
C PRO B 344 -24.09 11.56 -3.85
N THR B 345 -24.45 10.44 -3.24
CA THR B 345 -24.01 9.12 -3.71
C THR B 345 -24.86 8.72 -4.93
N ASP B 346 -26.14 9.11 -4.88
CA ASP B 346 -27.10 8.98 -6.00
C ASP B 346 -26.68 9.79 -7.24
N ILE B 347 -26.47 11.09 -7.07
CA ILE B 347 -25.95 11.95 -8.16
C ILE B 347 -24.79 11.34 -8.95
N GLN B 348 -23.74 10.82 -8.30
CA GLN B 348 -22.73 10.10 -9.10
C GLN B 348 -23.32 8.81 -9.73
N LEU B 349 -24.46 8.32 -9.23
CA LEU B 349 -25.08 7.17 -9.92
C LEU B 349 -25.74 7.56 -11.27
N TYR B 350 -26.60 8.58 -11.26
CA TYR B 350 -27.22 9.10 -12.50
C TYR B 350 -26.16 9.51 -13.53
N TYR B 351 -25.19 10.29 -13.06
CA TYR B 351 -24.04 10.69 -13.85
C TYR B 351 -23.37 9.51 -14.61
N GLN B 352 -23.11 8.38 -13.94
CA GLN B 352 -22.46 7.23 -14.60
C GLN B 352 -23.27 6.78 -15.80
N THR B 353 -24.58 6.75 -15.60
CA THR B 353 -25.54 6.19 -16.55
C THR B 353 -25.68 7.07 -17.76
N LEU B 354 -25.70 8.38 -17.50
CA LEU B 354 -25.75 9.40 -18.55
C LEU B 354 -24.47 9.37 -19.42
N LEU B 355 -23.31 9.40 -18.78
CA LEU B 355 -22.06 9.37 -19.53
C LEU B 355 -21.98 8.15 -20.44
N ILE B 356 -22.41 6.98 -19.94
CA ILE B 356 -22.43 5.72 -20.66
C ILE B 356 -23.40 5.78 -21.85
N GLY B 357 -24.63 6.21 -21.58
CA GLY B 357 -25.59 6.46 -22.63
C GLY B 357 -25.04 7.33 -23.75
N ARG B 358 -24.17 8.29 -23.42
CA ARG B 358 -23.49 9.09 -24.44
C ARG B 358 -22.54 8.19 -25.23
N LYS B 359 -21.61 7.55 -24.54
CA LYS B 359 -20.66 6.61 -25.17
C LYS B 359 -21.35 5.57 -26.09
N GLU B 360 -22.59 5.18 -25.72
CA GLU B 360 -23.46 4.22 -26.45
C GLU B 360 -24.28 4.86 -27.60
N LEU B 361 -24.59 6.15 -27.46
CA LEU B 361 -25.56 6.86 -28.29
C LEU B 361 -25.35 6.81 -29.80
N PRO B 362 -24.12 6.75 -30.26
CA PRO B 362 -23.93 6.69 -31.70
C PRO B 362 -24.15 5.29 -32.22
N TYR B 363 -24.31 4.32 -31.31
CA TYR B 363 -24.56 2.92 -31.66
C TYR B 363 -26.01 2.55 -31.44
N ALA B 364 -26.70 3.29 -30.55
CA ALA B 364 -28.14 3.14 -30.40
C ALA B 364 -28.81 3.44 -31.76
N PRO B 365 -29.97 2.82 -32.04
CA PRO B 365 -30.45 2.70 -33.44
C PRO B 365 -30.94 4.02 -34.03
N ASP B 366 -31.32 4.94 -33.14
CA ASP B 366 -31.96 6.20 -33.49
C ASP B 366 -31.44 7.00 -32.33
N ARG B 367 -30.81 8.15 -32.56
CA ARG B 367 -30.25 8.90 -31.44
C ARG B 367 -31.35 9.21 -30.44
N ARG B 368 -32.57 9.38 -30.94
CA ARG B 368 -33.72 9.49 -30.06
C ARG B 368 -33.76 8.23 -29.19
N MET B 369 -34.04 7.10 -29.83
CA MET B 369 -34.11 5.84 -29.10
C MET B 369 -32.99 5.75 -28.09
N GLY B 370 -31.80 6.20 -28.47
CA GLY B 370 -30.63 6.17 -27.59
C GLY B 370 -30.82 6.95 -26.30
N VAL B 371 -31.25 8.20 -26.42
CA VAL B 371 -31.56 8.98 -25.23
C VAL B 371 -32.73 8.38 -24.46
N GLU B 372 -33.75 7.90 -25.19
CA GLU B 372 -34.91 7.25 -24.57
C GLU B 372 -34.49 6.06 -23.71
N MET B 373 -33.72 5.16 -24.30
CA MET B 373 -33.27 3.94 -23.61
C MET B 373 -32.29 4.23 -22.50
N THR B 374 -31.73 5.43 -22.52
CA THR B 374 -30.77 5.83 -21.51
C THR B 374 -31.46 6.37 -20.31
N LEU B 375 -32.42 7.24 -20.54
CA LEU B 375 -33.33 7.56 -19.48
C LEU B 375 -34.10 6.32 -18.95
N LEU B 376 -34.59 5.44 -19.85
CA LEU B 376 -35.34 4.23 -19.43
C LEU B 376 -34.45 3.39 -18.51
N ARG B 377 -33.16 3.32 -18.83
CA ARG B 377 -32.16 2.66 -17.98
C ARG B 377 -31.94 3.39 -16.65
N ALA B 378 -31.87 4.72 -16.69
CA ALA B 378 -31.93 5.51 -15.48
C ALA B 378 -33.18 5.18 -14.65
N LEU B 379 -34.29 4.91 -15.32
CA LEU B 379 -35.52 4.67 -14.59
C LEU B 379 -35.60 3.27 -13.92
N ALA B 380 -35.31 2.18 -14.66
CA ALA B 380 -35.35 0.79 -14.13
C ALA B 380 -34.38 0.58 -12.95
N PHE B 381 -33.22 1.23 -13.02
CA PHE B 381 -32.18 1.17 -11.99
C PHE B 381 -32.24 2.39 -11.07
N HIS B 382 -33.40 3.04 -11.07
CA HIS B 382 -33.61 4.11 -10.13
C HIS B 382 -33.50 3.44 -8.75
N PRO B 383 -32.62 3.97 -7.89
CA PRO B 383 -32.51 3.55 -6.47
C PRO B 383 -33.77 3.85 -5.65
N ARG B 384 -34.19 5.13 -5.65
CA ARG B 384 -35.29 5.68 -4.84
C ARG B 384 -36.71 5.05 -5.07
N MET B 385 -37.25 5.18 -6.29
CA MET B 385 -38.52 4.52 -6.67
C MET B 385 -38.41 3.71 -8.00
N PRO B 386 -37.80 2.48 -7.96
CA PRO B 386 -37.46 1.64 -9.15
C PRO B 386 -38.64 1.12 -10.05
N LEU B 387 -38.32 0.52 -11.21
CA LEU B 387 -39.32 0.21 -12.28
C LEU B 387 -40.08 -1.15 -12.14
N PRO B 388 -41.45 -1.10 -12.15
CA PRO B 388 -42.28 -2.27 -11.84
C PRO B 388 -41.97 -3.54 -12.68
N GLU B 389 -41.61 -4.64 -12.02
CA GLU B 389 -41.29 -5.90 -12.71
C GLU B 389 -42.47 -6.90 -12.72
N PRO B 390 -42.60 -7.69 -13.83
CA PRO B 390 -43.63 -8.74 -13.89
C PRO B 390 -43.41 -9.86 -12.85
N GLN C 26 -41.14 16.16 -62.67
CA GLN C 26 -40.64 17.29 -61.89
C GLN C 26 -40.50 17.01 -60.37
N VAL C 27 -40.22 18.04 -59.53
CA VAL C 27 -39.91 17.77 -58.10
C VAL C 27 -40.94 18.19 -57.08
N LEU C 28 -41.36 17.21 -56.28
CA LEU C 28 -42.44 17.40 -55.32
C LEU C 28 -42.07 18.41 -54.28
N ALA C 29 -41.00 18.08 -53.59
CA ALA C 29 -40.46 18.94 -52.59
C ALA C 29 -40.78 20.42 -52.91
N ARG C 30 -40.61 20.81 -54.18
CA ARG C 30 -40.70 22.21 -54.62
C ARG C 30 -42.09 22.60 -55.14
N LYS C 31 -42.67 21.74 -55.96
CA LYS C 31 -44.03 21.93 -56.46
C LYS C 31 -45.01 22.30 -55.36
N TRP C 32 -45.00 21.53 -54.26
CA TRP C 32 -46.06 21.65 -53.26
C TRP C 32 -45.84 22.67 -52.15
N ARG C 33 -44.90 23.59 -52.37
CA ARG C 33 -44.80 24.73 -51.48
C ARG C 33 -46.20 25.36 -51.32
N PRO C 34 -46.69 25.43 -50.08
CA PRO C 34 -48.04 25.93 -49.86
C PRO C 34 -48.14 27.34 -50.38
N GLN C 35 -49.28 27.66 -50.99
CA GLN C 35 -49.45 28.96 -51.56
C GLN C 35 -50.47 29.78 -50.80
N THR C 36 -51.28 29.14 -49.97
CA THR C 36 -51.98 29.88 -48.89
C THR C 36 -51.88 29.26 -47.49
N PHE C 37 -52.31 30.01 -46.47
CA PHE C 37 -52.21 29.54 -45.09
C PHE C 37 -53.01 28.27 -44.94
N ALA C 38 -54.05 28.17 -45.77
CA ALA C 38 -54.85 26.96 -45.80
C ALA C 38 -53.96 25.76 -46.05
N ASP C 39 -52.96 25.90 -46.93
CA ASP C 39 -52.18 24.74 -47.39
C ASP C 39 -51.02 24.34 -46.48
N VAL C 40 -50.89 25.01 -45.34
CA VAL C 40 -49.74 24.77 -44.47
C VAL C 40 -50.12 23.69 -43.47
N VAL C 41 -49.22 22.74 -43.28
CA VAL C 41 -49.47 21.67 -42.33
C VAL C 41 -48.90 22.03 -40.99
N GLY C 42 -49.71 21.85 -39.97
CA GLY C 42 -49.26 22.10 -38.62
C GLY C 42 -48.98 23.56 -38.42
N GLN C 43 -48.17 23.86 -37.42
CA GLN C 43 -47.80 25.22 -37.10
C GLN C 43 -48.99 26.10 -36.71
N GLU C 44 -50.04 25.51 -36.17
CA GLU C 44 -51.21 26.30 -35.81
C GLU C 44 -50.75 27.48 -35.02
N HIS C 45 -49.97 27.22 -33.97
CA HIS C 45 -49.57 28.28 -33.05
C HIS C 45 -48.83 29.39 -33.74
N VAL C 46 -48.37 29.17 -34.96
CA VAL C 46 -47.72 30.24 -35.71
C VAL C 46 -48.72 30.93 -36.62
N LEU C 47 -49.48 30.13 -37.36
CA LEU C 47 -50.49 30.63 -38.26
C LEU C 47 -51.55 31.45 -37.54
N THR C 48 -52.11 30.87 -36.48
CA THR C 48 -53.11 31.57 -35.68
C THR C 48 -52.59 32.89 -35.18
N ALA C 49 -51.33 32.98 -34.81
CA ALA C 49 -50.83 34.26 -34.36
C ALA C 49 -50.77 35.25 -35.50
N LEU C 50 -50.13 34.86 -36.60
CA LEU C 50 -49.99 35.79 -37.73
C LEU C 50 -51.38 36.25 -38.17
N ALA C 51 -52.29 35.31 -38.32
CA ALA C 51 -53.61 35.64 -38.78
C ALA C 51 -54.30 36.61 -37.81
N ASN C 52 -54.34 36.26 -36.53
CA ASN C 52 -54.92 37.13 -35.51
C ASN C 52 -54.31 38.52 -35.51
N GLY C 53 -53.04 38.59 -35.89
CA GLY C 53 -52.32 39.85 -35.88
C GLY C 53 -52.55 40.74 -37.09
N LEU C 54 -52.77 40.13 -38.27
CA LEU C 54 -52.99 40.89 -39.49
C LEU C 54 -54.35 41.55 -39.42
N SER C 55 -55.40 40.79 -39.11
CA SER C 55 -56.73 41.41 -39.01
C SER C 55 -56.85 42.26 -37.76
N LEU C 56 -56.09 41.93 -36.74
CA LEU C 56 -56.07 42.79 -35.56
C LEU C 56 -55.23 44.07 -35.73
N GLY C 57 -54.56 44.20 -36.88
CA GLY C 57 -53.70 45.33 -37.18
C GLY C 57 -52.49 45.56 -36.27
N ARG C 58 -52.25 44.64 -35.34
CA ARG C 58 -51.04 44.67 -34.54
C ARG C 58 -49.98 43.87 -35.28
N ILE C 59 -49.15 44.55 -36.06
CA ILE C 59 -48.17 43.88 -36.88
C ILE C 59 -46.78 44.32 -36.52
N HIS C 60 -45.95 43.38 -36.04
CA HIS C 60 -44.57 43.71 -35.68
C HIS C 60 -43.79 44.16 -36.92
N HIS C 61 -42.54 44.58 -36.71
CA HIS C 61 -41.71 44.94 -37.83
C HIS C 61 -40.61 43.90 -38.00
N ALA C 62 -40.45 43.00 -37.03
CA ALA C 62 -39.43 41.96 -37.15
C ALA C 62 -39.93 40.62 -36.68
N TYR C 63 -40.19 39.75 -37.63
CA TYR C 63 -40.56 38.37 -37.34
C TYR C 63 -39.37 37.44 -37.57
N LEU C 64 -39.13 36.55 -36.62
CA LEU C 64 -38.04 35.57 -36.69
C LEU C 64 -38.60 34.16 -36.70
N PHE C 65 -38.15 33.34 -37.63
CA PHE C 65 -38.73 32.02 -37.75
C PHE C 65 -37.65 30.99 -37.57
N SER C 66 -37.92 30.00 -36.72
CA SER C 66 -36.93 29.01 -36.28
C SER C 66 -37.55 27.63 -36.16
N GLY C 67 -36.74 26.58 -36.25
CA GLY C 67 -37.21 25.18 -36.28
C GLY C 67 -36.41 24.31 -37.23
N THR C 68 -36.60 22.99 -37.24
CA THR C 68 -35.67 22.18 -38.04
C THR C 68 -35.94 22.32 -39.48
N ARG C 69 -34.97 21.81 -40.25
CA ARG C 69 -35.08 21.73 -41.68
C ARG C 69 -36.44 21.21 -42.13
N GLY C 70 -37.10 21.96 -43.01
CA GLY C 70 -38.23 21.43 -43.74
C GLY C 70 -39.58 21.49 -43.07
N VAL C 71 -39.82 22.48 -42.22
CA VAL C 71 -41.05 22.43 -41.46
C VAL C 71 -41.92 23.60 -41.81
N GLY C 72 -41.40 24.39 -42.74
CA GLY C 72 -42.21 25.41 -43.33
C GLY C 72 -41.86 26.84 -42.96
N LYS C 73 -40.65 27.06 -42.48
CA LYS C 73 -40.30 28.45 -42.20
C LYS C 73 -40.10 29.30 -43.49
N THR C 74 -39.25 28.86 -44.42
CA THR C 74 -39.04 29.64 -45.64
C THR C 74 -40.36 29.90 -46.37
N SER C 75 -41.36 29.04 -46.17
CA SER C 75 -42.60 29.19 -46.95
C SER C 75 -43.70 29.92 -46.22
N ILE C 76 -43.62 29.84 -44.91
CA ILE C 76 -44.50 30.66 -44.10
C ILE C 76 -44.01 32.08 -44.28
N ALA C 77 -42.70 32.30 -44.28
CA ALA C 77 -42.21 33.65 -44.42
C ALA C 77 -42.77 34.29 -45.71
N ARG C 78 -42.81 33.51 -46.77
CA ARG C 78 -43.26 34.05 -48.05
C ARG C 78 -44.73 34.25 -48.02
N LEU C 79 -45.47 33.30 -47.47
CA LEU C 79 -46.91 33.51 -47.31
C LEU C 79 -47.24 34.79 -46.55
N LEU C 80 -46.48 35.07 -45.50
CA LEU C 80 -46.67 36.27 -44.72
C LEU C 80 -46.46 37.46 -45.63
N ALA C 81 -45.30 37.53 -46.28
CA ALA C 81 -45.05 38.58 -47.27
C ALA C 81 -46.20 38.80 -48.25
N LYS C 82 -46.63 37.71 -48.87
CA LYS C 82 -47.72 37.72 -49.84
C LYS C 82 -49.00 38.33 -49.26
N GLY C 83 -49.29 38.03 -48.00
CA GLY C 83 -50.44 38.61 -47.34
C GLY C 83 -50.23 40.06 -46.92
N LEU C 84 -48.98 40.47 -46.78
CA LEU C 84 -48.75 41.82 -46.31
C LEU C 84 -48.96 42.75 -47.46
N ASN C 85 -48.98 42.21 -48.66
CA ASN C 85 -48.87 43.07 -49.80
C ASN C 85 -49.97 42.91 -50.83
N CYS C 86 -50.94 42.06 -50.53
CA CYS C 86 -52.05 41.77 -51.44
C CYS C 86 -52.89 43.01 -51.79
N GLU C 87 -53.12 43.20 -53.08
CA GLU C 87 -53.84 44.38 -53.52
C GLU C 87 -55.20 44.56 -52.88
N THR C 88 -55.76 43.49 -52.31
CA THR C 88 -57.07 43.56 -51.67
C THR C 88 -57.01 44.20 -50.26
N GLY C 89 -55.83 44.18 -49.65
CA GLY C 89 -55.62 44.75 -48.32
C GLY C 89 -54.71 43.85 -47.51
N ILE C 90 -54.06 44.39 -46.48
CA ILE C 90 -53.29 43.53 -45.58
C ILE C 90 -54.20 42.46 -45.04
N THR C 91 -54.06 41.22 -45.51
CA THR C 91 -54.99 40.16 -45.06
C THR C 91 -54.28 38.84 -44.80
N ALA C 92 -54.93 37.94 -44.07
CA ALA C 92 -54.32 36.68 -43.69
C ALA C 92 -54.65 35.63 -44.75
N THR C 93 -55.56 36.00 -45.64
CA THR C 93 -55.85 35.16 -46.77
C THR C 93 -55.55 35.93 -48.04
N PRO C 94 -54.29 35.87 -48.49
CA PRO C 94 -53.92 36.55 -49.72
C PRO C 94 -54.69 35.89 -50.84
N CYS C 95 -54.96 36.65 -51.91
CA CYS C 95 -55.85 36.20 -52.97
C CYS C 95 -55.21 35.34 -54.09
N GLY C 96 -53.88 35.26 -54.12
CA GLY C 96 -53.17 34.44 -55.08
C GLY C 96 -53.42 34.73 -56.56
N VAL C 97 -54.04 35.88 -56.88
CA VAL C 97 -54.31 36.27 -58.29
C VAL C 97 -53.81 37.67 -58.73
N CYS C 98 -54.04 38.69 -57.90
CA CYS C 98 -53.61 40.08 -58.18
C CYS C 98 -52.14 40.09 -58.55
N ASP C 99 -51.74 40.99 -59.46
CA ASP C 99 -50.34 41.04 -59.94
C ASP C 99 -49.36 40.75 -58.78
N ASN C 100 -49.48 41.53 -57.71
CA ASN C 100 -48.66 41.31 -56.53
C ASN C 100 -48.62 39.88 -55.98
N CYS C 101 -49.73 39.15 -55.99
CA CYS C 101 -49.69 37.81 -55.41
C CYS C 101 -48.97 36.80 -56.31
N ARG C 102 -49.41 36.73 -57.56
CA ARG C 102 -48.81 35.82 -58.54
C ARG C 102 -47.34 36.14 -58.70
N GLU C 103 -47.02 37.42 -58.76
CA GLU C 103 -45.63 37.82 -58.86
C GLU C 103 -44.76 37.40 -57.67
N ILE C 104 -45.33 37.30 -56.46
CA ILE C 104 -44.55 36.77 -55.32
C ILE C 104 -44.42 35.24 -55.42
N GLU C 105 -45.43 34.59 -55.98
CA GLU C 105 -45.41 33.15 -56.20
C GLU C 105 -44.32 32.73 -57.17
N GLN C 106 -44.11 33.54 -58.22
CA GLN C 106 -43.03 33.33 -59.20
C GLN C 106 -41.74 34.03 -58.80
N GLY C 107 -41.68 34.63 -57.61
CA GLY C 107 -40.46 35.16 -57.02
C GLY C 107 -39.88 36.34 -57.76
N ARG C 108 -40.71 37.01 -58.53
CA ARG C 108 -40.28 38.20 -59.27
C ARG C 108 -41.18 39.38 -58.90
N PHE C 109 -41.25 39.64 -57.60
CA PHE C 109 -41.97 40.79 -57.09
C PHE C 109 -40.95 41.82 -56.69
N VAL C 110 -41.05 43.00 -57.27
CA VAL C 110 -40.04 44.04 -57.05
C VAL C 110 -39.86 44.35 -55.55
N ASP C 111 -40.87 44.13 -54.72
CA ASP C 111 -40.76 44.59 -53.33
C ASP C 111 -40.63 43.51 -52.27
N LEU C 112 -40.37 42.29 -52.72
CA LEU C 112 -39.96 41.21 -51.79
C LEU C 112 -38.50 40.88 -52.05
N ILE C 113 -37.64 41.34 -51.15
CA ILE C 113 -36.22 41.19 -51.36
C ILE C 113 -35.70 39.99 -50.60
N GLU C 114 -35.59 38.85 -51.31
CA GLU C 114 -35.17 37.59 -50.67
C GLU C 114 -33.67 37.55 -50.65
N ILE C 115 -33.13 37.67 -49.46
CA ILE C 115 -31.71 37.77 -49.29
C ILE C 115 -31.15 36.47 -48.79
N ASP C 116 -30.19 35.92 -49.55
CA ASP C 116 -29.58 34.64 -49.19
C ASP C 116 -28.50 34.93 -48.19
N ALA C 117 -28.86 34.92 -46.92
CA ALA C 117 -27.98 35.42 -45.89
C ALA C 117 -26.65 34.76 -46.06
N ALA C 118 -26.69 33.47 -46.39
CA ALA C 118 -25.50 32.63 -46.50
C ALA C 118 -24.54 33.04 -47.63
N SER C 119 -24.94 33.93 -48.54
CA SER C 119 -24.01 34.52 -49.49
C SER C 119 -23.75 36.05 -49.26
N ARG C 120 -24.76 36.78 -48.83
CA ARG C 120 -24.49 38.12 -48.36
C ARG C 120 -24.12 38.04 -46.88
N THR C 121 -23.06 37.31 -46.53
CA THR C 121 -22.77 37.24 -45.09
C THR C 121 -22.00 38.43 -44.53
N LYS C 122 -21.29 39.15 -45.39
CA LYS C 122 -20.34 40.11 -44.89
C LYS C 122 -21.00 41.41 -44.42
N VAL C 123 -20.21 42.33 -43.86
CA VAL C 123 -20.80 43.57 -43.37
C VAL C 123 -21.04 44.40 -44.57
N GLU C 124 -20.05 44.45 -45.46
CA GLU C 124 -20.15 45.35 -46.58
C GLU C 124 -21.36 45.01 -47.42
N ASP C 125 -21.95 43.86 -47.16
CA ASP C 125 -23.18 43.47 -47.81
C ASP C 125 -24.37 43.89 -47.02
N THR C 126 -24.39 43.57 -45.75
CA THR C 126 -25.41 44.12 -44.88
C THR C 126 -25.48 45.64 -44.97
N ARG C 127 -24.35 46.29 -45.20
CA ARG C 127 -24.37 47.75 -45.30
C ARG C 127 -25.12 48.22 -46.53
N ASP C 128 -24.96 47.56 -47.66
CA ASP C 128 -25.76 47.89 -48.83
C ASP C 128 -27.22 47.66 -48.59
N LEU C 129 -27.57 46.64 -47.85
CA LEU C 129 -28.99 46.38 -47.65
C LEU C 129 -29.57 47.53 -46.91
N LEU C 130 -28.91 47.93 -45.83
CA LEU C 130 -29.35 49.08 -45.06
C LEU C 130 -29.50 50.35 -45.91
N ASP C 131 -28.46 50.74 -46.62
CA ASP C 131 -28.51 52.00 -47.36
C ASP C 131 -29.76 52.13 -48.17
N ASN C 132 -30.29 51.01 -48.64
CA ASN C 132 -31.47 51.04 -49.48
C ASN C 132 -32.76 50.77 -48.75
N VAL C 133 -32.78 51.00 -47.45
CA VAL C 133 -33.99 50.74 -46.68
C VAL C 133 -34.82 51.99 -46.72
N GLN C 134 -34.17 53.14 -46.58
CA GLN C 134 -34.85 54.41 -46.67
C GLN C 134 -35.80 54.47 -47.89
N TYR C 135 -35.30 54.27 -49.09
CA TYR C 135 -36.15 54.33 -50.27
C TYR C 135 -37.42 53.48 -50.20
N ALA C 136 -38.53 54.08 -50.62
CA ALA C 136 -39.85 53.45 -50.59
C ALA C 136 -40.00 52.37 -51.63
N PRO C 137 -41.05 51.58 -51.50
CA PRO C 137 -41.44 50.44 -52.35
C PRO C 137 -41.98 50.80 -53.72
N ALA C 138 -41.58 50.06 -54.74
CA ALA C 138 -41.95 50.35 -56.11
C ALA C 138 -43.40 50.00 -56.46
N ARG C 139 -43.89 48.91 -55.88
CA ARG C 139 -45.16 48.39 -56.30
C ARG C 139 -46.07 48.08 -55.11
N GLY C 140 -45.50 47.83 -53.94
CA GLY C 140 -46.33 47.38 -52.83
C GLY C 140 -46.56 48.33 -51.66
N ARG C 141 -47.30 47.84 -50.66
CA ARG C 141 -47.53 48.58 -49.43
C ARG C 141 -46.28 48.66 -48.57
N PHE C 142 -45.50 47.57 -48.61
CA PHE C 142 -44.33 47.38 -47.77
C PHE C 142 -43.16 46.86 -48.60
N LYS C 143 -41.95 47.34 -48.31
CA LYS C 143 -40.70 46.72 -48.77
C LYS C 143 -40.45 45.59 -47.77
N VAL C 144 -40.55 44.32 -48.20
CA VAL C 144 -40.29 43.20 -47.29
C VAL C 144 -38.95 42.46 -47.55
N TYR C 145 -38.00 42.61 -46.62
CA TYR C 145 -36.73 41.91 -46.67
C TYR C 145 -36.94 40.67 -45.91
N LEU C 146 -36.68 39.55 -46.57
CA LEU C 146 -36.74 38.26 -45.92
C LEU C 146 -35.34 37.66 -45.97
N ILE C 147 -34.67 37.67 -44.82
CA ILE C 147 -33.30 37.24 -44.74
C ILE C 147 -33.25 35.79 -44.28
N ASP C 148 -33.06 34.88 -45.24
CA ASP C 148 -33.12 33.44 -44.97
C ASP C 148 -31.73 32.87 -44.73
N GLU C 149 -31.62 31.92 -43.80
CA GLU C 149 -30.37 31.29 -43.36
C GLU C 149 -29.52 32.31 -42.59
N VAL C 150 -30.19 33.00 -41.66
CA VAL C 150 -29.73 34.28 -41.11
C VAL C 150 -28.68 34.10 -40.08
N HIS C 151 -28.45 32.86 -39.70
CA HIS C 151 -27.50 32.58 -38.64
C HIS C 151 -26.08 32.62 -39.17
N MET C 152 -25.96 32.89 -40.48
CA MET C 152 -24.66 32.86 -41.13
C MET C 152 -23.95 34.21 -41.15
N LEU C 153 -24.72 35.27 -40.94
CA LEU C 153 -24.22 36.65 -40.96
C LEU C 153 -23.09 36.84 -39.98
N SER C 154 -22.02 37.51 -40.38
CA SER C 154 -20.91 37.80 -39.48
C SER C 154 -21.37 38.49 -38.19
N ARG C 155 -20.53 38.47 -37.16
CA ARG C 155 -20.88 39.10 -35.90
C ARG C 155 -21.02 40.51 -36.30
N HIS C 156 -20.15 40.93 -37.19
CA HIS C 156 -20.09 42.33 -37.58
C HIS C 156 -21.38 42.87 -38.22
N SER C 157 -22.01 42.01 -38.98
CA SER C 157 -23.15 42.48 -39.69
C SER C 157 -24.48 42.22 -38.97
N PHE C 158 -24.46 41.39 -37.91
CA PHE C 158 -25.62 41.36 -37.01
C PHE C 158 -25.80 42.74 -36.34
N ASN C 159 -24.73 43.24 -35.72
CA ASN C 159 -24.78 44.54 -35.08
C ASN C 159 -25.15 45.65 -36.02
N ALA C 160 -24.72 45.54 -37.26
CA ALA C 160 -25.15 46.48 -38.28
C ALA C 160 -26.68 46.52 -38.34
N LEU C 161 -27.26 45.33 -38.27
CA LEU C 161 -28.70 45.17 -38.32
C LEU C 161 -29.48 45.79 -37.14
N LEU C 162 -28.76 46.19 -36.08
CA LEU C 162 -29.35 46.39 -34.75
C LEU C 162 -30.30 47.54 -34.66
N LYS C 163 -29.81 48.74 -34.91
CA LYS C 163 -30.67 49.88 -34.74
C LYS C 163 -31.66 49.92 -35.86
N THR C 164 -31.36 49.32 -36.99
CA THR C 164 -32.35 49.39 -38.05
C THR C 164 -33.46 48.38 -37.80
N LEU C 165 -33.19 47.44 -36.94
CA LEU C 165 -34.14 46.37 -36.78
C LEU C 165 -35.01 46.69 -35.57
N GLU C 166 -34.61 47.72 -34.82
CA GLU C 166 -35.32 48.09 -33.61
C GLU C 166 -36.31 49.21 -33.92
N GLU C 167 -35.94 50.08 -34.88
CA GLU C 167 -36.69 51.29 -35.24
C GLU C 167 -36.63 51.60 -36.73
N PRO C 168 -37.28 50.77 -37.54
CA PRO C 168 -37.32 50.84 -39.00
C PRO C 168 -38.19 51.98 -39.43
N PRO C 169 -38.44 52.15 -40.74
CA PRO C 169 -39.41 53.11 -41.29
C PRO C 169 -40.77 52.48 -41.43
N GLU C 170 -41.86 53.23 -41.40
CA GLU C 170 -43.21 52.64 -41.47
C GLU C 170 -43.33 51.53 -42.52
N HIS C 171 -42.78 51.77 -43.70
CA HIS C 171 -43.03 50.93 -44.86
C HIS C 171 -42.05 49.76 -44.99
N VAL C 172 -41.29 49.46 -43.94
CA VAL C 172 -40.36 48.33 -43.97
C VAL C 172 -40.77 47.21 -42.98
N LYS C 173 -40.64 45.95 -43.42
CA LYS C 173 -40.70 44.81 -42.49
C LYS C 173 -39.56 43.79 -42.71
N PHE C 174 -39.05 43.20 -41.60
CA PHE C 174 -38.01 42.16 -41.62
C PHE C 174 -38.52 40.79 -41.25
N LEU C 175 -38.32 39.86 -42.19
CA LEU C 175 -38.62 38.44 -42.02
C LEU C 175 -37.31 37.64 -41.98
N LEU C 176 -36.94 37.26 -40.77
CA LEU C 176 -35.72 36.52 -40.55
C LEU C 176 -36.06 35.07 -40.41
N ALA C 177 -35.28 34.17 -40.97
CA ALA C 177 -35.56 32.77 -40.71
C ALA C 177 -34.29 31.97 -40.61
N THR C 178 -34.31 30.96 -39.76
CA THR C 178 -33.12 30.17 -39.53
C THR C 178 -33.36 28.84 -38.87
N THR C 179 -32.41 27.95 -39.05
CA THR C 179 -32.46 26.63 -38.48
C THR C 179 -32.08 26.66 -37.04
N ASP C 180 -30.99 27.30 -36.67
CA ASP C 180 -30.80 27.54 -35.24
C ASP C 180 -30.69 28.99 -34.82
N PRO C 181 -31.57 29.40 -33.89
CA PRO C 181 -31.68 30.77 -33.40
C PRO C 181 -30.50 31.18 -32.49
N GLN C 182 -29.92 30.19 -31.81
CA GLN C 182 -29.02 30.51 -30.74
C GLN C 182 -27.79 31.20 -31.26
N LYS C 183 -27.39 30.88 -32.49
CA LYS C 183 -26.24 31.52 -33.14
C LYS C 183 -26.36 33.05 -33.24
N LEU C 184 -27.60 33.55 -33.18
CA LEU C 184 -27.93 34.99 -33.18
C LEU C 184 -27.74 35.64 -31.83
N PRO C 185 -27.05 36.78 -31.81
CA PRO C 185 -26.83 37.68 -30.66
C PRO C 185 -28.12 37.90 -29.85
N VAL C 186 -28.06 37.88 -28.52
CA VAL C 186 -29.24 38.20 -27.74
C VAL C 186 -29.85 39.57 -28.14
N THR C 187 -28.98 40.52 -28.50
CA THR C 187 -29.39 41.82 -28.92
C THR C 187 -30.34 41.71 -30.10
N ILE C 188 -30.16 40.73 -30.97
CA ILE C 188 -31.14 40.63 -32.05
C ILE C 188 -32.43 40.06 -31.55
N LEU C 189 -32.34 38.91 -30.92
CA LEU C 189 -33.50 38.18 -30.40
C LEU C 189 -34.52 39.08 -29.69
N SER C 190 -34.06 39.78 -28.65
CA SER C 190 -34.89 40.73 -27.94
C SER C 190 -35.66 41.69 -28.86
N ARG C 191 -35.25 41.79 -30.12
CA ARG C 191 -35.77 42.84 -31.01
C ARG C 191 -36.93 42.36 -31.87
N CYS C 192 -37.22 41.06 -31.82
CA CYS C 192 -38.22 40.52 -32.75
C CYS C 192 -39.12 39.42 -32.20
N LEU C 193 -40.21 39.16 -32.91
CA LEU C 193 -41.13 38.11 -32.54
C LEU C 193 -40.51 36.80 -32.91
N GLN C 194 -40.43 35.84 -31.99
CA GLN C 194 -39.86 34.54 -32.34
C GLN C 194 -40.95 33.51 -32.40
N PHE C 195 -41.22 33.05 -33.61
CA PHE C 195 -42.11 31.95 -33.81
C PHE C 195 -41.32 30.70 -34.01
N HIS C 196 -41.36 29.79 -33.05
CA HIS C 196 -40.62 28.59 -33.26
C HIS C 196 -41.51 27.49 -33.81
N LEU C 197 -41.28 27.09 -35.05
CA LEU C 197 -42.09 26.03 -35.64
C LEU C 197 -41.64 24.66 -35.09
N LYS C 198 -42.63 23.85 -34.76
CA LYS C 198 -42.40 22.52 -34.23
C LYS C 198 -42.29 21.52 -35.39
N ALA C 199 -41.64 20.40 -35.13
CA ALA C 199 -41.51 19.38 -36.15
C ALA C 199 -42.81 18.63 -36.25
N LEU C 200 -43.06 18.04 -37.39
CA LEU C 200 -44.34 17.43 -37.64
C LEU C 200 -44.47 15.99 -37.15
N ASP C 201 -45.63 15.70 -36.58
CA ASP C 201 -45.96 14.38 -36.06
C ASP C 201 -46.02 13.41 -37.20
N VAL C 202 -45.70 12.16 -36.91
CA VAL C 202 -45.90 11.09 -37.88
C VAL C 202 -47.25 11.16 -38.59
N GLU C 203 -48.33 11.41 -37.84
CA GLU C 203 -49.64 11.46 -38.47
C GLU C 203 -49.73 12.57 -39.50
N GLN C 204 -49.42 13.80 -39.07
CA GLN C 204 -49.45 14.97 -39.93
C GLN C 204 -48.68 14.81 -41.24
N ILE C 205 -47.49 14.23 -41.16
CA ILE C 205 -46.74 13.91 -42.36
C ILE C 205 -47.49 12.93 -43.26
N ARG C 206 -47.94 11.81 -42.70
CA ARG C 206 -48.65 10.80 -43.48
C ARG C 206 -49.78 11.45 -44.25
N HIS C 207 -50.74 12.02 -43.52
CA HIS C 207 -51.86 12.73 -44.12
C HIS C 207 -51.48 13.61 -45.34
N GLN C 208 -50.40 14.38 -45.23
CA GLN C 208 -49.95 15.18 -46.35
C GLN C 208 -49.49 14.27 -47.49
N LEU C 209 -48.49 13.43 -47.20
CA LEU C 209 -47.92 12.54 -48.20
C LEU C 209 -49.00 11.86 -48.98
N GLU C 210 -50.13 11.60 -48.33
CA GLU C 210 -51.26 10.98 -49.00
C GLU C 210 -51.91 11.95 -49.96
N HIS C 211 -52.48 13.01 -49.38
CA HIS C 211 -53.11 14.07 -50.16
C HIS C 211 -52.32 14.36 -51.43
N ILE C 212 -51.01 14.54 -51.29
CA ILE C 212 -50.17 14.84 -52.44
C ILE C 212 -50.17 13.70 -53.44
N LEU C 213 -49.94 12.49 -52.96
CA LEU C 213 -49.77 11.41 -53.90
C LEU C 213 -51.08 11.23 -54.63
N ASN C 214 -52.18 11.44 -53.93
CA ASN C 214 -53.48 11.37 -54.61
C ASN C 214 -53.55 12.43 -55.68
N GLU C 215 -53.64 13.68 -55.27
CA GLU C 215 -53.60 14.82 -56.17
C GLU C 215 -52.68 14.66 -57.37
N GLU C 216 -51.50 14.08 -57.16
CA GLU C 216 -50.51 13.89 -58.22
C GLU C 216 -50.69 12.60 -58.97
N HIS C 217 -51.81 11.94 -58.70
CA HIS C 217 -52.18 10.61 -59.24
C HIS C 217 -51.06 9.58 -59.33
N ILE C 218 -50.79 8.99 -58.17
CA ILE C 218 -49.71 8.03 -57.93
C ILE C 218 -50.19 6.96 -56.97
N ALA C 219 -50.28 5.73 -57.47
CA ALA C 219 -50.67 4.56 -56.69
C ALA C 219 -49.82 4.42 -55.43
N HIS C 220 -50.44 4.10 -54.30
CA HIS C 220 -49.67 3.87 -53.08
C HIS C 220 -50.31 2.85 -52.16
N GLU C 221 -49.48 2.05 -51.50
CA GLU C 221 -49.94 1.15 -50.47
C GLU C 221 -49.93 1.91 -49.18
N PRO C 222 -51.02 1.86 -48.42
CA PRO C 222 -51.18 2.64 -47.17
C PRO C 222 -49.96 2.55 -46.22
N ARG C 223 -49.37 1.37 -46.01
CA ARG C 223 -48.27 1.22 -45.05
C ARG C 223 -46.99 1.92 -45.51
N ALA C 224 -46.72 1.86 -46.81
CA ALA C 224 -45.55 2.51 -47.36
C ALA C 224 -45.50 3.97 -46.97
N LEU C 225 -46.65 4.55 -46.68
CA LEU C 225 -46.70 5.93 -46.25
C LEU C 225 -46.35 6.03 -44.77
N GLN C 226 -46.89 5.13 -43.94
CA GLN C 226 -46.53 5.13 -42.53
C GLN C 226 -45.03 5.00 -42.43
N LEU C 227 -44.49 4.09 -43.24
CA LEU C 227 -43.05 3.80 -43.27
C LEU C 227 -42.23 5.03 -43.63
N LEU C 228 -42.72 5.79 -44.62
CA LEU C 228 -42.08 7.01 -45.09
C LEU C 228 -42.22 8.14 -44.05
N ALA C 229 -43.45 8.42 -43.62
CA ALA C 229 -43.62 9.46 -42.61
C ALA C 229 -42.68 9.22 -41.43
N ARG C 230 -42.42 7.95 -41.14
CA ARG C 230 -41.60 7.66 -39.97
C ARG C 230 -40.14 8.01 -40.23
N ALA C 231 -39.58 7.47 -41.31
CA ALA C 231 -38.18 7.74 -41.67
C ALA C 231 -37.89 9.23 -41.95
N ALA C 232 -38.94 10.05 -41.97
CA ALA C 232 -38.79 11.47 -42.26
C ALA C 232 -38.16 12.18 -41.07
N GLU C 233 -38.30 11.58 -39.91
CA GLU C 233 -37.72 12.12 -38.69
C GLU C 233 -38.15 13.57 -38.52
N GLY C 234 -39.47 13.75 -38.66
CA GLY C 234 -40.13 14.99 -38.33
C GLY C 234 -40.22 16.04 -39.43
N SER C 235 -39.39 15.93 -40.46
CA SER C 235 -39.28 16.98 -41.50
C SER C 235 -40.12 16.71 -42.75
N LEU C 236 -41.04 17.61 -43.08
CA LEU C 236 -41.91 17.44 -44.26
C LEU C 236 -41.17 17.45 -45.60
N ARG C 237 -40.04 18.15 -45.66
CA ARG C 237 -39.26 18.04 -46.87
C ARG C 237 -38.63 16.67 -46.90
N ASP C 238 -37.88 16.34 -45.87
CA ASP C 238 -37.22 15.04 -45.78
C ASP C 238 -38.21 13.99 -46.34
N ALA C 239 -39.48 14.12 -45.96
CA ALA C 239 -40.54 13.23 -46.39
C ALA C 239 -40.71 13.27 -47.90
N LEU C 240 -40.96 14.46 -48.42
CA LEU C 240 -41.19 14.60 -49.85
C LEU C 240 -39.97 14.17 -50.65
N SER C 241 -38.79 14.50 -50.18
CA SER C 241 -37.55 14.04 -50.82
C SER C 241 -37.46 12.54 -50.86
N LEU C 242 -37.98 11.91 -49.82
CA LEU C 242 -37.93 10.47 -49.70
C LEU C 242 -38.94 9.85 -50.62
N THR C 243 -40.13 10.43 -50.70
CA THR C 243 -41.14 9.92 -51.62
C THR C 243 -40.63 10.05 -53.04
N ASP C 244 -40.01 11.18 -53.34
CA ASP C 244 -39.59 11.46 -54.71
C ASP C 244 -38.80 10.26 -55.22
N GLN C 245 -38.03 9.64 -54.34
CA GLN C 245 -37.18 8.56 -54.81
C GLN C 245 -37.77 7.21 -54.55
N ALA C 246 -38.82 7.19 -53.73
CA ALA C 246 -39.65 6.00 -53.64
C ALA C 246 -40.30 5.81 -55.00
N ILE C 247 -40.98 6.86 -55.48
CA ILE C 247 -41.61 6.82 -56.80
C ILE C 247 -40.64 6.32 -57.84
N ALA C 248 -39.40 6.77 -57.79
CA ALA C 248 -38.44 6.31 -58.78
C ALA C 248 -38.04 4.87 -58.53
N SER C 249 -37.91 4.50 -57.25
CA SER C 249 -37.40 3.16 -56.93
C SER C 249 -38.44 2.10 -57.28
N GLY C 250 -39.69 2.41 -56.97
CA GLY C 250 -40.80 1.51 -57.18
C GLY C 250 -41.45 1.62 -58.54
N ASP C 251 -40.98 2.54 -59.37
CA ASP C 251 -41.49 2.70 -60.73
C ASP C 251 -42.93 3.25 -60.79
N GLY C 252 -43.09 4.53 -60.48
CA GLY C 252 -44.37 5.20 -60.62
C GLY C 252 -45.35 4.78 -59.55
N GLN C 253 -44.90 3.86 -58.70
CA GLN C 253 -45.72 3.33 -57.62
C GLN C 253 -45.00 3.49 -56.31
N VAL C 254 -45.72 3.90 -55.28
CA VAL C 254 -45.13 3.97 -53.96
C VAL C 254 -45.59 2.73 -53.24
N SER C 255 -44.85 1.64 -53.42
CA SER C 255 -45.25 0.34 -52.86
C SER C 255 -44.44 -0.04 -51.63
N THR C 256 -45.00 -0.90 -50.79
CA THR C 256 -44.31 -1.29 -49.57
C THR C 256 -42.97 -1.97 -49.85
N GLN C 257 -42.94 -2.90 -50.80
CA GLN C 257 -41.67 -3.52 -51.12
C GLN C 257 -40.65 -2.46 -51.45
N ALA C 258 -41.03 -1.51 -52.30
CA ALA C 258 -40.12 -0.42 -52.70
C ALA C 258 -39.55 0.41 -51.56
N VAL C 259 -40.43 0.86 -50.69
CA VAL C 259 -40.03 1.73 -49.61
C VAL C 259 -39.11 1.00 -48.64
N SER C 260 -39.53 -0.16 -48.15
CA SER C 260 -38.67 -0.87 -47.20
C SER C 260 -37.35 -1.35 -47.83
N ALA C 261 -37.40 -1.82 -49.08
CA ALA C 261 -36.17 -1.99 -49.84
C ALA C 261 -35.22 -0.76 -49.62
N MET C 262 -35.62 0.38 -50.20
CA MET C 262 -34.90 1.63 -50.07
C MET C 262 -34.52 2.03 -48.62
N LEU C 263 -35.30 1.58 -47.64
CA LEU C 263 -35.09 2.11 -46.31
C LEU C 263 -34.21 1.21 -45.45
N GLY C 264 -33.77 0.08 -45.99
CA GLY C 264 -33.02 -0.89 -45.19
C GLY C 264 -33.89 -1.75 -44.28
N THR C 265 -35.10 -1.28 -44.00
CA THR C 265 -36.10 -2.06 -43.29
C THR C 265 -36.36 -3.34 -44.04
N LEU C 266 -36.52 -4.45 -43.31
CA LEU C 266 -37.12 -5.66 -43.88
C LEU C 266 -38.56 -5.68 -43.36
N ASP C 267 -39.46 -6.39 -44.06
CA ASP C 267 -40.84 -6.44 -43.54
C ASP C 267 -41.14 -7.37 -42.35
N ASP C 268 -41.77 -6.70 -41.37
CA ASP C 268 -41.36 -6.61 -39.96
C ASP C 268 -41.30 -7.87 -39.11
N ASP C 269 -41.90 -8.96 -39.61
CA ASP C 269 -41.94 -10.21 -38.88
C ASP C 269 -40.56 -10.79 -38.62
N GLN C 270 -39.76 -10.98 -39.68
CA GLN C 270 -38.49 -11.69 -39.56
C GLN C 270 -37.50 -11.10 -38.54
N ALA C 271 -37.61 -9.80 -38.27
CA ALA C 271 -36.77 -9.14 -37.27
C ALA C 271 -37.18 -9.55 -35.86
N LEU C 272 -38.44 -9.27 -35.54
CA LEU C 272 -39.05 -9.69 -34.29
C LEU C 272 -38.83 -11.17 -33.98
N SER C 273 -39.18 -12.01 -34.95
CA SER C 273 -39.05 -13.47 -34.85
C SER C 273 -37.72 -13.88 -34.22
N LEU C 274 -36.64 -13.22 -34.64
CA LEU C 274 -35.32 -13.53 -34.10
C LEU C 274 -35.23 -13.06 -32.62
N VAL C 275 -35.68 -11.84 -32.32
CA VAL C 275 -35.72 -11.39 -30.92
C VAL C 275 -36.35 -12.45 -30.07
N GLU C 276 -37.66 -12.66 -30.30
CA GLU C 276 -38.42 -13.71 -29.65
C GLU C 276 -37.60 -14.96 -29.43
N ALA C 277 -37.07 -15.50 -30.53
CA ALA C 277 -36.33 -16.76 -30.51
C ALA C 277 -35.16 -16.67 -29.56
N MET C 278 -34.66 -15.45 -29.38
CA MET C 278 -33.50 -15.24 -28.54
C MET C 278 -33.84 -15.16 -27.07
N VAL C 279 -34.94 -14.48 -26.74
CA VAL C 279 -35.38 -14.44 -25.35
C VAL C 279 -35.81 -15.83 -24.91
N GLU C 280 -36.39 -16.59 -25.83
CA GLU C 280 -36.85 -17.94 -25.53
C GLU C 280 -35.69 -18.92 -25.50
N ALA C 281 -34.47 -18.38 -25.51
CA ALA C 281 -33.25 -19.17 -25.39
C ALA C 281 -33.02 -20.28 -26.42
N ASN C 282 -33.96 -20.53 -27.33
CA ASN C 282 -33.78 -21.65 -28.26
C ASN C 282 -32.77 -21.34 -29.37
N GLY C 283 -31.66 -22.07 -29.34
CA GLY C 283 -30.56 -21.84 -30.27
C GLY C 283 -30.88 -22.16 -31.72
N GLU C 284 -31.19 -23.43 -31.99
CA GLU C 284 -31.57 -23.89 -33.33
C GLU C 284 -32.28 -22.80 -34.15
N ARG C 285 -33.36 -22.27 -33.60
CA ARG C 285 -34.18 -21.26 -34.26
C ARG C 285 -33.44 -19.95 -34.49
N VAL C 286 -32.66 -19.51 -33.50
CA VAL C 286 -31.87 -18.31 -33.71
C VAL C 286 -31.02 -18.53 -34.94
N MET C 287 -30.24 -19.61 -34.90
CA MET C 287 -29.29 -19.90 -35.95
C MET C 287 -29.96 -20.13 -37.29
N ALA C 288 -31.01 -20.95 -37.31
CA ALA C 288 -31.81 -21.09 -38.52
C ALA C 288 -32.32 -19.71 -39.03
N LEU C 289 -33.04 -18.97 -38.19
CA LEU C 289 -33.58 -17.66 -38.58
C LEU C 289 -32.55 -16.73 -39.22
N ILE C 290 -31.29 -16.97 -38.86
CA ILE C 290 -30.15 -16.21 -39.39
C ILE C 290 -29.72 -16.75 -40.74
N ASN C 291 -29.55 -18.07 -40.83
CA ASN C 291 -29.31 -18.73 -42.10
C ASN C 291 -30.33 -18.22 -43.12
N GLU C 292 -31.62 -18.14 -42.73
CA GLU C 292 -32.66 -17.59 -43.61
C GLU C 292 -32.48 -16.09 -43.90
N ALA C 293 -32.04 -15.32 -42.91
CA ALA C 293 -31.71 -13.91 -43.13
C ALA C 293 -30.67 -13.83 -44.26
N ALA C 294 -29.87 -14.90 -44.35
CA ALA C 294 -28.62 -14.97 -45.14
C ALA C 294 -28.78 -15.40 -46.61
N ALA C 295 -29.76 -16.26 -46.87
CA ALA C 295 -30.17 -16.54 -48.25
C ALA C 295 -30.85 -15.31 -48.90
N ARG C 296 -31.39 -14.39 -48.07
CA ARG C 296 -32.02 -13.15 -48.55
C ARG C 296 -31.01 -12.02 -48.70
N GLY C 297 -29.80 -12.27 -48.21
CA GLY C 297 -28.73 -11.29 -48.30
C GLY C 297 -29.13 -10.00 -47.61
N ILE C 298 -30.00 -10.09 -46.62
CA ILE C 298 -30.33 -8.94 -45.79
C ILE C 298 -29.02 -8.38 -45.20
N GLU C 299 -28.88 -7.06 -45.07
CA GLU C 299 -27.61 -6.48 -44.58
C GLU C 299 -27.37 -6.65 -43.08
N TRP C 300 -26.16 -7.07 -42.70
CA TRP C 300 -25.96 -7.48 -41.32
C TRP C 300 -26.12 -6.36 -40.28
N GLU C 301 -25.47 -5.20 -40.46
CA GLU C 301 -25.64 -4.14 -39.45
C GLU C 301 -27.12 -3.85 -39.36
N ALA C 302 -27.74 -3.78 -40.53
CA ALA C 302 -29.15 -3.48 -40.67
C ALA C 302 -30.01 -4.26 -39.67
N LEU C 303 -29.84 -5.58 -39.68
CA LEU C 303 -30.59 -6.48 -38.81
C LEU C 303 -30.43 -6.05 -37.35
N LEU C 304 -29.20 -6.06 -36.85
CA LEU C 304 -28.97 -5.78 -35.45
C LEU C 304 -29.65 -4.51 -35.04
N VAL C 305 -29.94 -3.68 -36.02
CA VAL C 305 -30.57 -2.41 -35.71
C VAL C 305 -32.05 -2.53 -35.52
N GLU C 306 -32.74 -3.17 -36.46
CA GLU C 306 -34.17 -3.37 -36.29
C GLU C 306 -34.45 -4.03 -34.94
N MET C 307 -33.49 -4.81 -34.45
CA MET C 307 -33.66 -5.54 -33.18
C MET C 307 -33.50 -4.67 -31.95
N LEU C 308 -32.51 -3.77 -31.96
CA LEU C 308 -32.35 -2.82 -30.88
C LEU C 308 -33.56 -1.95 -30.97
N GLY C 309 -33.97 -1.68 -32.19
CA GLY C 309 -35.23 -1.02 -32.43
C GLY C 309 -36.44 -1.69 -31.79
N LEU C 310 -36.53 -3.01 -31.88
CA LEU C 310 -37.67 -3.68 -31.27
C LEU C 310 -37.49 -3.72 -29.76
N LEU C 311 -36.28 -4.05 -29.31
CA LEU C 311 -35.96 -4.11 -27.87
C LEU C 311 -36.23 -2.82 -27.13
N HIS C 312 -36.12 -1.72 -27.85
CA HIS C 312 -36.38 -0.42 -27.25
C HIS C 312 -37.88 -0.26 -27.12
N ARG C 313 -38.59 -0.31 -28.25
CA ARG C 313 -40.02 -0.08 -28.21
C ARG C 313 -40.62 -0.93 -27.11
N ILE C 314 -40.08 -2.13 -26.90
CA ILE C 314 -40.60 -3.04 -25.87
C ILE C 314 -40.38 -2.50 -24.46
N ALA C 315 -39.13 -2.13 -24.16
CA ALA C 315 -38.83 -1.59 -22.85
C ALA C 315 -39.59 -0.29 -22.67
N MET C 316 -39.82 0.37 -23.79
CA MET C 316 -40.62 1.57 -23.80
C MET C 316 -42.02 1.21 -23.32
N VAL C 317 -42.62 0.18 -23.91
CA VAL C 317 -44.03 -0.20 -23.65
C VAL C 317 -44.28 -0.57 -22.18
N GLN C 318 -43.35 -1.30 -21.58
CA GLN C 318 -43.35 -1.49 -20.15
C GLN C 318 -43.69 -0.18 -19.47
N LEU C 319 -42.71 0.69 -19.32
CA LEU C 319 -42.92 2.04 -18.80
C LEU C 319 -44.37 2.62 -19.02
N SER C 320 -44.61 3.26 -20.16
CA SER C 320 -45.94 3.73 -20.52
C SER C 320 -46.65 2.82 -21.52
N PRO C 321 -47.80 2.24 -21.14
CA PRO C 321 -48.52 1.31 -22.02
C PRO C 321 -48.90 1.87 -23.42
N ALA C 322 -49.51 3.06 -23.46
CA ALA C 322 -49.95 3.66 -24.72
C ALA C 322 -48.80 3.90 -25.72
N ALA C 323 -47.57 3.94 -25.19
CA ALA C 323 -46.36 4.21 -25.96
C ALA C 323 -46.17 3.43 -27.27
N LEU C 324 -46.55 2.16 -27.31
CA LEU C 324 -46.33 1.34 -28.52
C LEU C 324 -46.87 2.04 -29.76
N GLY C 325 -46.06 2.02 -30.82
CA GLY C 325 -46.29 2.79 -32.02
C GLY C 325 -47.60 2.52 -32.74
N ASN C 326 -47.82 3.32 -33.78
CA ASN C 326 -48.98 3.14 -34.61
C ASN C 326 -48.66 2.29 -35.85
N ASP C 327 -47.37 2.20 -36.18
CA ASP C 327 -46.92 1.51 -37.39
C ASP C 327 -46.86 -0.02 -37.26
N MET C 328 -46.74 -0.52 -36.03
CA MET C 328 -46.70 -1.97 -35.79
C MET C 328 -48.00 -2.51 -35.22
N ALA C 329 -49.02 -2.39 -36.04
CA ALA C 329 -50.27 -3.04 -35.77
C ALA C 329 -50.11 -4.56 -36.02
N ALA C 330 -49.61 -4.93 -37.20
CA ALA C 330 -49.48 -6.35 -37.60
C ALA C 330 -48.65 -7.20 -36.63
N ILE C 331 -48.08 -6.56 -35.61
CA ILE C 331 -47.12 -7.22 -34.74
C ILE C 331 -47.42 -6.99 -33.25
N GLU C 332 -48.30 -6.04 -32.96
CA GLU C 332 -48.66 -5.64 -31.60
C GLU C 332 -49.06 -6.78 -30.62
N LEU C 333 -49.83 -7.76 -31.11
CA LEU C 333 -50.25 -8.90 -30.29
C LEU C 333 -49.06 -9.50 -29.57
N ARG C 334 -48.00 -9.69 -30.36
CA ARG C 334 -46.83 -10.43 -29.95
C ARG C 334 -45.87 -9.56 -29.14
N MET C 335 -45.83 -8.26 -29.45
CA MET C 335 -44.92 -7.29 -28.81
C MET C 335 -45.36 -7.04 -27.39
N ARG C 336 -46.61 -6.64 -27.29
CA ARG C 336 -47.30 -6.47 -26.02
C ARG C 336 -47.02 -7.64 -25.09
N GLU C 337 -47.10 -8.84 -25.65
CA GLU C 337 -46.82 -10.04 -24.90
C GLU C 337 -45.45 -9.98 -24.29
N LEU C 338 -44.45 -9.79 -25.13
CA LEU C 338 -43.05 -9.75 -24.73
C LEU C 338 -42.72 -8.78 -23.59
N ALA C 339 -43.42 -7.66 -23.54
CA ALA C 339 -43.17 -6.64 -22.51
C ALA C 339 -43.67 -7.13 -21.18
N ARG C 340 -44.80 -7.84 -21.23
CA ARG C 340 -45.45 -8.35 -20.05
C ARG C 340 -44.63 -9.47 -19.42
N THR C 341 -44.01 -10.31 -20.25
CA THR C 341 -43.41 -11.56 -19.76
C THR C 341 -41.91 -11.49 -19.43
N ILE C 342 -41.24 -10.42 -19.82
CA ILE C 342 -39.81 -10.32 -19.54
C ILE C 342 -39.46 -9.11 -18.66
N PRO C 343 -38.61 -9.34 -17.65
CA PRO C 343 -38.16 -8.34 -16.67
C PRO C 343 -37.31 -7.27 -17.33
N PRO C 344 -37.60 -5.99 -17.06
CA PRO C 344 -36.85 -4.83 -17.54
C PRO C 344 -35.32 -4.96 -17.38
N THR C 345 -34.83 -5.42 -16.23
CA THR C 345 -33.38 -5.64 -16.06
C THR C 345 -32.84 -6.48 -17.21
N ASP C 346 -33.54 -7.58 -17.51
CA ASP C 346 -33.24 -8.49 -18.63
C ASP C 346 -33.19 -7.83 -20.00
N ILE C 347 -34.21 -7.02 -20.31
CA ILE C 347 -34.30 -6.34 -21.61
C ILE C 347 -33.12 -5.40 -21.82
N GLN C 348 -32.74 -4.67 -20.77
CA GLN C 348 -31.57 -3.79 -20.86
C GLN C 348 -30.36 -4.66 -21.16
N LEU C 349 -30.29 -5.84 -20.55
CA LEU C 349 -29.25 -6.78 -20.90
C LEU C 349 -29.21 -7.05 -22.41
N TYR C 350 -30.31 -7.50 -23.00
CA TYR C 350 -30.26 -7.85 -24.43
C TYR C 350 -29.77 -6.66 -25.29
N TYR C 351 -30.41 -5.51 -25.14
CA TYR C 351 -29.98 -4.27 -25.81
C TYR C 351 -28.47 -4.04 -25.72
N GLN C 352 -28.01 -3.87 -24.48
CA GLN C 352 -26.60 -3.84 -24.17
C GLN C 352 -25.81 -4.75 -25.09
N THR C 353 -26.13 -6.04 -25.05
CA THR C 353 -25.35 -7.05 -25.76
C THR C 353 -25.40 -6.88 -27.28
N LEU C 354 -26.55 -6.42 -27.78
CA LEU C 354 -26.75 -6.22 -29.21
C LEU C 354 -26.07 -4.92 -29.69
N LEU C 355 -25.78 -4.06 -28.72
CA LEU C 355 -25.20 -2.74 -28.98
C LEU C 355 -23.69 -2.85 -29.12
N ILE C 356 -23.04 -3.40 -28.10
CA ILE C 356 -21.61 -3.63 -28.19
C ILE C 356 -21.43 -4.53 -29.39
N GLY C 357 -22.43 -5.36 -29.64
CA GLY C 357 -22.42 -6.26 -30.76
C GLY C 357 -22.21 -5.45 -32.02
N ARG C 358 -22.87 -4.29 -32.07
CA ARG C 358 -22.76 -3.37 -33.20
C ARG C 358 -21.40 -2.69 -33.18
N LYS C 359 -21.11 -2.02 -32.07
CA LYS C 359 -19.77 -1.46 -31.81
C LYS C 359 -18.65 -2.40 -32.34
N GLU C 360 -18.83 -3.71 -32.15
CA GLU C 360 -17.85 -4.72 -32.55
C GLU C 360 -17.84 -5.01 -34.06
N LEU C 361 -18.99 -4.88 -34.71
CA LEU C 361 -19.16 -5.45 -36.06
C LEU C 361 -18.10 -5.11 -37.11
N PRO C 362 -17.63 -3.84 -37.14
CA PRO C 362 -16.52 -3.37 -37.99
C PRO C 362 -15.37 -4.34 -37.96
N TYR C 363 -14.99 -4.63 -36.73
CA TYR C 363 -13.77 -5.34 -36.40
C TYR C 363 -13.88 -6.84 -36.44
N ALA C 364 -15.08 -7.38 -36.27
CA ALA C 364 -15.25 -8.80 -36.38
C ALA C 364 -14.92 -9.32 -37.81
N PRO C 365 -14.54 -10.59 -37.90
CA PRO C 365 -13.86 -11.15 -39.07
C PRO C 365 -14.70 -11.09 -40.35
N ASP C 366 -16.00 -11.21 -40.18
CA ASP C 366 -16.92 -11.34 -41.29
C ASP C 366 -18.20 -10.75 -40.70
N ARG C 367 -18.80 -9.79 -41.39
CA ARG C 367 -19.96 -9.11 -40.80
C ARG C 367 -21.04 -10.07 -40.25
N ARG C 368 -21.28 -11.17 -40.97
CA ARG C 368 -22.20 -12.22 -40.50
C ARG C 368 -21.76 -12.82 -39.18
N MET C 369 -20.60 -13.48 -39.26
CA MET C 369 -19.98 -14.12 -38.12
C MET C 369 -20.13 -13.23 -36.92
N GLY C 370 -19.97 -11.93 -37.16
CA GLY C 370 -20.06 -10.93 -36.11
C GLY C 370 -21.45 -10.85 -35.53
N VAL C 371 -22.44 -10.87 -36.40
CA VAL C 371 -23.78 -10.91 -35.86
C VAL C 371 -24.07 -12.25 -35.17
N GLU C 372 -23.84 -13.36 -35.89
CA GLU C 372 -23.95 -14.68 -35.29
C GLU C 372 -23.32 -14.72 -33.89
N MET C 373 -22.04 -14.38 -33.83
CA MET C 373 -21.25 -14.40 -32.60
C MET C 373 -21.87 -13.51 -31.50
N THR C 374 -22.53 -12.44 -31.90
CA THR C 374 -23.08 -11.53 -30.91
C THR C 374 -24.33 -12.14 -30.31
N LEU C 375 -25.04 -12.95 -31.11
CA LEU C 375 -26.23 -13.60 -30.62
C LEU C 375 -25.87 -14.80 -29.73
N LEU C 376 -24.77 -15.46 -30.07
CA LEU C 376 -24.22 -16.50 -29.21
C LEU C 376 -23.79 -15.92 -27.88
N ARG C 377 -23.38 -14.65 -27.85
CA ARG C 377 -23.04 -14.05 -26.57
C ARG C 377 -24.33 -13.91 -25.78
N ALA C 378 -25.39 -13.44 -26.43
CA ALA C 378 -26.70 -13.49 -25.81
C ALA C 378 -26.88 -14.85 -25.14
N LEU C 379 -27.08 -15.88 -25.95
CA LEU C 379 -27.25 -17.22 -25.41
C LEU C 379 -26.29 -17.58 -24.25
N ALA C 380 -24.97 -17.49 -24.44
CA ALA C 380 -24.01 -17.88 -23.40
C ALA C 380 -24.25 -17.17 -22.05
N PHE C 381 -24.55 -15.87 -22.13
CA PHE C 381 -24.91 -15.05 -20.96
C PHE C 381 -26.40 -14.86 -20.79
N HIS C 382 -27.17 -15.79 -21.32
CA HIS C 382 -28.59 -15.67 -21.21
C HIS C 382 -29.00 -15.77 -19.76
N PRO C 383 -29.91 -14.89 -19.32
CA PRO C 383 -30.37 -14.84 -17.93
C PRO C 383 -31.11 -16.12 -17.50
N ARG C 384 -32.12 -16.52 -18.27
CA ARG C 384 -33.07 -17.55 -17.84
C ARG C 384 -32.67 -19.00 -18.17
N MET C 385 -31.89 -19.17 -19.24
CA MET C 385 -31.42 -20.50 -19.65
C MET C 385 -30.05 -20.38 -20.31
N PRO C 386 -29.01 -20.16 -19.49
CA PRO C 386 -27.65 -20.12 -20.03
C PRO C 386 -27.35 -21.37 -20.89
N LEU C 387 -26.52 -21.21 -21.92
CA LEU C 387 -25.97 -22.30 -22.71
C LEU C 387 -25.23 -23.30 -21.79
N PRO C 388 -25.24 -24.61 -22.14
CA PRO C 388 -24.70 -25.67 -21.25
C PRO C 388 -23.16 -25.69 -21.01
N GLU C 389 -22.81 -25.48 -19.75
CA GLU C 389 -21.44 -25.62 -19.27
C GLU C 389 -21.05 -27.11 -19.30
N PRO C 390 -19.75 -27.43 -19.50
CA PRO C 390 -19.20 -28.79 -19.66
C PRO C 390 -19.38 -29.82 -18.52
N SER D 24 0.23 5.27 -73.81
CA SER D 24 -1.00 5.73 -73.17
C SER D 24 -1.43 4.85 -71.96
N TYR D 25 -0.47 4.26 -71.24
CA TYR D 25 -0.80 3.34 -70.14
C TYR D 25 -1.50 3.97 -68.94
N GLN D 26 -2.39 3.19 -68.31
CA GLN D 26 -3.09 3.55 -67.07
C GLN D 26 -3.39 2.28 -66.26
N VAL D 27 -3.34 2.40 -64.93
CA VAL D 27 -3.69 1.29 -64.04
C VAL D 27 -5.08 0.78 -64.37
N LEU D 28 -5.37 -0.49 -64.09
CA LEU D 28 -6.69 -1.05 -64.42
C LEU D 28 -7.77 -0.26 -63.71
N ALA D 29 -7.52 -0.05 -62.42
CA ALA D 29 -8.39 0.73 -61.55
C ALA D 29 -8.94 1.96 -62.25
N ARG D 30 -8.24 2.41 -63.29
CA ARG D 30 -8.53 3.66 -63.94
C ARG D 30 -9.12 3.45 -65.33
N LYS D 31 -8.48 2.57 -66.09
CA LYS D 31 -8.87 2.14 -67.43
C LYS D 31 -10.28 1.55 -67.48
N TRP D 32 -10.63 0.80 -66.45
CA TRP D 32 -11.83 0.00 -66.55
C TRP D 32 -13.03 0.68 -65.91
N ARG D 33 -12.95 1.99 -65.76
CA ARG D 33 -14.08 2.72 -65.24
C ARG D 33 -15.20 2.49 -66.21
N PRO D 34 -16.38 2.10 -65.68
CA PRO D 34 -17.59 1.80 -66.45
C PRO D 34 -18.02 3.02 -67.25
N GLN D 35 -18.20 2.82 -68.56
CA GLN D 35 -18.38 3.93 -69.47
C GLN D 35 -19.80 3.96 -70.07
N THR D 36 -20.55 2.90 -69.77
CA THR D 36 -22.00 2.82 -70.00
C THR D 36 -22.62 2.15 -68.79
N PHE D 37 -23.86 2.50 -68.46
CA PHE D 37 -24.50 1.89 -67.29
C PHE D 37 -24.27 0.38 -67.31
N ALA D 38 -24.46 -0.23 -68.48
CA ALA D 38 -24.30 -1.67 -68.68
C ALA D 38 -23.05 -2.25 -68.01
N ASP D 39 -21.97 -1.47 -67.99
CA ASP D 39 -20.65 -1.97 -67.59
C ASP D 39 -20.40 -1.90 -66.09
N VAL D 40 -21.44 -1.53 -65.35
CA VAL D 40 -21.30 -1.31 -63.92
C VAL D 40 -21.66 -2.58 -63.18
N VAL D 41 -20.87 -2.89 -62.17
CA VAL D 41 -21.08 -4.04 -61.33
C VAL D 41 -21.98 -3.71 -60.15
N GLY D 42 -23.07 -4.45 -59.99
CA GLY D 42 -23.93 -4.27 -58.84
C GLY D 42 -24.54 -2.88 -58.73
N GLN D 43 -24.87 -2.51 -57.50
CA GLN D 43 -25.57 -1.27 -57.22
C GLN D 43 -26.90 -1.22 -57.98
N GLU D 44 -27.39 -2.39 -58.31
CA GLU D 44 -28.52 -2.50 -59.18
C GLU D 44 -29.72 -1.72 -58.68
N HIS D 45 -29.76 -1.41 -57.38
CA HIS D 45 -30.86 -0.57 -56.84
C HIS D 45 -30.74 0.90 -57.17
N VAL D 46 -29.51 1.38 -57.32
CA VAL D 46 -29.29 2.76 -57.70
C VAL D 46 -29.48 2.90 -59.18
N LEU D 47 -28.89 1.99 -59.95
CA LEU D 47 -29.02 2.04 -61.39
C LEU D 47 -30.50 2.03 -61.81
N THR D 48 -31.28 1.20 -61.12
CA THR D 48 -32.70 1.06 -61.35
C THR D 48 -33.48 2.35 -61.12
N ALA D 49 -33.35 2.91 -59.93
CA ALA D 49 -34.00 4.17 -59.63
C ALA D 49 -33.63 5.26 -60.64
N LEU D 50 -32.34 5.35 -60.96
CA LEU D 50 -31.83 6.35 -61.90
C LEU D 50 -32.42 6.19 -63.29
N ALA D 51 -32.19 5.02 -63.90
CA ALA D 51 -32.73 4.77 -65.22
C ALA D 51 -34.25 4.94 -65.22
N ASN D 52 -34.86 4.64 -64.07
CA ASN D 52 -36.31 4.65 -63.93
C ASN D 52 -36.92 6.04 -63.99
N GLY D 53 -36.29 6.94 -63.24
CA GLY D 53 -36.57 8.35 -63.28
C GLY D 53 -36.17 9.07 -64.57
N LEU D 54 -35.01 8.73 -65.14
CA LEU D 54 -34.63 9.28 -66.44
C LEU D 54 -35.71 8.96 -67.48
N SER D 55 -36.28 7.75 -67.40
CA SER D 55 -37.34 7.38 -68.32
C SER D 55 -38.69 8.00 -67.94
N LEU D 56 -39.20 7.72 -66.74
CA LEU D 56 -40.45 8.36 -66.28
C LEU D 56 -40.54 9.90 -66.37
N GLY D 57 -39.40 10.57 -66.47
CA GLY D 57 -39.34 12.01 -66.51
C GLY D 57 -39.24 12.66 -65.14
N ARG D 58 -39.03 11.83 -64.11
CA ARG D 58 -38.91 12.24 -62.69
C ARG D 58 -37.50 12.62 -62.26
N ILE D 59 -36.86 13.51 -63.02
CA ILE D 59 -35.48 13.87 -62.75
C ILE D 59 -35.34 14.93 -61.70
N HIS D 60 -34.62 14.62 -60.63
CA HIS D 60 -34.44 15.55 -59.51
C HIS D 60 -33.40 16.60 -59.87
N HIS D 61 -33.06 17.50 -58.94
CA HIS D 61 -32.04 18.52 -59.23
C HIS D 61 -30.78 18.31 -58.43
N ALA D 62 -30.85 17.44 -57.44
CA ALA D 62 -29.69 17.19 -56.57
C ALA D 62 -29.61 15.76 -56.09
N TYR D 63 -28.76 14.98 -56.74
CA TYR D 63 -28.53 13.62 -56.32
C TYR D 63 -27.31 13.57 -55.43
N LEU D 64 -27.41 12.86 -54.31
CA LEU D 64 -26.27 12.64 -53.44
C LEU D 64 -25.92 11.15 -53.42
N PHE D 65 -24.69 10.79 -53.82
CA PHE D 65 -24.29 9.37 -53.88
C PHE D 65 -23.33 9.02 -52.75
N SER D 66 -23.63 8.00 -51.93
CA SER D 66 -22.70 7.67 -50.85
C SER D 66 -22.32 6.20 -50.76
N GLY D 67 -21.32 5.89 -49.93
CA GLY D 67 -20.79 4.51 -49.78
C GLY D 67 -19.27 4.39 -49.65
N THR D 68 -18.76 3.27 -49.17
CA THR D 68 -17.31 3.19 -48.97
C THR D 68 -16.50 3.24 -50.22
N ARG D 69 -15.22 3.55 -50.00
CA ARG D 69 -14.27 3.78 -51.04
C ARG D 69 -14.37 2.80 -52.22
N GLY D 70 -14.45 3.32 -53.44
CA GLY D 70 -14.31 2.46 -54.61
C GLY D 70 -15.43 1.47 -54.95
N VAL D 71 -16.69 1.92 -54.85
CA VAL D 71 -17.82 1.05 -55.08
C VAL D 71 -18.69 1.65 -56.14
N GLY D 72 -18.11 2.65 -56.81
CA GLY D 72 -18.72 3.27 -57.97
C GLY D 72 -19.56 4.53 -57.80
N LYS D 73 -19.28 5.26 -56.72
CA LYS D 73 -19.95 6.52 -56.44
C LYS D 73 -19.68 7.52 -57.56
N THR D 74 -18.43 7.77 -57.83
CA THR D 74 -18.18 8.85 -58.74
C THR D 74 -18.12 8.34 -60.15
N SER D 75 -18.05 7.02 -60.33
CA SER D 75 -18.17 6.47 -61.67
C SER D 75 -19.61 6.61 -62.18
N ILE D 76 -20.55 6.37 -61.26
CA ILE D 76 -21.97 6.52 -61.54
C ILE D 76 -22.40 7.99 -61.70
N ALA D 77 -21.82 8.90 -60.93
CA ALA D 77 -22.16 10.32 -61.13
C ALA D 77 -21.85 10.58 -62.58
N ARG D 78 -20.59 10.32 -62.93
CA ARG D 78 -20.15 10.57 -64.29
C ARG D 78 -21.06 9.91 -65.32
N LEU D 79 -21.63 8.76 -65.02
CA LEU D 79 -22.51 8.14 -66.00
C LEU D 79 -23.84 8.84 -66.07
N LEU D 80 -24.40 9.22 -64.92
CA LEU D 80 -25.67 9.92 -64.90
C LEU D 80 -25.54 11.16 -65.75
N ALA D 81 -24.50 11.94 -65.49
CA ALA D 81 -24.19 13.06 -66.38
C ALA D 81 -24.25 12.73 -67.90
N LYS D 82 -23.62 11.64 -68.37
CA LYS D 82 -23.68 11.32 -69.80
C LYS D 82 -25.12 11.16 -70.22
N GLY D 83 -25.87 10.45 -69.39
CA GLY D 83 -27.26 10.17 -69.66
C GLY D 83 -28.09 11.42 -69.77
N LEU D 84 -27.72 12.47 -69.03
CA LEU D 84 -28.46 13.74 -69.09
C LEU D 84 -28.14 14.50 -70.35
N ASN D 85 -26.87 14.59 -70.71
CA ASN D 85 -26.47 15.47 -71.79
C ASN D 85 -26.42 14.88 -73.19
N CYS D 86 -26.60 13.56 -73.30
CA CYS D 86 -26.31 12.83 -74.53
C CYS D 86 -26.97 13.38 -75.78
N GLU D 87 -26.18 13.47 -76.85
CA GLU D 87 -26.65 14.07 -78.10
C GLU D 87 -27.88 13.31 -78.66
N THR D 88 -28.16 12.11 -78.12
CA THR D 88 -29.23 11.22 -78.64
C THR D 88 -30.61 11.47 -78.02
N GLY D 89 -30.59 12.08 -76.83
CA GLY D 89 -31.79 12.39 -76.05
C GLY D 89 -31.42 12.26 -74.59
N ILE D 90 -32.28 12.74 -73.66
CA ILE D 90 -32.08 12.36 -72.27
C ILE D 90 -32.34 10.88 -72.18
N THR D 91 -31.29 10.10 -71.98
CA THR D 91 -31.41 8.66 -71.94
C THR D 91 -30.97 8.06 -70.59
N ALA D 92 -31.28 6.79 -70.40
CA ALA D 92 -30.81 6.04 -69.24
C ALA D 92 -29.77 5.03 -69.70
N THR D 93 -29.64 4.91 -71.02
CA THR D 93 -28.70 4.02 -71.66
C THR D 93 -27.88 4.83 -72.64
N PRO D 94 -27.01 5.71 -72.13
CA PRO D 94 -26.30 6.65 -73.01
C PRO D 94 -25.33 5.93 -73.94
N CYS D 95 -25.12 6.48 -75.14
CA CYS D 95 -24.36 5.75 -76.15
C CYS D 95 -22.85 5.65 -75.89
N GLY D 96 -22.20 6.79 -75.73
CA GLY D 96 -20.74 6.83 -75.63
C GLY D 96 -20.11 7.15 -76.98
N VAL D 97 -20.90 7.63 -77.93
CA VAL D 97 -20.45 7.78 -79.30
C VAL D 97 -20.88 9.12 -79.88
N CYS D 98 -21.17 10.07 -79.01
CA CYS D 98 -21.40 11.42 -79.52
C CYS D 98 -20.27 12.31 -79.02
N ASP D 99 -20.02 13.43 -79.71
CA ASP D 99 -19.14 14.44 -79.13
C ASP D 99 -19.36 14.49 -77.59
N ASN D 100 -20.62 14.56 -77.16
CA ASN D 100 -20.93 14.74 -75.72
C ASN D 100 -20.56 13.61 -74.78
N CYS D 101 -20.64 12.35 -75.19
CA CYS D 101 -20.30 11.27 -74.26
C CYS D 101 -18.81 11.01 -74.23
N ARG D 102 -18.15 11.12 -75.39
CA ARG D 102 -16.71 10.94 -75.47
C ARG D 102 -16.08 12.04 -74.65
N GLU D 103 -16.59 13.27 -74.83
CA GLU D 103 -16.00 14.44 -74.18
C GLU D 103 -15.98 14.28 -72.64
N ILE D 104 -17.00 13.60 -72.09
CA ILE D 104 -17.15 13.40 -70.64
C ILE D 104 -16.26 12.29 -70.18
N GLU D 105 -16.20 11.23 -70.97
CA GLU D 105 -15.29 10.12 -70.75
C GLU D 105 -13.86 10.62 -70.53
N GLN D 106 -13.48 11.64 -71.30
CA GLN D 106 -12.16 12.25 -71.26
C GLN D 106 -12.03 13.51 -70.35
N GLY D 107 -13.12 13.90 -69.68
CA GLY D 107 -13.12 15.09 -68.84
C GLY D 107 -13.16 16.44 -69.57
N ARG D 108 -13.02 16.42 -70.89
CA ARG D 108 -12.97 17.64 -71.71
C ARG D 108 -14.35 18.35 -71.85
N PHE D 109 -15.42 17.68 -71.43
CA PHE D 109 -16.77 18.21 -71.61
C PHE D 109 -17.06 19.37 -70.69
N VAL D 110 -17.60 20.41 -71.30
CA VAL D 110 -17.59 21.73 -70.76
C VAL D 110 -18.78 22.01 -69.88
N ASP D 111 -19.84 21.25 -70.08
CA ASP D 111 -20.99 21.43 -69.21
C ASP D 111 -21.14 20.37 -68.12
N LEU D 112 -20.02 19.74 -67.79
CA LEU D 112 -19.88 18.90 -66.61
C LEU D 112 -18.76 19.46 -65.76
N ILE D 113 -19.14 20.38 -64.90
CA ILE D 113 -18.18 21.08 -64.10
C ILE D 113 -17.90 20.16 -62.95
N GLU D 114 -16.73 19.54 -62.94
CA GLU D 114 -16.35 18.59 -61.89
C GLU D 114 -15.48 19.25 -60.84
N ILE D 115 -15.96 19.25 -59.62
CA ILE D 115 -15.30 20.01 -58.56
C ILE D 115 -14.67 19.15 -57.50
N ASP D 116 -13.39 19.41 -57.23
CA ASP D 116 -12.65 18.70 -56.19
C ASP D 116 -12.94 19.36 -54.88
N ALA D 117 -14.00 18.90 -54.23
CA ALA D 117 -14.51 19.58 -53.05
C ALA D 117 -13.47 19.65 -51.94
N ALA D 118 -12.67 18.58 -51.86
CA ALA D 118 -11.72 18.37 -50.81
C ALA D 118 -10.61 19.37 -50.97
N SER D 119 -10.61 20.03 -52.12
CA SER D 119 -9.57 20.96 -52.47
C SER D 119 -10.08 22.40 -52.54
N ARG D 120 -11.31 22.57 -53.03
CA ARG D 120 -11.91 23.89 -53.15
C ARG D 120 -13.03 23.94 -52.16
N THR D 121 -12.65 24.18 -50.92
CA THR D 121 -13.54 23.97 -49.80
C THR D 121 -14.06 25.30 -49.34
N LYS D 122 -13.35 26.37 -49.73
CA LYS D 122 -13.53 27.68 -49.15
C LYS D 122 -14.82 28.30 -49.67
N VAL D 123 -15.47 29.17 -48.89
CA VAL D 123 -16.73 29.77 -49.34
C VAL D 123 -16.46 30.66 -50.51
N GLU D 124 -15.49 31.54 -50.34
CA GLU D 124 -15.13 32.43 -51.41
C GLU D 124 -15.08 31.71 -52.75
N ASP D 125 -14.87 30.40 -52.75
CA ASP D 125 -14.74 29.63 -53.97
C ASP D 125 -16.06 29.08 -54.43
N THR D 126 -16.90 28.67 -53.49
CA THR D 126 -18.17 28.08 -53.87
C THR D 126 -19.18 29.17 -54.12
N ARG D 127 -18.91 30.36 -53.60
CA ARG D 127 -19.67 31.53 -53.99
C ARG D 127 -19.37 31.90 -55.44
N ASP D 128 -18.19 31.58 -55.97
CA ASP D 128 -17.94 31.75 -57.40
C ASP D 128 -18.78 30.74 -58.13
N LEU D 129 -18.73 29.49 -57.67
CA LEU D 129 -19.56 28.42 -58.21
C LEU D 129 -20.96 28.94 -58.45
N LEU D 130 -21.58 29.49 -57.42
CA LEU D 130 -22.95 29.93 -57.52
C LEU D 130 -23.17 31.08 -58.50
N ASP D 131 -22.26 32.05 -58.52
CA ASP D 131 -22.40 33.21 -59.42
C ASP D 131 -22.38 32.84 -60.87
N ASN D 132 -21.94 31.62 -61.16
CA ASN D 132 -21.85 31.11 -62.53
C ASN D 132 -22.83 29.97 -62.80
N VAL D 133 -23.92 29.96 -62.05
CA VAL D 133 -24.93 28.92 -62.17
C VAL D 133 -25.99 29.48 -63.00
N GLN D 134 -26.37 30.72 -62.68
CA GLN D 134 -27.42 31.37 -63.42
C GLN D 134 -27.20 31.21 -64.93
N TYR D 135 -25.94 31.29 -65.38
CA TYR D 135 -25.64 31.27 -66.82
C TYR D 135 -25.95 29.94 -67.48
N ALA D 136 -26.53 30.03 -68.68
CA ALA D 136 -26.92 28.86 -69.47
C ALA D 136 -25.73 28.02 -69.95
N PRO D 137 -25.99 26.73 -70.19
CA PRO D 137 -24.98 25.78 -70.61
C PRO D 137 -24.43 26.04 -72.00
N ALA D 138 -23.17 25.68 -72.17
CA ALA D 138 -22.41 25.89 -73.40
C ALA D 138 -22.87 25.07 -74.62
N ARG D 139 -22.69 23.76 -74.56
CA ARG D 139 -22.92 22.94 -75.72
C ARG D 139 -23.68 21.72 -75.28
N GLY D 140 -24.18 21.80 -74.07
CA GLY D 140 -24.88 20.69 -73.51
C GLY D 140 -26.29 21.14 -73.25
N ARG D 141 -27.05 20.26 -72.62
CA ARG D 141 -28.46 20.48 -72.37
C ARG D 141 -28.70 20.92 -70.95
N PHE D 142 -27.86 20.40 -70.05
CA PHE D 142 -27.85 20.77 -68.64
C PHE D 142 -26.45 21.18 -68.22
N LYS D 143 -26.34 22.18 -67.34
CA LYS D 143 -25.09 22.43 -66.64
C LYS D 143 -25.17 21.52 -65.44
N VAL D 144 -24.28 20.52 -65.39
CA VAL D 144 -24.22 19.58 -64.26
C VAL D 144 -22.97 19.73 -63.42
N TYR D 145 -23.15 20.19 -62.17
CA TYR D 145 -22.08 20.38 -61.21
C TYR D 145 -21.90 19.06 -60.52
N LEU D 146 -20.67 18.59 -60.46
CA LEU D 146 -20.35 17.33 -59.82
C LEU D 146 -19.38 17.63 -58.69
N ILE D 147 -19.93 17.78 -57.48
CA ILE D 147 -19.10 18.10 -56.34
C ILE D 147 -18.74 16.74 -55.71
N ASP D 148 -17.45 16.38 -55.70
CA ASP D 148 -16.99 15.06 -55.24
C ASP D 148 -16.09 15.26 -54.04
N GLU D 149 -16.19 14.35 -53.09
CA GLU D 149 -15.51 14.44 -51.80
C GLU D 149 -16.15 15.56 -50.98
N VAL D 150 -17.43 15.79 -51.30
CA VAL D 150 -18.26 16.89 -50.83
C VAL D 150 -18.33 17.11 -49.32
N HIS D 151 -18.00 16.09 -48.55
CA HIS D 151 -18.02 16.24 -47.12
C HIS D 151 -16.90 17.14 -46.60
N MET D 152 -16.12 17.73 -47.47
CA MET D 152 -14.95 18.50 -47.02
C MET D 152 -15.20 20.01 -47.04
N LEU D 153 -16.26 20.43 -47.72
CA LEU D 153 -16.59 21.84 -47.91
C LEU D 153 -16.72 22.43 -46.55
N SER D 154 -16.24 23.66 -46.36
CA SER D 154 -16.34 24.30 -45.06
C SER D 154 -17.78 24.36 -44.59
N ARG D 155 -17.99 24.57 -43.31
CA ARG D 155 -19.34 24.68 -42.78
C ARG D 155 -20.05 25.80 -43.49
N HIS D 156 -19.31 26.86 -43.75
CA HIS D 156 -19.84 28.03 -44.38
C HIS D 156 -20.14 27.72 -45.84
N SER D 157 -19.34 26.88 -46.46
CA SER D 157 -19.65 26.52 -47.82
C SER D 157 -20.97 25.77 -47.96
N PHE D 158 -21.19 24.74 -47.14
CA PHE D 158 -22.45 24.01 -47.21
C PHE D 158 -23.56 25.01 -47.17
N ASN D 159 -23.62 25.83 -46.12
CA ASN D 159 -24.73 26.77 -45.96
C ASN D 159 -24.93 27.71 -47.12
N ALA D 160 -23.90 28.00 -47.90
CA ALA D 160 -24.05 28.87 -49.06
C ALA D 160 -24.87 28.24 -50.17
N LEU D 161 -24.65 26.94 -50.35
CA LEU D 161 -25.44 26.13 -51.29
C LEU D 161 -26.90 26.01 -50.86
N LEU D 162 -27.20 26.22 -49.60
CA LEU D 162 -28.54 25.88 -49.12
C LEU D 162 -29.65 26.37 -50.05
N LYS D 163 -29.67 27.66 -50.34
CA LYS D 163 -30.76 28.20 -51.14
C LYS D 163 -30.71 27.75 -52.59
N THR D 164 -29.53 27.64 -53.18
CA THR D 164 -29.48 27.20 -54.56
C THR D 164 -29.82 25.71 -54.70
N LEU D 165 -29.28 24.88 -53.84
CA LEU D 165 -29.55 23.46 -53.93
C LEU D 165 -31.04 23.16 -53.87
N GLU D 166 -31.79 24.01 -53.20
CA GLU D 166 -33.21 23.72 -52.96
C GLU D 166 -34.06 24.16 -54.13
N GLU D 167 -33.56 25.15 -54.88
CA GLU D 167 -34.31 25.85 -55.94
C GLU D 167 -33.48 26.29 -57.17
N PRO D 168 -32.75 25.37 -57.76
CA PRO D 168 -31.88 25.75 -58.87
C PRO D 168 -32.68 26.13 -60.08
N PRO D 169 -32.00 26.76 -61.05
CA PRO D 169 -32.44 27.05 -62.41
C PRO D 169 -32.86 25.75 -63.04
N GLU D 170 -33.76 25.83 -64.02
CA GLU D 170 -34.31 24.64 -64.60
C GLU D 170 -33.22 23.90 -65.36
N HIS D 171 -32.12 24.59 -65.67
CA HIS D 171 -31.08 23.98 -66.50
C HIS D 171 -29.89 23.42 -65.74
N VAL D 172 -30.07 23.19 -64.45
CA VAL D 172 -28.97 22.87 -63.58
C VAL D 172 -29.24 21.59 -62.80
N LYS D 173 -28.24 20.73 -62.72
CA LYS D 173 -28.35 19.55 -61.91
C LYS D 173 -27.13 19.49 -61.01
N PHE D 174 -27.33 19.15 -59.73
CA PHE D 174 -26.22 19.00 -58.79
C PHE D 174 -26.04 17.58 -58.41
N LEU D 175 -24.88 16.99 -58.74
CA LEU D 175 -24.53 15.62 -58.40
C LEU D 175 -23.43 15.62 -57.38
N LEU D 176 -23.77 15.29 -56.12
CA LEU D 176 -22.83 15.23 -54.99
C LEU D 176 -22.44 13.79 -54.62
N ALA D 177 -21.16 13.56 -54.39
CA ALA D 177 -20.75 12.24 -53.93
C ALA D 177 -19.75 12.34 -52.79
N THR D 178 -19.90 11.45 -51.82
CA THR D 178 -18.98 11.39 -50.70
C THR D 178 -19.00 10.06 -49.99
N THR D 179 -17.83 9.70 -49.48
CA THR D 179 -17.61 8.50 -48.69
C THR D 179 -18.46 8.55 -47.45
N ASP D 180 -18.66 9.77 -46.98
CA ASP D 180 -18.91 10.00 -45.60
C ASP D 180 -19.96 11.12 -45.39
N PRO D 181 -21.24 10.79 -45.50
CA PRO D 181 -22.34 11.76 -45.55
C PRO D 181 -22.77 12.20 -44.15
N GLN D 182 -22.41 11.39 -43.15
CA GLN D 182 -22.50 11.76 -41.74
C GLN D 182 -22.27 13.23 -41.55
N LYS D 183 -21.23 13.72 -42.21
CA LYS D 183 -20.64 15.04 -41.96
C LYS D 183 -21.42 16.22 -42.53
N LEU D 184 -22.27 15.95 -43.51
CA LEU D 184 -23.03 17.02 -44.16
C LEU D 184 -24.08 17.50 -43.19
N PRO D 185 -24.31 18.81 -43.18
CA PRO D 185 -25.38 19.44 -42.40
C PRO D 185 -26.64 18.69 -42.72
N VAL D 186 -27.52 18.50 -41.75
CA VAL D 186 -28.78 17.83 -42.03
C VAL D 186 -29.67 18.65 -42.98
N THR D 187 -29.35 19.92 -43.17
CA THR D 187 -30.14 20.75 -44.05
C THR D 187 -29.82 20.42 -45.47
N ILE D 188 -28.57 20.07 -45.74
CA ILE D 188 -28.14 19.67 -47.08
C ILE D 188 -28.73 18.33 -47.48
N LEU D 189 -28.78 17.40 -46.54
CA LEU D 189 -29.41 16.11 -46.80
C LEU D 189 -30.90 16.30 -47.14
N SER D 190 -31.66 16.86 -46.22
CA SER D 190 -33.03 17.25 -46.53
C SER D 190 -33.31 17.61 -47.99
N ARG D 191 -32.32 18.20 -48.67
CA ARG D 191 -32.56 18.75 -49.98
C ARG D 191 -32.21 17.85 -51.14
N CYS D 192 -31.62 16.68 -50.88
CA CYS D 192 -31.16 15.78 -51.96
C CYS D 192 -31.87 14.46 -51.96
N LEU D 193 -31.80 13.77 -53.10
CA LEU D 193 -32.13 12.34 -53.15
C LEU D 193 -30.87 11.64 -52.73
N GLN D 194 -30.96 10.71 -51.78
CA GLN D 194 -29.74 10.05 -51.35
C GLN D 194 -29.71 8.60 -51.78
N PHE D 195 -28.72 8.24 -52.59
CA PHE D 195 -28.53 6.86 -53.00
C PHE D 195 -27.33 6.34 -52.28
N HIS D 196 -27.55 5.34 -51.43
CA HIS D 196 -26.45 4.69 -50.71
C HIS D 196 -26.05 3.45 -51.46
N LEU D 197 -24.84 3.49 -52.00
CA LEU D 197 -24.30 2.35 -52.69
C LEU D 197 -23.81 1.35 -51.66
N LYS D 198 -24.22 0.09 -51.84
CA LYS D 198 -23.80 -1.06 -51.03
C LYS D 198 -22.35 -1.41 -51.35
N ALA D 199 -21.69 -2.19 -50.51
CA ALA D 199 -20.35 -2.65 -50.85
C ALA D 199 -20.45 -3.84 -51.79
N LEU D 200 -19.45 -4.02 -52.63
CA LEU D 200 -19.61 -5.01 -53.64
C LEU D 200 -19.36 -6.37 -53.10
N ASP D 201 -20.30 -7.26 -53.38
CA ASP D 201 -20.25 -8.64 -52.95
C ASP D 201 -18.97 -9.35 -53.38
N VAL D 202 -18.39 -10.13 -52.47
CA VAL D 202 -17.29 -11.04 -52.84
C VAL D 202 -17.36 -11.69 -54.22
N GLU D 203 -18.48 -12.34 -54.56
CA GLU D 203 -18.56 -12.91 -55.90
C GLU D 203 -18.62 -11.82 -56.96
N GLN D 204 -19.43 -10.80 -56.71
CA GLN D 204 -19.51 -9.66 -57.61
C GLN D 204 -18.12 -9.18 -58.01
N ILE D 205 -17.22 -9.06 -57.04
CA ILE D 205 -15.87 -8.60 -57.33
C ILE D 205 -15.10 -9.62 -58.15
N ARG D 206 -15.23 -10.89 -57.78
CA ARG D 206 -14.46 -11.93 -58.43
C ARG D 206 -14.83 -12.02 -59.91
N HIS D 207 -16.13 -12.09 -60.19
CA HIS D 207 -16.59 -12.20 -61.59
C HIS D 207 -15.92 -11.08 -62.34
N GLN D 208 -16.01 -9.88 -61.81
CA GLN D 208 -15.40 -8.72 -62.45
C GLN D 208 -13.88 -8.86 -62.68
N LEU D 209 -13.18 -9.39 -61.68
CA LEU D 209 -11.74 -9.54 -61.80
C LEU D 209 -11.45 -10.50 -62.93
N GLU D 210 -12.26 -11.55 -62.97
CA GLU D 210 -12.16 -12.57 -64.00
C GLU D 210 -12.27 -11.91 -65.36
N HIS D 211 -13.39 -11.20 -65.56
CA HIS D 211 -13.68 -10.55 -66.84
C HIS D 211 -12.52 -9.69 -67.31
N ILE D 212 -12.02 -8.83 -66.41
CA ILE D 212 -10.94 -7.90 -66.71
C ILE D 212 -9.62 -8.61 -67.05
N LEU D 213 -9.26 -9.63 -66.27
CA LEU D 213 -8.00 -10.32 -66.54
C LEU D 213 -8.06 -11.09 -67.85
N ASN D 214 -9.26 -11.50 -68.23
CA ASN D 214 -9.51 -12.08 -69.54
C ASN D 214 -9.38 -11.06 -70.67
N GLU D 215 -10.05 -9.92 -70.57
CA GLU D 215 -9.90 -8.95 -71.65
C GLU D 215 -8.44 -8.51 -71.87
N GLU D 216 -7.73 -8.23 -70.78
CA GLU D 216 -6.31 -7.82 -70.85
C GLU D 216 -5.39 -8.90 -71.40
N HIS D 217 -5.93 -10.12 -71.47
CA HIS D 217 -5.18 -11.31 -71.87
C HIS D 217 -4.07 -11.60 -70.86
N ILE D 218 -4.46 -11.84 -69.61
CA ILE D 218 -3.51 -12.13 -68.55
C ILE D 218 -3.87 -13.41 -67.85
N ALA D 219 -2.88 -14.29 -67.70
CA ALA D 219 -3.10 -15.60 -67.09
C ALA D 219 -3.45 -15.50 -65.61
N HIS D 220 -4.35 -16.37 -65.13
CA HIS D 220 -4.74 -16.33 -63.72
C HIS D 220 -5.34 -17.65 -63.22
N GLU D 221 -5.19 -17.88 -61.92
CA GLU D 221 -5.64 -19.12 -61.29
C GLU D 221 -6.87 -18.87 -60.39
N PRO D 222 -8.03 -19.46 -60.75
CA PRO D 222 -9.28 -19.30 -60.00
C PRO D 222 -9.11 -18.92 -58.53
N ARG D 223 -8.45 -19.77 -57.73
CA ARG D 223 -8.40 -19.57 -56.26
C ARG D 223 -7.64 -18.31 -55.84
N ALA D 224 -6.87 -17.74 -56.75
CA ALA D 224 -6.13 -16.52 -56.44
C ALA D 224 -7.08 -15.33 -56.55
N LEU D 225 -8.09 -15.44 -57.40
CA LEU D 225 -9.08 -14.39 -57.50
C LEU D 225 -9.88 -14.47 -56.24
N GLN D 226 -10.00 -15.66 -55.69
CA GLN D 226 -10.77 -15.87 -54.46
C GLN D 226 -10.17 -15.08 -53.30
N LEU D 227 -8.85 -15.11 -53.18
CA LEU D 227 -8.13 -14.40 -52.11
C LEU D 227 -8.24 -12.92 -52.33
N LEU D 228 -8.16 -12.49 -53.59
CA LEU D 228 -8.27 -11.09 -53.92
C LEU D 228 -9.66 -10.47 -53.62
N ALA D 229 -10.76 -11.19 -53.83
CA ALA D 229 -12.09 -10.60 -53.54
C ALA D 229 -12.27 -10.45 -52.04
N ARG D 230 -11.79 -11.44 -51.29
CA ARG D 230 -11.83 -11.35 -49.84
C ARG D 230 -11.08 -10.09 -49.45
N ALA D 231 -9.81 -10.06 -49.82
CA ALA D 231 -8.88 -8.99 -49.49
C ALA D 231 -9.36 -7.59 -49.93
N ALA D 232 -10.25 -7.54 -50.91
CA ALA D 232 -10.81 -6.28 -51.35
C ALA D 232 -11.62 -5.64 -50.21
N GLU D 233 -12.15 -6.47 -49.31
CA GLU D 233 -12.82 -5.95 -48.13
C GLU D 233 -13.96 -5.07 -48.68
N GLY D 234 -14.59 -5.56 -49.74
CA GLY D 234 -15.83 -5.00 -50.28
C GLY D 234 -15.74 -4.00 -51.42
N SER D 235 -14.52 -3.64 -51.82
CA SER D 235 -14.26 -2.55 -52.75
C SER D 235 -13.57 -2.90 -54.06
N LEU D 236 -14.23 -2.59 -55.17
CA LEU D 236 -13.66 -2.80 -56.50
C LEU D 236 -12.32 -2.10 -56.76
N ARG D 237 -12.13 -0.88 -56.26
CA ARG D 237 -10.86 -0.22 -56.53
C ARG D 237 -9.85 -0.92 -55.72
N ASP D 238 -10.09 -1.01 -54.42
CA ASP D 238 -9.20 -1.76 -53.53
C ASP D 238 -8.76 -3.03 -54.29
N ALA D 239 -9.72 -3.75 -54.86
CA ALA D 239 -9.43 -5.02 -55.53
C ALA D 239 -8.61 -4.85 -56.81
N LEU D 240 -8.94 -3.85 -57.62
CA LEU D 240 -8.19 -3.67 -58.86
C LEU D 240 -6.80 -3.21 -58.54
N SER D 241 -6.67 -2.53 -57.42
CA SER D 241 -5.36 -2.04 -57.05
C SER D 241 -4.54 -3.19 -56.49
N LEU D 242 -5.21 -4.11 -55.82
CA LEU D 242 -4.48 -5.30 -55.35
C LEU D 242 -4.00 -6.11 -56.56
N THR D 243 -4.88 -6.29 -57.54
CA THR D 243 -4.58 -7.09 -58.71
C THR D 243 -3.41 -6.51 -59.42
N ASP D 244 -3.36 -5.20 -59.52
CA ASP D 244 -2.27 -4.61 -60.25
C ASP D 244 -0.98 -4.88 -59.50
N GLN D 245 -1.09 -5.00 -58.19
CA GLN D 245 0.07 -5.32 -57.40
C GLN D 245 0.50 -6.76 -57.64
N ALA D 246 -0.48 -7.63 -57.84
CA ALA D 246 -0.19 -9.03 -58.15
C ALA D 246 0.67 -9.09 -59.42
N ILE D 247 0.23 -8.40 -60.46
CA ILE D 247 0.92 -8.46 -61.75
C ILE D 247 2.36 -7.98 -61.70
N ALA D 248 2.67 -7.00 -60.86
CA ALA D 248 4.07 -6.61 -60.66
C ALA D 248 4.86 -7.69 -59.90
N SER D 249 4.50 -7.98 -58.66
CA SER D 249 5.27 -8.99 -57.91
C SER D 249 5.33 -10.38 -58.57
N GLY D 250 4.26 -10.76 -59.27
CA GLY D 250 4.17 -12.05 -59.94
C GLY D 250 4.91 -12.19 -61.27
N ASP D 251 5.38 -11.08 -61.82
CA ASP D 251 6.23 -11.09 -63.01
C ASP D 251 5.46 -11.27 -64.34
N GLY D 252 4.15 -11.05 -64.31
CA GLY D 252 3.36 -11.25 -65.50
C GLY D 252 2.11 -12.03 -65.20
N GLN D 253 2.21 -13.04 -64.35
CA GLN D 253 1.06 -13.85 -64.03
C GLN D 253 0.44 -13.47 -62.67
N VAL D 254 -0.86 -13.72 -62.53
CA VAL D 254 -1.53 -13.62 -61.25
C VAL D 254 -1.73 -15.04 -60.79
N SER D 255 -0.74 -15.61 -60.12
CA SER D 255 -0.85 -17.02 -59.74
C SER D 255 -1.37 -17.13 -58.31
N THR D 256 -1.88 -18.30 -57.94
CA THR D 256 -2.30 -18.53 -56.55
C THR D 256 -1.08 -18.38 -55.67
N GLN D 257 0.02 -18.98 -56.12
CA GLN D 257 1.28 -18.93 -55.39
C GLN D 257 1.64 -17.50 -55.01
N ALA D 258 1.69 -16.63 -56.02
CA ALA D 258 2.12 -15.25 -55.86
C ALA D 258 1.23 -14.47 -54.91
N VAL D 259 -0.03 -14.27 -55.29
CA VAL D 259 -1.01 -13.54 -54.48
C VAL D 259 -0.86 -13.88 -53.00
N SER D 260 -0.93 -15.17 -52.67
CA SER D 260 -0.90 -15.66 -51.29
C SER D 260 0.37 -15.31 -50.51
N ALA D 261 1.45 -14.98 -51.23
CA ALA D 261 2.72 -14.59 -50.62
C ALA D 261 2.69 -13.09 -50.42
N MET D 262 1.96 -12.42 -51.28
CA MET D 262 1.92 -10.97 -51.29
C MET D 262 0.91 -10.49 -50.27
N LEU D 263 -0.18 -11.22 -50.18
CA LEU D 263 -1.24 -10.92 -49.24
C LEU D 263 -0.86 -11.32 -47.84
N GLY D 264 0.06 -12.28 -47.71
CA GLY D 264 0.48 -12.78 -46.41
C GLY D 264 -0.39 -13.90 -45.83
N THR D 265 -1.19 -14.53 -46.69
CA THR D 265 -2.12 -15.61 -46.33
C THR D 265 -1.53 -16.70 -45.47
N LEU D 266 -2.42 -17.39 -44.77
CA LEU D 266 -2.04 -18.40 -43.81
C LEU D 266 -2.19 -19.87 -44.26
N ASP D 267 -1.17 -20.69 -44.03
CA ASP D 267 -1.28 -22.14 -44.14
C ASP D 267 -2.03 -22.63 -42.89
N ASP D 268 -3.08 -23.44 -43.04
CA ASP D 268 -4.07 -23.54 -41.94
C ASP D 268 -3.57 -23.95 -40.54
N ASP D 269 -2.58 -24.84 -40.44
CA ASP D 269 -2.13 -25.29 -39.13
C ASP D 269 -1.83 -24.13 -38.11
N GLN D 270 -0.72 -23.42 -38.34
CA GLN D 270 -0.18 -22.37 -37.45
C GLN D 270 -1.22 -21.53 -36.70
N ALA D 271 -2.40 -21.36 -37.30
CA ALA D 271 -3.47 -20.53 -36.71
C ALA D 271 -4.12 -21.20 -35.50
N LEU D 272 -4.77 -22.32 -35.78
CA LEU D 272 -5.27 -23.23 -34.77
C LEU D 272 -4.25 -23.54 -33.66
N SER D 273 -3.05 -23.97 -34.05
CA SER D 273 -2.02 -24.29 -33.07
C SER D 273 -1.95 -23.21 -31.98
N LEU D 274 -2.10 -21.95 -32.41
CA LEU D 274 -2.07 -20.82 -31.50
C LEU D 274 -3.34 -20.79 -30.69
N VAL D 275 -4.47 -20.83 -31.36
CA VAL D 275 -5.70 -20.95 -30.62
C VAL D 275 -5.63 -22.01 -29.52
N GLU D 276 -5.17 -23.20 -29.89
CA GLU D 276 -4.99 -24.27 -28.92
C GLU D 276 -4.09 -23.87 -27.75
N ALA D 277 -2.84 -23.56 -28.02
CA ALA D 277 -1.92 -23.24 -26.96
C ALA D 277 -2.42 -22.10 -26.10
N MET D 278 -3.33 -21.30 -26.65
CA MET D 278 -3.81 -20.10 -25.96
C MET D 278 -4.76 -20.48 -24.86
N VAL D 279 -5.62 -21.43 -25.16
CA VAL D 279 -6.60 -21.84 -24.19
C VAL D 279 -6.06 -22.86 -23.21
N GLU D 280 -4.94 -23.53 -23.55
CA GLU D 280 -4.18 -24.40 -22.63
C GLU D 280 -3.32 -23.56 -21.68
N ALA D 281 -3.50 -22.24 -21.75
CA ALA D 281 -2.81 -21.29 -20.88
C ALA D 281 -1.32 -21.46 -21.04
N ASN D 282 -0.95 -22.20 -22.09
CA ASN D 282 0.44 -22.48 -22.38
C ASN D 282 1.26 -21.30 -22.93
N GLY D 283 1.67 -20.42 -22.01
CA GLY D 283 2.39 -19.21 -22.35
C GLY D 283 3.60 -19.45 -23.24
N GLU D 284 4.47 -20.35 -22.81
CA GLU D 284 5.78 -20.48 -23.41
C GLU D 284 5.65 -20.86 -24.86
N ARG D 285 4.58 -21.59 -25.15
CA ARG D 285 4.38 -22.04 -26.51
C ARG D 285 3.69 -21.00 -27.37
N VAL D 286 2.71 -20.29 -26.83
CA VAL D 286 2.06 -19.27 -27.63
C VAL D 286 3.13 -18.32 -28.10
N MET D 287 3.93 -17.83 -27.15
CA MET D 287 5.01 -16.88 -27.47
C MET D 287 5.99 -17.42 -28.50
N ALA D 288 6.41 -18.67 -28.30
CA ALA D 288 7.42 -19.30 -29.13
C ALA D 288 6.84 -19.64 -30.52
N LEU D 289 5.52 -19.78 -30.59
CA LEU D 289 4.78 -20.02 -31.85
C LEU D 289 4.67 -18.77 -32.71
N ILE D 290 4.39 -17.65 -32.05
CA ILE D 290 4.37 -16.33 -32.69
C ILE D 290 5.73 -16.04 -33.27
N ASN D 291 6.78 -16.52 -32.58
CA ASN D 291 8.16 -16.18 -32.95
C ASN D 291 8.57 -16.88 -34.21
N GLU D 292 8.18 -18.13 -34.38
CA GLU D 292 8.47 -18.80 -35.65
C GLU D 292 7.61 -18.18 -36.75
N ALA D 293 6.51 -17.58 -36.33
CA ALA D 293 5.59 -16.94 -37.26
C ALA D 293 6.13 -15.58 -37.77
N ALA D 294 6.82 -14.88 -36.88
CA ALA D 294 7.49 -13.62 -37.22
C ALA D 294 8.66 -13.86 -38.17
N ALA D 295 9.35 -14.98 -37.95
CA ALA D 295 10.34 -15.44 -38.87
C ALA D 295 9.66 -15.56 -40.21
N ARG D 296 8.63 -16.41 -40.30
CA ARG D 296 7.98 -16.69 -41.61
C ARG D 296 7.38 -15.47 -42.30
N GLY D 297 7.24 -14.38 -41.56
CA GLY D 297 6.77 -13.11 -42.12
C GLY D 297 5.27 -13.10 -42.36
N ILE D 298 4.52 -13.43 -41.33
CA ILE D 298 3.09 -13.66 -41.46
C ILE D 298 2.43 -12.32 -41.28
N GLU D 299 1.38 -12.02 -42.04
CA GLU D 299 0.75 -10.73 -41.73
C GLU D 299 -0.14 -10.77 -40.53
N TRP D 300 0.18 -9.95 -39.54
CA TRP D 300 -0.41 -10.08 -38.22
C TRP D 300 -1.90 -9.88 -38.20
N GLU D 301 -2.42 -8.93 -38.96
CA GLU D 301 -3.86 -8.73 -38.90
C GLU D 301 -4.54 -10.00 -39.40
N ALA D 302 -3.88 -10.69 -40.33
CA ALA D 302 -4.39 -11.95 -40.87
C ALA D 302 -4.43 -13.12 -39.87
N LEU D 303 -3.46 -13.19 -38.95
CA LEU D 303 -3.43 -14.18 -37.89
C LEU D 303 -4.61 -13.95 -37.00
N LEU D 304 -4.70 -12.72 -36.52
CA LEU D 304 -5.80 -12.31 -35.68
C LEU D 304 -7.12 -12.63 -36.29
N VAL D 305 -7.18 -12.50 -37.60
CA VAL D 305 -8.46 -12.75 -38.23
C VAL D 305 -8.82 -14.22 -38.38
N GLU D 306 -7.84 -15.06 -38.71
CA GLU D 306 -8.09 -16.48 -38.79
C GLU D 306 -8.45 -17.00 -37.39
N MET D 307 -7.81 -16.46 -36.35
CA MET D 307 -8.08 -16.84 -34.96
C MET D 307 -9.48 -16.46 -34.56
N LEU D 308 -9.94 -15.33 -35.05
CA LEU D 308 -11.31 -14.95 -34.81
C LEU D 308 -12.26 -15.93 -35.52
N GLY D 309 -11.83 -16.40 -36.68
CA GLY D 309 -12.64 -17.32 -37.43
C GLY D 309 -12.80 -18.67 -36.75
N LEU D 310 -11.72 -19.19 -36.16
CA LEU D 310 -11.73 -20.49 -35.51
C LEU D 310 -12.60 -20.43 -34.25
N LEU D 311 -12.29 -19.48 -33.39
CA LEU D 311 -13.10 -19.17 -32.21
C LEU D 311 -14.56 -19.08 -32.55
N HIS D 312 -14.84 -18.61 -33.74
CA HIS D 312 -16.22 -18.56 -34.15
C HIS D 312 -16.81 -19.94 -34.47
N ARG D 313 -16.14 -20.70 -35.34
CA ARG D 313 -16.57 -22.07 -35.59
C ARG D 313 -16.89 -22.64 -34.25
N ILE D 314 -15.84 -23.01 -33.52
CA ILE D 314 -15.98 -23.60 -32.22
C ILE D 314 -17.27 -23.18 -31.50
N ALA D 315 -17.38 -21.90 -31.16
CA ALA D 315 -18.56 -21.40 -30.44
C ALA D 315 -19.86 -21.88 -31.05
N MET D 316 -19.88 -21.95 -32.37
CA MET D 316 -21.02 -22.40 -33.17
C MET D 316 -21.39 -23.86 -33.01
N VAL D 317 -20.37 -24.71 -33.15
CA VAL D 317 -20.51 -26.14 -33.09
C VAL D 317 -21.04 -26.51 -31.72
N GLN D 318 -20.60 -25.80 -30.69
CA GLN D 318 -21.15 -26.03 -29.37
C GLN D 318 -22.66 -25.88 -29.43
N LEU D 319 -23.15 -25.10 -30.40
CA LEU D 319 -24.59 -24.99 -30.62
C LEU D 319 -25.19 -26.28 -31.23
N SER D 320 -25.02 -26.50 -32.53
CA SER D 320 -25.26 -27.86 -33.10
C SER D 320 -24.00 -28.49 -33.72
N PRO D 321 -23.77 -29.78 -33.41
CA PRO D 321 -22.66 -30.58 -33.97
C PRO D 321 -22.47 -30.39 -35.49
N ALA D 322 -23.55 -30.03 -36.21
CA ALA D 322 -23.57 -30.02 -37.68
C ALA D 322 -22.90 -28.80 -38.35
N ALA D 323 -22.82 -27.69 -37.62
CA ALA D 323 -22.28 -26.42 -38.14
C ALA D 323 -20.76 -26.36 -38.52
N LEU D 324 -19.98 -27.38 -38.14
CA LEU D 324 -18.58 -27.50 -38.60
C LEU D 324 -18.58 -27.89 -40.07
N GLY D 325 -17.80 -27.18 -40.89
CA GLY D 325 -17.83 -27.39 -42.33
C GLY D 325 -17.25 -28.68 -42.93
N ASN D 326 -17.68 -28.99 -44.16
CA ASN D 326 -17.04 -30.03 -44.99
C ASN D 326 -15.56 -29.67 -45.16
N ASP D 327 -15.34 -28.36 -45.19
CA ASP D 327 -14.07 -27.67 -45.51
C ASP D 327 -12.92 -27.94 -44.55
N MET D 328 -13.23 -28.39 -43.34
CA MET D 328 -12.28 -28.40 -42.22
C MET D 328 -11.67 -29.78 -42.00
N ALA D 329 -12.22 -30.78 -42.69
CA ALA D 329 -11.85 -32.19 -42.56
C ALA D 329 -10.49 -32.43 -41.86
N ALA D 330 -9.45 -31.74 -42.30
CA ALA D 330 -8.12 -31.92 -41.72
C ALA D 330 -8.07 -31.56 -40.23
N ILE D 331 -8.69 -30.43 -39.89
CA ILE D 331 -8.75 -29.97 -38.50
C ILE D 331 -9.81 -30.68 -37.67
N GLU D 332 -10.87 -31.13 -38.34
CA GLU D 332 -12.13 -31.39 -37.65
C GLU D 332 -11.99 -32.13 -36.35
N LEU D 333 -11.00 -33.01 -36.26
CA LEU D 333 -10.73 -33.75 -35.03
C LEU D 333 -10.36 -32.84 -33.84
N ARG D 334 -9.52 -31.82 -34.10
CA ARG D 334 -9.02 -30.88 -33.09
C ARG D 334 -10.03 -29.82 -32.78
N MET D 335 -10.92 -29.57 -33.73
CA MET D 335 -11.95 -28.59 -33.52
C MET D 335 -12.92 -29.09 -32.47
N ARG D 336 -13.53 -30.22 -32.74
CA ARG D 336 -14.56 -30.71 -31.85
C ARG D 336 -14.09 -30.74 -30.40
N GLU D 337 -12.84 -31.14 -30.17
CA GLU D 337 -12.34 -31.25 -28.81
C GLU D 337 -12.44 -29.90 -28.14
N LEU D 338 -11.87 -28.89 -28.78
CA LEU D 338 -11.95 -27.51 -28.28
C LEU D 338 -13.39 -27.08 -27.95
N ALA D 339 -14.31 -27.49 -28.82
CA ALA D 339 -15.74 -27.31 -28.59
C ALA D 339 -16.23 -27.99 -27.31
N ARG D 340 -15.88 -29.26 -27.11
CA ARG D 340 -16.35 -30.02 -25.96
C ARG D 340 -15.73 -29.60 -24.63
N THR D 341 -14.47 -29.13 -24.66
CA THR D 341 -13.70 -28.81 -23.44
C THR D 341 -14.10 -27.48 -22.86
N ILE D 342 -13.98 -26.47 -23.72
CA ILE D 342 -13.99 -25.05 -23.33
C ILE D 342 -15.39 -24.48 -23.26
N PRO D 343 -15.73 -23.81 -22.15
CA PRO D 343 -17.12 -23.41 -21.98
C PRO D 343 -17.47 -22.26 -22.90
N PRO D 344 -18.71 -22.21 -23.41
CA PRO D 344 -19.23 -21.12 -24.26
C PRO D 344 -18.84 -19.76 -23.71
N THR D 345 -19.16 -19.55 -22.45
CA THR D 345 -18.79 -18.32 -21.81
C THR D 345 -17.34 -17.94 -22.03
N ASP D 346 -16.42 -18.89 -21.83
CA ASP D 346 -14.99 -18.61 -21.87
C ASP D 346 -14.43 -18.37 -23.29
N ILE D 347 -15.17 -18.83 -24.29
CA ILE D 347 -14.80 -18.63 -25.68
C ILE D 347 -15.24 -17.26 -26.12
N GLN D 348 -16.37 -16.82 -25.61
CA GLN D 348 -16.79 -15.49 -25.89
C GLN D 348 -15.78 -14.51 -25.39
N LEU D 349 -15.18 -14.77 -24.22
CA LEU D 349 -14.22 -13.79 -23.72
C LEU D 349 -12.96 -13.82 -24.54
N TYR D 350 -12.64 -14.98 -25.09
CA TYR D 350 -11.45 -15.09 -25.90
C TYR D 350 -11.64 -14.26 -27.17
N TYR D 351 -12.79 -14.41 -27.81
CA TYR D 351 -13.07 -13.78 -29.10
C TYR D 351 -13.11 -12.27 -28.95
N GLN D 352 -13.98 -11.82 -28.06
CA GLN D 352 -13.97 -10.47 -27.53
C GLN D 352 -12.57 -9.91 -27.34
N THR D 353 -11.72 -10.63 -26.64
CA THR D 353 -10.42 -10.08 -26.32
C THR D 353 -9.53 -9.92 -27.55
N LEU D 354 -9.63 -10.88 -28.48
CA LEU D 354 -8.84 -10.83 -29.70
C LEU D 354 -9.45 -9.86 -30.71
N LEU D 355 -10.73 -9.50 -30.53
CA LEU D 355 -11.42 -8.53 -31.41
C LEU D 355 -10.92 -7.13 -31.13
N ILE D 356 -11.12 -6.72 -29.89
CA ILE D 356 -10.46 -5.56 -29.33
C ILE D 356 -8.97 -5.46 -29.69
N GLY D 357 -8.26 -6.57 -29.70
CA GLY D 357 -6.86 -6.52 -30.08
C GLY D 357 -6.60 -6.16 -31.53
N ARG D 358 -7.37 -6.76 -32.44
CA ARG D 358 -7.32 -6.36 -33.86
C ARG D 358 -7.65 -4.90 -34.08
N LYS D 359 -8.68 -4.43 -33.40
CA LYS D 359 -9.01 -3.03 -33.47
C LYS D 359 -7.80 -2.23 -33.09
N GLU D 360 -7.27 -2.54 -31.93
CA GLU D 360 -6.24 -1.69 -31.37
C GLU D 360 -4.85 -2.02 -31.84
N LEU D 361 -4.78 -2.87 -32.85
CA LEU D 361 -3.48 -3.31 -33.35
C LEU D 361 -2.61 -2.14 -33.87
N PRO D 362 -3.11 -1.40 -34.88
CA PRO D 362 -2.29 -0.41 -35.57
C PRO D 362 -1.85 0.75 -34.70
N TYR D 363 -2.09 0.67 -33.41
CA TYR D 363 -1.72 1.74 -32.50
C TYR D 363 -0.55 1.33 -31.65
N ALA D 364 -0.36 0.04 -31.47
CA ALA D 364 0.71 -0.46 -30.61
C ALA D 364 2.01 -0.30 -31.34
N PRO D 365 3.10 -0.07 -30.61
CA PRO D 365 4.42 0.32 -31.14
C PRO D 365 5.02 -0.54 -32.32
N ASP D 366 4.69 -1.84 -32.41
CA ASP D 366 5.03 -2.65 -33.58
C ASP D 366 3.73 -3.28 -33.88
N ARG D 367 3.63 -3.92 -35.02
CA ARG D 367 2.47 -4.76 -35.19
C ARG D 367 2.65 -6.00 -34.30
N ARG D 368 3.83 -6.62 -34.39
CA ARG D 368 4.14 -7.74 -33.52
C ARG D 368 3.78 -7.44 -32.08
N MET D 369 4.42 -6.44 -31.50
CA MET D 369 4.21 -6.17 -30.09
C MET D 369 2.74 -6.15 -29.67
N GLY D 370 1.85 -5.94 -30.63
CA GLY D 370 0.45 -5.76 -30.31
C GLY D 370 -0.30 -7.06 -30.28
N VAL D 371 0.15 -7.99 -31.12
CA VAL D 371 -0.29 -9.38 -31.04
C VAL D 371 0.27 -10.05 -29.78
N GLU D 372 1.49 -9.68 -29.41
CA GLU D 372 2.06 -10.20 -28.20
C GLU D 372 1.32 -9.67 -26.97
N MET D 373 0.86 -8.43 -27.00
CA MET D 373 0.16 -7.89 -25.84
C MET D 373 -1.18 -8.51 -25.79
N THR D 374 -1.77 -8.68 -26.95
CA THR D 374 -3.14 -9.24 -27.05
C THR D 374 -3.21 -10.72 -26.62
N LEU D 375 -2.27 -11.50 -27.10
CA LEU D 375 -2.27 -12.87 -26.71
C LEU D 375 -1.93 -12.99 -25.24
N LEU D 376 -0.84 -12.38 -24.80
CA LEU D 376 -0.54 -12.38 -23.38
C LEU D 376 -1.78 -12.11 -22.52
N ARG D 377 -2.61 -11.14 -22.96
CA ARG D 377 -3.76 -10.72 -22.14
C ARG D 377 -4.69 -11.90 -22.03
N ALA D 378 -5.09 -12.43 -23.17
CA ALA D 378 -6.05 -13.52 -23.20
C ALA D 378 -5.48 -14.79 -22.57
N LEU D 379 -4.16 -14.84 -22.54
CA LEU D 379 -3.44 -16.01 -22.06
C LEU D 379 -3.89 -16.26 -20.64
N ALA D 380 -3.57 -15.29 -19.78
CA ALA D 380 -3.87 -15.36 -18.36
C ALA D 380 -5.39 -15.29 -18.08
N PHE D 381 -6.18 -16.10 -18.80
CA PHE D 381 -7.58 -16.20 -18.49
C PHE D 381 -7.82 -17.50 -17.82
N HIS D 382 -7.11 -18.52 -18.30
CA HIS D 382 -7.59 -19.90 -18.20
C HIS D 382 -8.43 -20.27 -16.99
N PRO D 383 -7.90 -20.06 -15.77
CA PRO D 383 -8.70 -20.55 -14.62
C PRO D 383 -9.76 -19.55 -14.07
N ARG D 384 -10.94 -20.12 -13.79
CA ARG D 384 -12.08 -19.37 -13.25
C ARG D 384 -12.07 -19.21 -11.72
N MET D 385 -12.54 -20.25 -10.99
CA MET D 385 -12.53 -20.34 -9.51
C MET D 385 -13.38 -21.50 -8.97
N MET E 1 20.71 10.67 -45.71
CA MET E 1 19.98 9.64 -46.44
C MET E 1 20.93 8.67 -47.12
N ARG E 2 20.95 7.43 -46.66
CA ARG E 2 21.93 6.49 -47.15
C ARG E 2 21.27 5.32 -47.84
N TRP E 3 22.07 4.58 -48.61
CA TRP E 3 21.56 3.47 -49.38
C TRP E 3 22.06 2.18 -48.77
N TYR E 4 21.12 1.31 -48.38
CA TYR E 4 21.47 0.02 -47.77
C TYR E 4 21.30 -1.12 -48.77
N PRO E 5 22.11 -2.18 -48.62
CA PRO E 5 22.28 -3.23 -49.62
C PRO E 5 21.03 -4.08 -49.81
N TRP E 6 20.11 -4.10 -48.84
CA TRP E 6 18.93 -4.96 -48.96
C TRP E 6 17.86 -4.37 -49.84
N LEU E 7 18.16 -3.20 -50.41
CA LEU E 7 17.28 -2.46 -51.31
C LEU E 7 17.39 -2.94 -52.74
N ARG E 8 18.59 -3.42 -53.12
CA ARG E 8 18.84 -3.85 -54.48
C ARG E 8 17.65 -4.59 -55.07
N PRO E 9 17.24 -5.69 -54.45
CA PRO E 9 16.27 -6.49 -55.20
C PRO E 9 14.93 -5.77 -55.27
N ASP E 10 14.57 -5.13 -54.16
CA ASP E 10 13.31 -4.41 -54.07
C ASP E 10 13.27 -3.28 -55.14
N PHE E 11 14.40 -2.63 -55.36
CA PHE E 11 14.58 -1.63 -56.41
C PHE E 11 14.53 -2.26 -57.83
N GLU E 12 15.39 -3.22 -58.12
CA GLU E 12 15.36 -3.90 -59.40
C GLU E 12 13.97 -4.40 -59.78
N LYS E 13 13.17 -4.84 -58.82
CA LYS E 13 11.78 -5.25 -59.10
C LYS E 13 10.87 -4.06 -59.39
N LEU E 14 11.09 -2.98 -58.69
CA LEU E 14 10.22 -1.86 -58.83
C LEU E 14 10.55 -1.10 -60.07
N VAL E 15 11.83 -0.88 -60.37
CA VAL E 15 12.18 -0.12 -61.59
C VAL E 15 11.56 -0.79 -62.78
N ALA E 16 11.96 -2.04 -63.00
CA ALA E 16 11.42 -2.92 -64.03
C ALA E 16 10.10 -2.47 -64.60
N SER E 17 9.06 -2.60 -63.78
CA SER E 17 7.74 -2.14 -64.18
C SER E 17 7.75 -0.73 -64.76
N TYR E 18 8.47 0.19 -64.13
CA TYR E 18 8.65 1.52 -64.70
C TYR E 18 9.41 1.51 -66.05
N GLN E 19 10.44 0.66 -66.14
CA GLN E 19 11.29 0.59 -67.34
C GLN E 19 10.52 0.12 -68.54
N ALA E 20 9.41 -0.57 -68.28
CA ALA E 20 8.48 -0.94 -69.31
C ALA E 20 7.41 0.17 -69.54
N GLY E 21 7.25 1.07 -68.57
CA GLY E 21 6.28 2.14 -68.67
C GLY E 21 4.93 1.80 -68.05
N ARG E 22 4.83 0.56 -67.57
CA ARG E 22 3.62 0.05 -66.91
C ARG E 22 3.73 0.22 -65.39
N GLY E 23 4.54 1.19 -64.97
CA GLY E 23 4.73 1.47 -63.57
C GLY E 23 3.49 2.09 -63.03
N HIS E 24 3.07 1.72 -61.83
CA HIS E 24 1.88 2.33 -61.22
C HIS E 24 2.16 3.76 -60.70
N HIS E 25 1.21 4.68 -60.93
CA HIS E 25 1.50 6.11 -60.79
C HIS E 25 1.48 6.59 -59.38
N ALA E 26 1.07 5.71 -58.49
CA ALA E 26 0.93 6.09 -57.10
C ALA E 26 1.40 4.95 -56.23
N LEU E 27 2.68 4.97 -55.87
CA LEU E 27 3.27 3.89 -55.08
C LEU E 27 3.22 4.34 -53.67
N LEU E 28 2.69 3.49 -52.82
CA LEU E 28 2.79 3.68 -51.39
C LEU E 28 3.71 2.57 -50.91
N ILE E 29 4.84 2.95 -50.35
CA ILE E 29 5.83 1.99 -49.88
C ILE E 29 5.65 1.95 -48.40
N GLN E 30 5.58 0.76 -47.81
CA GLN E 30 5.49 0.67 -46.34
C GLN E 30 6.74 0.07 -45.84
N ALA E 31 7.41 0.81 -45.01
CA ALA E 31 8.69 0.40 -44.53
C ALA E 31 8.87 0.94 -43.12
N LEU E 32 9.56 0.20 -42.27
CA LEU E 32 9.93 0.73 -40.95
C LEU E 32 10.78 1.98 -41.13
N PRO E 33 10.93 2.80 -40.07
CA PRO E 33 11.91 3.90 -40.13
C PRO E 33 13.30 3.32 -40.27
N GLY E 34 14.17 4.00 -40.98
CA GLY E 34 15.54 3.55 -41.15
C GLY E 34 15.74 2.35 -42.04
N MET E 35 14.66 1.84 -42.64
CA MET E 35 14.75 0.71 -43.55
C MET E 35 15.29 1.17 -44.90
N GLY E 36 15.39 2.49 -45.05
CA GLY E 36 15.94 3.11 -46.24
C GLY E 36 14.92 3.35 -47.32
N ASP E 37 13.69 3.66 -46.94
CA ASP E 37 12.62 3.87 -47.93
C ASP E 37 12.90 5.13 -48.76
N ASP E 38 13.46 6.14 -48.12
CA ASP E 38 13.70 7.42 -48.76
C ASP E 38 14.72 7.32 -49.89
N ALA E 39 15.62 6.34 -49.80
CA ALA E 39 16.71 6.16 -50.74
C ALA E 39 16.17 5.32 -51.88
N LEU E 40 15.36 4.33 -51.54
CA LEU E 40 14.75 3.52 -52.57
C LEU E 40 13.97 4.44 -53.51
N ILE E 41 13.28 5.40 -52.93
CA ILE E 41 12.48 6.34 -53.69
C ILE E 41 13.34 7.30 -54.47
N TYR E 42 14.34 7.89 -53.82
CA TYR E 42 15.24 8.80 -54.52
C TYR E 42 15.77 8.12 -55.74
N ALA E 43 16.15 6.85 -55.60
CA ALA E 43 16.64 6.10 -56.72
C ALA E 43 15.58 5.97 -57.78
N LEU E 44 14.33 5.76 -57.39
CA LEU E 44 13.29 5.64 -58.41
C LEU E 44 13.01 7.00 -59.01
N SER E 45 13.04 8.02 -58.18
CA SER E 45 12.83 9.38 -58.63
C SER E 45 13.88 9.76 -59.68
N ARG E 46 15.16 9.59 -59.35
CA ARG E 46 16.25 10.02 -60.21
C ARG E 46 16.17 9.32 -61.52
N TYR E 47 15.65 8.10 -61.53
CA TYR E 47 15.57 7.32 -62.75
C TYR E 47 14.47 7.84 -63.63
N LEU E 48 13.41 8.30 -63.01
CA LEU E 48 12.32 8.87 -63.79
C LEU E 48 12.67 10.22 -64.41
N LEU E 49 13.47 11.02 -63.69
CA LEU E 49 13.79 12.37 -64.10
C LEU E 49 14.97 12.47 -65.06
N CYS E 50 15.67 11.36 -65.27
CA CYS E 50 16.84 11.37 -66.15
C CYS E 50 16.47 11.10 -67.59
N GLN E 51 16.94 11.98 -68.49
CA GLN E 51 16.58 12.01 -69.90
C GLN E 51 17.41 11.04 -70.75
N GLN E 52 18.63 10.74 -70.28
CA GLN E 52 19.55 9.84 -70.98
C GLN E 52 19.87 8.58 -70.14
N PRO E 53 18.82 7.92 -69.58
CA PRO E 53 19.08 6.86 -68.59
C PRO E 53 19.86 5.68 -69.18
N GLN E 54 20.95 5.29 -68.51
CA GLN E 54 21.68 4.06 -68.84
C GLN E 54 21.07 2.87 -68.07
N GLY E 55 20.03 2.26 -68.64
CA GLY E 55 19.30 1.18 -67.97
C GLY E 55 18.56 1.62 -66.70
N HIS E 56 18.84 0.94 -65.57
CA HIS E 56 18.30 1.27 -64.24
C HIS E 56 18.88 2.58 -63.75
N LYS E 57 20.08 2.87 -64.22
CA LYS E 57 20.90 3.96 -63.69
C LYS E 57 20.50 5.38 -64.20
N SER E 58 20.75 6.38 -63.35
CA SER E 58 20.76 7.79 -63.73
C SER E 58 22.21 8.22 -64.01
N CYS E 59 22.41 8.93 -65.14
CA CYS E 59 23.74 9.14 -65.74
C CYS E 59 24.68 10.12 -64.99
N GLY E 60 24.12 11.26 -64.59
CA GLY E 60 24.87 12.34 -63.95
C GLY E 60 25.18 13.57 -64.83
N HIS E 61 25.07 13.42 -66.15
CA HIS E 61 25.56 14.44 -67.07
C HIS E 61 24.47 15.08 -67.93
N CYS E 62 23.22 14.64 -67.81
CA CYS E 62 22.10 15.26 -68.53
C CYS E 62 21.58 16.47 -67.76
N ARG E 63 20.91 17.39 -68.45
CA ARG E 63 20.47 18.60 -67.75
C ARG E 63 19.59 18.24 -66.56
N GLY E 64 18.56 17.43 -66.81
CA GLY E 64 17.72 16.88 -65.75
C GLY E 64 18.53 16.42 -64.55
N CYS E 65 19.47 15.52 -64.74
CA CYS E 65 20.23 14.97 -63.63
C CYS E 65 21.08 16.02 -62.92
N GLN E 66 21.57 17.01 -63.66
CA GLN E 66 22.38 18.07 -63.06
C GLN E 66 21.53 18.76 -61.98
N LEU E 67 20.43 19.37 -62.42
CA LEU E 67 19.47 20.08 -61.58
C LEU E 67 19.05 19.32 -60.33
N MET E 68 18.77 18.03 -60.54
CA MET E 68 18.39 17.13 -59.47
C MET E 68 19.52 17.11 -58.47
N GLN E 69 20.74 16.96 -58.97
CA GLN E 69 21.91 16.86 -58.13
C GLN E 69 22.07 18.08 -57.25
N ALA E 70 21.71 19.23 -57.81
CA ALA E 70 21.83 20.51 -57.12
C ALA E 70 20.52 21.03 -56.53
N GLY E 71 19.73 20.11 -55.96
CA GLY E 71 18.51 20.47 -55.26
C GLY E 71 17.33 20.87 -56.13
N THR E 72 17.54 21.89 -56.98
CA THR E 72 16.43 22.42 -57.77
C THR E 72 16.23 21.84 -59.15
N HIS E 73 15.15 21.08 -59.26
CA HIS E 73 14.70 20.57 -60.52
C HIS E 73 13.19 20.70 -60.48
N PRO E 74 12.70 21.71 -61.15
CA PRO E 74 11.34 22.20 -61.31
C PRO E 74 10.26 21.15 -61.29
N ASP E 75 10.56 19.88 -61.51
CA ASP E 75 9.49 18.90 -61.65
C ASP E 75 9.48 17.84 -60.57
N TYR E 76 10.25 18.10 -59.53
CA TYR E 76 10.39 17.22 -58.37
C TYR E 76 9.83 17.94 -57.16
N TYR E 77 8.71 17.46 -56.65
CA TYR E 77 8.12 18.11 -55.52
C TYR E 77 8.32 17.28 -54.25
N THR E 78 8.94 17.89 -53.25
CA THR E 78 9.00 17.25 -51.92
C THR E 78 7.90 17.71 -50.93
N LEU E 79 7.07 16.77 -50.52
CA LEU E 79 6.04 17.08 -49.57
C LEU E 79 6.42 16.60 -48.18
N ALA E 80 7.29 17.34 -47.47
CA ALA E 80 7.55 17.10 -46.04
C ALA E 80 7.01 18.25 -45.17
N PRO E 81 7.27 18.20 -43.85
CA PRO E 81 6.55 19.21 -43.07
C PRO E 81 7.34 20.50 -42.80
N GLU E 82 6.66 21.60 -42.51
CA GLU E 82 7.36 22.85 -42.23
C GLU E 82 8.45 22.61 -41.20
N LYS E 83 9.50 23.41 -41.23
CA LYS E 83 10.65 23.10 -40.40
C LYS E 83 10.28 22.89 -38.93
N GLY E 84 9.68 23.92 -38.34
CA GLY E 84 9.23 23.88 -36.96
C GLY E 84 8.13 22.89 -36.55
N LYS E 85 7.49 22.27 -37.54
CA LYS E 85 6.29 21.48 -37.27
C LYS E 85 6.43 19.96 -37.43
N ASN E 86 5.33 19.24 -37.23
CA ASN E 86 5.36 17.77 -37.28
C ASN E 86 4.16 17.16 -38.02
N THR E 87 3.31 18.04 -38.56
CA THR E 87 2.23 17.67 -39.46
C THR E 87 2.47 18.23 -40.88
N LEU E 88 1.70 17.74 -41.82
CA LEU E 88 1.93 18.12 -43.18
C LEU E 88 0.63 18.70 -43.66
N GLY E 89 0.56 20.03 -43.76
CA GLY E 89 -0.71 20.75 -43.89
C GLY E 89 -1.34 20.77 -45.26
N VAL E 90 -2.58 21.25 -45.36
CA VAL E 90 -3.31 21.08 -46.62
C VAL E 90 -2.78 22.04 -47.58
N ASP E 91 -2.43 23.21 -47.11
CA ASP E 91 -2.03 24.23 -48.04
C ASP E 91 -0.83 23.78 -48.86
N ALA E 92 0.13 23.19 -48.16
CA ALA E 92 1.28 22.60 -48.81
C ALA E 92 0.93 21.60 -49.92
N VAL E 93 -0.10 20.81 -49.70
CA VAL E 93 -0.50 19.87 -50.72
C VAL E 93 -1.05 20.60 -51.88
N ARG E 94 -1.76 21.70 -51.64
CA ARG E 94 -2.47 22.38 -52.74
C ARG E 94 -1.51 23.03 -53.74
N GLU E 95 -0.46 23.68 -53.27
CA GLU E 95 0.60 24.13 -54.17
C GLU E 95 0.96 23.03 -55.10
N VAL E 96 1.44 21.94 -54.54
CA VAL E 96 1.84 20.80 -55.34
C VAL E 96 0.76 20.30 -56.25
N THR E 97 -0.46 20.12 -55.79
CA THR E 97 -1.48 19.70 -56.75
C THR E 97 -1.78 20.69 -57.92
N GLU E 98 -1.71 22.01 -57.69
CA GLU E 98 -1.92 22.98 -58.76
C GLU E 98 -0.77 22.97 -59.73
N LYS E 99 0.43 23.25 -59.24
CA LYS E 99 1.60 23.33 -60.11
C LYS E 99 1.69 22.14 -61.03
N LEU E 100 1.11 21.03 -60.60
CA LEU E 100 1.14 19.77 -61.36
C LEU E 100 0.39 19.85 -62.68
N ASN E 101 -0.47 20.86 -62.82
CA ASN E 101 -1.25 21.02 -64.05
C ASN E 101 -0.50 21.84 -65.10
N GLU E 102 0.52 22.55 -64.68
CA GLU E 102 1.43 23.15 -65.62
C GLU E 102 2.21 22.04 -66.33
N HIS E 103 2.19 22.05 -67.65
CA HIS E 103 3.09 21.20 -68.44
C HIS E 103 4.46 21.26 -67.79
N ALA E 104 5.06 20.11 -67.55
CA ALA E 104 6.41 20.04 -66.94
C ALA E 104 7.36 21.19 -67.28
N ARG E 105 7.69 22.04 -66.29
CA ARG E 105 8.55 23.22 -66.50
C ARG E 105 9.84 22.88 -67.26
N LEU E 106 10.27 21.62 -67.18
CA LEU E 106 11.44 21.12 -67.94
C LEU E 106 11.08 19.96 -68.89
N GLY E 107 9.88 20.03 -69.47
CA GLY E 107 9.42 19.06 -70.45
C GLY E 107 9.78 17.61 -70.15
N GLY E 108 9.45 17.15 -68.96
CA GLY E 108 9.70 15.78 -68.61
C GLY E 108 8.57 15.14 -67.86
N ALA E 109 8.95 14.32 -66.89
CA ALA E 109 8.01 13.71 -65.97
C ALA E 109 8.01 14.47 -64.68
N LYS E 110 6.91 14.43 -63.95
CA LYS E 110 6.86 15.10 -62.67
C LYS E 110 6.75 14.06 -61.57
N VAL E 111 7.61 14.12 -60.54
CA VAL E 111 7.47 13.23 -59.37
C VAL E 111 7.18 13.96 -58.06
N VAL E 112 6.34 13.36 -57.24
CA VAL E 112 5.97 13.91 -55.96
C VAL E 112 6.30 12.90 -54.88
N TRP E 113 7.17 13.29 -53.97
CA TRP E 113 7.59 12.44 -52.89
C TRP E 113 6.95 12.96 -51.64
N VAL E 114 5.95 12.25 -51.12
CA VAL E 114 5.36 12.56 -49.82
C VAL E 114 6.13 11.77 -48.81
N THR E 115 6.88 12.47 -47.96
CA THR E 115 7.84 11.78 -47.10
C THR E 115 7.20 10.82 -46.08
N ASP E 116 6.20 11.31 -45.35
CA ASP E 116 5.46 10.43 -44.47
C ASP E 116 3.96 10.65 -44.49
N ALA E 117 3.27 9.76 -45.15
CA ALA E 117 1.84 9.88 -45.36
C ALA E 117 1.06 9.97 -44.08
N ALA E 118 1.70 9.54 -43.01
CA ALA E 118 1.06 9.49 -41.72
C ALA E 118 0.90 10.89 -41.25
N LEU E 119 1.80 11.76 -41.71
CA LEU E 119 1.78 13.15 -41.23
C LEU E 119 0.77 14.05 -41.98
N LEU E 120 0.24 13.54 -43.08
CA LEU E 120 -0.82 14.24 -43.78
C LEU E 120 -1.89 14.47 -42.78
N THR E 121 -2.31 15.73 -42.63
CA THR E 121 -3.49 16.12 -41.90
C THR E 121 -4.72 15.51 -42.48
N ASP E 122 -5.80 15.42 -41.71
CA ASP E 122 -7.06 14.96 -42.27
C ASP E 122 -7.42 15.72 -43.56
N ALA E 123 -7.39 17.05 -43.50
CA ALA E 123 -7.69 17.88 -44.67
C ALA E 123 -6.68 17.68 -45.80
N ALA E 124 -5.41 17.61 -45.45
CA ALA E 124 -4.38 17.35 -46.41
C ALA E 124 -4.59 16.07 -47.17
N ALA E 125 -4.77 14.94 -46.48
CA ALA E 125 -4.99 13.66 -47.18
C ALA E 125 -6.14 13.74 -48.16
N ASN E 126 -7.26 14.37 -47.78
CA ASN E 126 -8.35 14.46 -48.72
C ASN E 126 -7.99 15.31 -49.92
N ALA E 127 -7.25 16.38 -49.72
CA ALA E 127 -6.94 17.27 -50.85
C ALA E 127 -6.09 16.53 -51.87
N LEU E 128 -5.43 15.52 -51.34
CA LEU E 128 -4.55 14.75 -52.15
C LEU E 128 -5.30 13.73 -53.01
N LEU E 129 -6.55 13.46 -52.67
CA LEU E 129 -7.30 12.32 -53.22
C LEU E 129 -7.61 12.35 -54.70
N LYS E 130 -8.19 13.45 -55.16
CA LYS E 130 -8.65 13.46 -56.53
C LYS E 130 -7.48 13.54 -57.46
N THR E 131 -6.46 14.33 -57.15
CA THR E 131 -5.23 14.33 -57.97
C THR E 131 -4.57 12.95 -58.00
N LEU E 132 -4.58 12.28 -56.87
CA LEU E 132 -3.88 11.02 -56.73
C LEU E 132 -4.59 9.90 -57.50
N GLU E 133 -5.89 10.03 -57.69
CA GLU E 133 -6.59 8.97 -58.36
C GLU E 133 -6.29 9.00 -59.84
N GLU E 134 -6.27 10.21 -60.41
CA GLU E 134 -6.01 10.38 -61.82
C GLU E 134 -5.26 11.67 -62.05
N PRO E 135 -3.95 11.61 -61.87
CA PRO E 135 -3.16 12.82 -62.05
C PRO E 135 -3.00 13.09 -63.53
N PRO E 136 -2.34 14.20 -63.86
CA PRO E 136 -1.97 14.43 -65.26
C PRO E 136 -1.08 13.28 -65.75
N ALA E 137 -0.53 13.40 -66.94
CA ALA E 137 0.24 12.27 -67.44
C ALA E 137 1.68 12.36 -67.00
N GLU E 138 2.38 11.23 -67.03
CA GLU E 138 3.79 11.29 -66.75
C GLU E 138 4.01 11.96 -65.40
N THR E 139 3.06 11.74 -64.52
CA THR E 139 3.18 12.14 -63.15
C THR E 139 3.39 10.91 -62.30
N TRP E 140 4.37 10.97 -61.42
CA TRP E 140 4.59 9.84 -60.56
C TRP E 140 4.65 10.24 -59.10
N PHE E 141 3.79 9.60 -58.31
CA PHE E 141 3.75 9.77 -56.87
C PHE E 141 4.42 8.62 -56.08
N PHE E 142 5.05 9.02 -54.97
CA PHE E 142 5.64 8.11 -53.99
C PHE E 142 5.31 8.54 -52.56
N LEU E 143 4.53 7.72 -51.88
CA LEU E 143 4.21 7.94 -50.47
C LEU E 143 4.88 6.86 -49.60
N ALA E 144 5.20 7.16 -48.35
CA ALA E 144 5.81 6.14 -47.48
C ALA E 144 5.23 6.18 -46.10
N THR E 145 4.90 5.03 -45.51
CA THR E 145 4.49 5.00 -44.10
C THR E 145 5.02 3.82 -43.35
N ARG E 146 4.77 3.87 -42.04
CA ARG E 146 5.08 2.79 -41.13
C ARG E 146 3.92 1.83 -41.20
N GLU E 147 2.75 2.42 -41.08
CA GLU E 147 1.57 1.63 -40.91
C GLU E 147 0.47 2.11 -41.85
N PRO E 148 0.33 1.46 -43.01
CA PRO E 148 -0.77 1.89 -43.86
C PRO E 148 -2.12 1.90 -43.19
N GLU E 149 -2.43 1.07 -42.18
CA GLU E 149 -3.82 1.06 -41.68
C GLU E 149 -4.21 2.34 -40.93
N ARG E 150 -3.24 3.16 -40.57
CA ARG E 150 -3.51 4.41 -39.92
C ARG E 150 -3.83 5.51 -40.94
N LEU E 151 -3.92 5.12 -42.20
CA LEU E 151 -3.90 6.05 -43.33
C LEU E 151 -5.29 6.11 -43.85
N LEU E 152 -5.71 7.27 -44.28
CA LEU E 152 -7.08 7.41 -44.76
C LEU E 152 -7.58 6.32 -45.74
N ALA E 153 -8.52 5.53 -45.26
CA ALA E 153 -9.36 4.65 -46.07
C ALA E 153 -9.19 4.73 -47.57
N THR E 154 -9.55 5.90 -48.08
CA THR E 154 -9.84 6.13 -49.49
C THR E 154 -8.57 6.52 -50.26
N LEU E 155 -7.55 6.94 -49.52
CA LEU E 155 -6.31 7.30 -50.12
C LEU E 155 -5.55 5.99 -50.29
N ARG E 156 -5.69 5.10 -49.31
CA ARG E 156 -4.99 3.85 -49.46
C ARG E 156 -5.40 3.08 -50.71
N SER E 157 -6.61 3.29 -51.18
CA SER E 157 -7.08 2.48 -52.29
C SER E 157 -6.71 3.02 -53.67
N ARG E 158 -6.12 4.21 -53.72
CA ARG E 158 -5.67 4.74 -54.96
C ARG E 158 -4.24 4.28 -55.17
N CYS E 159 -3.61 3.73 -54.14
CA CYS E 159 -2.20 3.36 -54.28
C CYS E 159 -1.95 1.90 -54.47
N ARG E 160 -0.78 1.60 -55.02
CA ARG E 160 -0.28 0.25 -55.04
C ARG E 160 0.67 0.16 -53.90
N LEU E 161 0.52 -0.90 -53.14
CA LEU E 161 1.41 -1.13 -52.02
C LEU E 161 2.74 -1.82 -52.42
N HIS E 162 3.83 -1.40 -51.78
CA HIS E 162 5.04 -2.18 -51.84
C HIS E 162 5.65 -2.32 -50.46
N TYR E 163 5.87 -3.57 -50.03
CA TYR E 163 6.38 -3.83 -48.69
C TYR E 163 7.90 -4.03 -48.70
N LEU E 164 8.55 -3.21 -47.88
CA LEU E 164 9.99 -3.21 -47.73
C LEU E 164 10.32 -4.00 -46.47
N ALA E 165 10.33 -5.32 -46.59
CA ALA E 165 10.53 -6.18 -45.45
C ALA E 165 12.00 -6.05 -45.13
N PRO E 166 12.37 -6.10 -43.82
CA PRO E 166 13.76 -6.06 -43.35
C PRO E 166 14.48 -7.41 -43.46
N PRO E 167 15.78 -7.35 -43.61
CA PRO E 167 16.62 -8.51 -43.86
C PRO E 167 16.59 -9.40 -42.64
N PRO E 168 16.69 -10.73 -42.81
CA PRO E 168 16.88 -11.66 -41.70
C PRO E 168 17.75 -11.09 -40.56
N GLU E 169 17.42 -11.39 -39.29
CA GLU E 169 18.12 -10.86 -38.11
C GLU E 169 19.59 -11.11 -38.24
N GLN E 170 19.91 -12.33 -38.67
CA GLN E 170 21.29 -12.72 -38.74
C GLN E 170 22.10 -11.81 -39.68
N TYR E 171 21.56 -11.51 -40.86
CA TYR E 171 22.21 -10.60 -41.80
C TYR E 171 22.41 -9.29 -41.12
N ALA E 172 21.36 -8.85 -40.43
CA ALA E 172 21.29 -7.50 -39.90
C ALA E 172 22.28 -7.32 -38.76
N VAL E 173 22.54 -8.39 -38.04
CA VAL E 173 23.46 -8.30 -36.94
C VAL E 173 24.85 -8.32 -37.49
N THR E 174 25.07 -9.11 -38.52
CA THR E 174 26.36 -9.11 -39.17
C THR E 174 26.60 -7.77 -39.89
N TRP E 175 25.58 -7.20 -40.54
CA TRP E 175 25.66 -5.83 -41.04
C TRP E 175 26.14 -4.86 -39.96
N LEU E 176 25.46 -4.87 -38.83
CA LEU E 176 25.75 -3.94 -37.75
C LEU E 176 27.17 -4.07 -37.23
N SER E 177 27.55 -5.27 -36.82
CA SER E 177 28.90 -5.49 -36.28
C SER E 177 30.00 -4.79 -37.09
N ARG E 178 29.69 -4.36 -38.30
CA ARG E 178 30.71 -3.77 -39.13
C ARG E 178 30.63 -2.26 -39.12
N GLU E 179 29.61 -1.70 -38.46
CA GLU E 179 29.37 -0.23 -38.40
C GLU E 179 29.60 0.30 -36.99
N VAL E 180 29.28 -0.52 -36.00
CA VAL E 180 29.58 -0.17 -34.64
C VAL E 180 30.28 -1.34 -34.02
N THR E 181 31.04 -1.07 -32.98
CA THR E 181 31.65 -2.15 -32.22
C THR E 181 31.01 -2.20 -30.84
N MET E 182 30.19 -3.21 -30.64
CA MET E 182 29.33 -3.29 -29.46
C MET E 182 29.25 -4.74 -29.14
N SER E 183 28.66 -5.11 -28.04
CA SER E 183 28.57 -6.52 -27.73
C SER E 183 27.59 -7.19 -28.70
N GLN E 184 27.77 -8.48 -28.94
CA GLN E 184 26.77 -9.19 -29.74
C GLN E 184 25.35 -9.04 -29.18
N ASP E 185 25.24 -9.02 -27.86
CA ASP E 185 23.95 -9.00 -27.19
C ASP E 185 23.34 -7.64 -27.45
N ALA E 186 24.19 -6.61 -27.36
CA ALA E 186 23.79 -5.23 -27.60
C ALA E 186 23.11 -5.07 -28.93
N LEU E 187 23.83 -5.40 -30.00
CA LEU E 187 23.29 -5.26 -31.35
C LEU E 187 21.93 -5.89 -31.36
N LEU E 188 21.92 -7.19 -31.26
CA LEU E 188 20.69 -7.96 -31.19
C LEU E 188 19.57 -7.24 -30.45
N ALA E 189 19.91 -6.50 -29.40
CA ALA E 189 18.82 -5.85 -28.68
C ALA E 189 18.38 -4.61 -29.43
N ALA E 190 19.34 -3.76 -29.77
CA ALA E 190 19.06 -2.61 -30.57
C ALA E 190 18.22 -3.04 -31.75
N LEU E 191 18.68 -4.08 -32.43
CA LEU E 191 18.01 -4.49 -33.63
C LEU E 191 16.59 -4.87 -33.36
N ARG E 192 16.35 -5.38 -32.17
CA ARG E 192 15.03 -5.96 -31.82
C ARG E 192 14.08 -4.91 -31.27
N LEU E 193 14.70 -3.84 -30.75
CA LEU E 193 14.00 -2.70 -30.21
C LEU E 193 13.38 -2.00 -31.37
N SER E 194 14.11 -2.07 -32.49
CA SER E 194 13.82 -1.33 -33.71
C SER E 194 13.03 -2.14 -34.74
N ALA E 195 12.27 -3.08 -34.23
CA ALA E 195 11.39 -3.92 -35.01
C ALA E 195 12.01 -4.65 -36.17
N GLY E 196 13.34 -4.70 -36.22
CA GLY E 196 13.99 -5.57 -37.16
C GLY E 196 14.87 -4.81 -38.09
N SER E 197 14.61 -3.52 -38.24
CA SER E 197 15.32 -2.68 -39.20
C SER E 197 16.76 -2.27 -38.80
N PRO E 198 17.77 -2.69 -39.58
CA PRO E 198 19.13 -2.29 -39.21
C PRO E 198 19.15 -0.84 -39.43
N GLY E 199 20.18 -0.15 -38.98
CA GLY E 199 20.27 1.26 -39.31
C GLY E 199 19.33 2.18 -38.56
N ALA E 200 18.06 1.78 -38.43
CA ALA E 200 17.19 2.33 -37.37
C ALA E 200 17.78 1.82 -36.05
N ALA E 201 18.22 0.56 -36.08
CA ALA E 201 19.05 -0.05 -35.07
C ALA E 201 20.29 0.78 -34.90
N LEU E 202 21.11 0.76 -35.95
CA LEU E 202 22.33 1.55 -35.98
C LEU E 202 22.19 2.98 -35.49
N ALA E 203 21.07 3.63 -35.81
CA ALA E 203 20.72 4.98 -35.31
C ALA E 203 20.89 5.12 -33.80
N LEU E 204 20.38 4.14 -33.03
CA LEU E 204 20.49 4.09 -31.56
C LEU E 204 21.91 4.28 -31.05
N PHE E 205 22.87 3.64 -31.69
CA PHE E 205 24.24 3.77 -31.22
C PHE E 205 24.87 5.10 -31.54
N GLN E 206 24.36 5.76 -32.55
CA GLN E 206 24.99 6.98 -33.02
C GLN E 206 24.68 8.15 -32.16
N GLY E 207 23.48 8.19 -31.58
CA GLY E 207 23.03 9.36 -30.83
C GLY E 207 23.60 9.60 -29.43
N ASP E 208 22.79 10.33 -28.66
CA ASP E 208 22.92 10.47 -27.22
C ASP E 208 22.16 9.29 -26.66
N ASN E 209 21.52 8.60 -27.59
CA ASN E 209 20.41 7.71 -27.37
C ASN E 209 20.69 6.47 -26.56
N TRP E 210 21.68 5.70 -26.97
CA TRP E 210 21.97 4.46 -26.26
C TRP E 210 22.43 4.77 -24.84
N GLN E 211 23.18 5.85 -24.65
CA GLN E 211 23.50 6.28 -23.28
C GLN E 211 22.25 6.57 -22.47
N ALA E 212 21.17 6.94 -23.14
CA ALA E 212 19.91 7.28 -22.47
C ALA E 212 19.13 6.05 -22.12
N ARG E 213 19.26 4.98 -22.88
CA ARG E 213 18.63 3.73 -22.51
C ARG E 213 19.27 3.25 -21.25
N GLU E 214 20.60 3.33 -21.16
CA GLU E 214 21.32 2.83 -20.00
C GLU E 214 20.83 3.60 -18.80
N THR E 215 20.52 4.89 -18.96
CA THR E 215 20.00 5.72 -17.86
C THR E 215 18.59 5.40 -17.42
N LEU E 216 17.78 4.95 -18.38
CA LEU E 216 16.42 4.50 -18.13
C LEU E 216 16.50 3.23 -17.39
N CYS E 217 17.43 2.38 -17.80
CA CYS E 217 17.65 1.13 -17.09
C CYS E 217 18.21 1.37 -15.71
N GLN E 218 19.12 2.33 -15.54
CA GLN E 218 19.68 2.54 -14.21
C GLN E 218 18.53 2.85 -13.32
N ALA E 219 17.77 3.88 -13.65
CA ALA E 219 16.65 4.32 -12.83
C ALA E 219 15.67 3.20 -12.56
N LEU E 220 15.31 2.49 -13.61
CA LEU E 220 14.30 1.44 -13.51
C LEU E 220 14.72 0.41 -12.47
N ALA E 221 16.02 0.16 -12.42
CA ALA E 221 16.58 -0.85 -11.56
C ALA E 221 16.46 -0.40 -10.13
N TYR E 222 15.98 0.81 -9.92
CA TYR E 222 15.84 1.35 -8.58
C TYR E 222 14.39 1.46 -8.26
N SER E 223 13.61 1.86 -9.24
CA SER E 223 12.22 2.10 -9.00
C SER E 223 11.54 0.79 -8.72
N VAL E 224 11.88 -0.24 -9.48
CA VAL E 224 11.19 -1.51 -9.31
C VAL E 224 11.19 -1.94 -7.84
N PRO E 225 12.36 -2.34 -7.32
CA PRO E 225 12.49 -2.82 -5.93
C PRO E 225 11.87 -1.94 -4.91
N SER E 226 12.10 -0.63 -5.01
CA SER E 226 11.67 0.34 -4.00
C SER E 226 10.26 0.81 -4.18
N GLY E 227 9.73 0.67 -5.38
CA GLY E 227 8.38 1.12 -5.64
C GLY E 227 8.26 2.63 -5.84
N ASP E 228 9.38 3.29 -6.10
CA ASP E 228 9.37 4.70 -6.49
C ASP E 228 9.38 4.86 -8.00
N TRP E 229 8.23 4.93 -8.62
CA TRP E 229 8.24 5.12 -10.05
C TRP E 229 8.13 6.57 -10.48
N TYR E 230 7.70 7.45 -9.59
CA TYR E 230 7.71 8.85 -9.98
C TYR E 230 9.19 9.22 -10.31
N SER E 231 10.11 8.42 -9.78
CA SER E 231 11.51 8.69 -10.00
C SER E 231 11.98 8.52 -11.46
N LEU E 232 11.19 7.84 -12.28
CA LEU E 232 11.51 7.75 -13.71
C LEU E 232 11.36 9.07 -14.46
N LEU E 233 10.68 10.08 -13.84
CA LEU E 233 10.31 11.26 -14.58
C LEU E 233 11.53 11.69 -15.34
N ALA E 234 12.54 12.07 -14.57
CA ALA E 234 13.83 12.44 -15.13
C ALA E 234 14.21 11.74 -16.47
N ALA E 235 14.26 10.41 -16.47
CA ALA E 235 14.70 9.67 -17.65
C ALA E 235 13.66 9.62 -18.75
N LEU E 236 12.39 9.85 -18.43
CA LEU E 236 11.36 9.80 -19.45
C LEU E 236 11.00 11.17 -19.95
N ASN E 237 11.05 12.17 -19.09
CA ASN E 237 10.64 13.49 -19.52
C ASN E 237 11.65 14.21 -20.45
N HIS E 238 11.59 13.87 -21.72
CA HIS E 238 12.53 14.39 -22.68
C HIS E 238 11.65 14.50 -23.88
N GLU E 239 12.15 15.02 -24.99
CA GLU E 239 11.29 15.26 -26.11
C GLU E 239 11.19 13.96 -26.87
N GLN E 240 12.19 13.12 -26.62
CA GLN E 240 12.25 11.78 -27.18
C GLN E 240 11.41 10.75 -26.40
N ALA E 241 10.47 11.24 -25.59
CA ALA E 241 9.73 10.40 -24.66
C ALA E 241 9.00 9.25 -25.31
N PRO E 242 8.40 9.46 -26.51
CA PRO E 242 7.63 8.36 -27.08
C PRO E 242 8.55 7.20 -27.33
N ALA E 243 9.75 7.54 -27.73
CA ALA E 243 10.77 6.53 -27.96
C ALA E 243 11.23 5.75 -26.71
N ARG E 244 11.46 6.47 -25.63
CA ARG E 244 11.93 5.85 -24.40
C ARG E 244 10.78 5.16 -23.69
N LEU E 245 9.57 5.69 -23.82
CA LEU E 245 8.40 5.00 -23.32
C LEU E 245 8.29 3.61 -23.97
N HIS E 246 8.69 3.51 -25.23
CA HIS E 246 8.67 2.24 -25.95
C HIS E 246 9.74 1.31 -25.41
N TRP E 247 10.88 1.88 -25.05
CA TRP E 247 11.91 1.09 -24.38
C TRP E 247 11.31 0.47 -23.13
N LEU E 248 10.68 1.33 -22.32
CA LEU E 248 10.08 0.90 -21.08
C LEU E 248 9.03 -0.14 -21.34
N ALA E 249 8.33 0.01 -22.44
CA ALA E 249 7.23 -0.88 -22.73
C ALA E 249 7.79 -2.23 -23.02
N THR E 250 8.91 -2.28 -23.73
CA THR E 250 9.43 -3.57 -24.16
C THR E 250 10.06 -4.33 -23.03
N LEU E 251 10.48 -3.60 -22.00
CA LEU E 251 11.07 -4.25 -20.87
C LEU E 251 9.97 -4.97 -20.12
N LEU E 252 8.87 -4.25 -19.90
CA LEU E 252 7.71 -4.76 -19.23
C LEU E 252 7.22 -5.98 -19.93
N MET E 253 7.34 -5.99 -21.24
CA MET E 253 6.83 -7.10 -21.94
C MET E 253 7.73 -8.31 -21.83
N ASP E 254 9.02 -8.08 -21.64
CA ASP E 254 9.95 -9.20 -21.63
C ASP E 254 9.81 -9.94 -20.36
N ALA E 255 9.49 -9.16 -19.35
CA ALA E 255 9.20 -9.67 -18.02
C ALA E 255 7.95 -10.54 -18.05
N LEU E 256 6.98 -10.11 -18.82
CA LEU E 256 5.78 -10.85 -18.91
C LEU E 256 6.04 -12.11 -19.65
N LYS E 257 7.04 -12.08 -20.54
CA LYS E 257 7.32 -13.28 -21.33
C LYS E 257 8.01 -14.30 -20.47
N ARG E 258 8.92 -13.84 -19.62
CA ARG E 258 9.54 -14.73 -18.68
C ARG E 258 8.54 -15.36 -17.70
N HIS E 259 7.45 -14.69 -17.36
CA HIS E 259 6.48 -15.32 -16.46
C HIS E 259 5.76 -16.41 -17.12
N HIS E 260 6.04 -16.55 -18.41
CA HIS E 260 5.51 -17.63 -19.22
C HIS E 260 6.68 -18.36 -19.81
N GLY E 261 7.90 -18.12 -19.32
CA GLY E 261 9.06 -18.90 -19.74
C GLY E 261 9.36 -18.97 -21.23
N ALA E 262 9.16 -17.85 -21.92
CA ALA E 262 9.39 -17.70 -23.37
C ALA E 262 10.85 -17.64 -23.73
N ALA E 263 11.18 -18.14 -24.93
CA ALA E 263 12.55 -18.10 -25.48
C ALA E 263 13.09 -16.68 -25.89
N GLN E 264 12.56 -16.08 -26.95
CA GLN E 264 13.01 -14.75 -27.32
C GLN E 264 12.59 -13.76 -26.29
N VAL E 265 13.50 -12.90 -25.88
CA VAL E 265 13.14 -11.57 -25.36
C VAL E 265 13.62 -10.48 -26.29
N THR E 266 13.10 -9.28 -26.09
CA THR E 266 13.58 -8.17 -26.87
C THR E 266 14.83 -7.58 -26.25
N ASN E 267 14.82 -7.28 -24.94
CA ASN E 267 15.98 -6.63 -24.34
C ASN E 267 17.04 -7.59 -23.92
N VAL E 268 17.49 -8.40 -24.86
CA VAL E 268 18.55 -9.38 -24.68
C VAL E 268 19.73 -8.96 -23.82
N ASP E 269 20.06 -7.69 -23.83
CA ASP E 269 21.31 -7.26 -23.27
C ASP E 269 21.22 -6.87 -21.83
N VAL E 270 20.02 -6.72 -21.29
CA VAL E 270 19.88 -6.44 -19.85
C VAL E 270 19.09 -7.54 -19.17
N PRO E 271 19.56 -8.80 -19.18
CA PRO E 271 18.59 -9.82 -18.81
C PRO E 271 18.45 -9.78 -17.32
N GLY E 272 19.31 -8.97 -16.72
CA GLY E 272 19.28 -8.71 -15.30
C GLY E 272 18.06 -7.90 -14.94
N LEU E 273 17.91 -6.73 -15.56
CA LEU E 273 16.78 -5.87 -15.29
C LEU E 273 15.50 -6.59 -15.62
N VAL E 274 15.45 -7.40 -16.66
CA VAL E 274 14.24 -8.16 -16.97
C VAL E 274 13.85 -9.10 -15.87
N ALA E 275 14.74 -10.00 -15.47
CA ALA E 275 14.47 -10.85 -14.33
C ALA E 275 13.98 -10.08 -13.09
N GLU E 276 14.56 -8.92 -12.77
CA GLU E 276 14.08 -8.23 -11.58
C GLU E 276 12.73 -7.62 -11.69
N LEU E 277 12.20 -7.50 -12.90
CA LEU E 277 10.84 -7.08 -13.05
C LEU E 277 9.99 -8.29 -12.81
N ALA E 278 10.39 -9.44 -13.32
CA ALA E 278 9.59 -10.66 -13.16
C ALA E 278 9.52 -11.00 -11.72
N ASN E 279 10.41 -10.46 -10.92
CA ASN E 279 10.45 -10.83 -9.53
C ASN E 279 9.58 -9.98 -8.65
N HIS E 280 9.61 -8.67 -8.81
CA HIS E 280 8.88 -7.82 -7.90
C HIS E 280 7.57 -7.34 -8.45
N LEU E 281 7.09 -7.92 -9.53
CA LEU E 281 5.79 -7.49 -10.05
C LEU E 281 5.00 -8.70 -10.50
N SER E 282 3.70 -8.69 -10.16
CA SER E 282 2.85 -9.79 -10.51
C SER E 282 2.67 -9.66 -11.97
N PRO E 283 2.32 -10.75 -12.62
CA PRO E 283 1.86 -10.70 -14.00
C PRO E 283 0.72 -9.69 -14.16
N SER E 284 -0.27 -9.73 -13.26
CA SER E 284 -1.40 -8.80 -13.34
C SER E 284 -0.93 -7.35 -13.47
N ARG E 285 0.05 -6.93 -12.69
CA ARG E 285 0.46 -5.55 -12.73
C ARG E 285 1.49 -5.30 -13.78
N LEU E 286 2.28 -6.33 -14.10
CA LEU E 286 3.23 -6.15 -15.18
C LEU E 286 2.43 -5.75 -16.37
N GLN E 287 1.29 -6.39 -16.55
CA GLN E 287 0.51 -6.23 -17.76
C GLN E 287 -0.31 -4.98 -17.80
N ALA E 288 -0.97 -4.68 -16.70
CA ALA E 288 -1.65 -3.43 -16.60
C ALA E 288 -0.70 -2.27 -16.93
N ILE E 289 0.50 -2.26 -16.36
CA ILE E 289 1.49 -1.20 -16.61
C ILE E 289 1.96 -1.15 -18.06
N LEU E 290 2.09 -2.31 -18.69
CA LEU E 290 2.39 -2.37 -20.10
C LEU E 290 1.27 -1.67 -20.84
N GLY E 291 0.04 -1.91 -20.38
CA GLY E 291 -1.13 -1.26 -20.93
C GLY E 291 -1.04 0.25 -20.94
N ASP E 292 -0.82 0.87 -19.79
CA ASP E 292 -0.87 2.34 -19.71
C ASP E 292 0.32 2.96 -20.36
N VAL E 293 1.43 2.26 -20.35
CA VAL E 293 2.64 2.83 -20.91
C VAL E 293 2.51 3.02 -22.42
N CYS E 294 1.90 2.06 -23.11
CA CYS E 294 1.65 2.21 -24.54
C CYS E 294 0.59 3.25 -24.76
N HIS E 295 -0.46 3.17 -23.97
CA HIS E 295 -1.55 4.09 -24.17
C HIS E 295 -1.14 5.57 -24.09
N ILE E 296 -0.34 5.93 -23.10
CA ILE E 296 0.22 7.28 -23.01
C ILE E 296 1.11 7.55 -24.21
N ARG E 297 1.89 6.56 -24.61
CA ARG E 297 2.77 6.79 -25.73
C ARG E 297 1.93 7.24 -26.92
N GLU E 298 0.82 6.56 -27.19
CA GLU E 298 0.00 6.99 -28.30
C GLU E 298 -0.36 8.47 -28.18
N GLN E 299 -1.05 8.82 -27.10
CA GLN E 299 -1.46 10.17 -26.80
C GLN E 299 -0.31 11.15 -26.89
N LEU E 300 0.88 10.73 -26.53
CA LEU E 300 1.97 11.67 -26.63
C LEU E 300 2.35 11.93 -28.04
N MET E 301 2.03 11.03 -28.95
CA MET E 301 2.44 11.22 -30.31
C MET E 301 1.31 11.75 -31.11
N SER E 302 0.11 11.47 -30.65
CA SER E 302 -1.06 11.70 -31.45
C SER E 302 -1.81 13.00 -31.15
N VAL E 303 -1.87 13.37 -29.87
CA VAL E 303 -2.62 14.58 -29.47
C VAL E 303 -1.74 15.81 -29.71
N THR E 304 -2.15 16.66 -30.63
CA THR E 304 -1.30 17.81 -30.94
C THR E 304 -1.27 18.76 -29.75
N GLY E 305 -0.03 18.97 -29.28
CA GLY E 305 0.28 20.00 -28.31
C GLY E 305 0.25 19.59 -26.86
N ILE E 306 -0.14 18.33 -26.63
CA ILE E 306 -0.38 17.90 -25.28
C ILE E 306 0.89 17.98 -24.42
N ASN E 307 0.70 18.27 -23.14
CA ASN E 307 1.84 18.48 -22.26
C ASN E 307 2.44 17.18 -21.71
N ARG E 308 3.69 16.94 -22.05
CA ARG E 308 4.40 15.71 -21.76
C ARG E 308 4.60 15.53 -20.25
N GLU E 309 5.37 16.44 -19.67
CA GLU E 309 5.53 16.44 -18.24
C GLU E 309 4.24 16.12 -17.51
N LEU E 310 3.17 16.83 -17.82
CA LEU E 310 1.94 16.52 -17.09
C LEU E 310 1.50 15.08 -17.35
N LEU E 311 1.52 14.64 -18.60
CA LEU E 311 1.01 13.31 -18.94
C LEU E 311 1.88 12.23 -18.40
N ILE E 312 3.20 12.34 -18.56
CA ILE E 312 4.07 11.34 -17.97
C ILE E 312 3.92 11.34 -16.44
N THR E 313 3.92 12.51 -15.80
CA THR E 313 3.69 12.60 -14.36
C THR E 313 2.42 11.87 -13.94
N ASP E 314 1.26 12.11 -14.53
CA ASP E 314 0.09 11.31 -14.20
C ASP E 314 0.40 9.79 -14.28
N LEU E 315 0.94 9.35 -15.40
CA LEU E 315 1.24 7.93 -15.56
C LEU E 315 2.05 7.35 -14.40
N LEU E 316 3.10 8.06 -14.00
CA LEU E 316 3.99 7.51 -13.00
C LEU E 316 3.30 7.43 -11.66
N LEU E 317 2.56 8.47 -11.27
CA LEU E 317 1.81 8.45 -10.00
C LEU E 317 0.73 7.39 -10.02
N ARG E 318 0.15 7.19 -11.19
CA ARG E 318 -0.94 6.26 -11.34
C ARG E 318 -0.44 4.82 -11.29
N ILE E 319 0.80 4.59 -11.75
CA ILE E 319 1.38 3.27 -11.79
C ILE E 319 1.60 2.90 -10.36
N GLU E 320 2.21 3.78 -9.60
CA GLU E 320 2.44 3.51 -8.20
C GLU E 320 1.18 3.08 -7.47
N HIS E 321 0.04 3.51 -7.98
CA HIS E 321 -1.20 3.17 -7.33
C HIS E 321 -1.52 1.73 -7.68
N TYR E 322 -1.50 1.37 -8.95
CA TYR E 322 -1.67 -0.02 -9.31
C TYR E 322 -0.80 -0.93 -8.45
N LEU E 323 0.36 -0.45 -8.02
CA LEU E 323 1.24 -1.35 -7.32
C LEU E 323 0.60 -1.90 -6.02
N GLN E 324 -0.24 -1.06 -5.38
CA GLN E 324 -1.01 -1.39 -4.17
C GLN E 324 -1.84 -2.62 -4.35
N PRO E 325 -2.09 -3.35 -3.26
CA PRO E 325 -2.87 -4.58 -3.39
C PRO E 325 -4.30 -4.13 -3.66
N GLY E 326 -5.10 -4.99 -4.26
CA GLY E 326 -6.52 -4.73 -4.37
C GLY E 326 -7.04 -3.57 -5.18
N VAL E 327 -6.18 -2.80 -5.86
CA VAL E 327 -6.65 -1.74 -6.77
C VAL E 327 -7.16 -2.33 -8.06
N VAL E 328 -8.16 -1.68 -8.61
CA VAL E 328 -8.76 -2.08 -9.87
C VAL E 328 -7.91 -1.69 -11.12
N LEU E 329 -7.51 -2.70 -11.86
CA LEU E 329 -6.61 -2.50 -12.98
C LEU E 329 -7.44 -2.39 -14.25
N PRO E 330 -7.02 -1.49 -15.18
CA PRO E 330 -7.44 -1.14 -16.54
C PRO E 330 -7.64 -2.35 -17.48
N VAL E 331 -8.58 -2.29 -18.43
CA VAL E 331 -8.81 -3.41 -19.36
C VAL E 331 -9.30 -2.89 -20.74
N PRO E 332 -8.49 -3.06 -21.83
CA PRO E 332 -8.82 -2.52 -23.17
C PRO E 332 -10.32 -2.57 -23.58
N HIS E 333 -10.70 -1.57 -24.36
CA HIS E 333 -12.11 -1.21 -24.56
C HIS E 333 -12.66 -1.35 -25.96
N LEU E 334 -13.90 -1.85 -26.04
CA LEU E 334 -14.77 -1.72 -27.24
C LEU E 334 -14.65 -2.85 -28.27
N MET F 1 -36.43 -1.74 50.44
CA MET F 1 -35.04 -1.94 50.80
C MET F 1 -34.18 -0.71 50.65
N ILE F 2 -33.84 -0.12 51.80
CA ILE F 2 -33.04 1.10 51.86
C ILE F 2 -31.57 0.86 51.45
N ARG F 3 -31.24 1.29 50.23
CA ARG F 3 -29.88 1.17 49.71
C ARG F 3 -28.98 2.31 50.20
N LEU F 4 -27.73 2.00 50.50
CA LEU F 4 -26.85 2.94 51.20
C LEU F 4 -25.39 2.90 50.75
N TYR F 5 -24.70 4.02 50.94
CA TYR F 5 -23.25 4.07 50.85
C TYR F 5 -22.66 3.99 52.27
N PRO F 6 -21.46 3.39 52.44
CA PRO F 6 -21.03 2.98 53.78
C PRO F 6 -20.95 4.16 54.75
N GLU F 7 -20.68 5.36 54.22
CA GLU F 7 -20.70 6.58 55.04
C GLU F 7 -22.08 6.84 55.68
N GLN F 8 -23.12 6.86 54.83
CA GLN F 8 -24.51 7.04 55.25
C GLN F 8 -25.01 6.00 56.28
N LEU F 9 -24.39 4.83 56.32
CA LEU F 9 -24.85 3.73 57.16
C LEU F 9 -24.95 4.09 58.65
N ARG F 10 -23.89 4.65 59.22
CA ARG F 10 -23.87 4.92 60.67
C ARG F 10 -25.19 5.57 61.11
N ALA F 11 -25.80 6.35 60.21
CA ALA F 11 -27.03 7.09 60.46
C ALA F 11 -28.34 6.29 60.42
N GLN F 12 -28.44 5.36 59.46
CA GLN F 12 -29.65 4.56 59.25
C GLN F 12 -29.63 3.22 60.01
N LEU F 13 -28.62 3.08 60.86
CA LEU F 13 -28.54 1.98 61.83
C LEU F 13 -28.89 2.53 63.21
N ASN F 14 -28.82 3.86 63.33
CA ASN F 14 -29.27 4.55 64.53
C ASN F 14 -30.75 4.68 64.53
N GLU F 15 -31.28 5.31 63.49
CA GLU F 15 -32.71 5.43 63.33
C GLU F 15 -33.39 4.12 63.77
N GLY F 16 -33.30 3.11 62.93
CA GLY F 16 -33.88 1.82 63.27
C GLY F 16 -33.03 0.68 62.76
N LEU F 17 -32.81 -0.32 63.61
CA LEU F 17 -32.24 -1.56 63.10
C LEU F 17 -33.31 -2.23 62.24
N ARG F 18 -32.88 -3.02 61.29
CA ARG F 18 -33.81 -3.76 60.44
C ARG F 18 -33.38 -5.23 60.37
N ALA F 19 -34.33 -6.14 60.23
CA ALA F 19 -34.06 -7.57 60.40
C ALA F 19 -32.88 -8.12 59.57
N ALA F 20 -32.54 -7.44 58.47
CA ALA F 20 -31.56 -7.98 57.50
C ALA F 20 -30.52 -7.00 56.96
N TYR F 21 -29.26 -7.18 57.36
CA TYR F 21 -28.19 -6.30 56.89
C TYR F 21 -27.33 -6.92 55.80
N LEU F 22 -27.46 -6.36 54.58
CA LEU F 22 -26.82 -6.88 53.36
C LEU F 22 -25.61 -6.09 52.86
N LEU F 23 -24.43 -6.59 53.14
CA LEU F 23 -23.21 -5.89 52.81
C LEU F 23 -22.61 -6.47 51.56
N LEU F 24 -23.00 -5.93 50.41
CA LEU F 24 -22.47 -6.39 49.12
C LEU F 24 -21.42 -5.45 48.55
N GLY F 25 -20.34 -6.00 48.03
CA GLY F 25 -19.27 -5.15 47.56
C GLY F 25 -18.00 -5.93 47.35
N ASN F 26 -16.96 -5.19 46.99
CA ASN F 26 -15.69 -5.79 46.60
C ASN F 26 -14.55 -5.25 47.46
N ASP F 27 -14.73 -4.03 47.97
CA ASP F 27 -13.64 -3.38 48.69
C ASP F 27 -13.54 -3.85 50.13
N PRO F 28 -12.35 -4.31 50.51
CA PRO F 28 -12.09 -4.97 51.80
C PRO F 28 -12.35 -4.04 52.97
N LEU F 29 -12.09 -2.74 52.80
CA LEU F 29 -12.23 -1.79 53.90
C LEU F 29 -13.71 -1.41 54.17
N LEU F 30 -14.47 -1.18 53.11
CA LEU F 30 -15.86 -0.78 53.24
C LEU F 30 -16.71 -1.95 53.74
N LEU F 31 -16.30 -3.17 53.41
CA LEU F 31 -16.91 -4.33 54.06
C LEU F 31 -16.60 -4.27 55.56
N GLN F 32 -15.36 -4.54 56.00
CA GLN F 32 -15.08 -4.56 57.44
C GLN F 32 -15.79 -3.43 58.18
N GLU F 33 -15.63 -2.18 57.72
CA GLU F 33 -16.15 -1.00 58.46
C GLU F 33 -17.64 -1.01 58.67
N SER F 34 -18.35 -1.40 57.63
CA SER F 34 -19.79 -1.54 57.69
C SER F 34 -20.17 -2.71 58.59
N GLN F 35 -19.58 -3.87 58.33
CA GLN F 35 -19.73 -5.06 59.19
C GLN F 35 -19.66 -4.74 60.67
N ASP F 36 -18.55 -4.11 61.06
CA ASP F 36 -18.27 -3.78 62.46
C ASP F 36 -19.20 -2.68 63.02
N ALA F 37 -19.69 -1.80 62.14
CA ALA F 37 -20.61 -0.72 62.51
C ALA F 37 -21.93 -1.28 63.00
N VAL F 38 -22.34 -2.37 62.36
CA VAL F 38 -23.51 -3.12 62.81
C VAL F 38 -23.26 -3.98 64.09
N ARG F 39 -22.27 -4.88 64.06
CA ARG F 39 -21.90 -5.71 65.22
C ARG F 39 -21.83 -4.88 66.49
N GLN F 40 -21.24 -3.69 66.37
CA GLN F 40 -21.08 -2.72 67.47
C GLN F 40 -22.43 -2.21 68.01
N VAL F 41 -23.33 -1.84 67.11
CA VAL F 41 -24.62 -1.29 67.51
C VAL F 41 -25.60 -2.40 67.89
N ALA F 42 -25.25 -3.65 67.58
CA ALA F 42 -26.03 -4.83 68.03
C ALA F 42 -25.72 -5.28 69.46
N ALA F 43 -24.42 -5.39 69.82
CA ALA F 43 -24.06 -5.55 71.23
C ALA F 43 -24.91 -4.53 72.02
N ALA F 44 -24.64 -3.24 71.78
CA ALA F 44 -25.35 -2.10 72.40
C ALA F 44 -26.90 -2.16 72.39
N GLN F 45 -27.49 -3.16 71.70
CA GLN F 45 -28.95 -3.33 71.72
C GLN F 45 -29.38 -4.64 72.42
N GLY F 46 -28.47 -5.23 73.20
CA GLY F 46 -28.76 -6.41 74.02
C GLY F 46 -28.17 -7.71 73.48
N PHE F 47 -27.44 -7.60 72.37
CA PHE F 47 -26.94 -8.76 71.62
C PHE F 47 -25.62 -9.33 72.16
N GLU F 48 -25.69 -10.48 72.82
CA GLU F 48 -24.48 -11.22 73.24
C GLU F 48 -23.97 -12.26 72.21
N GLU F 49 -24.83 -13.18 71.78
CA GLU F 49 -24.43 -14.36 71.00
C GLU F 49 -24.16 -14.09 69.51
N HIS F 50 -22.89 -14.02 69.13
CA HIS F 50 -22.54 -13.71 67.75
C HIS F 50 -21.99 -14.94 66.99
N HIS F 51 -22.76 -15.39 66.00
CA HIS F 51 -22.40 -16.58 65.24
C HIS F 51 -22.01 -16.22 63.84
N THR F 52 -20.82 -16.67 63.42
CA THR F 52 -20.36 -16.50 62.04
C THR F 52 -20.45 -17.84 61.27
N PHE F 53 -20.57 -17.75 59.94
CA PHE F 53 -20.82 -18.93 59.10
C PHE F 53 -20.48 -18.59 57.62
N SER F 54 -19.34 -19.09 57.13
CA SER F 54 -18.95 -18.90 55.72
C SER F 54 -19.71 -19.92 54.84
N ILE F 55 -20.43 -19.44 53.83
CA ILE F 55 -21.18 -20.31 52.92
C ILE F 55 -20.46 -20.59 51.59
N ASP F 56 -19.92 -21.80 51.50
CA ASP F 56 -19.42 -22.35 50.24
C ASP F 56 -20.62 -23.08 49.61
N PRO F 57 -20.51 -23.50 48.32
CA PRO F 57 -21.43 -24.59 47.97
C PRO F 57 -21.19 -25.89 48.84
N ASN F 58 -20.13 -25.83 49.67
CA ASN F 58 -19.68 -26.89 50.61
C ASN F 58 -20.63 -27.15 51.79
N THR F 59 -20.99 -26.08 52.51
CA THR F 59 -22.05 -26.15 53.51
C THR F 59 -23.06 -27.18 53.05
N ASP F 60 -23.13 -28.32 53.74
CA ASP F 60 -24.07 -29.40 53.37
C ASP F 60 -25.54 -28.92 53.50
N TRP F 61 -26.50 -29.84 53.27
CA TRP F 61 -27.91 -29.64 53.66
C TRP F 61 -28.13 -30.02 55.16
N ASN F 62 -27.03 -30.37 55.86
CA ASN F 62 -26.98 -30.55 57.34
C ASN F 62 -26.40 -29.30 58.05
N ALA F 63 -25.55 -28.56 57.33
CA ALA F 63 -24.98 -27.29 57.78
C ALA F 63 -26.03 -26.15 57.79
N ILE F 64 -26.91 -26.11 56.78
CA ILE F 64 -28.04 -25.16 56.68
C ILE F 64 -29.29 -25.57 57.49
N PHE F 65 -29.26 -26.76 58.10
CA PHE F 65 -30.33 -27.22 58.99
C PHE F 65 -29.94 -27.01 60.45
N SER F 66 -28.72 -26.52 60.65
CA SER F 66 -28.22 -26.06 61.95
C SER F 66 -28.19 -24.52 62.06
N LEU F 67 -28.62 -23.85 60.99
CA LEU F 67 -28.81 -22.39 60.93
C LEU F 67 -30.27 -21.98 61.14
N CYS F 68 -31.16 -22.66 60.42
CA CYS F 68 -32.61 -22.46 60.57
C CYS F 68 -33.01 -22.77 62.00
N GLN F 69 -32.39 -23.82 62.56
CA GLN F 69 -32.51 -24.17 63.97
C GLN F 69 -31.78 -23.15 64.87
N ALA F 70 -30.77 -22.50 64.30
CA ALA F 70 -29.96 -21.52 65.04
C ALA F 70 -30.76 -20.32 65.56
N MET F 71 -32.06 -20.31 65.32
CA MET F 71 -32.94 -19.27 65.85
C MET F 71 -34.29 -19.76 66.42
N SER F 72 -34.33 -19.81 67.76
CA SER F 72 -35.51 -20.16 68.54
C SER F 72 -35.62 -19.21 69.77
N LEU F 73 -36.85 -18.89 70.19
CA LEU F 73 -37.13 -17.93 71.29
C LEU F 73 -37.43 -18.65 72.63
N PHE F 74 -36.98 -18.13 73.80
CA PHE F 74 -36.35 -16.81 74.00
C PHE F 74 -34.86 -16.83 74.45
N ALA F 75 -33.93 -16.52 73.54
CA ALA F 75 -32.49 -16.43 73.88
C ALA F 75 -32.04 -14.98 73.82
N SER F 76 -31.22 -14.55 74.78
CA SER F 76 -30.63 -13.20 74.68
C SER F 76 -30.18 -12.99 73.23
N ARG F 77 -30.52 -11.81 72.69
CA ARG F 77 -30.40 -11.48 71.26
C ARG F 77 -29.08 -11.93 70.58
N GLN F 78 -29.18 -12.61 69.41
CA GLN F 78 -27.98 -13.16 68.73
C GLN F 78 -27.77 -12.69 67.28
N THR F 79 -26.51 -12.44 66.91
CA THR F 79 -26.12 -11.87 65.60
C THR F 79 -25.51 -12.87 64.61
N LEU F 80 -26.37 -13.44 63.75
CA LEU F 80 -25.99 -14.44 62.76
C LEU F 80 -25.39 -13.84 61.48
N LEU F 81 -24.09 -13.99 61.28
CA LEU F 81 -23.41 -13.53 60.07
C LEU F 81 -23.25 -14.65 59.04
N LEU F 82 -23.34 -14.32 57.75
CA LEU F 82 -23.15 -15.29 56.66
C LEU F 82 -22.22 -14.74 55.58
N LEU F 83 -21.17 -15.48 55.23
CA LEU F 83 -20.27 -15.04 54.16
C LEU F 83 -20.62 -15.77 52.88
N LEU F 84 -20.25 -15.21 51.72
CA LEU F 84 -20.71 -15.72 50.42
C LEU F 84 -19.61 -16.19 49.46
N PRO F 85 -19.99 -17.06 48.51
CA PRO F 85 -19.12 -17.59 47.46
C PRO F 85 -18.84 -16.56 46.36
N GLU F 86 -17.79 -16.81 45.59
CA GLU F 86 -17.50 -16.00 44.41
C GLU F 86 -18.76 -15.64 43.66
N ASN F 87 -19.47 -16.69 43.23
CA ASN F 87 -20.65 -16.55 42.40
C ASN F 87 -21.83 -15.81 43.05
N GLY F 88 -21.92 -15.87 44.39
CA GLY F 88 -23.10 -15.40 45.08
C GLY F 88 -24.08 -16.56 45.21
N PRO F 89 -25.38 -16.27 45.42
CA PRO F 89 -26.39 -17.31 45.75
C PRO F 89 -26.73 -18.32 44.62
N ASN F 90 -26.07 -19.48 44.57
CA ASN F 90 -26.37 -20.49 43.53
C ASN F 90 -27.80 -21.01 43.64
N ALA F 91 -28.22 -21.90 42.73
CA ALA F 91 -29.56 -22.46 42.84
C ALA F 91 -29.70 -23.35 44.09
N ALA F 92 -28.56 -23.82 44.60
CA ALA F 92 -28.49 -24.63 45.82
C ALA F 92 -28.76 -23.77 47.06
N ILE F 93 -28.16 -22.57 47.06
CA ILE F 93 -28.23 -21.60 48.18
C ILE F 93 -29.26 -20.47 47.95
N ASN F 94 -29.86 -20.43 46.75
CA ASN F 94 -30.94 -19.49 46.44
C ASN F 94 -32.18 -19.88 47.23
N GLU F 95 -32.26 -21.18 47.50
CA GLU F 95 -33.34 -21.79 48.29
C GLU F 95 -33.10 -21.77 49.82
N GLN F 96 -31.93 -22.22 50.29
CA GLN F 96 -31.56 -22.14 51.72
C GLN F 96 -31.92 -20.77 52.33
N LEU F 97 -31.67 -19.71 51.54
CA LEU F 97 -31.91 -18.33 51.95
C LEU F 97 -33.40 -18.09 52.17
N LEU F 98 -34.20 -18.52 51.19
CA LEU F 98 -35.66 -18.47 51.29
C LEU F 98 -36.20 -19.00 52.64
N THR F 99 -35.50 -19.99 53.21
CA THR F 99 -35.91 -20.57 54.51
C THR F 99 -35.77 -19.53 55.62
N LEU F 100 -34.71 -18.71 55.54
CA LEU F 100 -34.35 -17.74 56.58
C LEU F 100 -35.10 -16.41 56.51
N THR F 101 -35.74 -16.15 55.37
CA THR F 101 -36.45 -14.90 55.10
C THR F 101 -37.70 -14.67 55.97
N GLY F 102 -38.27 -15.75 56.53
CA GLY F 102 -39.48 -15.68 57.35
C GLY F 102 -39.32 -15.84 58.86
N LEU F 103 -38.23 -16.50 59.28
CA LEU F 103 -37.82 -16.53 60.69
C LEU F 103 -37.04 -15.24 61.00
N LEU F 104 -37.74 -14.13 61.24
CA LEU F 104 -37.07 -12.87 61.59
C LEU F 104 -37.58 -12.28 62.90
N HIS F 105 -36.68 -12.14 63.86
CA HIS F 105 -37.06 -11.62 65.16
C HIS F 105 -36.33 -10.29 65.36
N ASP F 106 -36.71 -9.56 66.41
CA ASP F 106 -35.86 -8.49 66.98
C ASP F 106 -34.70 -9.17 67.75
N ASP F 107 -34.86 -10.47 68.00
CA ASP F 107 -33.89 -11.29 68.73
C ASP F 107 -32.79 -11.80 67.78
N LEU F 108 -33.16 -12.13 66.53
CA LEU F 108 -32.20 -12.56 65.50
C LEU F 108 -31.90 -11.51 64.41
N LEU F 109 -30.65 -11.06 64.36
CA LEU F 109 -30.22 -10.05 63.38
C LEU F 109 -29.27 -10.64 62.34
N LEU F 110 -29.68 -10.58 61.08
CA LEU F 110 -28.92 -11.18 60.00
C LEU F 110 -27.94 -10.20 59.37
N ILE F 111 -26.69 -10.65 59.16
CA ILE F 111 -25.66 -9.87 58.46
C ILE F 111 -25.03 -10.70 57.35
N VAL F 112 -25.00 -10.14 56.15
CA VAL F 112 -24.54 -10.90 55.00
C VAL F 112 -23.42 -10.20 54.22
N ARG F 113 -22.31 -10.89 53.99
CA ARG F 113 -21.13 -10.32 53.30
C ARG F 113 -20.83 -11.03 51.97
N GLY F 114 -20.58 -10.26 50.91
CA GLY F 114 -20.23 -10.80 49.59
C GLY F 114 -20.15 -9.79 48.45
N ASN F 115 -19.85 -10.27 47.24
CA ASN F 115 -19.76 -9.42 46.05
C ASN F 115 -21.12 -8.94 45.59
N LYS F 116 -21.13 -8.00 44.65
CA LYS F 116 -22.37 -7.58 44.01
C LYS F 116 -23.02 -8.77 43.34
N LEU F 117 -24.34 -8.72 43.19
CA LEU F 117 -25.09 -9.86 42.65
C LEU F 117 -25.38 -9.67 41.17
N SER F 118 -25.71 -10.75 40.45
CA SER F 118 -26.23 -10.61 39.07
C SER F 118 -27.70 -10.19 39.17
N LYS F 119 -28.22 -9.53 38.15
CA LYS F 119 -29.54 -8.91 38.33
C LYS F 119 -30.71 -9.84 38.61
N ALA F 120 -30.68 -11.07 38.07
CA ALA F 120 -31.75 -12.05 38.36
C ALA F 120 -31.47 -12.83 39.65
N GLN F 121 -30.27 -12.63 40.19
CA GLN F 121 -29.90 -13.14 41.50
C GLN F 121 -30.56 -12.27 42.58
N GLU F 122 -30.50 -10.95 42.37
CA GLU F 122 -31.12 -9.99 43.29
C GLU F 122 -32.63 -10.14 43.27
N ASN F 123 -33.18 -10.27 42.06
CA ASN F 123 -34.62 -10.39 41.88
C ASN F 123 -35.18 -11.80 42.19
N ALA F 124 -34.38 -12.68 42.79
CA ALA F 124 -34.86 -14.01 43.18
C ALA F 124 -35.71 -13.93 44.46
N ALA F 125 -36.93 -14.49 44.39
CA ALA F 125 -37.99 -14.27 45.37
C ALA F 125 -37.53 -13.79 46.77
N TRP F 126 -36.87 -14.68 47.52
CA TRP F 126 -36.45 -14.43 48.91
C TRP F 126 -35.94 -13.02 49.18
N PHE F 127 -35.23 -12.47 48.19
CA PHE F 127 -34.50 -11.21 48.35
C PHE F 127 -35.39 -9.98 48.30
N THR F 128 -36.48 -10.04 47.55
CA THR F 128 -37.43 -8.94 47.46
C THR F 128 -38.46 -8.94 48.61
N ALA F 129 -38.83 -10.11 49.13
CA ALA F 129 -39.71 -10.21 50.31
C ALA F 129 -38.89 -10.03 51.61
N LEU F 130 -37.56 -10.01 51.46
CA LEU F 130 -36.69 -9.48 52.51
C LEU F 130 -36.73 -7.95 52.41
N ALA F 131 -37.12 -7.44 51.23
CA ALA F 131 -36.92 -6.03 50.80
C ALA F 131 -37.27 -4.88 51.76
N ASN F 132 -38.52 -4.76 52.18
CA ASN F 132 -38.83 -3.64 53.06
C ASN F 132 -38.15 -3.72 54.45
N ARG F 133 -37.79 -4.93 54.86
CA ARG F 133 -37.13 -5.20 56.15
C ARG F 133 -35.64 -4.86 56.17
N SER F 134 -34.96 -5.09 55.04
CA SER F 134 -33.50 -5.06 54.98
C SER F 134 -32.83 -3.74 54.55
N VAL F 135 -31.64 -3.51 55.09
CA VAL F 135 -30.73 -2.47 54.62
C VAL F 135 -29.65 -3.14 53.74
N GLN F 136 -29.22 -2.47 52.68
CA GLN F 136 -28.23 -3.01 51.75
C GLN F 136 -27.16 -1.97 51.51
N VAL F 137 -25.89 -2.34 51.65
CA VAL F 137 -24.82 -1.35 51.55
C VAL F 137 -23.93 -1.62 50.35
N THR F 138 -23.65 -0.57 49.57
CA THR F 138 -22.72 -0.66 48.43
C THR F 138 -21.27 -0.43 48.86
N CYS F 139 -20.44 -1.45 48.67
CA CYS F 139 -19.07 -1.39 49.13
C CYS F 139 -18.11 -1.41 47.95
N GLN F 140 -18.62 -1.11 46.76
CA GLN F 140 -17.74 -1.04 45.61
C GLN F 140 -16.78 0.11 45.83
N THR F 141 -15.51 -0.15 45.50
CA THR F 141 -14.45 0.83 45.61
C THR F 141 -14.71 1.96 44.64
N PRO F 142 -14.33 3.17 45.00
CA PRO F 142 -14.49 4.25 44.04
C PRO F 142 -13.37 4.19 43.01
N GLU F 143 -13.67 4.62 41.80
CA GLU F 143 -12.64 4.69 40.75
C GLU F 143 -11.93 6.07 40.60
N GLN F 144 -10.99 6.14 39.66
CA GLN F 144 -10.12 7.33 39.53
C GLN F 144 -10.90 8.63 39.42
N ALA F 145 -12.15 8.50 38.96
CA ALA F 145 -13.08 9.62 38.89
C ALA F 145 -13.69 9.94 40.24
N GLN F 146 -14.59 9.07 40.67
CA GLN F 146 -15.33 9.24 41.92
C GLN F 146 -14.49 9.36 43.21
N LEU F 147 -13.18 9.11 43.14
CA LEU F 147 -12.35 8.94 44.34
C LEU F 147 -12.12 10.18 45.22
N PRO F 148 -11.59 11.26 44.63
CA PRO F 148 -11.27 12.43 45.46
C PRO F 148 -12.44 12.85 46.33
N ARG F 149 -13.65 12.92 45.75
CA ARG F 149 -14.80 13.24 46.58
C ARG F 149 -14.80 12.42 47.87
N TRP F 150 -14.66 11.09 47.74
CA TRP F 150 -14.71 10.16 48.88
C TRP F 150 -13.63 10.45 49.90
N VAL F 151 -12.54 11.02 49.44
CA VAL F 151 -11.46 11.39 50.33
C VAL F 151 -11.80 12.68 51.07
N ALA F 152 -12.07 13.74 50.33
CA ALA F 152 -12.40 15.04 50.92
C ALA F 152 -13.63 14.93 51.83
N ALA F 153 -14.33 13.80 51.73
CA ALA F 153 -15.48 13.52 52.57
C ALA F 153 -15.04 12.92 53.91
N ARG F 154 -14.35 11.78 53.81
CA ARG F 154 -13.77 11.13 54.97
C ARG F 154 -12.81 12.07 55.72
N ALA F 155 -12.07 12.87 54.95
CA ALA F 155 -11.21 13.93 55.48
C ALA F 155 -11.96 14.81 56.48
N LYS F 156 -13.16 15.25 56.11
CA LYS F 156 -14.03 16.02 56.98
C LYS F 156 -14.62 15.22 58.16
N GLN F 157 -15.20 14.05 57.93
CA GLN F 157 -15.66 13.22 59.05
C GLN F 157 -14.64 13.05 60.19
N LEU F 158 -13.35 13.03 59.84
CA LEU F 158 -12.22 12.96 60.79
C LEU F 158 -11.79 14.40 61.18
N ASN F 159 -12.70 15.34 60.89
CA ASN F 159 -12.53 16.81 60.95
C ASN F 159 -11.22 17.45 60.41
N LEU F 160 -10.39 16.65 59.76
CA LEU F 160 -9.18 17.18 59.15
C LEU F 160 -9.53 18.02 57.89
N GLU F 161 -8.71 19.02 57.64
CA GLU F 161 -8.91 19.94 56.52
C GLU F 161 -7.92 19.71 55.39
N LEU F 162 -8.36 18.99 54.34
CA LEU F 162 -7.50 18.65 53.19
C LEU F 162 -7.39 19.71 52.08
N ASP F 163 -6.28 19.68 51.33
CA ASP F 163 -6.07 20.63 50.24
C ASP F 163 -6.36 20.01 48.87
N ASP F 164 -6.88 20.82 47.94
CA ASP F 164 -7.13 20.40 46.56
C ASP F 164 -5.98 19.59 46.04
N ALA F 165 -4.79 20.02 46.45
CA ALA F 165 -3.53 19.47 45.96
C ALA F 165 -3.06 18.24 46.76
N ALA F 166 -3.41 18.19 48.04
CA ALA F 166 -3.09 17.03 48.87
C ALA F 166 -4.05 15.85 48.59
N ASN F 167 -5.33 16.17 48.49
CA ASN F 167 -6.31 15.22 47.98
C ASN F 167 -5.82 14.53 46.68
N GLN F 168 -5.21 15.29 45.77
CA GLN F 168 -4.64 14.71 44.53
C GLN F 168 -3.54 13.70 44.84
N VAL F 169 -2.61 14.10 45.68
CA VAL F 169 -1.46 13.27 45.92
C VAL F 169 -1.74 12.02 46.77
N LEU F 170 -2.86 12.01 47.51
CA LEU F 170 -3.30 10.81 48.23
C LEU F 170 -4.02 9.88 47.28
N CYS F 171 -4.82 10.45 46.38
CA CYS F 171 -5.54 9.67 45.39
C CYS F 171 -4.58 9.04 44.41
N TYR F 172 -3.47 9.71 44.13
CA TYR F 172 -2.45 9.08 43.30
C TYR F 172 -1.87 7.84 43.98
N CYS F 173 -1.40 8.01 45.21
CA CYS F 173 -0.63 6.95 45.88
C CYS F 173 -1.40 5.70 46.28
N TYR F 174 -2.69 5.83 46.51
CA TYR F 174 -3.43 4.77 47.17
C TYR F 174 -4.63 4.30 46.36
N GLU F 175 -4.77 4.83 45.14
CA GLU F 175 -5.84 4.46 44.22
C GLU F 175 -6.08 2.98 44.39
N GLY F 176 -7.32 2.54 44.53
CA GLY F 176 -7.65 1.11 44.64
C GLY F 176 -7.24 0.33 45.90
N ASN F 177 -6.64 1.04 46.85
CA ASN F 177 -6.25 0.46 48.11
C ASN F 177 -6.78 1.37 49.18
N LEU F 178 -8.08 1.39 49.33
CA LEU F 178 -8.70 2.35 50.23
C LEU F 178 -8.21 2.18 51.66
N LEU F 179 -7.90 0.94 52.05
CA LEU F 179 -7.57 0.62 53.44
C LEU F 179 -6.30 1.31 53.83
N ALA F 180 -5.52 1.65 52.82
CA ALA F 180 -4.24 2.28 53.03
C ALA F 180 -4.38 3.78 53.00
N LEU F 181 -5.32 4.22 52.19
CA LEU F 181 -5.67 5.61 52.13
C LEU F 181 -6.29 5.98 53.47
N ALA F 182 -7.02 5.04 54.06
CA ALA F 182 -7.71 5.30 55.32
C ALA F 182 -6.74 5.50 56.47
N GLN F 183 -5.73 4.63 56.54
CA GLN F 183 -4.68 4.74 57.52
C GLN F 183 -3.73 5.91 57.25
N ALA F 184 -3.66 6.30 55.98
CA ALA F 184 -2.99 7.54 55.58
C ALA F 184 -3.50 8.78 56.36
N LEU F 185 -4.80 8.91 56.48
CA LEU F 185 -5.34 10.00 57.23
C LEU F 185 -5.10 9.76 58.72
N GLU F 186 -5.55 8.61 59.25
CA GLU F 186 -5.31 8.19 60.65
C GLU F 186 -3.87 8.53 61.05
N ARG F 187 -2.90 8.13 60.20
CA ARG F 187 -1.45 8.45 60.34
C ARG F 187 -1.12 9.98 60.27
N LEU F 188 -1.85 10.75 59.47
CA LEU F 188 -1.58 12.18 59.38
C LEU F 188 -2.25 13.00 60.48
N SER F 189 -3.31 12.48 61.08
CA SER F 189 -3.95 13.19 62.18
C SER F 189 -3.13 12.96 63.45
N LEU F 190 -2.45 11.81 63.53
CA LEU F 190 -1.49 11.56 64.60
C LEU F 190 -0.25 12.42 64.41
N LEU F 191 0.04 12.71 63.14
CA LEU F 191 1.20 13.53 62.79
C LEU F 191 0.96 14.97 63.16
N TRP F 192 -0.15 15.50 62.70
CA TRP F 192 -0.52 16.89 62.99
C TRP F 192 -1.90 17.09 63.56
N PRO F 193 -1.95 17.42 64.85
CA PRO F 193 -3.16 17.75 65.63
C PRO F 193 -3.82 19.06 65.16
N ASP F 194 -3.10 19.83 64.35
CA ASP F 194 -3.68 20.96 63.67
C ASP F 194 -4.94 20.48 63.00
N GLY F 195 -4.79 19.39 62.25
CA GLY F 195 -5.83 18.89 61.36
C GLY F 195 -5.71 19.50 59.97
N LYS F 196 -4.67 20.32 59.78
CA LYS F 196 -4.43 20.98 58.51
C LYS F 196 -3.41 20.23 57.67
N LEU F 197 -3.84 19.74 56.52
CA LEU F 197 -2.98 18.93 55.69
C LEU F 197 -2.53 19.66 54.44
N THR F 198 -1.58 20.58 54.65
CA THR F 198 -0.95 21.31 53.56
C THR F 198 -0.38 20.27 52.59
N LEU F 199 -0.18 20.63 51.33
CA LEU F 199 0.42 19.68 50.42
C LEU F 199 1.78 19.19 50.93
N PRO F 200 2.75 20.11 51.11
CA PRO F 200 4.11 19.68 51.42
C PRO F 200 4.15 18.81 52.68
N ARG F 201 3.28 19.09 53.65
CA ARG F 201 3.21 18.27 54.87
C ARG F 201 2.87 16.83 54.55
N VAL F 202 1.81 16.66 53.75
CA VAL F 202 1.32 15.34 53.34
C VAL F 202 2.30 14.58 52.42
N GLU F 203 3.00 15.33 51.57
CA GLU F 203 3.99 14.71 50.71
C GLU F 203 4.89 13.78 51.51
N GLN F 204 5.38 14.26 52.65
CA GLN F 204 6.47 13.57 53.33
C GLN F 204 6.09 12.29 54.03
N ALA F 205 4.78 12.09 54.18
CA ALA F 205 4.25 10.95 54.96
C ALA F 205 3.52 9.94 54.09
N VAL F 206 3.73 10.07 52.80
CA VAL F 206 3.15 9.15 51.86
C VAL F 206 4.17 8.09 51.31
N ASN F 207 3.66 6.89 51.04
CA ASN F 207 4.40 5.90 50.28
C ASN F 207 3.51 5.37 49.14
N ASP F 208 4.10 4.97 48.02
CA ASP F 208 3.34 4.61 46.83
C ASP F 208 2.81 3.18 46.93
N ALA F 209 1.50 3.00 46.86
CA ALA F 209 0.96 1.63 47.00
C ALA F 209 -0.44 1.40 46.45
N ALA F 210 -0.60 1.55 45.14
CA ALA F 210 -1.88 1.40 44.47
C ALA F 210 -2.09 -0.05 44.06
N HIS F 211 -3.33 -0.52 44.09
CA HIS F 211 -3.67 -1.82 43.49
C HIS F 211 -4.44 -1.52 42.21
N PHE F 212 -3.93 -2.02 41.08
CA PHE F 212 -4.67 -2.00 39.84
C PHE F 212 -4.99 -3.40 39.41
N THR F 213 -5.94 -3.50 38.49
CA THR F 213 -6.14 -4.73 37.72
C THR F 213 -5.59 -4.52 36.31
N PRO F 214 -5.30 -5.61 35.59
CA PRO F 214 -4.79 -5.49 34.24
C PRO F 214 -5.67 -4.53 33.49
N PHE F 215 -6.95 -4.48 33.81
CA PHE F 215 -7.84 -3.66 33.02
C PHE F 215 -7.42 -2.22 33.06
N HIS F 216 -7.07 -1.73 34.23
CA HIS F 216 -6.70 -0.34 34.39
C HIS F 216 -5.62 0.05 33.42
N TRP F 217 -4.79 -0.91 33.06
CA TRP F 217 -3.67 -0.68 32.19
C TRP F 217 -4.15 -0.53 30.78
N VAL F 218 -4.92 -1.49 30.27
CA VAL F 218 -5.45 -1.35 28.92
C VAL F 218 -6.31 -0.10 28.80
N ASP F 219 -7.10 0.20 29.82
CA ASP F 219 -7.80 1.47 29.83
C ASP F 219 -6.77 2.56 29.56
N ALA F 220 -5.73 2.60 30.37
CA ALA F 220 -4.77 3.67 30.25
C ALA F 220 -4.09 3.70 28.90
N LEU F 221 -3.83 2.55 28.30
CA LEU F 221 -3.30 2.56 26.94
C LEU F 221 -4.38 3.11 26.01
N LEU F 222 -5.57 2.53 26.02
CA LEU F 222 -6.65 3.04 25.21
C LEU F 222 -6.77 4.56 25.20
N MET F 223 -6.56 5.23 26.33
CA MET F 223 -6.69 6.68 26.35
C MET F 223 -5.42 7.43 26.09
N GLY F 224 -4.32 6.70 25.98
CA GLY F 224 -3.05 7.30 25.63
C GLY F 224 -2.24 7.87 26.78
N LYS F 225 -2.75 7.79 28.01
CA LYS F 225 -2.02 8.33 29.16
C LYS F 225 -0.89 7.37 29.48
N SER F 226 0.36 7.77 29.26
CA SER F 226 1.42 6.78 29.34
C SER F 226 2.13 6.80 30.68
N LYS F 227 2.31 7.98 31.26
CA LYS F 227 2.94 8.00 32.56
C LYS F 227 2.09 7.13 33.47
N ARG F 228 0.77 7.23 33.35
CA ARG F 228 -0.16 6.35 34.06
C ARG F 228 0.15 4.89 33.78
N ALA F 229 0.13 4.49 32.51
CA ALA F 229 0.48 3.12 32.13
C ALA F 229 1.66 2.60 32.91
N LEU F 230 2.79 3.28 32.77
CA LEU F 230 4.02 2.83 33.37
C LEU F 230 3.96 2.61 34.87
N HIS F 231 3.18 3.42 35.56
CA HIS F 231 2.96 3.30 37.01
C HIS F 231 2.22 2.03 37.26
N ILE F 232 1.14 1.88 36.53
CA ILE F 232 0.30 0.71 36.61
C ILE F 232 1.07 -0.59 36.38
N LEU F 233 2.04 -0.63 35.45
CA LEU F 233 2.87 -1.85 35.27
C LEU F 233 3.66 -2.13 36.52
N GLN F 234 4.48 -1.15 36.89
CA GLN F 234 5.37 -1.32 38.01
C GLN F 234 4.64 -1.71 39.30
N GLN F 235 3.38 -1.31 39.47
CA GLN F 235 2.62 -1.77 40.63
C GLN F 235 2.13 -3.18 40.37
N LEU F 236 1.69 -3.43 39.14
CA LEU F 236 1.20 -4.75 38.75
C LEU F 236 2.28 -5.80 38.88
N ARG F 237 3.55 -5.39 38.76
CA ARG F 237 4.67 -6.28 39.05
C ARG F 237 4.78 -6.58 40.52
N LEU F 238 5.01 -5.56 41.32
CA LEU F 238 5.22 -5.80 42.74
C LEU F 238 4.01 -6.44 43.43
N GLU F 239 2.94 -6.70 42.69
CA GLU F 239 1.84 -7.49 43.25
C GLU F 239 1.97 -8.93 42.81
N GLY F 240 2.87 -9.15 41.84
CA GLY F 240 3.15 -10.44 41.25
C GLY F 240 2.09 -10.94 40.28
N SER F 241 1.57 -10.06 39.43
CA SER F 241 0.57 -10.52 38.46
C SER F 241 1.25 -11.41 37.42
N GLU F 242 0.55 -12.46 37.00
CA GLU F 242 1.09 -13.31 35.97
C GLU F 242 1.05 -12.49 34.69
N PRO F 243 2.23 -12.33 34.05
CA PRO F 243 2.30 -11.44 32.89
C PRO F 243 1.49 -12.03 31.75
N VAL F 244 1.27 -13.33 31.79
CA VAL F 244 0.36 -13.87 30.83
C VAL F 244 -0.98 -13.13 30.93
N ILE F 245 -1.48 -12.83 32.12
CA ILE F 245 -2.81 -12.24 32.20
C ILE F 245 -2.84 -10.90 31.51
N LEU F 246 -1.72 -10.17 31.60
CA LEU F 246 -1.64 -8.88 30.94
C LEU F 246 -1.73 -9.11 29.45
N LEU F 247 -0.86 -9.95 28.92
CA LEU F 247 -0.90 -10.24 27.49
C LEU F 247 -2.31 -10.53 26.99
N ARG F 248 -3.02 -11.46 27.62
CA ARG F 248 -4.28 -11.89 27.05
C ARG F 248 -5.31 -10.79 27.15
N THR F 249 -5.21 -9.90 28.14
CA THR F 249 -6.20 -8.82 28.18
C THR F 249 -5.83 -7.65 27.30
N LEU F 250 -4.54 -7.35 27.15
CA LEU F 250 -4.15 -6.33 26.19
C LEU F 250 -4.50 -6.79 24.79
N GLN F 251 -4.58 -8.09 24.62
CA GLN F 251 -4.95 -8.64 23.35
C GLN F 251 -6.44 -8.60 23.05
N ARG F 252 -7.33 -8.86 23.98
CA ARG F 252 -8.74 -8.79 23.62
C ARG F 252 -9.01 -7.44 22.99
N GLU F 253 -8.34 -6.41 23.51
CA GLU F 253 -8.63 -5.07 23.09
C GLU F 253 -7.81 -4.67 21.89
N LEU F 254 -6.58 -5.11 21.86
CA LEU F 254 -5.70 -4.75 20.77
C LEU F 254 -6.13 -5.38 19.46
N LEU F 255 -6.66 -6.60 19.51
CA LEU F 255 -7.22 -7.21 18.32
C LEU F 255 -8.55 -6.61 17.96
N LEU F 256 -9.36 -6.30 18.94
CA LEU F 256 -10.58 -5.56 18.64
C LEU F 256 -10.30 -4.20 17.95
N LEU F 257 -9.43 -3.36 18.49
CA LEU F 257 -8.99 -2.16 17.76
C LEU F 257 -8.63 -2.49 16.32
N VAL F 258 -7.67 -3.39 16.11
CA VAL F 258 -7.31 -3.80 14.77
C VAL F 258 -8.56 -3.94 13.92
N ASN F 259 -9.54 -4.67 14.44
CA ASN F 259 -10.68 -5.05 13.63
C ASN F 259 -11.67 -3.89 13.37
N LEU F 260 -11.74 -2.95 14.29
CA LEU F 260 -12.56 -1.78 14.05
C LEU F 260 -11.90 -0.80 13.06
N LYS F 261 -10.67 -0.40 13.34
CA LYS F 261 -9.91 0.48 12.44
C LYS F 261 -9.98 0.07 10.96
N ARG F 262 -10.26 -1.20 10.68
CA ARG F 262 -10.44 -1.62 9.32
C ARG F 262 -11.80 -1.22 8.86
N GLN F 263 -12.81 -1.71 9.55
CA GLN F 263 -14.19 -1.47 9.13
C GLN F 263 -14.62 -0.02 9.23
N SER F 264 -13.82 0.80 9.91
CA SER F 264 -14.16 2.19 10.16
C SER F 264 -14.18 3.05 8.90
N ALA F 265 -13.52 2.59 7.82
CA ALA F 265 -13.57 3.27 6.50
C ALA F 265 -14.90 3.03 5.75
N HIS F 266 -15.46 1.83 5.93
CA HIS F 266 -16.71 1.45 5.27
C HIS F 266 -17.98 1.94 6.01
N THR F 267 -18.17 1.46 7.22
CA THR F 267 -19.36 1.77 8.03
C THR F 267 -19.08 2.76 9.20
N PRO F 268 -20.13 3.42 9.76
CA PRO F 268 -19.78 4.55 10.64
C PRO F 268 -19.27 3.95 11.92
N LEU F 269 -18.70 4.81 12.76
CA LEU F 269 -18.09 4.36 14.01
C LEU F 269 -19.17 3.74 14.90
N ARG F 270 -20.28 4.48 15.03
CA ARG F 270 -21.44 4.16 15.89
C ARG F 270 -22.11 2.83 15.60
N ALA F 271 -22.12 2.44 14.33
CA ALA F 271 -22.69 1.17 13.91
C ALA F 271 -21.77 0.04 14.36
N LEU F 272 -20.46 0.24 14.18
CA LEU F 272 -19.49 -0.80 14.51
C LEU F 272 -19.48 -1.13 15.98
N PHE F 273 -19.53 -0.11 16.85
CA PHE F 273 -19.56 -0.36 18.29
C PHE F 273 -20.74 -1.26 18.66
N ASP F 274 -21.84 -1.06 17.95
CA ASP F 274 -23.07 -1.81 18.18
C ASP F 274 -22.89 -3.23 17.66
N LYS F 275 -22.45 -3.35 16.40
CA LYS F 275 -22.19 -4.66 15.78
C LYS F 275 -21.48 -5.58 16.78
N HIS F 276 -20.50 -5.01 17.48
CA HIS F 276 -19.55 -5.77 18.36
C HIS F 276 -19.95 -5.90 19.84
N ARG F 277 -20.94 -5.12 20.26
CA ARG F 277 -21.36 -5.14 21.65
C ARG F 277 -20.21 -4.62 22.47
N VAL F 278 -19.97 -3.34 22.30
CA VAL F 278 -18.98 -2.64 23.12
C VAL F 278 -19.66 -1.91 24.27
N TRP F 279 -19.47 -2.43 25.49
CA TRP F 279 -20.00 -1.83 26.73
C TRP F 279 -20.12 -0.30 26.57
N GLN F 280 -21.25 0.30 26.92
CA GLN F 280 -21.42 1.74 26.66
C GLN F 280 -20.34 2.70 27.23
N ASN F 281 -19.84 2.44 28.44
CA ASN F 281 -18.85 3.32 29.06
C ASN F 281 -17.46 3.25 28.46
N ARG F 282 -17.15 2.11 27.82
CA ARG F 282 -15.88 1.91 27.09
C ARG F 282 -15.87 2.71 25.78
N ARG F 283 -17.06 2.97 25.24
CA ARG F 283 -17.19 3.41 23.85
C ARG F 283 -16.55 4.75 23.53
N GLY F 284 -16.54 5.65 24.50
CA GLY F 284 -15.94 6.95 24.27
C GLY F 284 -14.44 6.75 24.14
N MET F 285 -13.89 6.13 25.18
CA MET F 285 -12.49 5.71 25.29
C MET F 285 -11.90 5.09 24.00
N MET F 286 -12.58 4.09 23.46
CA MET F 286 -12.25 3.46 22.19
C MET F 286 -12.03 4.41 21.04
N GLY F 287 -13.05 5.23 20.79
CA GLY F 287 -12.98 6.23 19.75
C GLY F 287 -11.67 6.98 19.86
N GLU F 288 -11.44 7.55 21.04
CA GLU F 288 -10.20 8.27 21.30
C GLU F 288 -8.99 7.53 20.73
N ALA F 289 -8.91 6.26 21.09
CA ALA F 289 -7.83 5.39 20.65
C ALA F 289 -7.83 5.23 19.13
N LEU F 290 -8.95 4.78 18.58
CA LEU F 290 -9.10 4.62 17.14
C LEU F 290 -8.62 5.85 16.32
N ASN F 291 -8.80 7.04 16.89
CA ASN F 291 -8.35 8.28 16.27
C ASN F 291 -6.87 8.56 16.29
N ARG F 292 -6.24 8.26 17.41
CA ARG F 292 -4.84 8.56 17.57
C ARG F 292 -3.95 7.51 16.89
N LEU F 293 -4.45 6.29 16.79
CA LEU F 293 -3.60 5.18 16.32
C LEU F 293 -3.78 4.83 14.86
N SER F 294 -2.68 4.78 14.11
CA SER F 294 -2.72 4.39 12.71
C SER F 294 -3.05 2.91 12.53
N GLN F 295 -3.54 2.55 11.36
CA GLN F 295 -3.71 1.15 11.05
C GLN F 295 -2.34 0.38 11.02
N THR F 296 -1.24 1.13 11.05
CA THR F 296 0.12 0.61 10.99
C THR F 296 0.65 0.53 12.38
N GLN F 297 0.38 1.52 13.22
CA GLN F 297 0.77 1.41 14.61
C GLN F 297 0.05 0.23 15.19
N LEU F 298 -1.21 0.03 14.83
CA LEU F 298 -1.91 -1.13 15.33
C LEU F 298 -1.21 -2.38 14.93
N ARG F 299 -0.74 -2.45 13.68
CA ARG F 299 -0.02 -3.63 13.22
C ARG F 299 1.26 -3.90 14.05
N GLN F 300 2.10 -2.88 14.24
CA GLN F 300 3.33 -3.03 15.01
C GLN F 300 3.03 -3.44 16.42
N ALA F 301 1.93 -2.90 16.93
CA ALA F 301 1.43 -3.29 18.23
C ALA F 301 1.21 -4.79 18.24
N VAL F 302 0.42 -5.30 17.29
CA VAL F 302 0.15 -6.72 17.27
C VAL F 302 1.42 -7.52 17.09
N GLN F 303 2.38 -7.05 16.29
CA GLN F 303 3.59 -7.82 16.00
C GLN F 303 4.45 -7.99 17.21
N LEU F 304 4.51 -6.90 17.96
CA LEU F 304 5.31 -6.77 19.14
C LEU F 304 4.69 -7.52 20.31
N LEU F 305 3.38 -7.49 20.44
CA LEU F 305 2.71 -8.37 21.39
C LEU F 305 3.05 -9.84 21.10
N THR F 306 3.03 -10.23 19.84
CA THR F 306 3.47 -11.56 19.43
C THR F 306 4.92 -11.89 19.78
N ARG F 307 5.87 -10.98 19.59
CA ARG F 307 7.24 -11.36 19.90
C ARG F 307 7.40 -11.55 21.38
N THR F 308 6.65 -10.82 22.18
CA THR F 308 6.79 -11.03 23.61
C THR F 308 6.17 -12.36 24.02
N GLU F 309 5.09 -12.76 23.35
CA GLU F 309 4.40 -13.97 23.69
C GLU F 309 5.30 -15.12 23.38
N LEU F 310 5.94 -15.06 22.22
CA LEU F 310 6.88 -16.12 21.87
C LEU F 310 8.08 -16.11 22.78
N THR F 311 8.64 -14.94 23.03
CA THR F 311 9.70 -14.87 24.02
C THR F 311 9.32 -15.45 25.40
N LEU F 312 8.04 -15.32 25.82
CA LEU F 312 7.65 -15.80 27.12
C LEU F 312 7.54 -17.30 27.08
N LYS F 313 6.80 -17.82 26.11
CA LYS F 313 6.34 -19.19 26.21
C LYS F 313 7.20 -20.18 25.49
N GLN F 314 8.10 -19.68 24.67
CA GLN F 314 8.99 -20.56 23.94
C GLN F 314 10.44 -20.41 24.35
N ASP F 315 10.93 -19.20 24.57
CA ASP F 315 12.34 -18.99 24.92
C ASP F 315 12.59 -18.85 26.40
N TYR F 316 11.51 -18.87 27.19
CA TYR F 316 11.58 -18.78 28.65
C TYR F 316 12.35 -17.53 29.12
N GLY F 317 12.09 -16.43 28.41
CA GLY F 317 12.71 -15.14 28.69
C GLY F 317 12.16 -14.26 29.83
N GLN F 318 13.06 -13.44 30.33
CA GLN F 318 12.87 -12.62 31.52
C GLN F 318 12.37 -11.24 31.07
N SER F 319 12.76 -10.89 29.85
CA SER F 319 12.43 -9.62 29.23
C SER F 319 10.97 -9.24 29.43
N VAL F 320 10.09 -10.24 29.54
CA VAL F 320 8.66 -10.01 29.42
C VAL F 320 8.18 -8.70 30.01
N TRP F 321 8.57 -8.41 31.25
CA TRP F 321 8.07 -7.17 31.88
C TRP F 321 8.49 -5.87 31.19
N ALA F 322 9.69 -5.83 30.62
CA ALA F 322 10.22 -4.63 29.98
C ALA F 322 9.87 -4.58 28.51
N GLU F 323 9.31 -5.67 28.00
CA GLU F 323 8.84 -5.68 26.63
C GLU F 323 7.47 -5.06 26.57
N LEU F 324 6.76 -5.18 27.66
CA LEU F 324 5.48 -4.56 27.80
C LEU F 324 5.65 -3.09 28.18
N GLU F 325 6.72 -2.74 28.89
CA GLU F 325 6.95 -1.33 29.20
C GLU F 325 7.08 -0.63 27.86
N GLY F 326 7.72 -1.29 26.91
CA GLY F 326 7.90 -0.76 25.56
C GLY F 326 6.64 -0.78 24.73
N LEU F 327 5.98 -1.92 24.64
CA LEU F 327 4.66 -1.98 24.01
C LEU F 327 3.73 -0.91 24.57
N SER F 328 3.96 -0.49 25.80
CA SER F 328 3.04 0.40 26.43
C SER F 328 3.27 1.73 25.81
N LEU F 329 4.54 2.12 25.68
CA LEU F 329 4.89 3.40 25.04
C LEU F 329 4.49 3.44 23.56
N LEU F 330 4.60 2.34 22.84
CA LEU F 330 4.24 2.40 21.41
C LEU F 330 2.76 2.76 21.21
N LEU F 331 1.91 2.35 22.17
CA LEU F 331 0.48 2.57 22.06
C LEU F 331 0.11 3.94 22.61
N CYS F 332 1.09 4.83 22.70
CA CYS F 332 0.85 6.19 23.21
C CYS F 332 1.56 7.28 22.36
N HIS F 333 1.16 7.42 21.10
CA HIS F 333 1.73 8.46 20.21
C HIS F 333 0.71 9.28 19.40
N GLY G 13 55.84 -12.36 65.02
CA GLY G 13 57.12 -12.78 65.56
C GLY G 13 57.58 -11.92 66.72
N LEU G 14 58.47 -10.97 66.44
CA LEU G 14 58.93 -10.05 67.47
C LEU G 14 57.91 -8.97 67.91
N GLU G 15 56.95 -8.64 67.04
CA GLU G 15 56.00 -7.53 67.29
C GLU G 15 55.10 -7.73 68.50
N VAL G 16 55.11 -8.94 69.05
CA VAL G 16 54.12 -9.37 70.04
C VAL G 16 54.20 -8.56 71.33
N LEU G 17 55.44 -8.26 71.76
CA LEU G 17 55.65 -7.55 73.02
C LEU G 17 54.85 -6.23 73.11
N PHE G 18 54.55 -5.64 71.95
CA PHE G 18 54.03 -4.29 71.92
C PHE G 18 52.56 -4.17 71.62
N GLN G 19 51.92 -5.27 71.19
CA GLN G 19 50.46 -5.28 71.10
C GLN G 19 49.84 -5.37 72.52
N GLY G 20 48.65 -4.79 72.69
CA GLY G 20 48.01 -4.67 74.01
C GLY G 20 46.88 -5.64 74.23
N PRO G 21 46.25 -5.61 75.42
CA PRO G 21 45.37 -6.73 75.80
C PRO G 21 44.33 -7.00 74.71
N HIS G 22 44.18 -8.26 74.31
CA HIS G 22 43.24 -8.51 73.24
C HIS G 22 41.88 -8.06 73.70
N MET G 23 41.16 -7.42 72.79
CA MET G 23 39.79 -7.01 73.06
C MET G 23 38.99 -7.30 71.80
N SER G 24 37.72 -7.63 71.94
CA SER G 24 36.87 -7.90 70.78
C SER G 24 35.71 -6.94 70.80
N TYR G 25 35.72 -5.99 69.86
CA TYR G 25 34.67 -4.99 69.78
C TYR G 25 33.38 -5.60 69.29
N GLN G 26 32.28 -4.98 69.71
CA GLN G 26 30.96 -5.32 69.21
C GLN G 26 30.94 -4.97 67.74
N VAL G 27 30.31 -5.82 66.95
CA VAL G 27 30.03 -5.48 65.56
C VAL G 27 29.37 -4.15 65.57
N LEU G 28 29.59 -3.31 64.56
CA LEU G 28 28.97 -1.98 64.57
C LEU G 28 27.48 -2.06 64.41
N ALA G 29 27.06 -2.87 63.45
CA ALA G 29 25.65 -3.16 63.26
C ALA G 29 24.89 -3.37 64.57
N ARG G 30 25.45 -4.17 65.49
CA ARG G 30 24.80 -4.46 66.76
C ARG G 30 24.97 -3.33 67.76
N LYS G 31 26.19 -2.84 67.97
CA LYS G 31 26.46 -1.88 69.05
C LYS G 31 25.60 -0.67 68.91
N TRP G 32 25.54 -0.10 67.71
CA TRP G 32 24.90 1.20 67.50
C TRP G 32 23.40 1.24 67.18
N ARG G 33 22.71 0.16 67.55
CA ARG G 33 21.25 0.09 67.50
C ARG G 33 20.76 1.08 68.51
N PRO G 34 19.94 2.05 68.07
CA PRO G 34 19.43 3.17 68.87
C PRO G 34 18.58 2.68 70.04
N GLN G 35 18.80 3.24 71.23
CA GLN G 35 18.01 2.85 72.41
C GLN G 35 17.07 3.98 72.83
N THR G 36 17.23 5.12 72.17
CA THR G 36 16.44 6.32 72.40
C THR G 36 15.84 6.77 71.08
N PHE G 37 14.69 7.44 71.14
CA PHE G 37 14.10 7.99 69.92
C PHE G 37 15.01 9.00 69.23
N ALA G 38 15.56 9.94 70.01
CA ALA G 38 16.57 10.88 69.51
C ALA G 38 17.60 10.19 68.61
N ASP G 39 18.02 8.99 69.04
CA ASP G 39 19.10 8.23 68.41
C ASP G 39 18.80 7.72 67.01
N VAL G 40 17.54 7.70 66.61
CA VAL G 40 17.15 7.10 65.34
C VAL G 40 17.31 8.06 64.15
N VAL G 41 17.87 7.54 63.07
CA VAL G 41 18.15 8.33 61.89
C VAL G 41 16.90 8.45 61.04
N GLY G 42 16.53 9.68 60.67
CA GLY G 42 15.38 9.91 59.82
C GLY G 42 14.12 9.17 60.30
N GLN G 43 13.34 8.70 59.33
CA GLN G 43 12.17 7.90 59.66
C GLN G 43 11.18 8.70 60.49
N GLU G 44 11.18 9.99 60.22
CA GLU G 44 10.59 10.94 61.12
C GLU G 44 9.09 10.97 61.06
N HIS G 45 8.53 10.45 59.97
CA HIS G 45 7.10 10.46 59.78
C HIS G 45 6.51 9.27 60.51
N VAL G 46 7.36 8.45 61.09
CA VAL G 46 6.85 7.32 61.86
C VAL G 46 7.00 7.68 63.30
N LEU G 47 8.22 8.07 63.66
CA LEU G 47 8.50 8.50 65.03
C LEU G 47 7.51 9.56 65.51
N THR G 48 7.36 10.64 64.75
CA THR G 48 6.47 11.71 65.16
C THR G 48 5.03 11.24 65.40
N ALA G 49 4.54 10.28 64.62
CA ALA G 49 3.17 9.83 64.81
C ALA G 49 3.08 8.84 65.95
N LEU G 50 4.16 8.09 66.18
CA LEU G 50 4.23 7.27 67.38
C LEU G 50 4.28 8.19 68.59
N ALA G 51 5.31 9.02 68.64
CA ALA G 51 5.51 9.96 69.72
C ALA G 51 4.20 10.58 70.15
N ASN G 52 3.60 11.34 69.23
CA ASN G 52 2.34 12.04 69.51
C ASN G 52 1.23 11.08 70.03
N GLY G 53 1.10 9.89 69.44
CA GLY G 53 0.10 8.93 69.86
C GLY G 53 0.29 8.39 71.27
N LEU G 54 1.54 8.24 71.68
CA LEU G 54 1.85 7.86 73.04
C LEU G 54 1.45 9.04 73.88
N SER G 55 2.13 10.16 73.65
CA SER G 55 1.76 11.46 74.24
C SER G 55 0.23 11.70 74.47
N LEU G 56 -0.57 11.65 73.39
CA LEU G 56 -2.00 12.00 73.41
C LEU G 56 -2.96 10.81 73.53
N GLY G 57 -2.47 9.73 74.17
CA GLY G 57 -3.29 8.58 74.50
C GLY G 57 -3.89 7.72 73.38
N ARG G 58 -3.37 7.84 72.16
CA ARG G 58 -3.93 7.10 71.03
C ARG G 58 -3.09 5.89 70.66
N ILE G 59 -3.20 4.81 71.43
CA ILE G 59 -2.45 3.59 71.09
C ILE G 59 -3.31 2.51 70.46
N HIS G 60 -3.04 2.18 69.20
CA HIS G 60 -3.85 1.19 68.50
C HIS G 60 -3.45 -0.13 69.07
N HIS G 61 -4.29 -1.13 68.88
CA HIS G 61 -4.06 -2.38 69.55
C HIS G 61 -2.89 -3.08 68.88
N ALA G 62 -2.52 -2.62 67.68
CA ALA G 62 -1.53 -3.34 66.85
C ALA G 62 -0.85 -2.52 65.72
N TYR G 63 0.48 -2.47 65.75
CA TYR G 63 1.26 -1.74 64.76
C TYR G 63 1.97 -2.73 63.84
N LEU G 64 2.13 -2.35 62.56
CA LEU G 64 2.93 -3.11 61.56
C LEU G 64 4.09 -2.28 60.97
N PHE G 65 5.32 -2.75 61.09
CA PHE G 65 6.43 -1.99 60.55
C PHE G 65 7.06 -2.65 59.34
N SER G 66 7.03 -1.93 58.20
CA SER G 66 7.57 -2.38 56.89
C SER G 66 8.57 -1.42 56.26
N GLY G 67 9.22 -1.86 55.18
CA GLY G 67 10.32 -1.13 54.57
C GLY G 67 11.50 -2.05 54.31
N THR G 68 12.64 -1.52 53.87
CA THR G 68 13.72 -2.40 53.41
C THR G 68 14.74 -2.78 54.46
N ARG G 69 15.39 -3.90 54.22
CA ARG G 69 16.42 -4.42 55.10
C ARG G 69 17.21 -3.31 55.70
N GLY G 70 17.28 -3.28 57.02
CA GLY G 70 18.21 -2.37 57.68
C GLY G 70 17.87 -0.89 57.67
N VAL G 71 16.62 -0.54 57.91
CA VAL G 71 16.25 0.86 57.92
C VAL G 71 15.66 1.29 59.28
N GLY G 72 15.47 0.32 60.17
CA GLY G 72 15.01 0.61 61.51
C GLY G 72 13.73 -0.06 61.93
N LYS G 73 13.24 -1.03 61.14
CA LYS G 73 11.98 -1.74 61.40
C LYS G 73 11.95 -2.34 62.77
N THR G 74 12.89 -3.21 63.08
CA THR G 74 12.77 -3.85 64.37
C THR G 74 13.32 -2.95 65.44
N SER G 75 14.17 -2.00 65.06
CA SER G 75 14.74 -1.14 66.07
C SER G 75 13.67 -0.27 66.69
N ILE G 76 12.83 0.34 65.85
CA ILE G 76 11.75 1.17 66.34
C ILE G 76 10.73 0.32 67.06
N ALA G 77 10.53 -0.93 66.63
CA ALA G 77 9.62 -1.82 67.35
C ALA G 77 10.03 -1.90 68.81
N ARG G 78 11.30 -2.12 69.05
CA ARG G 78 11.83 -2.20 70.41
C ARG G 78 11.78 -0.86 71.16
N LEU G 79 11.77 0.27 70.46
CA LEU G 79 11.62 1.56 71.14
C LEU G 79 10.21 1.73 71.64
N LEU G 80 9.26 1.56 70.72
CA LEU G 80 7.85 1.55 71.08
C LEU G 80 7.59 0.70 72.30
N ALA G 81 8.28 -0.42 72.43
CA ALA G 81 8.04 -1.27 73.59
C ALA G 81 8.52 -0.62 74.88
N LYS G 82 9.64 0.09 74.80
CA LYS G 82 10.18 0.81 75.94
C LYS G 82 9.27 1.97 76.32
N GLY G 83 8.95 2.80 75.34
CA GLY G 83 8.04 3.90 75.57
C GLY G 83 6.67 3.45 76.02
N LEU G 84 6.34 2.19 75.78
CA LEU G 84 5.02 1.66 76.13
C LEU G 84 4.97 1.12 77.55
N ASN G 85 6.14 0.96 78.15
CA ASN G 85 6.23 0.25 79.41
C ASN G 85 7.14 0.94 80.39
N CYS G 86 7.61 2.12 80.03
CA CYS G 86 8.59 2.80 80.88
C CYS G 86 8.04 3.00 82.28
N GLU G 87 8.96 3.03 83.24
CA GLU G 87 8.63 3.23 84.65
C GLU G 87 8.12 4.65 84.95
N THR G 88 8.67 5.60 84.19
CA THR G 88 8.23 7.00 84.15
C THR G 88 6.81 7.12 83.56
N GLY G 89 6.41 6.14 82.76
CA GLY G 89 5.08 6.11 82.19
C GLY G 89 5.10 6.12 80.68
N ILE G 90 3.96 5.82 80.06
CA ILE G 90 3.82 5.89 78.60
C ILE G 90 4.34 7.21 78.00
N THR G 91 5.48 7.14 77.31
CA THR G 91 6.16 8.36 76.82
C THR G 91 6.80 8.17 75.46
N ALA G 92 7.00 9.30 74.77
CA ALA G 92 7.67 9.36 73.48
C ALA G 92 9.16 9.59 73.72
N THR G 93 9.50 9.80 74.98
CA THR G 93 10.87 10.08 75.35
C THR G 93 11.30 9.07 76.42
N PRO G 94 11.18 7.75 76.13
CA PRO G 94 11.59 6.72 77.09
C PRO G 94 13.00 7.02 77.63
N CYS G 95 13.28 6.56 78.85
CA CYS G 95 14.46 7.02 79.59
C CYS G 95 15.74 6.19 79.38
N GLY G 96 15.59 4.90 79.05
CA GLY G 96 16.72 4.03 78.71
C GLY G 96 17.60 3.66 79.89
N VAL G 97 17.13 4.04 81.09
CA VAL G 97 17.88 3.86 82.33
C VAL G 97 17.13 3.06 83.42
N CYS G 98 15.82 3.28 83.59
CA CYS G 98 15.03 2.54 84.60
C CYS G 98 15.16 1.01 84.40
N ASP G 99 14.93 0.25 85.47
CA ASP G 99 14.98 -1.23 85.42
C ASP G 99 14.39 -1.79 84.08
N ASN G 100 13.13 -1.46 83.82
CA ASN G 100 12.43 -1.86 82.59
C ASN G 100 13.15 -1.46 81.28
N CYS G 101 13.79 -0.31 81.23
CA CYS G 101 14.37 0.16 79.96
C CYS G 101 15.73 -0.50 79.64
N ARG G 102 16.59 -0.66 80.64
CA ARG G 102 17.83 -1.40 80.43
C ARG G 102 17.50 -2.88 80.31
N GLU G 103 16.49 -3.35 81.05
CA GLU G 103 16.03 -4.74 80.92
C GLU G 103 15.68 -5.11 79.46
N ILE G 104 15.04 -4.19 78.73
CA ILE G 104 14.70 -4.43 77.32
C ILE G 104 15.95 -4.28 76.40
N GLU G 105 16.73 -3.23 76.66
CA GLU G 105 18.00 -2.94 75.98
C GLU G 105 18.87 -4.20 75.96
N GLN G 106 18.87 -4.91 77.09
CA GLN G 106 19.71 -6.07 77.38
C GLN G 106 19.28 -7.32 76.62
N GLY G 107 17.99 -7.60 76.65
CA GLY G 107 17.46 -8.80 76.03
C GLY G 107 16.33 -9.40 76.85
N ARG G 108 16.47 -9.37 78.18
CA ARG G 108 15.53 -10.07 79.06
C ARG G 108 14.54 -9.16 79.81
N PHE G 109 13.41 -8.88 79.15
CA PHE G 109 12.28 -8.22 79.80
C PHE G 109 11.05 -9.12 79.72
N VAL G 110 10.66 -9.61 80.90
CA VAL G 110 9.56 -10.54 81.11
C VAL G 110 8.28 -10.32 80.30
N ASP G 111 7.94 -9.08 80.00
CA ASP G 111 6.72 -8.84 79.24
C ASP G 111 6.98 -8.22 77.88
N LEU G 112 8.18 -8.45 77.35
CA LEU G 112 8.47 -8.22 75.93
C LEU G 112 8.82 -9.55 75.25
N ILE G 113 7.79 -10.15 74.67
CA ILE G 113 7.90 -11.47 74.10
C ILE G 113 8.26 -11.29 72.64
N GLU G 114 9.55 -11.34 72.34
CA GLU G 114 10.00 -11.18 70.95
C GLU G 114 10.06 -12.50 70.21
N ILE G 115 9.10 -12.70 69.33
CA ILE G 115 8.97 -13.93 68.57
C ILE G 115 9.75 -13.84 67.24
N ASP G 116 10.72 -14.73 67.03
CA ASP G 116 11.36 -14.83 65.71
C ASP G 116 10.46 -15.71 64.86
N ALA G 117 9.51 -15.07 64.18
CA ALA G 117 8.44 -15.79 63.52
C ALA G 117 8.91 -16.65 62.37
N ALA G 118 10.16 -16.49 61.94
CA ALA G 118 10.66 -17.16 60.75
C ALA G 118 11.11 -18.54 61.08
N SER G 119 11.34 -18.80 62.37
CA SER G 119 11.70 -20.14 62.81
C SER G 119 10.70 -20.71 63.75
N ARG G 120 9.63 -19.96 64.04
CA ARG G 120 8.49 -20.46 64.78
C ARG G 120 7.26 -20.12 63.95
N THR G 121 7.05 -20.82 62.86
CA THR G 121 5.99 -20.48 61.93
C THR G 121 4.86 -21.49 61.85
N LYS G 122 5.07 -22.71 62.33
CA LYS G 122 4.03 -23.73 62.25
C LYS G 122 2.87 -23.30 63.19
N VAL G 123 1.71 -23.98 63.16
CA VAL G 123 0.58 -23.45 63.94
C VAL G 123 0.72 -23.83 65.37
N GLU G 124 1.03 -25.10 65.60
CA GLU G 124 1.22 -25.62 66.94
C GLU G 124 1.85 -24.56 67.83
N ASP G 125 2.83 -23.84 67.27
CA ASP G 125 3.67 -22.87 68.01
C ASP G 125 3.04 -21.53 68.18
N THR G 126 2.20 -21.14 67.24
CA THR G 126 1.47 -19.89 67.38
C THR G 126 0.30 -20.07 68.35
N ARG G 127 -0.32 -21.23 68.30
CA ARG G 127 -1.40 -21.56 69.21
C ARG G 127 -0.91 -21.48 70.62
N ASP G 128 0.34 -21.87 70.85
CA ASP G 128 0.88 -21.83 72.20
C ASP G 128 1.28 -20.44 72.62
N LEU G 129 2.01 -19.76 71.74
CA LEU G 129 2.31 -18.39 72.00
C LEU G 129 1.06 -17.68 72.50
N LEU G 130 -0.04 -17.82 71.78
CA LEU G 130 -1.29 -17.15 72.16
C LEU G 130 -2.10 -17.73 73.34
N ASP G 131 -1.72 -18.87 73.91
CA ASP G 131 -2.50 -19.38 75.04
C ASP G 131 -2.18 -18.57 76.30
N ASN G 132 -1.04 -17.89 76.24
CA ASN G 132 -0.59 -17.04 77.32
C ASN G 132 -0.93 -15.55 77.14
N VAL G 133 -1.56 -15.23 76.01
CA VAL G 133 -1.97 -13.85 75.71
C VAL G 133 -2.90 -13.30 76.76
N GLN G 134 -3.73 -14.19 77.30
CA GLN G 134 -4.83 -13.84 78.17
C GLN G 134 -4.49 -13.51 79.64
N TYR G 135 -3.48 -14.19 80.17
CA TYR G 135 -2.89 -13.85 81.48
C TYR G 135 -2.31 -12.43 81.53
N ALA G 136 -2.64 -11.70 82.59
CA ALA G 136 -2.11 -10.34 82.74
C ALA G 136 -0.57 -10.35 82.86
N PRO G 137 0.07 -9.20 82.53
CA PRO G 137 1.52 -8.99 82.51
C PRO G 137 2.14 -8.82 83.89
N ALA G 138 3.33 -9.34 84.05
CA ALA G 138 3.92 -9.44 85.38
C ALA G 138 4.97 -8.38 85.76
N ARG G 139 5.28 -7.41 84.89
CA ARG G 139 6.12 -6.30 85.34
C ARG G 139 5.68 -4.90 84.92
N GLY G 140 5.23 -4.74 83.70
CA GLY G 140 4.89 -3.41 83.23
C GLY G 140 3.43 -3.24 82.83
N ARG G 141 3.12 -2.09 82.25
CA ARG G 141 1.77 -1.71 81.86
C ARG G 141 1.20 -2.65 80.81
N PHE G 142 2.07 -3.28 80.04
CA PHE G 142 1.62 -3.92 78.83
C PHE G 142 2.40 -5.15 78.49
N LYS G 143 1.67 -6.20 78.10
CA LYS G 143 2.29 -7.32 77.44
C LYS G 143 2.51 -6.96 75.97
N VAL G 144 3.77 -6.78 75.56
CA VAL G 144 4.10 -6.49 74.16
C VAL G 144 4.68 -7.70 73.35
N TYR G 145 3.88 -8.23 72.43
CA TYR G 145 4.29 -9.29 71.54
C TYR G 145 4.92 -8.68 70.31
N LEU G 146 6.22 -8.92 70.13
CA LEU G 146 6.94 -8.38 69.00
C LEU G 146 7.27 -9.47 67.99
N ILE G 147 6.49 -9.49 66.94
CA ILE G 147 6.60 -10.53 65.95
C ILE G 147 7.35 -10.01 64.75
N ASP G 148 8.55 -10.58 64.54
CA ASP G 148 9.53 -10.12 63.55
C ASP G 148 9.70 -11.12 62.40
N GLU G 149 9.91 -10.60 61.21
CA GLU G 149 9.95 -11.38 59.99
C GLU G 149 8.68 -12.19 59.88
N VAL G 150 7.56 -11.50 60.10
CA VAL G 150 6.23 -12.09 60.24
C VAL G 150 5.61 -12.62 58.95
N HIS G 151 6.23 -12.32 57.83
CA HIS G 151 5.64 -12.74 56.59
C HIS G 151 5.66 -14.27 56.51
N MET G 152 6.55 -14.88 57.27
CA MET G 152 6.79 -16.34 57.16
C MET G 152 5.72 -17.28 57.73
N LEU G 153 4.77 -16.73 58.50
CA LEU G 153 3.80 -17.57 59.18
C LEU G 153 2.86 -18.27 58.21
N SER G 154 2.48 -19.52 58.48
CA SER G 154 1.62 -20.30 57.61
C SER G 154 0.25 -19.70 57.47
N ARG G 155 -0.58 -20.21 56.54
CA ARG G 155 -1.97 -19.73 56.46
C ARG G 155 -2.55 -19.79 57.86
N HIS G 156 -2.35 -20.96 58.48
CA HIS G 156 -3.03 -21.34 59.70
C HIS G 156 -2.58 -20.57 60.89
N SER G 157 -1.29 -20.27 60.96
CA SER G 157 -0.85 -19.40 62.01
C SER G 157 -1.41 -17.98 61.88
N PHE G 158 -1.75 -17.58 60.66
CA PHE G 158 -2.32 -16.24 60.49
C PHE G 158 -3.69 -16.24 61.04
N ASN G 159 -4.53 -17.15 60.56
CA ASN G 159 -5.85 -17.27 61.10
C ASN G 159 -5.90 -17.25 62.59
N ALA G 160 -4.94 -17.88 63.23
CA ALA G 160 -4.90 -17.90 64.69
C ALA G 160 -4.49 -16.55 65.25
N LEU G 161 -3.45 -15.96 64.69
CA LEU G 161 -3.05 -14.62 65.10
C LEU G 161 -4.25 -13.68 64.96
N LEU G 162 -4.97 -13.81 63.87
CA LEU G 162 -6.05 -12.90 63.59
C LEU G 162 -7.17 -12.97 64.61
N LYS G 163 -7.38 -14.15 65.19
CA LYS G 163 -8.48 -14.30 66.14
C LYS G 163 -8.17 -13.50 67.39
N THR G 164 -6.91 -13.30 67.66
CA THR G 164 -6.48 -12.50 68.80
C THR G 164 -6.38 -10.97 68.53
N LEU G 165 -6.33 -10.56 67.26
CA LEU G 165 -6.30 -9.15 66.94
C LEU G 165 -7.70 -8.64 66.64
N GLU G 166 -8.62 -9.56 66.40
CA GLU G 166 -10.01 -9.17 66.16
C GLU G 166 -10.63 -8.85 67.50
N GLU G 167 -10.11 -9.50 68.55
CA GLU G 167 -10.52 -9.22 69.93
C GLU G 167 -9.30 -9.08 70.82
N PRO G 168 -8.68 -7.90 70.76
CA PRO G 168 -7.42 -7.73 71.48
C PRO G 168 -7.73 -7.60 72.97
N PRO G 169 -7.04 -8.35 73.83
CA PRO G 169 -7.05 -7.99 75.27
C PRO G 169 -6.65 -6.52 75.46
N GLU G 170 -6.83 -5.98 76.65
CA GLU G 170 -6.50 -4.57 76.87
C GLU G 170 -5.02 -4.36 77.17
N HIS G 171 -4.45 -5.32 77.88
CA HIS G 171 -3.07 -5.21 78.37
C HIS G 171 -2.06 -5.65 77.32
N VAL G 172 -2.58 -6.08 76.19
CA VAL G 172 -1.76 -6.54 75.10
C VAL G 172 -1.68 -5.59 73.88
N LYS G 173 -0.45 -5.42 73.39
CA LYS G 173 -0.19 -4.70 72.16
C LYS G 173 0.61 -5.63 71.25
N PHE G 174 0.43 -5.49 69.94
CA PHE G 174 1.16 -6.30 68.98
C PHE G 174 2.05 -5.49 68.07
N LEU G 175 3.31 -5.85 67.99
CA LEU G 175 4.14 -5.12 67.08
C LEU G 175 4.61 -6.08 66.01
N LEU G 176 4.16 -5.88 64.78
CA LEU G 176 4.51 -6.78 63.69
C LEU G 176 5.50 -6.12 62.78
N ALA G 177 6.61 -6.80 62.53
CA ALA G 177 7.66 -6.29 61.60
C ALA G 177 7.96 -7.20 60.40
N THR G 178 8.07 -6.62 59.22
CA THR G 178 8.36 -7.43 58.06
C THR G 178 8.88 -6.62 56.87
N THR G 179 9.79 -7.23 56.11
CA THR G 179 10.27 -6.67 54.87
C THR G 179 9.19 -6.73 53.81
N ASP G 180 8.47 -7.85 53.73
CA ASP G 180 7.44 -8.04 52.69
C ASP G 180 6.01 -8.13 53.24
N PRO G 181 5.34 -6.99 53.44
CA PRO G 181 3.98 -6.95 53.97
C PRO G 181 2.93 -7.48 53.01
N GLN G 182 3.26 -7.43 51.73
CA GLN G 182 2.40 -7.88 50.67
C GLN G 182 1.90 -9.32 50.94
N LYS G 183 2.58 -10.00 51.86
CA LYS G 183 2.31 -11.42 52.14
C LYS G 183 1.36 -11.71 53.26
N LEU G 184 1.07 -10.71 54.09
CA LEU G 184 0.09 -10.87 55.15
C LEU G 184 -1.28 -10.77 54.50
N PRO G 185 -2.22 -11.61 54.96
CA PRO G 185 -3.60 -11.59 54.49
C PRO G 185 -4.12 -10.19 54.52
N VAL G 186 -5.02 -9.89 53.58
CA VAL G 186 -5.73 -8.61 53.57
C VAL G 186 -6.36 -8.44 54.94
N THR G 187 -6.79 -9.57 55.49
CA THR G 187 -7.55 -9.66 56.75
C THR G 187 -6.74 -9.41 58.02
N ILE G 188 -5.45 -9.18 57.87
CA ILE G 188 -4.61 -8.85 59.00
C ILE G 188 -4.11 -7.43 58.84
N LEU G 189 -3.85 -7.02 57.61
CA LEU G 189 -3.40 -5.66 57.36
C LEU G 189 -4.52 -4.73 57.72
N SER G 190 -5.74 -5.27 57.74
CA SER G 190 -6.94 -4.46 57.99
C SER G 190 -7.12 -4.17 59.47
N ARG G 191 -6.26 -4.78 60.27
CA ARG G 191 -6.31 -4.69 61.72
C ARG G 191 -4.97 -4.19 62.29
N CYS G 192 -4.15 -3.54 61.47
CA CYS G 192 -2.86 -3.05 61.96
C CYS G 192 -2.61 -1.68 61.41
N LEU G 193 -2.21 -0.73 62.25
CA LEU G 193 -1.79 0.54 61.72
C LEU G 193 -0.39 0.36 61.17
N GLN G 194 -0.24 0.39 59.85
CA GLN G 194 1.02 0.02 59.24
C GLN G 194 1.86 1.23 58.87
N PHE G 195 3.07 1.26 59.41
CA PHE G 195 4.02 2.32 59.12
C PHE G 195 5.08 1.87 58.14
N HIS G 196 5.20 2.58 57.02
CA HIS G 196 6.19 2.19 56.05
C HIS G 196 7.42 3.05 56.19
N LEU G 197 8.51 2.41 56.57
CA LEU G 197 9.75 3.11 56.75
C LEU G 197 10.41 3.34 55.40
N LYS G 198 11.02 4.51 55.28
CA LYS G 198 11.65 4.88 54.04
C LYS G 198 13.09 4.38 53.98
N ALA G 199 13.58 4.13 52.77
CA ALA G 199 15.00 3.92 52.59
C ALA G 199 15.69 5.17 53.04
N LEU G 200 16.85 5.06 53.69
CA LEU G 200 17.52 6.25 54.16
C LEU G 200 18.29 6.92 53.05
N ASP G 201 18.49 8.21 53.19
CA ASP G 201 19.14 8.95 52.15
C ASP G 201 20.66 9.05 52.31
N VAL G 202 21.34 9.20 51.18
CA VAL G 202 22.78 9.40 51.09
C VAL G 202 23.34 10.27 52.21
N GLU G 203 22.87 11.49 52.34
CA GLU G 203 23.32 12.32 53.44
C GLU G 203 22.98 11.70 54.80
N GLN G 204 21.71 11.40 55.02
CA GLN G 204 21.27 10.84 56.30
C GLN G 204 22.21 9.72 56.78
N ILE G 205 22.56 8.78 55.87
CA ILE G 205 23.49 7.67 56.15
C ILE G 205 24.94 8.12 56.37
N ARG G 206 25.41 9.04 55.52
CA ARG G 206 26.77 9.58 55.63
C ARG G 206 26.98 10.26 56.97
N HIS G 207 25.94 10.96 57.41
CA HIS G 207 25.97 11.66 58.68
C HIS G 207 26.16 10.68 59.84
N GLN G 208 25.34 9.66 59.89
CA GLN G 208 25.46 8.70 60.96
C GLN G 208 26.77 7.94 60.84
N LEU G 209 27.25 7.73 59.62
CA LEU G 209 28.53 7.06 59.47
C LEU G 209 29.59 7.86 60.22
N GLU G 210 29.62 9.16 59.93
CA GLU G 210 30.59 10.07 60.54
C GLU G 210 30.46 10.05 62.06
N HIS G 211 29.25 10.19 62.55
CA HIS G 211 29.01 10.16 64.00
C HIS G 211 29.68 8.96 64.64
N ILE G 212 29.20 7.79 64.27
CA ILE G 212 29.69 6.53 64.84
C ILE G 212 31.22 6.38 64.79
N LEU G 213 31.78 6.39 63.58
CA LEU G 213 33.23 6.28 63.42
C LEU G 213 33.98 7.20 64.40
N ASN G 214 33.49 8.42 64.57
CA ASN G 214 34.05 9.40 65.50
C ASN G 214 33.98 8.93 66.95
N GLU G 215 32.80 8.53 67.39
CA GLU G 215 32.66 8.05 68.74
C GLU G 215 33.59 6.87 68.99
N GLU G 216 33.68 5.93 68.06
CA GLU G 216 34.54 4.78 68.31
C GLU G 216 36.00 5.22 68.30
N HIS G 217 36.23 6.46 67.89
CA HIS G 217 37.58 6.99 67.70
C HIS G 217 38.33 6.26 66.57
N ILE G 218 37.95 6.58 65.33
CA ILE G 218 38.48 5.94 64.13
C ILE G 218 38.71 6.93 62.98
N ALA G 219 39.92 6.94 62.43
CA ALA G 219 40.32 7.90 61.42
C ALA G 219 39.55 7.67 60.13
N HIS G 220 39.03 8.73 59.53
CA HIS G 220 38.28 8.60 58.27
C HIS G 220 38.40 9.85 57.43
N GLU G 221 38.49 9.68 56.12
CA GLU G 221 38.48 10.83 55.23
C GLU G 221 37.04 11.14 54.87
N PRO G 222 36.74 12.40 54.49
CA PRO G 222 35.36 12.73 54.11
C PRO G 222 34.84 11.85 52.96
N ARG G 223 35.53 11.80 51.83
CA ARG G 223 34.96 11.18 50.66
C ARG G 223 34.82 9.69 50.82
N ALA G 224 35.66 9.11 51.66
CA ALA G 224 35.55 7.69 51.91
C ALA G 224 34.14 7.36 52.39
N LEU G 225 33.61 8.22 53.26
CA LEU G 225 32.30 7.99 53.83
C LEU G 225 31.23 8.22 52.79
N GLN G 226 31.36 9.27 51.99
CA GLN G 226 30.33 9.55 50.99
C GLN G 226 30.21 8.39 49.99
N LEU G 227 31.31 7.66 49.82
CA LEU G 227 31.41 6.49 48.94
C LEU G 227 30.72 5.30 49.56
N LEU G 228 30.79 5.22 50.90
CA LEU G 228 30.15 4.17 51.65
C LEU G 228 28.66 4.36 51.59
N ALA G 229 28.16 5.49 52.06
CA ALA G 229 26.73 5.81 51.96
C ALA G 229 26.08 5.59 50.56
N ARG G 230 26.74 6.07 49.50
CA ARG G 230 26.31 5.80 48.14
C ARG G 230 26.21 4.27 47.89
N ALA G 231 27.21 3.48 48.31
CA ALA G 231 27.23 2.02 48.07
C ALA G 231 26.25 1.21 48.91
N ALA G 232 25.77 1.83 49.99
CA ALA G 232 24.91 1.18 50.97
C ALA G 232 23.56 0.87 50.36
N GLU G 233 23.26 1.58 49.28
CA GLU G 233 21.97 1.50 48.61
C GLU G 233 20.79 1.64 49.57
N GLY G 234 20.83 2.72 50.36
CA GLY G 234 19.67 3.16 51.10
C GLY G 234 19.50 2.53 52.46
N SER G 235 20.35 1.56 52.78
CA SER G 235 20.20 0.80 54.03
C SER G 235 21.31 1.06 55.05
N LEU G 236 20.91 1.51 56.25
CA LEU G 236 21.84 1.80 57.30
C LEU G 236 22.48 0.55 57.88
N ARG G 237 21.93 -0.63 57.60
CA ARG G 237 22.69 -1.82 57.95
C ARG G 237 23.73 -2.14 56.87
N ASP G 238 23.31 -2.28 55.62
CA ASP G 238 24.30 -2.57 54.58
C ASP G 238 25.49 -1.62 54.75
N ALA G 239 25.23 -0.46 55.34
CA ALA G 239 26.23 0.58 55.56
C ALA G 239 27.19 0.22 56.67
N LEU G 240 26.67 0.04 57.86
CA LEU G 240 27.55 -0.33 58.97
C LEU G 240 28.28 -1.65 58.67
N SER G 241 27.62 -2.54 57.94
CA SER G 241 28.26 -3.79 57.57
C SER G 241 29.39 -3.51 56.61
N LEU G 242 29.17 -2.60 55.67
CA LEU G 242 30.24 -2.24 54.75
C LEU G 242 31.43 -1.52 55.40
N THR G 243 31.16 -0.86 56.52
CA THR G 243 32.17 -0.13 57.25
C THR G 243 33.06 -1.08 58.05
N ASP G 244 32.46 -2.00 58.79
CA ASP G 244 33.24 -2.92 59.59
C ASP G 244 34.27 -3.51 58.70
N GLN G 245 33.80 -3.93 57.53
CA GLN G 245 34.70 -4.51 56.59
C GLN G 245 35.76 -3.52 56.15
N ALA G 246 35.33 -2.30 55.85
CA ALA G 246 36.30 -1.25 55.52
C ALA G 246 37.41 -1.22 56.55
N ILE G 247 37.06 -0.80 57.75
CA ILE G 247 38.01 -0.74 58.85
C ILE G 247 39.03 -1.85 58.80
N ALA G 248 38.61 -3.07 58.42
CA ALA G 248 39.55 -4.19 58.34
C ALA G 248 40.56 -3.96 57.23
N SER G 249 40.07 -3.73 56.02
CA SER G 249 40.93 -3.60 54.87
C SER G 249 41.94 -2.49 55.06
N GLY G 250 41.56 -1.44 55.77
CA GLY G 250 42.48 -0.34 56.03
C GLY G 250 43.31 -0.36 57.33
N ASP G 251 43.36 -1.53 57.98
CA ASP G 251 44.05 -1.73 59.27
C ASP G 251 43.71 -0.67 60.32
N GLY G 252 42.42 -0.41 60.50
CA GLY G 252 41.98 0.47 61.56
C GLY G 252 41.72 1.87 61.08
N GLN G 253 42.00 2.15 59.82
CA GLN G 253 41.75 3.47 59.24
C GLN G 253 40.72 3.33 58.15
N VAL G 254 39.77 4.24 58.05
CA VAL G 254 38.84 4.23 56.93
C VAL G 254 39.26 5.24 55.88
N SER G 255 40.15 4.82 54.98
CA SER G 255 40.66 5.69 53.91
C SER G 255 39.95 5.54 52.57
N THR G 256 40.00 6.59 51.76
CA THR G 256 39.48 6.53 50.41
C THR G 256 40.34 5.55 49.59
N GLN G 257 41.66 5.58 49.84
CA GLN G 257 42.65 4.68 49.21
C GLN G 257 42.29 3.22 49.44
N ALA G 258 41.47 2.97 50.46
CA ALA G 258 41.14 1.63 50.93
C ALA G 258 39.71 1.28 50.62
N VAL G 259 38.80 2.19 50.95
CA VAL G 259 37.40 1.92 50.68
C VAL G 259 37.17 1.86 49.20
N SER G 260 37.74 2.79 48.42
CA SER G 260 37.61 2.72 46.96
C SER G 260 37.88 1.27 46.47
N ALA G 261 39.03 0.73 46.89
CA ALA G 261 39.50 -0.62 46.54
C ALA G 261 38.46 -1.69 46.78
N MET G 262 38.05 -1.76 48.05
CA MET G 262 37.14 -2.77 48.55
C MET G 262 35.76 -2.75 47.90
N LEU G 263 35.31 -1.59 47.43
CA LEU G 263 34.04 -1.50 46.71
C LEU G 263 34.18 -1.96 45.26
N GLY G 264 35.39 -1.87 44.74
CA GLY G 264 35.69 -2.39 43.42
C GLY G 264 35.69 -3.90 43.44
N THR G 265 36.16 -4.48 44.55
CA THR G 265 35.97 -5.91 44.91
C THR G 265 34.52 -6.35 44.72
N LEU G 266 33.62 -5.46 45.11
CA LEU G 266 32.24 -5.83 45.25
C LEU G 266 31.33 -5.32 44.13
N ASP G 267 31.85 -5.10 42.91
CA ASP G 267 31.05 -4.48 41.85
C ASP G 267 30.03 -5.33 41.03
N ASP G 268 28.74 -5.03 41.26
CA ASP G 268 27.55 -5.45 40.50
C ASP G 268 27.78 -5.00 39.07
N ASP G 269 28.67 -4.02 38.97
CA ASP G 269 28.63 -2.85 38.06
C ASP G 269 28.86 -3.08 36.57
N GLN G 270 29.72 -4.03 36.24
CA GLN G 270 30.37 -4.09 34.93
C GLN G 270 29.57 -3.93 33.66
N ALA G 271 28.29 -4.23 33.62
CA ALA G 271 27.55 -4.08 32.37
C ALA G 271 27.08 -2.65 32.06
N LEU G 272 26.59 -1.91 33.08
CA LEU G 272 26.28 -0.50 32.83
C LEU G 272 27.57 0.17 32.44
N SER G 273 28.62 -0.20 33.15
CA SER G 273 29.88 0.49 33.02
C SER G 273 30.44 0.26 31.66
N LEU G 274 30.19 -0.91 31.08
CA LEU G 274 30.70 -1.23 29.72
C LEU G 274 29.98 -0.41 28.64
N VAL G 275 28.68 -0.20 28.81
CA VAL G 275 27.95 0.65 27.88
C VAL G 275 28.50 2.08 27.93
N GLU G 276 28.54 2.71 29.11
CA GLU G 276 29.21 4.01 29.26
C GLU G 276 30.54 3.99 28.51
N ALA G 277 31.37 3.02 28.85
CA ALA G 277 32.70 2.88 28.25
C ALA G 277 32.68 2.66 26.73
N MET G 278 31.66 1.99 26.23
CA MET G 278 31.61 1.63 24.81
C MET G 278 31.22 2.81 23.96
N VAL G 279 30.17 3.52 24.40
CA VAL G 279 29.75 4.73 23.75
C VAL G 279 30.88 5.77 23.67
N GLU G 280 31.58 6.02 24.79
CA GLU G 280 32.70 6.97 24.85
C GLU G 280 33.96 6.52 24.08
N ALA G 281 33.91 5.37 23.42
CA ALA G 281 35.00 4.81 22.57
C ALA G 281 36.26 4.27 23.29
N ASN G 282 36.28 4.37 24.62
CA ASN G 282 37.45 4.04 25.44
C ASN G 282 37.83 2.57 25.48
N GLY G 283 38.56 2.12 24.46
CA GLY G 283 38.94 0.73 24.34
C GLY G 283 39.82 0.13 25.44
N GLU G 284 40.63 0.93 26.13
CA GLU G 284 41.35 0.38 27.26
C GLU G 284 40.35 0.14 28.36
N ARG G 285 39.52 1.15 28.65
CA ARG G 285 38.57 1.04 29.75
C ARG G 285 37.64 -0.08 29.39
N VAL G 286 37.36 -0.24 28.11
CA VAL G 286 36.46 -1.32 27.72
C VAL G 286 37.05 -2.72 27.95
N MET G 287 38.30 -2.90 27.61
CA MET G 287 38.88 -4.22 27.75
C MET G 287 39.36 -4.45 29.15
N ALA G 288 39.49 -3.37 29.93
CA ALA G 288 39.83 -3.49 31.35
C ALA G 288 38.61 -3.91 32.15
N LEU G 289 37.45 -3.36 31.80
CA LEU G 289 36.19 -3.72 32.45
C LEU G 289 35.83 -5.17 32.17
N ILE G 290 36.10 -5.63 30.95
CA ILE G 290 35.88 -7.02 30.64
C ILE G 290 36.77 -7.91 31.50
N ASN G 291 37.93 -7.39 31.90
CA ASN G 291 38.82 -8.13 32.78
C ASN G 291 38.31 -8.07 34.21
N GLU G 292 37.78 -6.93 34.65
CA GLU G 292 37.18 -6.81 35.97
C GLU G 292 36.03 -7.81 36.09
N ALA G 293 35.43 -8.11 34.95
CA ALA G 293 34.29 -9.00 34.91
C ALA G 293 34.68 -10.45 35.03
N ALA G 294 35.87 -10.80 34.57
CA ALA G 294 36.38 -12.16 34.71
C ALA G 294 36.72 -12.46 36.17
N ALA G 295 37.29 -11.49 36.88
CA ALA G 295 37.51 -11.64 38.29
C ALA G 295 36.20 -12.01 38.97
N ARG G 296 35.18 -11.16 38.82
CA ARG G 296 33.90 -11.41 39.49
C ARG G 296 33.37 -12.80 39.19
N GLY G 297 33.89 -13.36 38.12
CA GLY G 297 33.54 -14.72 37.75
C GLY G 297 32.22 -14.81 37.03
N ILE G 298 31.98 -13.85 36.12
CA ILE G 298 30.71 -13.66 35.45
C ILE G 298 30.34 -14.79 34.49
N GLU G 299 29.05 -14.97 34.26
CA GLU G 299 28.59 -15.89 33.23
C GLU G 299 28.53 -15.05 31.99
N TRP G 300 29.24 -15.38 30.93
CA TRP G 300 29.35 -14.40 29.84
C TRP G 300 28.08 -14.10 29.08
N GLU G 301 27.29 -15.10 28.71
CA GLU G 301 26.09 -14.74 27.99
C GLU G 301 25.26 -13.76 28.81
N ALA G 302 25.49 -13.78 30.11
CA ALA G 302 24.75 -12.97 31.06
C ALA G 302 25.11 -11.52 30.94
N LEU G 303 26.41 -11.21 30.87
CA LEU G 303 26.85 -9.83 30.67
C LEU G 303 26.19 -9.27 29.42
N LEU G 304 26.41 -9.92 28.29
CA LEU G 304 25.74 -9.53 27.05
C LEU G 304 24.29 -9.14 27.22
N VAL G 305 23.54 -10.03 27.84
CA VAL G 305 22.11 -9.82 27.98
C VAL G 305 21.72 -8.66 28.93
N GLU G 306 22.59 -8.34 29.91
CA GLU G 306 22.32 -7.21 30.80
C GLU G 306 22.55 -5.94 30.02
N MET G 307 23.56 -5.98 29.16
CA MET G 307 23.89 -4.89 28.27
C MET G 307 22.76 -4.57 27.32
N LEU G 308 22.36 -5.55 26.51
CA LEU G 308 21.15 -5.38 25.67
C LEU G 308 19.97 -4.73 26.42
N GLY G 309 19.77 -5.20 27.64
CA GLY G 309 18.65 -4.81 28.47
C GLY G 309 18.76 -3.39 28.95
N LEU G 310 19.98 -2.92 29.22
CA LEU G 310 20.22 -1.48 29.51
C LEU G 310 19.97 -0.62 28.26
N LEU G 311 20.56 -1.00 27.13
CA LEU G 311 20.35 -0.25 25.87
C LEU G 311 18.87 -0.09 25.65
N HIS G 312 18.11 -1.18 25.75
CA HIS G 312 16.65 -1.12 25.70
C HIS G 312 16.11 -0.08 26.70
N ARG G 313 16.26 -0.33 28.00
CA ARG G 313 15.76 0.59 29.06
C ARG G 313 16.05 2.06 28.79
N ILE G 314 17.20 2.33 28.17
CA ILE G 314 17.63 3.68 27.84
C ILE G 314 16.89 4.23 26.64
N ALA G 315 16.83 3.42 25.59
CA ALA G 315 16.12 3.86 24.40
C ALA G 315 14.69 4.30 24.74
N MET G 316 14.16 3.85 25.89
CA MET G 316 12.81 4.19 26.35
C MET G 316 12.71 5.45 27.18
N VAL G 317 13.74 5.75 27.96
CA VAL G 317 13.82 7.02 28.66
C VAL G 317 14.13 8.11 27.65
N GLN G 318 14.15 7.71 26.38
CA GLN G 318 14.15 8.65 25.28
C GLN G 318 12.72 9.04 24.91
N LEU G 319 11.79 8.08 25.01
CA LEU G 319 10.38 8.30 24.66
C LEU G 319 9.59 8.95 25.81
N SER G 320 10.00 8.69 27.04
CA SER G 320 9.52 9.46 28.18
C SER G 320 10.46 9.26 29.36
N PRO G 321 10.54 10.29 30.22
CA PRO G 321 11.21 10.23 31.52
C PRO G 321 10.67 9.10 32.42
N ALA G 322 9.35 8.97 32.52
CA ALA G 322 8.71 8.01 33.43
C ALA G 322 9.10 6.54 33.22
N ALA G 323 9.96 6.29 32.23
CA ALA G 323 10.40 4.94 31.86
C ALA G 323 11.58 4.40 32.71
N LEU G 324 12.02 5.22 33.66
CA LEU G 324 12.96 4.75 34.67
C LEU G 324 12.26 4.34 35.98
N GLY G 325 12.76 3.25 36.58
CA GLY G 325 12.10 2.64 37.73
C GLY G 325 12.07 3.41 39.06
N ASN G 326 11.04 3.10 39.86
CA ASN G 326 11.11 3.18 41.32
C ASN G 326 12.33 2.31 41.67
N ASP G 327 12.41 1.25 40.86
CA ASP G 327 13.47 0.23 40.81
C ASP G 327 14.92 0.73 40.74
N MET G 328 15.27 1.27 39.56
CA MET G 328 16.60 1.74 39.19
C MET G 328 17.45 2.57 40.20
N ALA G 329 16.82 3.53 40.87
CA ALA G 329 17.44 4.53 41.79
C ALA G 329 18.98 4.66 41.90
N ALA G 330 19.70 3.59 42.24
CA ALA G 330 21.14 3.71 42.41
C ALA G 330 21.91 3.85 41.06
N ILE G 331 21.57 3.00 40.11
CA ILE G 331 22.03 3.06 38.72
C ILE G 331 21.50 4.32 38.00
N GLU G 332 20.33 4.78 38.46
CA GLU G 332 19.50 5.82 37.83
C GLU G 332 20.17 7.10 37.34
N LEU G 333 20.86 7.81 38.22
CA LEU G 333 21.45 9.09 37.81
C LEU G 333 22.25 8.94 36.50
N ARG G 334 23.18 7.98 36.48
CA ARG G 334 24.01 7.71 35.31
C ARG G 334 23.17 7.53 34.05
N MET G 335 22.08 6.77 34.18
CA MET G 335 21.19 6.41 33.06
C MET G 335 20.57 7.61 32.30
N ARG G 336 19.86 8.50 33.02
CA ARG G 336 19.22 9.68 32.41
C ARG G 336 20.24 10.44 31.59
N GLU G 337 21.47 10.51 32.08
CA GLU G 337 22.56 11.18 31.38
C GLU G 337 22.97 10.43 30.13
N LEU G 338 23.15 9.14 30.27
CA LEU G 338 23.37 8.33 29.09
C LEU G 338 22.29 8.58 28.03
N ALA G 339 21.04 8.75 28.45
CA ALA G 339 19.96 8.85 27.49
C ALA G 339 20.03 10.15 26.74
N ARG G 340 20.33 11.23 27.48
CA ARG G 340 20.46 12.58 26.92
C ARG G 340 21.55 12.62 25.87
N THR G 341 22.75 12.23 26.28
CA THR G 341 23.97 12.38 25.47
C THR G 341 24.30 11.14 24.60
N ILE G 342 23.33 10.79 23.79
CA ILE G 342 23.44 9.74 22.79
C ILE G 342 22.43 9.99 21.66
N PRO G 343 22.75 9.48 20.47
CA PRO G 343 21.86 9.47 19.28
C PRO G 343 20.94 8.22 19.20
N PRO G 344 19.61 8.42 19.18
CA PRO G 344 18.65 7.31 19.15
C PRO G 344 18.76 6.38 17.92
N THR G 345 19.37 6.88 16.84
CA THR G 345 19.70 6.08 15.65
C THR G 345 20.93 5.21 15.90
N ASP G 346 21.90 5.76 16.64
CA ASP G 346 23.05 5.04 17.19
C ASP G 346 22.70 3.89 18.15
N ILE G 347 21.95 4.19 19.22
CA ILE G 347 21.42 3.16 20.11
C ILE G 347 20.90 1.93 19.37
N GLN G 348 19.98 2.06 18.41
CA GLN G 348 19.60 0.82 17.70
C GLN G 348 20.80 0.24 16.93
N LEU G 349 21.86 1.02 16.69
CA LEU G 349 23.03 0.39 16.06
C LEU G 349 23.80 -0.55 17.00
N TYR G 350 24.14 -0.04 18.18
CA TYR G 350 24.82 -0.86 19.18
C TYR G 350 23.99 -2.10 19.47
N TYR G 351 22.71 -1.89 19.71
CA TYR G 351 21.81 -2.97 19.99
C TYR G 351 21.89 -4.10 18.96
N GLN G 352 21.97 -3.78 17.67
CA GLN G 352 22.00 -4.84 16.64
C GLN G 352 23.20 -5.70 16.83
N THR G 353 24.30 -5.05 17.20
CA THR G 353 25.64 -5.64 17.26
C THR G 353 25.73 -6.55 18.46
N LEU G 354 25.20 -6.07 19.58
CA LEU G 354 25.13 -6.86 20.79
C LEU G 354 24.26 -8.11 20.57
N LEU G 355 23.04 -7.91 20.04
CA LEU G 355 22.12 -9.04 19.78
C LEU G 355 22.78 -10.14 18.92
N ILE G 356 23.48 -9.71 17.88
CA ILE G 356 24.25 -10.60 16.99
C ILE G 356 25.36 -11.33 17.75
N GLY G 357 26.21 -10.55 18.43
CA GLY G 357 27.21 -11.12 19.33
C GLY G 357 26.68 -12.25 20.21
N ARG G 358 25.46 -12.10 20.71
CA ARG G 358 24.84 -13.15 21.49
C ARG G 358 24.61 -14.36 20.59
N LYS G 359 23.90 -14.15 19.49
CA LYS G 359 23.56 -15.24 18.57
C LYS G 359 24.81 -16.02 18.11
N GLU G 360 25.96 -15.32 18.07
CA GLU G 360 27.29 -15.84 17.68
C GLU G 360 28.07 -16.47 18.86
N LEU G 361 27.82 -15.96 20.06
CA LEU G 361 28.61 -16.28 21.24
C LEU G 361 28.87 -17.77 21.55
N PRO G 362 27.93 -18.68 21.18
CA PRO G 362 28.16 -20.08 21.51
C PRO G 362 29.02 -20.73 20.47
N TYR G 363 29.30 -20.00 19.40
CA TYR G 363 30.21 -20.45 18.34
C TYR G 363 31.56 -19.77 18.44
N ALA G 364 31.64 -18.61 19.08
CA ALA G 364 32.93 -17.98 19.38
C ALA G 364 33.72 -18.97 20.27
N PRO G 365 35.06 -18.97 20.13
CA PRO G 365 35.93 -20.05 20.63
C PRO G 365 36.05 -20.14 22.17
N ASP G 366 35.68 -19.08 22.88
CA ASP G 366 35.83 -18.91 24.32
C ASP G 366 34.72 -17.89 24.49
N ARG G 367 33.77 -18.13 25.39
CA ARG G 367 32.71 -17.15 25.56
C ARG G 367 33.33 -15.80 25.91
N ARG G 368 34.43 -15.79 26.66
CA ARG G 368 35.13 -14.54 26.88
C ARG G 368 35.45 -13.93 25.53
N MET G 369 36.31 -14.59 24.74
CA MET G 369 36.65 -14.15 23.38
C MET G 369 35.44 -13.67 22.61
N GLY G 370 34.33 -14.40 22.72
CA GLY G 370 33.08 -13.97 22.12
C GLY G 370 32.63 -12.57 22.52
N VAL G 371 32.50 -12.32 23.82
CA VAL G 371 32.11 -10.99 24.25
C VAL G 371 33.18 -9.98 23.84
N GLU G 372 34.44 -10.35 23.98
CA GLU G 372 35.55 -9.47 23.59
C GLU G 372 35.41 -9.01 22.14
N MET G 373 35.26 -9.97 21.23
CA MET G 373 35.20 -9.71 19.80
C MET G 373 33.94 -8.99 19.40
N THR G 374 32.94 -9.06 20.28
CA THR G 374 31.67 -8.38 20.06
C THR G 374 31.75 -6.93 20.44
N LEU G 375 32.34 -6.68 21.60
CA LEU G 375 32.73 -5.32 21.91
C LEU G 375 33.72 -4.76 20.88
N LEU G 376 34.73 -5.57 20.48
CA LEU G 376 35.76 -5.08 19.50
C LEU G 376 35.06 -4.70 18.21
N ARG G 377 34.05 -5.49 17.81
CA ARG G 377 33.25 -5.15 16.63
C ARG G 377 32.44 -3.86 16.85
N ALA G 378 31.82 -3.73 18.02
CA ALA G 378 31.20 -2.49 18.41
C ALA G 378 32.20 -1.38 18.23
N LEU G 379 33.47 -1.60 18.58
CA LEU G 379 34.46 -0.51 18.54
C LEU G 379 34.95 -0.09 17.13
N ALA G 380 35.30 -1.07 16.28
CA ALA G 380 35.73 -0.84 14.86
C ALA G 380 34.66 -0.12 14.01
N PHE G 381 33.40 -0.47 14.23
CA PHE G 381 32.26 0.12 13.55
C PHE G 381 31.58 1.21 14.39
N HIS G 382 32.31 1.72 15.37
CA HIS G 382 31.80 2.81 16.15
C HIS G 382 31.59 3.91 15.14
N PRO G 383 30.35 4.47 15.07
CA PRO G 383 30.03 5.67 14.27
C PRO G 383 30.82 6.95 14.68
N ARG G 384 30.64 7.33 15.94
CA ARG G 384 31.19 8.56 16.51
C ARG G 384 32.74 8.70 16.47
N MET G 385 33.49 7.81 17.12
CA MET G 385 34.98 7.80 17.07
C MET G 385 35.58 6.41 16.72
N PRO G 386 35.58 6.04 15.41
CA PRO G 386 35.90 4.69 14.90
C PRO G 386 37.37 4.21 15.07
N LEU G 387 37.65 2.92 14.76
CA LEU G 387 38.94 2.26 15.09
C LEU G 387 40.10 2.40 14.08
N PRO G 388 41.28 2.89 14.57
CA PRO G 388 42.40 3.31 13.69
C PRO G 388 42.87 2.24 12.70
N GLU G 389 42.81 2.53 11.40
CA GLU G 389 43.23 1.56 10.37
C GLU G 389 44.68 1.81 9.85
N PRO G 390 45.43 0.71 9.53
CA PRO G 390 46.77 0.85 8.96
C PRO G 390 46.76 1.51 7.58
N GLN H 26 47.65 -40.64 44.44
CA GLN H 26 46.59 -39.82 45.05
C GLN H 26 46.17 -38.50 44.33
N VAL H 27 45.30 -37.66 44.96
CA VAL H 27 44.69 -36.54 44.19
C VAL H 27 45.16 -35.15 44.54
N LEU H 28 45.67 -34.39 43.57
CA LEU H 28 46.34 -33.12 43.85
C LEU H 28 45.36 -32.13 44.28
N ALA H 29 44.36 -31.96 43.45
CA ALA H 29 43.27 -31.07 43.77
C ALA H 29 43.04 -31.00 45.33
N ARG H 30 43.05 -32.17 45.99
CA ARG H 30 42.69 -32.31 47.40
C ARG H 30 43.86 -32.23 48.35
N LYS H 31 44.98 -32.87 48.00
CA LYS H 31 46.24 -32.82 48.77
C LYS H 31 46.74 -31.44 49.05
N TRP H 32 46.73 -30.58 48.06
CA TRP H 32 47.28 -29.24 48.18
C TRP H 32 46.36 -28.13 48.74
N ARG H 33 45.23 -28.51 49.34
CA ARG H 33 44.42 -27.53 50.07
C ARG H 33 45.35 -26.80 51.04
N PRO H 34 45.40 -25.48 50.92
CA PRO H 34 46.26 -24.67 51.78
C PRO H 34 45.89 -24.83 53.27
N GLN H 35 46.92 -24.94 54.08
CA GLN H 35 46.68 -25.24 55.46
C GLN H 35 47.05 -24.02 56.27
N THR H 36 47.81 -23.08 55.71
CA THR H 36 47.87 -21.74 56.32
C THR H 36 47.70 -20.59 55.32
N PHE H 37 47.48 -19.38 55.81
CA PHE H 37 47.21 -18.23 54.93
C PHE H 37 48.41 -18.03 54.03
N ALA H 38 49.56 -18.49 54.51
CA ALA H 38 50.79 -18.40 53.73
C ALA H 38 50.56 -19.10 52.42
N ASP H 39 49.89 -20.25 52.47
CA ASP H 39 49.79 -21.15 51.30
C ASP H 39 48.70 -20.80 50.30
N VAL H 40 48.06 -19.66 50.47
CA VAL H 40 46.87 -19.31 49.69
C VAL H 40 47.35 -18.45 48.56
N VAL H 41 46.89 -18.76 47.35
CA VAL H 41 47.31 -18.01 46.18
C VAL H 41 46.31 -16.92 45.94
N GLY H 42 46.82 -15.70 45.76
CA GLY H 42 46.00 -14.53 45.49
C GLY H 42 45.10 -14.24 46.67
N GLN H 43 44.00 -13.59 46.36
CA GLN H 43 43.02 -13.20 47.35
C GLN H 43 43.62 -12.31 48.42
N GLU H 44 44.60 -11.47 48.07
CA GLU H 44 45.20 -10.58 49.05
C GLU H 44 44.10 -9.81 49.74
N HIS H 45 43.24 -9.21 48.95
CA HIS H 45 42.23 -8.33 49.52
C HIS H 45 41.37 -9.06 50.49
N VAL H 46 41.35 -10.37 50.45
CA VAL H 46 40.53 -11.08 51.42
C VAL H 46 41.33 -11.49 52.62
N LEU H 47 42.48 -12.09 52.37
CA LEU H 47 43.40 -12.44 53.43
C LEU H 47 43.77 -11.22 54.28
N THR H 48 44.20 -10.15 53.63
CA THR H 48 44.65 -8.96 54.35
C THR H 48 43.57 -8.46 55.25
N ALA H 49 42.32 -8.59 54.83
CA ALA H 49 41.25 -8.10 55.68
C ALA H 49 41.10 -8.99 56.92
N LEU H 50 40.97 -10.29 56.70
CA LEU H 50 40.75 -11.19 57.82
C LEU H 50 41.92 -11.02 58.77
N ALA H 51 43.12 -11.00 58.24
CA ALA H 51 44.27 -10.90 59.10
C ALA H 51 44.25 -9.61 59.92
N ASN H 52 44.04 -8.50 59.23
CA ASN H 52 43.95 -7.19 59.88
C ASN H 52 42.86 -7.17 60.92
N GLY H 53 41.82 -7.97 60.72
CA GLY H 53 40.70 -8.00 61.63
C GLY H 53 40.88 -8.88 62.87
N LEU H 54 41.57 -10.01 62.72
CA LEU H 54 41.80 -10.91 63.83
C LEU H 54 42.74 -10.23 64.84
N SER H 55 43.90 -9.76 64.39
CA SER H 55 44.80 -9.09 65.35
C SER H 55 44.19 -7.77 65.83
N LEU H 56 43.35 -7.16 64.99
CA LEU H 56 42.71 -5.92 65.38
C LEU H 56 41.54 -6.18 66.29
N GLY H 57 41.20 -7.45 66.47
CA GLY H 57 40.09 -7.83 67.35
C GLY H 57 38.72 -7.37 66.90
N ARG H 58 38.63 -6.73 65.74
CA ARG H 58 37.32 -6.44 65.14
C ARG H 58 36.90 -7.63 64.30
N ILE H 59 36.11 -8.52 64.89
CA ILE H 59 35.72 -9.74 64.22
C ILE H 59 34.22 -9.79 64.05
N HIS H 60 33.75 -9.78 62.81
CA HIS H 60 32.31 -9.90 62.55
C HIS H 60 31.77 -11.24 63.04
N HIS H 61 30.47 -11.44 62.95
CA HIS H 61 29.90 -12.74 63.31
C HIS H 61 29.38 -13.47 62.10
N ALA H 62 29.32 -12.79 60.96
CA ALA H 62 28.88 -13.42 59.72
C ALA H 62 29.77 -13.04 58.53
N TYR H 63 30.60 -13.98 58.10
CA TYR H 63 31.39 -13.81 56.93
C TYR H 63 30.76 -14.56 55.78
N LEU H 64 30.63 -13.92 54.62
CA LEU H 64 30.16 -14.57 53.39
C LEU H 64 31.23 -14.61 52.28
N PHE H 65 31.41 -15.78 51.69
CA PHE H 65 32.44 -15.91 50.70
C PHE H 65 31.91 -16.32 49.34
N SER H 66 32.26 -15.56 48.31
CA SER H 66 31.69 -15.74 46.96
C SER H 66 32.74 -15.67 45.85
N GLY H 67 32.45 -16.19 44.66
CA GLY H 67 33.43 -16.20 43.57
C GLY H 67 33.38 -17.50 42.80
N THR H 68 34.07 -17.66 41.67
CA THR H 68 33.80 -18.89 40.91
C THR H 68 34.41 -20.11 41.51
N ARG H 69 33.98 -21.23 40.97
CA ARG H 69 34.45 -22.52 41.39
C ARG H 69 35.95 -22.51 41.52
N GLY H 70 36.48 -22.97 42.65
CA GLY H 70 37.88 -23.34 42.72
C GLY H 70 38.87 -22.23 42.98
N VAL H 71 38.44 -21.19 43.67
CA VAL H 71 39.32 -20.07 43.86
C VAL H 71 39.67 -19.91 45.33
N GLY H 72 39.14 -20.79 46.15
CA GLY H 72 39.62 -20.90 47.49
C GLY H 72 38.67 -20.44 48.54
N LYS H 73 37.38 -20.41 48.23
CA LYS H 73 36.44 -20.02 49.30
C LYS H 73 36.25 -21.13 50.37
N THR H 74 35.91 -22.35 49.95
CA THR H 74 35.76 -23.42 50.93
C THR H 74 37.02 -23.56 51.81
N SER H 75 38.20 -23.18 51.31
CA SER H 75 39.46 -23.43 52.06
C SER H 75 39.91 -22.24 52.85
N ILE H 76 39.54 -21.07 52.39
CA ILE H 76 39.78 -19.90 53.19
C ILE H 76 38.81 -19.94 54.41
N ALA H 77 37.59 -20.41 54.19
CA ALA H 77 36.62 -20.48 55.26
C ALA H 77 37.22 -21.34 56.33
N ARG H 78 37.91 -22.40 55.92
CA ARG H 78 38.39 -23.35 56.91
C ARG H 78 39.58 -22.76 57.61
N LEU H 79 40.50 -22.17 56.85
CA LEU H 79 41.62 -21.50 57.45
C LEU H 79 41.18 -20.48 58.47
N LEU H 80 40.14 -19.73 58.13
CA LEU H 80 39.58 -18.77 59.09
C LEU H 80 39.23 -19.49 60.39
N ALA H 81 38.34 -20.49 60.28
CA ALA H 81 37.92 -21.27 61.44
C ALA H 81 39.12 -21.71 62.27
N LYS H 82 40.13 -22.28 61.58
CA LYS H 82 41.33 -22.80 62.22
C LYS H 82 42.02 -21.74 63.06
N GLY H 83 42.06 -20.53 62.51
CA GLY H 83 42.64 -19.41 63.19
C GLY H 83 41.74 -18.88 64.29
N LEU H 84 40.46 -19.11 64.21
CA LEU H 84 39.62 -18.51 65.24
C LEU H 84 39.70 -19.34 66.49
N ASN H 85 40.30 -20.51 66.36
CA ASN H 85 40.14 -21.47 67.41
C ASN H 85 41.44 -22.04 67.90
N CYS H 86 42.55 -21.58 67.32
CA CYS H 86 43.89 -22.06 67.72
C CYS H 86 44.25 -21.88 69.20
N GLU H 87 44.72 -22.96 69.82
CA GLU H 87 44.96 -22.94 71.26
C GLU H 87 45.89 -21.82 71.70
N THR H 88 46.68 -21.29 70.77
CA THR H 88 47.62 -20.23 71.08
C THR H 88 46.96 -18.83 71.21
N GLY H 89 45.75 -18.69 70.65
CA GLY H 89 45.03 -17.43 70.71
C GLY H 89 44.37 -17.16 69.37
N ILE H 90 43.34 -16.31 69.34
CA ILE H 90 42.70 -15.94 68.08
C ILE H 90 43.77 -15.31 67.24
N THR H 91 44.28 -15.98 66.21
CA THR H 91 45.36 -15.41 65.42
C THR H 91 45.19 -15.62 63.94
N ALA H 92 45.91 -14.85 63.14
CA ALA H 92 45.81 -14.96 61.67
C ALA H 92 46.77 -16.05 61.13
N THR H 93 47.71 -16.44 61.99
CA THR H 93 48.63 -17.53 61.69
C THR H 93 48.41 -18.69 62.66
N PRO H 94 47.46 -19.55 62.34
CA PRO H 94 47.18 -20.69 63.20
C PRO H 94 48.41 -21.58 63.18
N CYS H 95 48.61 -22.36 64.23
CA CYS H 95 49.87 -23.06 64.42
C CYS H 95 49.94 -24.46 63.80
N GLY H 96 48.82 -24.97 63.28
CA GLY H 96 48.78 -26.26 62.61
C GLY H 96 49.29 -27.51 63.36
N VAL H 97 49.48 -27.38 64.67
CA VAL H 97 49.93 -28.50 65.53
C VAL H 97 49.02 -28.84 66.77
N CYS H 98 48.62 -27.82 67.53
CA CYS H 98 47.74 -28.01 68.70
C CYS H 98 46.55 -28.88 68.32
N ASP H 99 46.09 -29.71 69.27
CA ASP H 99 44.98 -30.63 69.00
C ASP H 99 43.94 -29.96 68.08
N ASN H 100 43.44 -28.81 68.50
CA ASN H 100 42.50 -28.01 67.70
C ASN H 100 42.86 -27.75 66.25
N CYS H 101 44.13 -27.55 65.94
CA CYS H 101 44.44 -27.23 64.55
C CYS H 101 44.48 -28.48 63.68
N ARG H 102 45.29 -29.47 64.08
CA ARG H 102 45.37 -30.73 63.36
C ARG H 102 43.98 -31.35 63.23
N GLU H 103 43.20 -31.34 64.31
CA GLU H 103 41.85 -31.89 64.24
C GLU H 103 40.97 -31.18 63.23
N ILE H 104 41.21 -29.89 62.96
CA ILE H 104 40.42 -29.17 61.94
C ILE H 104 40.91 -29.55 60.56
N GLU H 105 42.19 -29.88 60.46
CA GLU H 105 42.81 -30.28 59.18
C GLU H 105 42.29 -31.63 58.70
N GLN H 106 42.02 -32.51 59.68
CA GLN H 106 41.45 -33.84 59.42
C GLN H 106 39.93 -33.81 59.55
N GLY H 107 39.35 -32.61 59.74
CA GLY H 107 37.91 -32.40 59.65
C GLY H 107 37.11 -33.12 60.72
N ARG H 108 37.80 -33.41 61.83
CA ARG H 108 37.17 -34.06 62.98
C ARG H 108 37.33 -33.22 64.25
N PHE H 109 36.94 -31.97 64.16
CA PHE H 109 37.04 -31.09 65.28
C PHE H 109 35.65 -30.89 65.75
N VAL H 110 35.41 -31.23 67.00
CA VAL H 110 34.05 -31.11 67.55
C VAL H 110 33.36 -29.74 67.32
N ASP H 111 34.11 -28.66 67.25
CA ASP H 111 33.44 -27.38 67.19
C ASP H 111 33.47 -26.63 65.86
N LEU H 112 33.86 -27.31 64.79
CA LEU H 112 33.66 -26.78 63.45
C LEU H 112 32.57 -27.59 62.76
N ILE H 113 31.38 -27.00 62.62
CA ILE H 113 30.26 -27.74 62.06
C ILE H 113 30.13 -27.44 60.59
N GLU H 114 30.66 -28.32 59.74
CA GLU H 114 30.60 -28.06 58.33
C GLU H 114 29.28 -28.59 57.78
N ILE H 115 28.47 -27.65 57.31
CA ILE H 115 27.12 -28.01 56.91
C ILE H 115 26.95 -27.98 55.40
N ASP H 116 26.58 -29.13 54.82
CA ASP H 116 26.46 -29.24 53.38
C ASP H 116 25.16 -28.66 53.01
N ALA H 117 25.14 -27.36 52.82
CA ALA H 117 23.89 -26.65 52.63
C ALA H 117 23.03 -27.38 51.63
N ALA H 118 23.68 -27.90 50.58
CA ALA H 118 23.00 -28.54 49.46
C ALA H 118 22.26 -29.84 49.86
N SER H 119 22.52 -30.38 51.06
CA SER H 119 21.74 -31.51 51.58
C SER H 119 20.85 -31.11 52.76
N ARG H 120 21.33 -30.24 53.63
CA ARG H 120 20.41 -29.71 54.62
C ARG H 120 19.71 -28.50 54.01
N THR H 121 19.01 -28.66 52.90
CA THR H 121 18.41 -27.47 52.32
C THR H 121 17.13 -27.06 52.99
N LYS H 122 16.44 -27.98 53.66
CA LYS H 122 15.08 -27.72 54.11
C LYS H 122 14.95 -26.87 55.36
N VAL H 123 13.75 -26.45 55.73
CA VAL H 123 13.65 -25.57 56.88
C VAL H 123 13.84 -26.43 58.07
N GLU H 124 13.18 -27.58 58.06
CA GLU H 124 13.22 -28.44 59.22
C GLU H 124 14.64 -28.82 59.57
N ASP H 125 15.57 -28.56 58.65
CA ASP H 125 16.98 -28.82 58.86
C ASP H 125 17.61 -27.58 59.45
N THR H 126 17.43 -26.45 58.80
CA THR H 126 17.92 -25.21 59.35
C THR H 126 17.40 -25.08 60.76
N ARG H 127 16.19 -25.54 61.01
CA ARG H 127 15.60 -25.38 62.34
C ARG H 127 16.38 -26.12 63.38
N ASP H 128 16.86 -27.33 63.06
CA ASP H 128 17.71 -28.09 63.95
C ASP H 128 19.03 -27.41 64.14
N LEU H 129 19.53 -26.74 63.12
CA LEU H 129 20.83 -26.10 63.28
C LEU H 129 20.66 -25.03 64.34
N LEU H 130 19.65 -24.20 64.15
CA LEU H 130 19.36 -23.14 65.10
C LEU H 130 19.23 -23.67 66.53
N ASP H 131 18.33 -24.61 66.75
CA ASP H 131 18.08 -25.10 68.09
C ASP H 131 19.35 -25.36 68.86
N ASN H 132 20.40 -25.79 68.17
CA ASN H 132 21.67 -26.13 68.83
C ASN H 132 22.74 -25.05 68.80
N VAL H 133 22.33 -23.82 68.58
CA VAL H 133 23.25 -22.71 68.55
C VAL H 133 23.49 -22.25 69.96
N GLN H 134 22.40 -22.16 70.74
CA GLN H 134 22.49 -21.78 72.15
C GLN H 134 23.61 -22.55 72.87
N TYR H 135 23.56 -23.88 72.89
CA TYR H 135 24.58 -24.65 73.59
C TYR H 135 26.01 -24.26 73.23
N ALA H 136 26.88 -24.15 74.24
CA ALA H 136 28.31 -23.78 74.08
C ALA H 136 29.16 -24.85 73.48
N PRO H 137 30.39 -24.46 73.08
CA PRO H 137 31.37 -25.28 72.36
C PRO H 137 32.09 -26.25 73.27
N ALA H 138 32.34 -27.44 72.74
CA ALA H 138 32.85 -28.55 73.54
C ALA H 138 34.31 -28.41 73.82
N ARG H 139 35.04 -27.89 72.86
CA ARG H 139 36.49 -27.91 72.90
C ARG H 139 37.11 -26.55 72.59
N GLY H 140 36.48 -25.74 71.76
CA GLY H 140 37.09 -24.48 71.35
C GLY H 140 36.54 -23.20 71.97
N ARG H 141 37.07 -22.08 71.50
CA ARG H 141 36.62 -20.73 71.87
C ARG H 141 35.27 -20.39 71.25
N PHE H 142 35.05 -20.92 70.06
CA PHE H 142 33.88 -20.56 69.28
C PHE H 142 33.29 -21.83 68.67
N LYS H 143 31.96 -21.93 68.63
CA LYS H 143 31.28 -22.91 67.78
C LYS H 143 31.26 -22.25 66.41
N VAL H 144 32.00 -22.79 65.43
CA VAL H 144 31.95 -22.23 64.06
C VAL H 144 31.14 -23.05 63.01
N TYR H 145 29.99 -22.50 62.57
CA TYR H 145 29.17 -23.13 61.55
C TYR H 145 29.63 -22.60 60.23
N LEU H 146 30.05 -23.49 59.34
CA LEU H 146 30.44 -23.07 58.02
C LEU H 146 29.44 -23.71 57.06
N ILE H 147 28.60 -22.86 56.48
CA ILE H 147 27.54 -23.33 55.63
C ILE H 147 27.95 -23.20 54.17
N ASP H 148 28.39 -24.31 53.57
CA ASP H 148 28.94 -24.32 52.23
C ASP H 148 27.84 -24.68 51.21
N GLU H 149 27.90 -24.04 50.05
CA GLU H 149 26.95 -24.18 48.93
C GLU H 149 25.64 -23.59 49.35
N VAL H 150 25.72 -22.42 49.96
CA VAL H 150 24.62 -21.85 50.78
C VAL H 150 23.46 -21.31 49.98
N HIS H 151 23.63 -21.23 48.67
CA HIS H 151 22.64 -20.60 47.84
C HIS H 151 21.54 -21.57 47.62
N MET H 152 21.72 -22.78 48.14
CA MET H 152 20.77 -23.83 47.86
C MET H 152 19.61 -23.90 48.85
N LEU H 153 19.78 -23.26 50.01
CA LEU H 153 18.77 -23.24 51.08
C LEU H 153 17.46 -22.70 50.55
N SER H 154 16.37 -23.26 51.04
CA SER H 154 15.03 -22.88 50.63
C SER H 154 14.80 -21.43 50.99
N ARG H 155 13.82 -20.78 50.34
CA ARG H 155 13.50 -19.43 50.73
C ARG H 155 13.17 -19.51 52.21
N HIS H 156 12.42 -20.53 52.53
CA HIS H 156 11.93 -20.64 53.87
C HIS H 156 12.99 -20.69 54.95
N SER H 157 14.13 -21.26 54.62
CA SER H 157 15.12 -21.48 55.65
C SER H 157 16.15 -20.37 55.65
N PHE H 158 16.19 -19.55 54.59
CA PHE H 158 16.99 -18.32 54.64
C PHE H 158 16.44 -17.44 55.72
N ASN H 159 15.14 -17.19 55.65
CA ASN H 159 14.50 -16.34 56.65
C ASN H 159 14.62 -16.87 58.07
N ALA H 160 14.67 -18.19 58.20
CA ALA H 160 14.87 -18.82 59.49
C ALA H 160 16.22 -18.35 60.05
N LEU H 161 17.20 -18.26 59.15
CA LEU H 161 18.56 -17.85 59.52
C LEU H 161 18.68 -16.38 59.99
N LEU H 162 17.64 -15.58 59.74
CA LEU H 162 17.70 -14.10 59.75
C LEU H 162 18.02 -13.48 61.05
N LYS H 163 17.16 -13.66 62.04
CA LYS H 163 17.45 -13.02 63.32
C LYS H 163 18.59 -13.69 64.04
N THR H 164 18.88 -14.96 63.75
CA THR H 164 20.02 -15.58 64.42
C THR H 164 21.33 -15.07 63.80
N LEU H 165 21.26 -14.63 62.56
CA LEU H 165 22.47 -14.28 61.86
C LEU H 165 22.71 -12.80 62.08
N GLU H 166 21.78 -12.09 62.70
CA GLU H 166 21.90 -10.65 62.92
C GLU H 166 22.41 -10.37 64.32
N GLU H 167 22.05 -11.26 65.25
CA GLU H 167 22.30 -11.10 66.68
C GLU H 167 22.50 -12.43 67.34
N PRO H 168 23.56 -13.13 67.00
CA PRO H 168 23.98 -14.43 67.52
C PRO H 168 24.42 -14.33 68.97
N PRO H 169 24.91 -15.43 69.56
CA PRO H 169 25.51 -15.42 70.89
C PRO H 169 27.02 -15.15 70.80
N GLU H 170 27.67 -14.67 71.87
CA GLU H 170 29.09 -14.32 71.81
C GLU H 170 29.92 -15.42 71.15
N HIS H 171 29.66 -16.66 71.54
CA HIS H 171 30.53 -17.76 71.16
C HIS H 171 30.18 -18.43 69.84
N VAL H 172 29.32 -17.81 69.04
CA VAL H 172 28.98 -18.35 67.71
C VAL H 172 29.48 -17.48 66.55
N LYS H 173 30.01 -18.13 65.49
CA LYS H 173 30.28 -17.43 64.23
C LYS H 173 29.74 -18.20 63.02
N PHE H 174 29.27 -17.46 62.01
CA PHE H 174 28.81 -18.05 60.76
C PHE H 174 29.73 -17.79 59.57
N LEU H 175 30.22 -18.88 58.97
CA LEU H 175 30.98 -18.84 57.71
C LEU H 175 30.13 -19.40 56.55
N LEU H 176 29.56 -18.48 55.76
CA LEU H 176 28.78 -18.81 54.57
C LEU H 176 29.63 -18.79 53.32
N ALA H 177 29.37 -19.67 52.40
CA ALA H 177 30.13 -19.54 51.18
C ALA H 177 29.35 -20.10 50.04
N THR H 178 29.58 -19.51 48.85
CA THR H 178 28.78 -19.87 47.71
C THR H 178 29.34 -19.34 46.41
N THR H 179 28.94 -20.02 45.33
CA THR H 179 29.37 -19.68 44.01
C THR H 179 28.60 -18.48 43.58
N ASP H 180 27.29 -18.47 43.68
CA ASP H 180 26.66 -17.17 43.41
C ASP H 180 25.88 -16.57 44.58
N PRO H 181 26.29 -15.35 44.97
CA PRO H 181 25.68 -14.59 46.07
C PRO H 181 24.24 -14.14 45.75
N GLN H 182 23.96 -13.82 44.49
CA GLN H 182 22.72 -13.13 44.16
C GLN H 182 21.51 -13.95 44.52
N LYS H 183 21.62 -15.28 44.47
CA LYS H 183 20.52 -16.18 44.88
C LYS H 183 20.01 -15.97 46.33
N LEU H 184 20.87 -15.42 47.20
CA LEU H 184 20.52 -15.10 48.59
C LEU H 184 19.76 -13.80 48.66
N PRO H 185 18.68 -13.79 49.43
CA PRO H 185 17.83 -12.68 49.87
C PRO H 185 18.65 -11.45 50.27
N VAL H 186 18.18 -10.24 49.98
CA VAL H 186 18.95 -9.04 50.35
C VAL H 186 19.07 -8.93 51.86
N THR H 187 18.00 -9.39 52.53
CA THR H 187 17.98 -9.47 54.00
C THR H 187 19.17 -10.22 54.57
N ILE H 188 19.64 -11.28 53.93
CA ILE H 188 20.83 -11.94 54.43
C ILE H 188 22.08 -11.12 54.13
N LEU H 189 22.21 -10.71 52.87
CA LEU H 189 23.41 -9.99 52.41
C LEU H 189 23.76 -8.83 53.33
N SER H 190 22.81 -7.93 53.53
CA SER H 190 22.93 -6.82 54.48
C SER H 190 23.44 -7.19 55.89
N ARG H 191 23.39 -8.47 56.22
CA ARG H 191 23.74 -8.94 57.57
C ARG H 191 25.18 -9.39 57.75
N CYS H 192 25.94 -9.49 56.65
CA CYS H 192 27.27 -10.06 56.74
C CYS H 192 28.32 -9.37 55.91
N LEU H 193 29.57 -9.65 56.23
CA LEU H 193 30.70 -9.19 55.45
C LEU H 193 30.76 -10.00 54.17
N GLN H 194 30.89 -9.34 53.03
CA GLN H 194 31.01 -10.10 51.79
C GLN H 194 32.40 -9.97 51.22
N PHE H 195 33.14 -11.07 51.24
CA PHE H 195 34.43 -11.07 50.61
C PHE H 195 34.29 -11.75 49.30
N HIS H 196 34.47 -11.01 48.21
CA HIS H 196 34.35 -11.66 46.93
C HIS H 196 35.69 -12.05 46.36
N LEU H 197 35.96 -13.35 46.26
CA LEU H 197 37.26 -13.80 45.77
C LEU H 197 37.27 -13.70 44.24
N LYS H 198 38.36 -13.12 43.71
CA LYS H 198 38.53 -12.93 42.28
C LYS H 198 39.12 -14.22 41.71
N ALA H 199 38.95 -14.41 40.41
CA ALA H 199 39.55 -15.52 39.72
C ALA H 199 41.04 -15.26 39.55
N LEU H 200 41.80 -16.33 39.50
CA LEU H 200 43.24 -16.19 39.38
C LEU H 200 43.76 -15.91 37.95
N ASP H 201 44.74 -15.01 37.87
CA ASP H 201 45.45 -14.67 36.65
C ASP H 201 46.21 -15.82 36.18
N VAL H 202 46.39 -15.90 34.87
CA VAL H 202 47.22 -16.95 34.28
C VAL H 202 48.56 -17.11 34.95
N GLU H 203 49.19 -16.01 35.33
CA GLU H 203 50.48 -16.09 35.96
C GLU H 203 50.41 -16.79 37.28
N GLN H 204 49.56 -16.29 38.17
CA GLN H 204 49.33 -16.90 39.48
C GLN H 204 49.08 -18.41 39.48
N ILE H 205 48.18 -18.87 38.60
CA ILE H 205 47.99 -20.30 38.36
C ILE H 205 49.27 -21.00 37.95
N ARG H 206 49.94 -20.53 36.90
CA ARG H 206 51.20 -21.13 36.50
C ARG H 206 52.15 -21.31 37.68
N HIS H 207 52.53 -20.20 38.30
CA HIS H 207 53.44 -20.26 39.45
C HIS H 207 53.08 -21.36 40.46
N GLN H 208 51.81 -21.51 40.76
CA GLN H 208 51.40 -22.60 41.63
C GLN H 208 51.68 -23.96 41.02
N LEU H 209 51.07 -24.21 39.86
CA LEU H 209 51.19 -25.46 39.15
C LEU H 209 52.63 -25.88 39.09
N GLU H 210 53.54 -24.93 39.06
CA GLU H 210 54.95 -25.24 39.06
C GLU H 210 55.42 -25.71 40.44
N HIS H 211 55.36 -24.80 41.40
CA HIS H 211 55.64 -25.14 42.79
C HIS H 211 55.18 -26.56 43.15
N ILE H 212 53.90 -26.83 42.89
CA ILE H 212 53.33 -28.16 43.19
C ILE H 212 54.06 -29.26 42.47
N LEU H 213 54.20 -29.12 41.16
CA LEU H 213 54.79 -30.21 40.40
C LEU H 213 56.21 -30.42 40.89
N ASN H 214 56.90 -29.34 41.27
CA ASN H 214 58.25 -29.53 41.78
C ASN H 214 58.19 -30.30 43.05
N GLU H 215 57.61 -29.69 44.08
CA GLU H 215 57.36 -30.36 45.35
C GLU H 215 56.96 -31.82 45.25
N GLU H 216 56.05 -32.12 44.32
CA GLU H 216 55.58 -33.48 44.12
C GLU H 216 56.46 -34.32 43.22
N HIS H 217 57.64 -33.79 42.91
CA HIS H 217 58.64 -34.38 42.01
C HIS H 217 58.06 -35.03 40.77
N ILE H 218 57.77 -34.17 39.78
CA ILE H 218 57.16 -34.53 38.52
C ILE H 218 57.73 -33.68 37.40
N ALA H 219 58.46 -34.31 36.48
CA ALA H 219 59.04 -33.63 35.35
C ALA H 219 58.03 -32.79 34.61
N HIS H 220 58.37 -31.55 34.22
CA HIS H 220 57.47 -30.77 33.37
C HIS H 220 58.19 -29.86 32.37
N GLU H 221 57.58 -29.68 31.19
CA GLU H 221 58.06 -28.71 30.20
C GLU H 221 57.41 -27.38 30.51
N PRO H 222 58.21 -26.31 30.60
CA PRO H 222 57.70 -25.01 31.00
C PRO H 222 56.43 -24.61 30.24
N ARG H 223 56.36 -24.83 28.92
CA ARG H 223 55.22 -24.38 28.13
C ARG H 223 53.93 -25.09 28.51
N ALA H 224 54.04 -26.38 28.77
CA ALA H 224 52.90 -27.19 29.16
C ALA H 224 52.19 -26.61 30.33
N LEU H 225 52.89 -25.84 31.14
CA LEU H 225 52.23 -25.20 32.26
C LEU H 225 51.49 -23.94 31.81
N GLN H 226 52.13 -23.13 30.94
CA GLN H 226 51.40 -21.97 30.39
C GLN H 226 50.13 -22.45 29.74
N LEU H 227 50.21 -23.58 29.06
CA LEU H 227 49.09 -24.13 28.30
C LEU H 227 47.99 -24.56 29.24
N LEU H 228 48.38 -25.13 30.38
CA LEU H 228 47.43 -25.57 31.38
C LEU H 228 46.80 -24.38 32.12
N ALA H 229 47.62 -23.50 32.66
CA ALA H 229 47.05 -22.38 33.39
C ALA H 229 46.05 -21.68 32.53
N ARG H 230 46.23 -21.71 31.23
CA ARG H 230 45.34 -20.93 30.42
C ARG H 230 44.02 -21.63 30.31
N ALA H 231 44.06 -22.90 29.95
CA ALA H 231 42.83 -23.67 29.83
C ALA H 231 42.08 -23.83 31.14
N ALA H 232 42.67 -23.34 32.22
CA ALA H 232 42.05 -23.39 33.53
C ALA H 232 40.91 -22.38 33.66
N GLU H 233 40.92 -21.38 32.79
CA GLU H 233 39.85 -20.37 32.75
C GLU H 233 39.57 -19.90 34.18
N GLY H 234 40.66 -19.55 34.84
CA GLY H 234 40.65 -18.73 36.02
C GLY H 234 40.67 -19.51 37.29
N SER H 235 40.28 -20.79 37.22
CA SER H 235 40.04 -21.60 38.44
C SER H 235 41.21 -22.48 38.83
N LEU H 236 41.73 -22.29 40.02
CA LEU H 236 42.85 -23.14 40.49
C LEU H 236 42.53 -24.65 40.69
N ARG H 237 41.29 -25.00 40.93
CA ARG H 237 40.98 -26.39 40.92
C ARG H 237 41.00 -26.89 39.49
N ASP H 238 40.21 -26.25 38.63
CA ASP H 238 40.14 -26.62 37.22
C ASP H 238 41.57 -26.91 36.74
N ALA H 239 42.54 -26.11 37.15
CA ALA H 239 43.96 -26.29 36.83
C ALA H 239 44.51 -27.61 37.37
N LEU H 240 44.38 -27.81 38.68
CA LEU H 240 44.86 -29.02 39.32
C LEU H 240 44.18 -30.27 38.75
N SER H 241 42.88 -30.18 38.50
CA SER H 241 42.18 -31.30 37.91
C SER H 241 42.70 -31.59 36.54
N LEU H 242 43.15 -30.55 35.86
CA LEU H 242 43.67 -30.69 34.51
C LEU H 242 45.09 -31.24 34.50
N THR H 243 45.93 -30.77 35.40
CA THR H 243 47.22 -31.43 35.60
C THR H 243 47.09 -32.90 35.99
N ASP H 244 46.19 -33.20 36.91
CA ASP H 244 46.07 -34.57 37.37
C ASP H 244 45.96 -35.49 36.17
N GLN H 245 45.28 -35.06 35.13
CA GLN H 245 45.11 -35.98 34.04
C GLN H 245 46.10 -35.76 32.94
N ALA H 246 46.84 -34.67 33.07
CA ALA H 246 47.99 -34.46 32.22
C ALA H 246 48.98 -35.52 32.63
N ILE H 247 49.28 -35.56 33.93
CA ILE H 247 50.23 -36.54 34.46
C ILE H 247 49.85 -37.94 34.03
N ALA H 248 48.58 -38.24 33.95
CA ALA H 248 48.20 -39.57 33.48
C ALA H 248 48.33 -39.73 31.98
N SER H 249 48.08 -38.66 31.24
CA SER H 249 48.10 -38.77 29.80
C SER H 249 49.50 -38.86 29.29
N GLY H 250 50.39 -38.11 29.92
CA GLY H 250 51.76 -38.02 29.50
C GLY H 250 52.65 -39.03 30.21
N ASP H 251 52.09 -39.81 31.13
CA ASP H 251 52.87 -40.87 31.80
C ASP H 251 53.91 -40.33 32.77
N GLY H 252 53.44 -39.76 33.86
CA GLY H 252 54.30 -39.35 34.95
C GLY H 252 55.06 -38.09 34.62
N GLN H 253 54.82 -37.61 33.39
CA GLN H 253 55.44 -36.40 32.87
C GLN H 253 54.39 -35.44 32.37
N VAL H 254 54.54 -34.18 32.73
CA VAL H 254 53.64 -33.17 32.20
C VAL H 254 54.33 -32.52 31.01
N SER H 255 54.11 -33.09 29.83
CA SER H 255 54.86 -32.69 28.64
C SER H 255 53.99 -31.92 27.71
N THR H 256 54.59 -31.09 26.87
CA THR H 256 53.80 -30.24 25.97
C THR H 256 53.02 -31.10 24.99
N GLN H 257 53.62 -32.16 24.44
CA GLN H 257 52.86 -32.99 23.51
C GLN H 257 51.63 -33.47 24.23
N ALA H 258 51.81 -33.94 25.45
CA ALA H 258 50.71 -34.51 26.25
C ALA H 258 49.57 -33.56 26.49
N VAL H 259 49.92 -32.37 26.95
CA VAL H 259 48.92 -31.37 27.27
C VAL H 259 48.17 -30.89 26.03
N SER H 260 48.86 -30.42 25.01
CA SER H 260 48.13 -30.00 23.82
C SER H 260 47.34 -31.14 23.17
N ALA H 261 47.93 -32.34 23.14
CA ALA H 261 47.14 -33.51 22.76
C ALA H 261 45.77 -33.46 23.46
N MET H 262 45.79 -33.65 24.77
CA MET H 262 44.62 -33.58 25.64
C MET H 262 43.71 -32.33 25.50
N LEU H 263 44.25 -31.22 25.05
CA LEU H 263 43.48 -29.98 25.07
C LEU H 263 42.89 -29.61 23.68
N GLY H 264 43.07 -30.46 22.68
CA GLY H 264 42.60 -30.14 21.34
C GLY H 264 43.51 -29.17 20.62
N THR H 265 44.33 -28.43 21.35
CA THR H 265 45.36 -27.59 20.74
C THR H 265 46.29 -28.40 19.88
N LEU H 266 46.68 -27.89 18.71
CA LEU H 266 47.86 -28.41 18.01
C LEU H 266 48.99 -27.44 18.33
N ASP H 267 50.26 -27.86 18.18
CA ASP H 267 51.36 -26.88 18.43
C ASP H 267 51.71 -25.81 17.33
N ASP H 268 51.76 -24.57 17.87
CA ASP H 268 50.98 -23.40 17.42
C ASP H 268 51.17 -22.86 16.01
N ASP H 269 52.25 -23.29 15.35
CA ASP H 269 52.56 -22.80 14.02
C ASP H 269 51.52 -23.19 12.96
N GLN H 270 51.20 -24.46 12.85
CA GLN H 270 50.33 -24.91 11.76
C GLN H 270 48.94 -24.24 11.65
N ALA H 271 48.44 -23.73 12.78
CA ALA H 271 47.16 -23.03 12.79
C ALA H 271 47.33 -21.68 12.16
N LEU H 272 48.26 -20.90 12.70
CA LEU H 272 48.64 -19.59 12.18
C LEU H 272 48.94 -19.61 10.71
N SER H 273 49.86 -20.50 10.34
CA SER H 273 50.28 -20.69 8.95
C SER H 273 49.13 -20.67 7.97
N LEU H 274 48.04 -21.32 8.34
CA LEU H 274 46.86 -21.32 7.48
C LEU H 274 46.22 -19.92 7.44
N VAL H 275 46.02 -19.29 8.61
CA VAL H 275 45.47 -17.92 8.63
C VAL H 275 46.27 -17.11 7.63
N GLU H 276 47.53 -16.87 7.95
CA GLU H 276 48.45 -16.18 7.05
C GLU H 276 48.15 -16.49 5.61
N ALA H 277 48.19 -17.77 5.26
CA ALA H 277 48.10 -18.21 3.87
C ALA H 277 46.79 -17.72 3.30
N MET H 278 45.80 -17.52 4.16
CA MET H 278 44.48 -17.14 3.74
C MET H 278 44.35 -15.65 3.49
N VAL H 279 44.90 -14.84 4.38
CA VAL H 279 44.93 -13.40 4.17
C VAL H 279 45.75 -13.08 2.92
N GLU H 280 46.81 -13.85 2.70
CA GLU H 280 47.69 -13.65 1.55
C GLU H 280 47.06 -14.20 0.28
N ALA H 281 45.77 -14.49 0.35
CA ALA H 281 44.99 -14.97 -0.81
C ALA H 281 45.51 -16.17 -1.61
N ASN H 282 46.65 -16.73 -1.22
CA ASN H 282 47.20 -17.85 -1.99
C ASN H 282 46.47 -19.18 -1.74
N GLY H 283 45.79 -19.68 -2.75
CA GLY H 283 45.00 -20.88 -2.62
C GLY H 283 45.81 -22.13 -2.40
N GLU H 284 46.69 -22.45 -3.35
CA GLU H 284 47.52 -23.64 -3.28
C GLU H 284 47.92 -23.96 -1.85
N ARG H 285 48.53 -22.98 -1.17
CA ARG H 285 49.00 -23.14 0.20
C ARG H 285 47.87 -23.44 1.20
N VAL H 286 46.76 -22.72 1.06
CA VAL H 286 45.62 -22.99 1.90
C VAL H 286 45.32 -24.45 1.73
N MET H 287 45.05 -24.87 0.51
CA MET H 287 44.63 -26.23 0.30
C MET H 287 45.65 -27.26 0.72
N ALA H 288 46.92 -27.01 0.38
CA ALA H 288 48.00 -27.89 0.82
C ALA H 288 48.03 -27.93 2.35
N LEU H 289 48.19 -26.78 3.00
CA LEU H 289 48.20 -26.74 4.46
C LEU H 289 47.06 -27.54 5.13
N ILE H 290 45.98 -27.74 4.39
CA ILE H 290 44.82 -28.49 4.85
C ILE H 290 45.04 -29.96 4.63
N ASN H 291 45.45 -30.30 3.42
CA ASN H 291 45.87 -31.66 3.17
C ASN H 291 46.84 -32.15 4.27
N GLU H 292 47.83 -31.34 4.62
CA GLU H 292 48.72 -31.72 5.70
C GLU H 292 48.02 -31.82 7.06
N ALA H 293 47.06 -30.94 7.34
CA ALA H 293 46.28 -31.04 8.57
C ALA H 293 45.61 -32.40 8.61
N ALA H 294 45.39 -32.95 7.42
CA ALA H 294 44.53 -34.11 7.21
C ALA H 294 45.25 -35.45 7.27
N ALA H 295 46.52 -35.48 6.89
CA ALA H 295 47.32 -36.64 7.16
C ALA H 295 47.58 -36.78 8.70
N ARG H 296 47.50 -35.69 9.46
CA ARG H 296 47.70 -35.74 10.92
C ARG H 296 46.41 -36.09 11.66
N GLY H 297 45.30 -36.06 10.93
CA GLY H 297 44.00 -36.36 11.48
C GLY H 297 43.58 -35.35 12.53
N ILE H 298 44.08 -34.13 12.39
CA ILE H 298 43.72 -33.07 13.32
C ILE H 298 42.18 -32.89 13.25
N GLU H 299 41.51 -32.64 14.36
CA GLU H 299 40.05 -32.55 14.33
C GLU H 299 39.53 -31.28 13.65
N TRP H 300 38.58 -31.43 12.76
CA TRP H 300 38.18 -30.29 11.97
C TRP H 300 37.58 -29.14 12.75
N GLU H 301 36.53 -29.31 13.55
CA GLU H 301 36.01 -28.15 14.31
C GLU H 301 37.18 -27.48 15.04
N ALA H 302 38.07 -28.30 15.60
CA ALA H 302 39.19 -27.87 16.42
C ALA H 302 40.02 -26.82 15.72
N LEU H 303 40.44 -27.13 14.49
CA LEU H 303 41.15 -26.18 13.66
C LEU H 303 40.45 -24.82 13.58
N LEU H 304 39.27 -24.79 12.97
CA LEU H 304 38.56 -23.54 12.78
C LEU H 304 38.53 -22.74 14.04
N VAL H 305 38.67 -23.43 15.17
CA VAL H 305 38.67 -22.71 16.44
C VAL H 305 39.97 -22.00 16.77
N GLU H 306 41.08 -22.73 16.66
CA GLU H 306 42.37 -22.08 16.88
C GLU H 306 42.54 -20.85 15.98
N MET H 307 41.93 -20.90 14.80
CA MET H 307 41.95 -19.78 13.85
C MET H 307 41.12 -18.54 14.23
N LEU H 308 39.89 -18.75 14.70
CA LEU H 308 39.08 -17.66 15.26
C LEU H 308 39.88 -17.17 16.44
N GLY H 309 40.46 -18.11 17.19
CA GLY H 309 41.35 -17.80 18.28
C GLY H 309 42.50 -16.88 17.91
N LEU H 310 43.09 -17.12 16.74
CA LEU H 310 44.18 -16.28 16.30
C LEU H 310 43.64 -14.96 15.78
N LEU H 311 42.66 -15.03 14.90
CA LEU H 311 42.03 -13.83 14.38
C LEU H 311 41.55 -12.84 15.44
N HIS H 312 41.17 -13.36 16.59
CA HIS H 312 40.72 -12.52 17.69
C HIS H 312 41.93 -11.84 18.27
N ARG H 313 42.86 -12.63 18.81
CA ARG H 313 44.01 -12.03 19.46
C ARG H 313 44.62 -10.94 18.59
N ILE H 314 44.62 -11.15 17.28
CA ILE H 314 45.14 -10.17 16.33
C ILE H 314 44.33 -8.88 16.35
N ALA H 315 43.01 -8.98 16.18
CA ALA H 315 42.13 -7.80 16.17
C ALA H 315 42.20 -7.12 17.54
N MET H 316 42.49 -7.93 18.54
CA MET H 316 42.74 -7.46 19.88
C MET H 316 43.98 -6.59 19.88
N VAL H 317 45.06 -7.10 19.31
CA VAL H 317 46.34 -6.41 19.33
C VAL H 317 46.28 -5.05 18.65
N GLN H 318 45.63 -4.98 17.50
CA GLN H 318 45.33 -3.70 16.93
C GLN H 318 44.95 -2.75 18.06
N LEU H 319 43.70 -2.82 18.52
CA LEU H 319 43.19 -1.98 19.62
C LEU H 319 44.27 -1.56 20.64
N SER H 320 44.52 -2.44 21.61
CA SER H 320 45.59 -2.21 22.59
C SER H 320 46.83 -3.05 22.28
N PRO H 321 47.99 -2.39 22.01
CA PRO H 321 49.23 -3.09 21.65
C PRO H 321 49.72 -4.14 22.67
N ALA H 322 49.82 -3.74 23.94
CA ALA H 322 50.30 -4.63 25.00
C ALA H 322 49.48 -5.95 25.10
N ALA H 323 48.22 -5.87 24.64
CA ALA H 323 47.23 -6.96 24.74
C ALA H 323 47.75 -8.37 24.36
N LEU H 324 48.59 -8.47 23.33
CA LEU H 324 49.03 -9.78 22.87
C LEU H 324 49.56 -10.60 24.03
N GLY H 325 49.13 -11.88 24.04
CA GLY H 325 49.36 -12.79 25.14
C GLY H 325 50.81 -13.02 25.55
N ASN H 326 50.96 -13.77 26.63
CA ASN H 326 52.27 -14.16 27.08
C ASN H 326 52.66 -15.56 26.57
N ASP H 327 51.65 -16.33 26.17
CA ASP H 327 51.85 -17.72 25.76
C ASP H 327 52.35 -17.88 24.33
N MET H 328 52.16 -16.85 23.50
CA MET H 328 52.63 -16.92 22.12
C MET H 328 53.84 -16.05 21.88
N ALA H 329 54.92 -16.42 22.52
CA ALA H 329 56.20 -15.82 22.28
C ALA H 329 56.76 -16.32 20.95
N ALA H 330 56.80 -17.64 20.80
CA ALA H 330 57.33 -18.28 19.58
C ALA H 330 56.68 -17.80 18.26
N ILE H 331 55.67 -16.96 18.35
CA ILE H 331 54.86 -16.65 17.19
C ILE H 331 54.68 -15.14 17.04
N GLU H 332 55.05 -14.41 18.08
CA GLU H 332 54.79 -12.96 18.19
C GLU H 332 55.27 -12.12 17.00
N LEU H 333 56.45 -12.46 16.49
CA LEU H 333 57.06 -11.73 15.39
C LEU H 333 56.09 -11.61 14.25
N ARG H 334 55.47 -12.73 13.98
CA ARG H 334 54.59 -12.91 12.86
C ARG H 334 53.18 -12.36 13.09
N MET H 335 52.69 -12.46 14.33
CA MET H 335 51.33 -12.05 14.68
C MET H 335 51.25 -10.56 14.63
N ARG H 336 52.18 -9.93 15.35
CA ARG H 336 52.36 -8.50 15.40
C ARG H 336 52.35 -7.94 14.00
N GLU H 337 53.04 -8.63 13.10
CA GLU H 337 53.08 -8.23 11.72
C GLU H 337 51.68 -8.13 11.17
N LEU H 338 50.95 -9.22 11.29
CA LEU H 338 49.59 -9.33 10.76
C LEU H 338 48.61 -8.24 11.21
N ALA H 339 48.78 -7.76 12.43
CA ALA H 339 47.89 -6.76 12.94
C ALA H 339 48.17 -5.43 12.25
N ARG H 340 49.45 -5.20 11.98
CA ARG H 340 49.90 -3.94 11.41
C ARG H 340 49.49 -3.84 9.96
N THR H 341 49.49 -4.97 9.26
CA THR H 341 49.31 -4.95 7.81
C THR H 341 47.88 -5.19 7.29
N ILE H 342 46.97 -5.60 8.16
CA ILE H 342 45.59 -5.84 7.72
C ILE H 342 44.53 -4.97 8.44
N PRO H 343 43.63 -4.36 7.64
CA PRO H 343 42.61 -3.43 8.11
C PRO H 343 41.62 -4.15 8.98
N PRO H 344 41.31 -3.60 10.16
CA PRO H 344 40.29 -4.13 11.08
C PRO H 344 38.95 -4.52 10.41
N THR H 345 38.39 -3.68 9.54
CA THR H 345 37.18 -4.08 8.81
C THR H 345 37.37 -5.49 8.25
N ASP H 346 38.52 -5.71 7.60
CA ASP H 346 38.91 -6.98 6.94
C ASP H 346 38.99 -8.16 7.89
N ILE H 347 39.66 -7.98 9.02
CA ILE H 347 39.76 -9.04 10.04
C ILE H 347 38.40 -9.52 10.59
N GLN H 348 37.48 -8.57 10.81
CA GLN H 348 36.16 -8.93 11.26
C GLN H 348 35.52 -9.76 10.16
N LEU H 349 35.78 -9.41 8.89
CA LEU H 349 35.34 -10.25 7.78
C LEU H 349 35.81 -11.69 7.94
N TYR H 350 37.11 -11.93 8.01
CA TYR H 350 37.59 -13.32 8.19
C TYR H 350 36.90 -14.10 9.34
N TYR H 351 37.03 -13.59 10.57
CA TYR H 351 36.29 -14.11 11.73
C TYR H 351 34.83 -14.51 11.45
N GLN H 352 34.02 -13.51 11.08
CA GLN H 352 32.69 -13.72 10.54
C GLN H 352 32.62 -15.02 9.74
N THR H 353 33.40 -15.08 8.67
CA THR H 353 33.28 -16.16 7.69
C THR H 353 33.67 -17.50 8.25
N LEU H 354 34.62 -17.49 9.20
CA LEU H 354 35.09 -18.69 9.87
C LEU H 354 34.10 -19.13 10.96
N LEU H 355 33.31 -18.18 11.42
CA LEU H 355 32.33 -18.42 12.48
C LEU H 355 31.09 -19.10 11.93
N ILE H 356 30.47 -18.48 10.91
CA ILE H 356 29.34 -19.10 10.24
C ILE H 356 29.81 -20.46 9.71
N GLY H 357 31.09 -20.50 9.31
CA GLY H 357 31.75 -21.71 8.85
C GLY H 357 31.69 -22.83 9.85
N ARG H 358 31.77 -22.47 11.13
CA ARG H 358 31.54 -23.37 12.29
C ARG H 358 30.06 -23.70 12.46
N LYS H 359 29.26 -22.66 12.61
CA LYS H 359 27.81 -22.80 12.64
C LYS H 359 27.36 -23.85 11.60
N GLU H 360 28.02 -23.85 10.42
CA GLU H 360 27.66 -24.72 9.28
C GLU H 360 28.20 -26.14 9.40
N LEU H 361 29.28 -26.29 10.10
CA LEU H 361 30.01 -27.54 10.01
C LEU H 361 29.18 -28.84 10.23
N PRO H 362 28.30 -28.84 11.26
CA PRO H 362 27.39 -29.96 11.57
C PRO H 362 26.73 -30.48 10.32
N TYR H 363 26.21 -29.51 9.57
CA TYR H 363 25.32 -29.75 8.46
C TYR H 363 26.04 -29.95 7.15
N ALA H 364 27.29 -29.52 7.05
CA ALA H 364 28.06 -29.80 5.82
C ALA H 364 28.32 -31.29 5.67
N PRO H 365 28.52 -31.74 4.41
CA PRO H 365 28.48 -33.15 3.97
C PRO H 365 29.54 -34.03 4.62
N ASP H 366 30.69 -33.42 4.89
CA ASP H 366 31.83 -34.10 5.46
C ASP H 366 32.53 -33.02 6.29
N ARG H 367 32.89 -33.31 7.54
CA ARG H 367 33.43 -32.24 8.40
C ARG H 367 34.58 -31.51 7.69
N ARG H 368 35.42 -32.25 6.96
CA ARG H 368 36.54 -31.67 6.21
C ARG H 368 36.09 -30.74 5.11
N MET H 369 35.37 -31.31 4.16
CA MET H 369 34.78 -30.56 3.08
C MET H 369 34.20 -29.26 3.59
N GLY H 370 33.56 -29.31 4.74
CA GLY H 370 32.99 -28.11 5.31
C GLY H 370 34.05 -27.12 5.69
N VAL H 371 35.16 -27.58 6.27
CA VAL H 371 36.22 -26.64 6.56
C VAL H 371 36.80 -26.13 5.26
N GLU H 372 37.23 -27.03 4.38
CA GLU H 372 37.69 -26.66 3.03
C GLU H 372 36.81 -25.58 2.41
N MET H 373 35.54 -25.92 2.25
CA MET H 373 34.53 -25.04 1.65
C MET H 373 34.40 -23.70 2.35
N THR H 374 34.68 -23.65 3.63
CA THR H 374 34.53 -22.40 4.33
C THR H 374 35.71 -21.50 4.05
N LEU H 375 36.83 -22.11 3.74
CA LEU H 375 38.04 -21.38 3.44
C LEU H 375 37.96 -20.90 2.02
N LEU H 376 37.33 -21.70 1.16
CA LEU H 376 37.04 -21.24 -0.19
C LEU H 376 36.07 -20.06 -0.21
N ARG H 377 35.21 -19.97 0.81
CA ARG H 377 34.33 -18.82 0.87
C ARG H 377 35.21 -17.63 1.14
N ALA H 378 36.09 -17.73 2.13
CA ALA H 378 37.10 -16.70 2.32
C ALA H 378 37.59 -16.29 0.96
N LEU H 379 38.37 -17.14 0.32
CA LEU H 379 38.93 -16.81 -0.98
C LEU H 379 37.96 -16.15 -1.95
N ALA H 380 36.80 -16.75 -2.19
CA ALA H 380 35.84 -16.21 -3.15
C ALA H 380 35.44 -14.77 -2.84
N PHE H 381 35.14 -14.52 -1.55
CA PHE H 381 34.83 -13.17 -1.02
C PHE H 381 36.02 -12.43 -0.42
N HIS H 382 37.20 -12.78 -0.89
CA HIS H 382 38.40 -12.20 -0.33
C HIS H 382 38.40 -10.74 -0.70
N PRO H 383 38.73 -9.87 0.26
CA PRO H 383 38.78 -8.43 0.06
C PRO H 383 39.80 -7.99 -0.98
N ARG H 384 41.04 -8.41 -0.80
CA ARG H 384 42.15 -7.83 -1.56
C ARG H 384 42.45 -8.51 -2.90
N MET H 385 42.11 -9.78 -3.02
CA MET H 385 42.37 -10.54 -4.25
C MET H 385 41.32 -11.63 -4.39
N PRO H 386 40.10 -11.23 -4.74
CA PRO H 386 39.04 -12.21 -4.97
C PRO H 386 39.50 -13.31 -5.94
N LEU H 387 38.99 -14.52 -5.74
CA LEU H 387 39.15 -15.61 -6.70
C LEU H 387 38.68 -15.17 -8.12
N PRO H 388 39.31 -15.69 -9.21
CA PRO H 388 39.02 -15.25 -10.58
C PRO H 388 37.63 -15.56 -11.15
N GLU H 389 36.89 -14.50 -11.47
CA GLU H 389 35.63 -14.58 -12.19
C GLU H 389 35.86 -14.97 -13.66
N PRO H 390 34.89 -15.63 -14.32
CA PRO H 390 35.01 -16.23 -15.67
C PRO H 390 35.30 -15.33 -16.90
N SER I 24 19.03 -67.18 23.99
CA SER I 24 19.74 -66.05 24.61
C SER I 24 20.16 -64.93 23.60
N TYR I 25 19.35 -64.67 22.57
CA TYR I 25 19.74 -63.70 21.56
C TYR I 25 19.76 -62.25 22.03
N GLN I 26 20.71 -61.50 21.48
CA GLN I 26 20.83 -60.06 21.67
C GLN I 26 21.41 -59.39 20.42
N VAL I 27 20.95 -58.18 20.12
CA VAL I 27 21.43 -57.37 19.01
C VAL I 27 22.94 -57.29 19.07
N LEU I 28 23.63 -57.12 17.94
CA LEU I 28 25.10 -57.05 17.96
C LEU I 28 25.52 -55.89 18.80
N ALA I 29 24.89 -54.77 18.51
CA ALA I 29 25.07 -53.55 19.28
C ALA I 29 25.31 -53.82 20.79
N ARG I 30 24.80 -54.94 21.29
CA ARG I 30 24.69 -55.20 22.71
C ARG I 30 25.61 -56.33 23.13
N LYS I 31 25.60 -57.38 22.33
CA LYS I 31 26.53 -58.54 22.39
C LYS I 31 28.01 -58.19 22.35
N TRP I 32 28.35 -57.26 21.50
CA TRP I 32 29.73 -57.02 21.21
C TRP I 32 30.32 -55.90 22.03
N ARG I 33 29.68 -55.60 23.16
CA ARG I 33 30.22 -54.56 24.04
C ARG I 33 31.54 -55.05 24.53
N PRO I 34 32.57 -54.20 24.44
CA PRO I 34 33.96 -54.53 24.73
C PRO I 34 34.07 -54.94 26.19
N GLN I 35 34.73 -56.08 26.42
CA GLN I 35 34.65 -56.68 27.71
C GLN I 35 36.03 -56.72 28.35
N THR I 36 37.05 -56.33 27.58
CA THR I 36 38.40 -56.06 28.10
C THR I 36 38.89 -54.84 27.40
N PHE I 37 39.80 -54.10 28.01
CA PHE I 37 40.28 -52.89 27.36
C PHE I 37 40.71 -53.16 25.91
N ALA I 38 41.50 -54.23 25.73
CA ALA I 38 41.92 -54.71 24.40
C ALA I 38 40.86 -54.67 23.28
N ASP I 39 39.58 -54.84 23.61
CA ASP I 39 38.51 -55.04 22.63
C ASP I 39 37.82 -53.77 22.22
N VAL I 40 38.33 -52.67 22.73
CA VAL I 40 37.80 -51.33 22.46
C VAL I 40 38.42 -50.70 21.21
N VAL I 41 37.56 -50.13 20.37
CA VAL I 41 38.00 -49.50 19.17
C VAL I 41 38.39 -48.06 19.46
N GLY I 42 39.60 -47.67 19.13
CA GLY I 42 39.95 -46.27 19.27
C GLY I 42 39.87 -45.71 20.68
N GLN I 43 39.67 -44.41 20.77
CA GLN I 43 39.68 -43.69 22.04
C GLN I 43 40.99 -43.89 22.72
N GLU I 44 41.98 -44.24 21.93
CA GLU I 44 43.28 -44.60 22.45
C GLU I 44 43.88 -43.58 23.43
N HIS I 45 43.41 -42.34 23.38
CA HIS I 45 43.92 -41.30 24.28
C HIS I 45 43.33 -41.42 25.66
N VAL I 46 42.08 -41.86 25.74
CA VAL I 46 41.43 -42.13 27.01
C VAL I 46 41.96 -43.40 27.66
N LEU I 47 41.99 -44.47 26.88
CA LEU I 47 42.50 -45.74 27.35
C LEU I 47 43.90 -45.56 27.92
N THR I 48 44.71 -44.81 27.19
CA THR I 48 46.07 -44.56 27.61
C THR I 48 46.19 -43.90 28.99
N ALA I 49 45.47 -42.79 29.17
CA ALA I 49 45.53 -42.05 30.41
C ALA I 49 44.99 -42.92 31.55
N LEU I 50 43.93 -43.66 31.27
CA LEU I 50 43.35 -44.58 32.26
C LEU I 50 44.34 -45.63 32.72
N ALA I 51 44.75 -46.48 31.79
CA ALA I 51 45.70 -47.52 32.08
C ALA I 51 46.94 -46.95 32.76
N ASN I 52 47.27 -45.73 32.36
CA ASN I 52 48.52 -45.10 32.77
C ASN I 52 48.47 -44.71 34.23
N GLY I 53 47.33 -44.16 34.63
CA GLY I 53 47.10 -43.85 36.02
C GLY I 53 46.77 -45.05 36.90
N LEU I 54 46.02 -46.03 36.40
CA LEU I 54 45.83 -47.29 37.13
C LEU I 54 47.19 -47.88 37.44
N SER I 55 48.13 -47.86 36.50
CA SER I 55 49.43 -48.38 36.82
C SER I 55 50.25 -47.46 37.73
N LEU I 56 50.57 -46.24 37.30
CA LEU I 56 51.32 -45.28 38.13
C LEU I 56 50.82 -45.10 39.58
N GLY I 57 49.57 -45.49 39.85
CA GLY I 57 48.89 -45.24 41.12
C GLY I 57 48.14 -43.91 41.29
N ARG I 58 47.99 -43.18 40.18
CA ARG I 58 47.39 -41.83 40.10
C ARG I 58 45.89 -41.90 39.86
N ILE I 59 45.18 -42.70 40.68
CA ILE I 59 43.75 -42.90 40.49
C ILE I 59 42.84 -41.84 41.11
N HIS I 60 42.05 -41.19 40.28
CA HIS I 60 41.25 -40.04 40.73
C HIS I 60 40.01 -40.58 41.44
N HIS I 61 39.13 -39.68 41.91
CA HIS I 61 37.87 -40.12 42.53
C HIS I 61 36.59 -39.84 41.73
N ALA I 62 36.73 -39.03 40.70
CA ALA I 62 35.59 -38.71 39.87
C ALA I 62 36.02 -38.58 38.43
N TYR I 63 35.76 -39.58 37.62
CA TYR I 63 36.02 -39.44 36.21
C TYR I 63 34.75 -39.01 35.53
N LEU I 64 34.81 -38.10 34.56
CA LEU I 64 33.64 -37.76 33.75
C LEU I 64 33.95 -38.11 32.29
N PHE I 65 33.14 -38.96 31.67
CA PHE I 65 33.36 -39.41 30.29
C PHE I 65 32.37 -38.75 29.29
N SER I 66 32.86 -38.07 28.25
CA SER I 66 31.89 -37.42 27.35
C SER I 66 32.11 -37.72 25.87
N GLY I 67 31.15 -37.36 25.01
CA GLY I 67 31.17 -37.63 23.56
C GLY I 67 29.87 -38.14 22.91
N THR I 68 29.76 -38.07 21.58
CA THR I 68 28.44 -38.39 20.99
C THR I 68 28.03 -39.80 21.22
N ARG I 69 26.75 -40.01 20.97
CA ARG I 69 26.09 -41.27 21.15
C ARG I 69 26.90 -42.43 20.61
N GLY I 70 27.17 -43.41 21.48
CA GLY I 70 27.67 -44.70 21.02
C GLY I 70 29.10 -44.80 20.54
N VAL I 71 30.01 -44.18 21.28
CA VAL I 71 31.42 -44.12 20.93
C VAL I 71 32.24 -44.74 22.08
N GLY I 72 31.52 -45.43 22.95
CA GLY I 72 32.13 -46.17 24.04
C GLY I 72 32.24 -45.51 25.41
N LYS I 73 31.37 -44.53 25.68
CA LYS I 73 31.42 -43.77 26.95
C LYS I 73 31.12 -44.70 28.09
N THR I 74 30.00 -45.39 27.99
CA THR I 74 29.57 -46.18 29.12
C THR I 74 30.13 -47.59 29.01
N SER I 75 30.62 -47.97 27.84
CA SER I 75 31.33 -49.23 27.79
C SER I 75 32.63 -49.13 28.56
N ILE I 76 33.29 -47.99 28.43
CA ILE I 76 34.58 -47.75 29.07
C ILE I 76 34.47 -47.46 30.55
N ALA I 77 33.37 -46.83 31.01
CA ALA I 77 33.12 -46.69 32.46
C ALA I 77 33.07 -48.10 33.04
N ARG I 78 32.16 -48.91 32.50
CA ARG I 78 32.07 -50.29 32.94
C ARG I 78 33.41 -51.04 32.92
N LEU I 79 34.27 -50.79 31.93
CA LEU I 79 35.57 -51.46 31.93
C LEU I 79 36.48 -50.91 33.01
N LEU I 80 36.43 -49.60 33.29
CA LEU I 80 37.30 -49.00 34.30
C LEU I 80 36.90 -49.57 35.63
N ALA I 81 35.59 -49.65 35.86
CA ALA I 81 35.13 -50.38 37.03
C ALA I 81 35.75 -51.83 37.22
N LYS I 82 35.76 -52.65 36.16
CA LYS I 82 36.37 -53.99 36.24
C LYS I 82 37.77 -53.83 36.71
N GLY I 83 38.52 -52.98 36.04
CA GLY I 83 39.91 -52.80 36.37
C GLY I 83 40.15 -52.38 37.80
N LEU I 84 39.18 -51.68 38.40
CA LEU I 84 39.35 -51.24 39.78
C LEU I 84 39.12 -52.39 40.73
N ASN I 85 38.10 -53.18 40.48
CA ASN I 85 37.71 -54.16 41.47
C ASN I 85 38.27 -55.53 41.31
N CYS I 86 39.02 -55.77 40.24
CA CYS I 86 39.40 -57.14 39.85
C CYS I 86 40.08 -58.01 40.92
N GLU I 87 39.64 -59.26 41.01
CA GLU I 87 40.13 -60.11 42.06
C GLU I 87 41.66 -60.30 41.93
N THR I 88 42.22 -59.92 40.77
CA THR I 88 43.67 -60.12 40.45
C THR I 88 44.60 -59.02 41.01
N GLY I 89 44.04 -57.85 41.30
CA GLY I 89 44.76 -56.66 41.70
C GLY I 89 44.10 -55.46 41.02
N ILE I 90 44.43 -54.24 41.43
CA ILE I 90 43.96 -53.10 40.62
C ILE I 90 44.75 -53.17 39.32
N THR I 91 44.06 -53.40 38.21
CA THR I 91 44.77 -53.59 36.97
C THR I 91 44.27 -52.63 35.91
N ALA I 92 44.99 -52.52 34.81
CA ALA I 92 44.60 -51.72 33.67
C ALA I 92 44.21 -52.69 32.55
N THR I 93 44.49 -53.96 32.81
CA THR I 93 44.23 -55.01 31.87
C THR I 93 43.46 -56.08 32.62
N PRO I 94 42.21 -55.78 32.97
CA PRO I 94 41.45 -56.67 33.88
C PRO I 94 41.14 -57.98 33.18
N CYS I 95 41.09 -59.09 33.91
CA CYS I 95 40.95 -60.41 33.27
C CYS I 95 39.60 -60.72 32.60
N GLY I 96 38.50 -60.60 33.36
CA GLY I 96 37.19 -61.03 32.89
C GLY I 96 36.87 -62.47 33.34
N VAL I 97 37.66 -63.00 34.26
CA VAL I 97 37.57 -64.41 34.62
C VAL I 97 37.56 -64.60 36.15
N CYS I 98 37.21 -63.55 36.87
CA CYS I 98 36.99 -63.73 38.28
C CYS I 98 35.50 -63.53 38.57
N ASP I 99 35.04 -64.06 39.70
CA ASP I 99 33.70 -63.71 40.15
C ASP I 99 33.47 -62.21 39.83
N ASN I 100 34.40 -61.34 40.18
CA ASN I 100 34.17 -59.90 40.04
C ASN I 100 34.08 -59.32 38.65
N CYS I 101 34.75 -59.90 37.66
CA CYS I 101 34.66 -59.32 36.32
C CYS I 101 33.44 -59.87 35.57
N ARG I 102 33.14 -61.15 35.79
CA ARG I 102 31.96 -61.77 35.19
C ARG I 102 30.74 -61.08 35.78
N GLU I 103 30.75 -60.86 37.08
CA GLU I 103 29.60 -60.29 37.75
C GLU I 103 29.24 -58.93 37.17
N ILE I 104 30.27 -58.15 36.77
CA ILE I 104 30.09 -56.78 36.23
C ILE I 104 29.59 -56.85 34.79
N GLU I 105 30.20 -57.76 34.02
CA GLU I 105 29.80 -58.07 32.65
C GLU I 105 28.29 -58.31 32.56
N GLN I 106 27.75 -58.95 33.61
CA GLN I 106 26.33 -59.31 33.76
C GLN I 106 25.48 -58.31 34.57
N GLY I 107 26.08 -57.24 35.06
CA GLY I 107 25.34 -56.31 35.88
C GLY I 107 25.01 -56.77 37.29
N ARG I 108 25.28 -58.04 37.62
CA ARG I 108 25.00 -58.63 38.95
C ARG I 108 25.95 -58.17 40.08
N PHE I 109 27.05 -57.54 39.71
CA PHE I 109 28.05 -57.11 40.71
C PHE I 109 27.62 -55.93 41.58
N VAL I 110 27.78 -56.19 42.86
CA VAL I 110 27.11 -55.46 43.90
C VAL I 110 27.77 -54.18 44.27
N ASP I 111 29.04 -54.06 43.99
CA ASP I 111 29.73 -52.83 44.33
C ASP I 111 30.01 -51.97 43.15
N LEU I 112 29.21 -52.19 42.10
CA LEU I 112 29.09 -51.29 40.94
C LEU I 112 27.65 -50.87 40.90
N ILE I 113 27.38 -49.76 41.58
CA ILE I 113 26.07 -49.18 41.64
C ILE I 113 25.86 -48.35 40.39
N GLU I 114 25.06 -48.87 39.47
CA GLU I 114 24.86 -48.21 38.20
C GLU I 114 23.53 -47.48 38.24
N ILE I 115 23.60 -46.17 38.05
CA ILE I 115 22.45 -45.31 38.22
C ILE I 115 21.94 -44.67 36.93
N ASP I 116 20.66 -44.88 36.64
CA ASP I 116 20.06 -44.28 35.49
C ASP I 116 19.70 -42.87 35.85
N ALA I 117 20.62 -41.96 35.63
CA ALA I 117 20.43 -40.57 36.03
C ALA I 117 19.21 -39.93 35.35
N ALA I 118 18.90 -40.36 34.14
CA ALA I 118 17.84 -39.77 33.35
C ALA I 118 16.54 -40.11 33.98
N SER I 119 16.60 -41.08 34.88
CA SER I 119 15.44 -41.68 35.46
C SER I 119 15.33 -41.35 36.94
N ARG I 120 16.47 -41.27 37.63
CA ARG I 120 16.51 -40.94 39.06
C ARG I 120 17.17 -39.61 39.25
N THR I 121 16.38 -38.58 39.05
CA THR I 121 16.91 -37.27 38.79
C THR I 121 16.77 -36.47 40.02
N LYS I 122 15.79 -36.88 40.84
CA LYS I 122 15.27 -36.07 41.95
C LYS I 122 16.28 -35.99 43.08
N VAL I 123 16.28 -34.90 43.84
CA VAL I 123 17.27 -34.79 44.87
C VAL I 123 17.00 -35.81 45.91
N GLU I 124 15.74 -35.87 46.37
CA GLU I 124 15.38 -36.86 47.33
C GLU I 124 16.00 -38.22 47.03
N ASP I 125 16.33 -38.50 45.78
CA ASP I 125 16.89 -39.78 45.37
C ASP I 125 18.39 -39.81 45.44
N THR I 126 19.03 -38.71 45.07
CA THR I 126 20.47 -38.71 45.09
C THR I 126 20.94 -38.41 46.50
N ARG I 127 20.06 -37.86 47.30
CA ARG I 127 20.32 -37.78 48.72
C ARG I 127 20.30 -39.15 49.39
N ASP I 128 19.61 -40.13 48.82
CA ASP I 128 19.75 -41.49 49.32
C ASP I 128 21.11 -41.96 48.89
N LEU I 129 21.42 -41.74 47.62
CA LEU I 129 22.70 -42.13 47.07
C LEU I 129 23.77 -41.75 48.06
N LEU I 130 23.74 -40.52 48.52
CA LEU I 130 24.83 -40.06 49.35
C LEU I 130 24.86 -40.74 50.72
N ASP I 131 23.69 -40.99 51.29
CA ASP I 131 23.62 -41.51 52.65
C ASP I 131 24.16 -42.91 52.72
N ASN I 132 24.33 -43.53 51.57
CA ASN I 132 24.82 -44.89 51.49
C ASN I 132 26.20 -45.01 50.86
N VAL I 133 26.95 -43.92 50.98
CA VAL I 133 28.28 -43.82 50.43
C VAL I 133 29.24 -44.07 51.54
N GLN I 134 28.99 -43.44 52.67
CA GLN I 134 29.86 -43.66 53.80
C GLN I 134 30.11 -45.18 54.00
N TYR I 135 29.12 -46.03 53.75
CA TYR I 135 29.29 -47.45 54.07
C TYR I 135 30.27 -48.14 53.14
N ALA I 136 31.05 -49.03 53.75
CA ALA I 136 32.03 -49.88 53.08
C ALA I 136 31.48 -50.89 52.09
N PRO I 137 32.30 -51.22 51.10
CA PRO I 137 31.91 -52.10 50.01
C PRO I 137 31.75 -53.56 50.43
N ALA I 138 30.86 -54.22 49.70
CA ALA I 138 30.37 -55.54 50.01
C ALA I 138 31.40 -56.60 49.74
N ARG I 139 31.79 -56.77 48.48
CA ARG I 139 32.64 -57.90 48.14
C ARG I 139 33.71 -57.39 47.23
N GLY I 140 33.74 -56.09 47.13
CA GLY I 140 34.61 -55.47 46.16
C GLY I 140 35.65 -54.71 46.93
N ARG I 141 36.45 -53.95 46.22
CA ARG I 141 37.53 -53.21 46.85
C ARG I 141 37.16 -51.70 46.88
N PHE I 142 36.38 -51.28 45.89
CA PHE I 142 35.85 -49.93 45.85
C PHE I 142 34.33 -49.97 45.64
N LYS I 143 33.62 -49.07 46.28
CA LYS I 143 32.26 -48.83 45.90
C LYS I 143 32.37 -47.82 44.76
N VAL I 144 31.96 -48.23 43.54
CA VAL I 144 32.00 -47.39 42.33
C VAL I 144 30.62 -47.03 41.83
N TYR I 145 30.28 -45.75 41.95
CA TYR I 145 28.97 -45.29 41.50
C TYR I 145 29.14 -44.91 40.07
N LEU I 146 28.20 -45.34 39.24
CA LEU I 146 28.29 -45.03 37.82
C LEU I 146 27.06 -44.29 37.44
N ILE I 147 27.17 -42.98 37.40
CA ILE I 147 26.00 -42.19 37.09
C ILE I 147 26.00 -41.92 35.58
N ASP I 148 25.02 -42.44 34.84
CA ASP I 148 25.04 -42.41 33.37
C ASP I 148 23.86 -41.60 32.92
N GLU I 149 24.04 -40.83 31.86
CA GLU I 149 23.04 -39.87 31.37
C GLU I 149 22.96 -38.69 32.37
N VAL I 150 24.07 -38.51 33.06
CA VAL I 150 24.19 -37.63 34.23
C VAL I 150 23.76 -36.20 34.02
N HIS I 151 23.67 -35.75 32.77
CA HIS I 151 23.30 -34.37 32.52
C HIS I 151 21.81 -34.16 32.82
N MET I 152 21.11 -35.20 33.27
CA MET I 152 19.65 -35.08 33.48
C MET I 152 19.24 -34.80 34.93
N LEU I 153 20.22 -34.90 35.83
CA LEU I 153 20.02 -34.72 37.26
C LEU I 153 19.50 -33.33 37.44
N SER I 154 18.55 -33.14 38.33
CA SER I 154 18.00 -31.83 38.60
C SER I 154 19.12 -30.90 39.01
N ARG I 155 18.86 -29.60 38.96
CA ARG I 155 19.85 -28.61 39.36
C ARG I 155 20.22 -28.89 40.78
N HIS I 156 19.20 -29.27 41.54
CA HIS I 156 19.34 -29.44 42.95
C HIS I 156 20.11 -30.71 43.22
N SER I 157 19.93 -31.70 42.40
CA SER I 157 20.72 -32.89 42.55
C SER I 157 22.20 -32.65 42.31
N PHE I 158 22.58 -31.95 41.24
CA PHE I 158 23.99 -31.60 40.99
C PHE I 158 24.64 -31.01 42.22
N ASN I 159 24.05 -29.92 42.72
CA ASN I 159 24.53 -29.26 43.93
C ASN I 159 24.68 -30.17 45.18
N ALA I 160 23.89 -31.21 45.28
CA ALA I 160 24.00 -32.07 46.45
C ALA I 160 25.29 -32.84 46.41
N LEU I 161 25.63 -33.32 45.22
CA LEU I 161 26.89 -34.04 45.01
C LEU I 161 28.10 -33.15 45.27
N LEU I 162 27.96 -31.83 45.20
CA LEU I 162 29.14 -30.97 45.18
C LEU I 162 30.15 -31.35 46.23
N LYS I 163 29.72 -31.46 47.50
CA LYS I 163 30.66 -31.70 48.60
C LYS I 163 31.17 -33.13 48.60
N THR I 164 30.37 -34.10 48.24
CA THR I 164 30.88 -35.46 48.22
C THR I 164 31.82 -35.69 47.03
N LEU I 165 31.43 -35.30 45.86
CA LEU I 165 32.29 -35.42 44.70
C LEU I 165 33.69 -34.86 44.92
N GLU I 166 33.81 -33.86 45.76
CA GLU I 166 35.08 -33.18 45.86
C GLU I 166 35.95 -33.89 46.87
N GLU I 167 35.32 -34.59 47.81
CA GLU I 167 36.01 -35.18 48.98
C GLU I 167 35.47 -36.54 49.46
N PRO I 168 35.37 -37.52 48.58
CA PRO I 168 34.71 -38.75 48.96
C PRO I 168 35.58 -39.51 49.89
N PRO I 169 35.03 -40.54 50.56
CA PRO I 169 35.67 -41.59 51.35
C PRO I 169 36.72 -42.26 50.51
N GLU I 170 37.74 -42.85 51.11
CA GLU I 170 38.85 -43.35 50.33
C GLU I 170 38.43 -44.55 49.51
N HIS I 171 37.28 -45.11 49.84
CA HIS I 171 36.79 -46.32 49.18
C HIS I 171 35.70 -46.11 48.14
N VAL I 172 35.60 -44.88 47.67
CA VAL I 172 34.58 -44.53 46.72
C VAL I 172 35.21 -43.94 45.42
N LYS I 173 34.65 -44.36 44.28
CA LYS I 173 35.00 -43.78 43.00
C LYS I 173 33.68 -43.38 42.37
N PHE I 174 33.68 -42.19 41.74
CA PHE I 174 32.53 -41.74 40.94
C PHE I 174 32.87 -41.71 39.50
N LEU I 175 32.15 -42.51 38.68
CA LEU I 175 32.29 -42.54 37.24
C LEU I 175 31.03 -41.99 36.63
N LEU I 176 31.09 -40.77 36.07
CA LEU I 176 29.95 -40.09 35.37
C LEU I 176 30.07 -40.12 33.86
N ALA I 177 28.99 -40.40 33.16
CA ALA I 177 29.10 -40.29 31.72
C ALA I 177 27.89 -39.57 31.11
N THR I 178 28.12 -38.78 30.06
CA THR I 178 27.04 -38.08 29.41
C THR I 178 27.40 -37.63 28.01
N THR I 179 26.40 -37.65 27.15
CA THR I 179 26.47 -37.16 25.76
C THR I 179 26.89 -35.70 25.75
N ASP I 180 26.45 -35.02 26.79
CA ASP I 180 26.14 -33.63 26.75
C ASP I 180 26.54 -32.88 28.05
N PRO I 181 27.85 -32.59 28.18
CA PRO I 181 28.42 -32.07 29.44
C PRO I 181 28.20 -30.56 29.62
N GLN I 182 27.99 -29.86 28.49
CA GLN I 182 27.50 -28.48 28.44
C GLN I 182 26.65 -28.18 29.65
N LYS I 183 25.76 -29.12 29.97
CA LYS I 183 24.63 -28.91 30.88
C LYS I 183 24.99 -29.00 32.35
N LEU I 184 26.11 -29.61 32.68
CA LEU I 184 26.48 -29.77 34.06
C LEU I 184 26.96 -28.45 34.54
N PRO I 185 26.65 -28.12 35.80
CA PRO I 185 27.12 -26.93 36.51
C PRO I 185 28.61 -26.83 36.35
N VAL I 186 29.15 -25.62 36.20
CA VAL I 186 30.58 -25.55 36.04
C VAL I 186 31.32 -26.00 37.32
N THR I 187 30.57 -26.18 38.42
CA THR I 187 31.15 -26.53 39.71
C THR I 187 31.42 -27.99 39.73
N ILE I 188 30.56 -28.75 39.08
CA ILE I 188 30.72 -30.21 38.97
C ILE I 188 31.91 -30.54 38.06
N LEU I 189 32.10 -29.76 36.97
CA LEU I 189 33.19 -30.00 36.04
C LEU I 189 34.47 -29.77 36.79
N SER I 190 34.63 -28.58 37.36
CA SER I 190 35.76 -28.29 38.23
C SER I 190 36.25 -29.48 39.05
N ARG I 191 35.36 -30.40 39.41
CA ARG I 191 35.73 -31.46 40.32
C ARG I 191 36.08 -32.81 39.71
N CYS I 192 35.99 -32.94 38.39
CA CYS I 192 36.23 -34.22 37.74
C CYS I 192 37.41 -34.20 36.83
N LEU I 193 37.91 -35.36 36.47
CA LEU I 193 38.77 -35.47 35.30
C LEU I 193 37.86 -35.66 34.12
N GLN I 194 38.09 -34.93 33.05
CA GLN I 194 37.16 -35.06 31.97
C GLN I 194 37.86 -35.70 30.78
N PHE I 195 37.33 -36.84 30.36
CA PHE I 195 37.81 -37.49 29.15
C PHE I 195 36.79 -37.34 28.04
N HIS I 196 37.19 -36.64 26.96
CA HIS I 196 36.30 -36.46 25.84
C HIS I 196 36.65 -37.49 24.85
N LEU I 197 35.73 -38.37 24.60
CA LEU I 197 35.94 -39.39 23.59
C LEU I 197 35.65 -38.80 22.24
N LYS I 198 36.57 -39.03 21.29
CA LYS I 198 36.42 -38.63 19.91
C LYS I 198 35.35 -39.48 19.20
N ALA I 199 34.91 -39.05 18.01
CA ALA I 199 33.98 -39.89 17.24
C ALA I 199 34.81 -40.92 16.51
N LEU I 200 34.22 -42.07 16.23
CA LEU I 200 35.07 -43.09 15.64
C LEU I 200 35.27 -42.88 14.16
N ASP I 201 36.51 -42.89 13.76
CA ASP I 201 36.87 -42.73 12.38
C ASP I 201 36.16 -43.70 11.45
N VAL I 202 35.74 -43.21 10.32
CA VAL I 202 35.24 -44.07 9.23
C VAL I 202 35.92 -45.42 9.06
N GLU I 203 37.24 -45.44 8.91
CA GLU I 203 37.91 -46.72 8.81
C GLU I 203 37.82 -47.52 10.12
N GLN I 204 38.10 -46.88 11.25
CA GLN I 204 37.91 -47.53 12.56
C GLN I 204 36.60 -48.29 12.62
N ILE I 205 35.51 -47.71 12.13
CA ILE I 205 34.24 -48.37 12.22
C ILE I 205 34.21 -49.51 11.27
N ARG I 206 34.77 -49.35 10.10
CA ARG I 206 34.62 -50.38 9.10
C ARG I 206 35.39 -51.62 9.49
N HIS I 207 36.63 -51.45 9.95
CA HIS I 207 37.44 -52.58 10.40
C HIS I 207 36.63 -53.38 11.40
N GLN I 208 36.15 -52.69 12.41
CA GLN I 208 35.26 -53.30 13.38
C GLN I 208 34.05 -54.05 12.78
N LEU I 209 33.34 -53.47 11.83
CA LEU I 209 32.18 -54.10 11.24
C LEU I 209 32.62 -55.39 10.62
N GLU I 210 33.80 -55.32 9.99
CA GLU I 210 34.40 -56.45 9.29
C GLU I 210 34.61 -57.54 10.29
N HIS I 211 35.35 -57.24 11.34
CA HIS I 211 35.66 -58.23 12.35
C HIS I 211 34.43 -58.92 12.89
N ILE I 212 33.45 -58.14 13.30
CA ILE I 212 32.19 -58.67 13.84
C ILE I 212 31.41 -59.55 12.83
N LEU I 213 31.27 -59.11 11.58
CA LEU I 213 30.52 -59.90 10.62
C LEU I 213 31.26 -61.18 10.31
N ASN I 214 32.58 -61.16 10.48
CA ASN I 214 33.39 -62.38 10.39
C ASN I 214 33.17 -63.33 11.56
N GLU I 215 33.26 -62.84 12.79
CA GLU I 215 33.04 -63.72 13.93
C GLU I 215 31.64 -64.38 13.90
N GLU I 216 30.60 -63.59 13.62
CA GLU I 216 29.25 -64.12 13.54
C GLU I 216 29.06 -65.10 12.41
N HIS I 217 30.01 -65.12 11.48
CA HIS I 217 29.96 -65.94 10.26
C HIS I 217 28.83 -65.48 9.34
N ILE I 218 28.92 -64.24 8.91
CA ILE I 218 27.89 -63.68 8.05
C ILE I 218 28.54 -63.11 6.81
N ALA I 219 28.00 -63.48 5.66
CA ALA I 219 28.55 -63.01 4.40
C ALA I 219 28.46 -61.47 4.20
N HIS I 220 29.45 -60.88 3.55
CA HIS I 220 29.40 -59.45 3.30
C HIS I 220 30.33 -58.98 2.17
N GLU I 221 29.94 -57.89 1.53
CA GLU I 221 30.66 -57.33 0.40
C GLU I 221 31.35 -56.00 0.85
N PRO I 222 32.70 -55.96 0.78
CA PRO I 222 33.52 -54.79 1.11
C PRO I 222 32.84 -53.42 0.99
N ARG I 223 32.41 -53.04 -0.21
CA ARG I 223 31.84 -51.70 -0.47
C ARG I 223 30.56 -51.43 0.32
N ALA I 224 29.92 -52.48 0.82
CA ALA I 224 28.71 -52.30 1.62
C ALA I 224 29.09 -51.88 3.01
N LEU I 225 30.26 -52.29 3.46
CA LEU I 225 30.71 -51.86 4.76
C LEU I 225 31.12 -50.44 4.64
N GLN I 226 31.56 -50.07 3.45
CA GLN I 226 31.92 -48.69 3.19
C GLN I 226 30.72 -47.74 3.39
N LEU I 227 29.58 -48.07 2.80
CA LEU I 227 28.41 -47.25 2.95
C LEU I 227 28.03 -47.16 4.44
N LEU I 228 28.17 -48.28 5.14
CA LEU I 228 27.74 -48.36 6.53
C LEU I 228 28.60 -47.57 7.48
N ALA I 229 29.89 -47.43 7.22
CA ALA I 229 30.69 -46.59 8.11
C ALA I 229 30.38 -45.12 7.86
N ARG I 230 30.12 -44.74 6.61
CA ARG I 230 29.76 -43.37 6.34
C ARG I 230 28.52 -43.10 7.14
N ALA I 231 27.51 -43.94 6.87
CA ALA I 231 26.16 -43.81 7.43
C ALA I 231 26.10 -43.80 8.95
N ALA I 232 27.13 -44.35 9.57
CA ALA I 232 27.26 -44.32 11.00
C ALA I 232 27.47 -42.89 11.50
N GLU I 233 27.94 -42.00 10.63
CA GLU I 233 28.00 -40.59 10.98
C GLU I 233 28.78 -40.60 12.31
N GLY I 234 29.77 -41.48 12.39
CA GLY I 234 30.79 -41.41 13.43
C GLY I 234 30.65 -42.32 14.62
N SER I 235 29.57 -43.08 14.66
CA SER I 235 29.17 -43.81 15.87
C SER I 235 29.09 -45.31 15.69
N LEU I 236 29.77 -46.04 16.56
CA LEU I 236 29.73 -47.50 16.57
C LEU I 236 28.39 -48.09 16.81
N ARG I 237 27.63 -47.58 17.76
CA ARG I 237 26.30 -48.16 17.93
C ARG I 237 25.46 -47.87 16.68
N ASP I 238 25.37 -46.59 16.31
CA ASP I 238 24.64 -46.18 15.13
C ASP I 238 25.00 -47.22 14.07
N ALA I 239 26.28 -47.53 13.93
CA ALA I 239 26.74 -48.47 12.90
C ALA I 239 26.32 -49.93 13.11
N LEU I 240 26.40 -50.41 14.34
CA LEU I 240 25.98 -51.78 14.56
C LEU I 240 24.48 -51.89 14.42
N SER I 241 23.78 -50.80 14.71
CA SER I 241 22.35 -50.85 14.61
C SER I 241 21.98 -50.85 13.13
N LEU I 242 22.78 -50.15 12.32
CA LEU I 242 22.50 -50.11 10.90
C LEU I 242 22.72 -51.49 10.34
N THR I 243 23.79 -52.15 10.76
CA THR I 243 24.14 -53.47 10.26
C THR I 243 23.05 -54.48 10.56
N ASP I 244 22.48 -54.36 11.75
CA ASP I 244 21.52 -55.33 12.13
C ASP I 244 20.31 -55.17 11.25
N GLN I 245 20.06 -53.92 10.87
CA GLN I 245 18.99 -53.63 9.92
C GLN I 245 19.27 -54.23 8.53
N ALA I 246 20.52 -54.21 8.12
CA ALA I 246 20.91 -54.80 6.86
C ALA I 246 20.57 -56.27 6.83
N ILE I 247 20.97 -56.99 7.89
CA ILE I 247 20.76 -58.43 7.96
C ILE I 247 19.28 -58.84 7.94
N ALA I 248 18.38 -58.04 8.53
CA ALA I 248 16.94 -58.26 8.37
C ALA I 248 16.46 -58.01 6.90
N SER I 249 16.57 -56.78 6.40
CA SER I 249 16.09 -56.51 5.05
C SER I 249 16.78 -57.36 3.96
N GLY I 250 18.05 -57.69 4.17
CA GLY I 250 18.81 -58.46 3.18
C GLY I 250 18.59 -59.96 3.18
N ASP I 251 17.89 -60.49 4.18
CA ASP I 251 17.48 -61.90 4.20
C ASP I 251 18.58 -62.88 4.67
N GLY I 252 19.63 -62.36 5.30
CA GLY I 252 20.74 -63.20 5.72
C GLY I 252 22.08 -62.58 5.35
N GLN I 253 22.18 -61.98 4.18
CA GLN I 253 23.44 -61.41 3.78
C GLN I 253 23.45 -59.91 3.93
N VAL I 254 24.65 -59.37 4.11
CA VAL I 254 24.84 -57.95 4.05
C VAL I 254 25.42 -57.65 2.68
N SER I 255 24.59 -57.50 1.65
CA SER I 255 25.15 -57.27 0.34
C SER I 255 25.27 -55.77 -0.03
N THR I 256 26.09 -55.43 -1.01
CA THR I 256 26.14 -54.05 -1.46
C THR I 256 24.77 -53.67 -1.96
N GLN I 257 24.21 -54.56 -2.77
CA GLN I 257 22.89 -54.34 -3.33
C GLN I 257 21.93 -53.86 -2.25
N ALA I 258 21.81 -54.67 -1.18
CA ALA I 258 20.81 -54.46 -0.14
C ALA I 258 21.04 -53.16 0.58
N VAL I 259 22.17 -53.06 1.25
CA VAL I 259 22.51 -51.85 2.00
C VAL I 259 22.09 -50.57 1.26
N SER I 260 22.58 -50.43 0.02
CA SER I 260 22.37 -49.24 -0.81
C SER I 260 20.89 -48.93 -1.09
N ALA I 261 20.03 -49.94 -0.96
CA ALA I 261 18.63 -49.77 -1.21
C ALA I 261 17.99 -49.35 0.10
N MET I 262 18.59 -49.78 1.20
CA MET I 262 18.05 -49.58 2.52
C MET I 262 18.44 -48.20 3.02
N LEU I 263 19.68 -47.84 2.71
CA LEU I 263 20.22 -46.51 3.00
C LEU I 263 19.72 -45.41 2.06
N GLY I 264 19.26 -45.79 0.87
CA GLY I 264 18.71 -44.81 -0.06
C GLY I 264 19.75 -44.12 -0.92
N THR I 265 20.92 -44.73 -0.98
CA THR I 265 22.10 -44.23 -1.71
C THR I 265 21.79 -43.86 -3.11
N LEU I 266 22.64 -43.01 -3.69
CA LEU I 266 22.42 -42.40 -4.99
C LEU I 266 23.28 -42.98 -6.10
N ASP I 267 22.65 -43.22 -7.26
CA ASP I 267 23.32 -43.47 -8.56
C ASP I 267 23.81 -42.16 -9.16
N ASP I 268 25.12 -42.03 -9.42
CA ASP I 268 25.70 -40.67 -9.47
C ASP I 268 25.02 -39.61 -10.38
N ASP I 269 24.37 -40.04 -11.48
CA ASP I 269 23.87 -39.04 -12.43
C ASP I 269 22.87 -38.03 -11.85
N GLN I 270 21.66 -38.50 -11.56
CA GLN I 270 20.56 -37.70 -11.01
C GLN I 270 20.89 -36.50 -10.14
N ALA I 271 22.02 -36.57 -9.43
CA ALA I 271 22.46 -35.54 -8.46
C ALA I 271 23.01 -34.29 -9.15
N LEU I 272 24.12 -34.50 -9.84
CA LEU I 272 24.64 -33.57 -10.83
C LEU I 272 23.60 -32.98 -11.78
N SER I 273 22.85 -33.83 -12.45
CA SER I 273 21.77 -33.33 -13.32
C SER I 273 20.98 -32.19 -12.68
N LEU I 274 20.70 -32.29 -11.37
CA LEU I 274 19.93 -31.29 -10.64
C LEU I 274 20.80 -30.11 -10.38
N VAL I 275 21.98 -30.34 -9.84
CA VAL I 275 22.92 -29.26 -9.74
C VAL I 275 22.97 -28.47 -11.05
N GLU I 276 23.11 -29.15 -12.20
CA GLU I 276 23.22 -28.48 -13.50
C GLU I 276 22.02 -27.63 -13.84
N ALA I 277 20.86 -28.27 -13.92
CA ALA I 277 19.60 -27.54 -14.13
C ALA I 277 19.30 -26.45 -13.09
N MET I 278 19.92 -26.50 -11.92
CA MET I 278 19.66 -25.47 -10.91
C MET I 278 20.33 -24.17 -11.28
N VAL I 279 21.54 -24.28 -11.83
CA VAL I 279 22.34 -23.10 -12.08
C VAL I 279 22.04 -22.54 -13.44
N GLU I 280 21.46 -23.36 -14.31
CA GLU I 280 20.97 -22.90 -15.61
C GLU I 280 19.64 -22.16 -15.40
N ALA I 281 19.25 -22.01 -14.13
CA ALA I 281 17.98 -21.38 -13.75
C ALA I 281 16.77 -22.05 -14.36
N ASN I 282 16.95 -23.26 -14.86
CA ASN I 282 15.89 -24.01 -15.53
C ASN I 282 14.86 -24.64 -14.57
N GLY I 283 13.91 -23.84 -14.11
CA GLY I 283 12.95 -24.24 -13.11
C GLY I 283 12.18 -25.48 -13.48
N GLU I 284 11.71 -25.53 -14.72
CA GLU I 284 10.81 -26.60 -15.08
C GLU I 284 11.51 -27.93 -14.96
N ARG I 285 12.79 -27.96 -15.28
CA ARG I 285 13.52 -29.20 -15.26
C ARG I 285 13.85 -29.55 -13.82
N VAL I 286 14.23 -28.56 -13.01
CA VAL I 286 14.61 -28.84 -11.62
C VAL I 286 13.46 -29.56 -10.98
N MET I 287 12.29 -28.98 -11.13
CA MET I 287 11.10 -29.54 -10.54
C MET I 287 10.76 -30.92 -11.07
N ALA I 288 10.89 -31.06 -12.39
CA ALA I 288 10.52 -32.29 -13.05
C ALA I 288 11.54 -33.38 -12.77
N LEU I 289 12.76 -32.97 -12.42
CA LEU I 289 13.82 -33.88 -12.01
C LEU I 289 13.59 -34.45 -10.61
N ILE I 290 13.17 -33.57 -9.71
CA ILE I 290 12.78 -33.93 -8.35
C ILE I 290 11.65 -34.89 -8.34
N ASN I 291 10.74 -34.69 -9.28
CA ASN I 291 9.60 -35.56 -9.42
C ASN I 291 9.96 -37.00 -9.81
N GLU I 292 10.80 -37.22 -10.81
CA GLU I 292 11.13 -38.60 -11.09
C GLU I 292 11.90 -39.17 -9.92
N ALA I 293 12.56 -38.30 -9.17
CA ALA I 293 13.32 -38.74 -8.01
C ALA I 293 12.39 -39.18 -6.89
N ALA I 294 11.23 -38.57 -6.82
CA ALA I 294 10.24 -38.88 -5.79
C ALA I 294 9.55 -40.17 -6.09
N ALA I 295 9.41 -40.45 -7.38
CA ALA I 295 8.99 -41.73 -7.84
C ALA I 295 10.04 -42.78 -7.37
N ARG I 296 11.30 -42.63 -7.78
CA ARG I 296 12.33 -43.59 -7.41
C ARG I 296 12.53 -43.81 -5.90
N GLY I 297 12.00 -42.90 -5.08
CA GLY I 297 12.01 -43.03 -3.64
C GLY I 297 13.37 -42.70 -3.07
N ILE I 298 13.85 -41.52 -3.38
CA ILE I 298 15.22 -41.20 -3.10
C ILE I 298 15.28 -40.58 -1.71
N GLU I 299 16.30 -40.89 -0.90
CA GLU I 299 16.30 -40.18 0.38
C GLU I 299 16.76 -38.77 0.23
N TRP I 300 15.86 -37.86 0.52
CA TRP I 300 16.12 -36.47 0.27
C TRP I 300 17.34 -35.92 1.01
N GLU I 301 17.59 -36.30 2.27
CA GLU I 301 18.73 -35.67 2.94
C GLU I 301 19.93 -36.06 2.12
N ALA I 302 19.85 -37.21 1.45
CA ALA I 302 20.98 -37.78 0.70
C ALA I 302 21.22 -37.14 -0.66
N LEU I 303 20.16 -36.60 -1.25
CA LEU I 303 20.29 -35.76 -2.44
C LEU I 303 20.98 -34.45 -2.07
N LEU I 304 20.40 -33.74 -1.12
CA LEU I 304 21.00 -32.54 -0.62
C LEU I 304 22.46 -32.75 -0.31
N VAL I 305 22.81 -33.89 0.24
CA VAL I 305 24.19 -34.06 0.63
C VAL I 305 25.13 -34.32 -0.52
N GLU I 306 24.64 -35.01 -1.55
CA GLU I 306 25.47 -35.23 -2.72
C GLU I 306 25.64 -33.91 -3.46
N MET I 307 24.59 -33.09 -3.46
CA MET I 307 24.62 -31.79 -4.11
C MET I 307 25.56 -30.87 -3.41
N LEU I 308 25.55 -30.90 -2.10
CA LEU I 308 26.53 -30.15 -1.38
C LEU I 308 27.92 -30.62 -1.84
N GLY I 309 28.09 -31.93 -2.03
CA GLY I 309 29.39 -32.47 -2.35
C GLY I 309 29.92 -32.03 -3.71
N LEU I 310 29.02 -31.90 -4.69
CA LEU I 310 29.37 -31.50 -6.06
C LEU I 310 29.79 -30.06 -6.09
N LEU I 311 28.87 -29.20 -5.66
CA LEU I 311 29.18 -27.80 -5.38
C LEU I 311 30.54 -27.61 -4.73
N HIS I 312 30.93 -28.55 -3.87
CA HIS I 312 32.23 -28.44 -3.24
C HIS I 312 33.35 -28.73 -4.17
N ARG I 313 33.30 -29.85 -4.88
CA ARG I 313 34.32 -30.15 -5.89
C ARG I 313 34.53 -28.91 -6.67
N ILE I 314 33.60 -28.70 -7.61
CA ILE I 314 33.55 -27.46 -8.40
C ILE I 314 34.26 -26.26 -7.77
N ALA I 315 33.67 -25.63 -6.77
CA ALA I 315 34.32 -24.51 -6.09
C ALA I 315 35.83 -24.69 -5.91
N MET I 316 36.24 -25.95 -5.64
CA MET I 316 37.62 -26.39 -5.35
C MET I 316 38.51 -26.37 -6.57
N VAL I 317 37.97 -26.92 -7.64
CA VAL I 317 38.65 -27.03 -8.92
C VAL I 317 38.91 -25.66 -9.49
N GLN I 318 37.95 -24.76 -9.34
CA GLN I 318 38.21 -23.36 -9.65
C GLN I 318 39.53 -22.86 -9.01
N LEU I 319 39.90 -23.44 -7.87
CA LEU I 319 41.16 -23.08 -7.22
C LEU I 319 42.32 -23.66 -8.03
N SER I 320 42.60 -24.96 -7.90
CA SER I 320 43.52 -25.61 -8.84
C SER I 320 42.82 -26.73 -9.66
N PRO I 321 43.09 -26.74 -10.99
CA PRO I 321 42.61 -27.76 -11.94
C PRO I 321 42.84 -29.21 -11.44
N ALA I 322 43.84 -29.41 -10.59
CA ALA I 322 44.21 -30.76 -10.13
C ALA I 322 43.23 -31.41 -9.10
N ALA I 323 42.50 -30.58 -8.34
CA ALA I 323 41.68 -31.06 -7.19
C ALA I 323 40.46 -31.93 -7.53
N LEU I 324 40.11 -32.01 -8.80
CA LEU I 324 39.07 -32.94 -9.22
C LEU I 324 39.61 -34.36 -9.19
N GLY I 325 38.87 -35.28 -8.55
CA GLY I 325 39.31 -36.67 -8.38
C GLY I 325 39.54 -37.63 -9.58
N ASN I 326 40.40 -38.65 -9.37
CA ASN I 326 40.48 -39.83 -10.24
C ASN I 326 39.09 -40.45 -10.37
N ASP I 327 38.40 -40.40 -9.23
CA ASP I 327 37.11 -41.02 -8.92
C ASP I 327 35.93 -40.59 -9.79
N MET I 328 36.06 -39.43 -10.47
CA MET I 328 34.93 -38.74 -11.07
C MET I 328 34.89 -38.96 -12.55
N ALA I 329 35.97 -39.51 -13.08
CA ALA I 329 36.14 -39.78 -14.52
C ALA I 329 34.88 -39.67 -15.40
N ALA I 330 33.82 -40.36 -15.01
CA ALA I 330 32.59 -40.33 -15.80
C ALA I 330 31.96 -38.92 -15.88
N ILE I 331 31.95 -38.18 -14.77
CA ILE I 331 31.40 -36.82 -14.75
C ILE I 331 32.38 -35.77 -15.24
N GLU I 332 33.68 -36.08 -15.17
CA GLU I 332 34.74 -35.06 -15.16
C GLU I 332 34.60 -34.00 -16.22
N LEU I 333 34.00 -34.40 -17.33
CA LEU I 333 33.74 -33.46 -18.41
C LEU I 333 32.70 -32.36 -18.07
N ARG I 334 31.62 -32.76 -17.42
CA ARG I 334 30.57 -31.83 -17.02
C ARG I 334 30.95 -31.03 -15.80
N MET I 335 31.85 -31.56 -14.99
CA MET I 335 32.28 -30.84 -13.79
C MET I 335 33.05 -29.62 -14.24
N ARG I 336 34.10 -29.82 -15.03
CA ARG I 336 35.02 -28.74 -15.39
C ARG I 336 34.25 -27.56 -15.97
N GLU I 337 33.25 -27.85 -16.79
CA GLU I 337 32.48 -26.76 -17.38
C GLU I 337 31.82 -25.90 -16.31
N LEU I 338 31.03 -26.53 -15.45
CA LEU I 338 30.40 -25.81 -14.36
C LEU I 338 31.44 -24.95 -13.63
N ALA I 339 32.65 -25.51 -13.45
CA ALA I 339 33.75 -24.77 -12.83
C ALA I 339 34.11 -23.52 -13.59
N ARG I 340 34.26 -23.67 -14.91
CA ARG I 340 34.68 -22.57 -15.78
C ARG I 340 33.62 -21.50 -16.01
N THR I 341 32.33 -21.87 -16.02
CA THR I 341 31.20 -20.94 -16.28
C THR I 341 30.74 -20.06 -15.09
N ILE I 342 30.43 -20.69 -13.96
CA ILE I 342 29.79 -20.07 -12.83
C ILE I 342 30.83 -19.48 -11.90
N PRO I 343 30.60 -18.26 -11.42
CA PRO I 343 31.59 -17.56 -10.60
C PRO I 343 31.71 -18.12 -9.17
N PRO I 344 32.94 -18.17 -8.63
CA PRO I 344 33.17 -18.61 -7.25
C PRO I 344 32.11 -18.03 -6.31
N THR I 345 31.91 -16.72 -6.39
CA THR I 345 30.95 -16.06 -5.55
C THR I 345 29.61 -16.75 -5.64
N ASP I 346 29.18 -17.09 -6.84
CA ASP I 346 27.81 -17.56 -7.00
C ASP I 346 27.60 -19.00 -6.59
N ILE I 347 28.70 -19.74 -6.50
CA ILE I 347 28.66 -21.12 -6.04
C ILE I 347 28.62 -21.17 -4.52
N GLN I 348 29.28 -20.22 -3.89
CA GLN I 348 29.19 -20.12 -2.47
C GLN I 348 27.76 -19.88 -2.09
N LEU I 349 27.06 -19.04 -2.83
CA LEU I 349 25.70 -18.78 -2.42
C LEU I 349 24.82 -20.00 -2.63
N TYR I 350 25.10 -20.76 -3.66
CA TYR I 350 24.34 -21.99 -3.90
C TYR I 350 24.56 -23.00 -2.75
N TYR I 351 25.81 -23.19 -2.34
CA TYR I 351 26.15 -24.18 -1.31
C TYR I 351 25.49 -23.77 -0.03
N GLN I 352 25.81 -22.56 0.38
CA GLN I 352 25.16 -21.87 1.48
C GLN I 352 23.68 -22.10 1.51
N THR I 353 23.05 -21.95 0.37
CA THR I 353 21.60 -22.01 0.37
C THR I 353 21.07 -23.43 0.54
N LEU I 354 21.80 -24.38 0.00
CA LEU I 354 21.46 -25.79 0.17
C LEU I 354 21.85 -26.32 1.54
N LEU I 355 22.84 -25.73 2.18
CA LEU I 355 23.24 -26.11 3.54
C LEU I 355 22.13 -25.80 4.52
N ILE I 356 21.82 -24.51 4.67
CA ILE I 356 20.62 -24.04 5.31
C ILE I 356 19.36 -24.88 4.98
N GLY I 357 19.18 -25.31 3.75
CA GLY I 357 18.03 -26.14 3.45
C GLY I 357 18.04 -27.56 4.04
N ARG I 358 19.21 -28.20 4.09
CA ARG I 358 19.39 -29.47 4.78
C ARG I 358 19.18 -29.34 6.31
N LYS I 359 19.73 -28.28 6.92
CA LYS I 359 19.47 -28.02 8.32
C LYS I 359 18.00 -27.97 8.53
N GLU I 360 17.35 -27.09 7.76
CA GLU I 360 15.94 -26.82 7.98
C GLU I 360 14.97 -27.76 7.31
N LEU I 361 15.49 -28.90 6.91
CA LEU I 361 14.70 -29.89 6.20
C LEU I 361 13.64 -30.53 7.09
N PRO I 362 14.07 -31.21 8.16
CA PRO I 362 13.10 -31.96 8.96
C PRO I 362 11.96 -31.13 9.58
N TYR I 363 11.90 -29.82 9.31
CA TYR I 363 10.92 -28.95 9.91
C TYR I 363 9.84 -28.62 8.95
N ALA I 364 10.13 -28.72 7.66
CA ALA I 364 9.13 -28.38 6.64
C ALA I 364 8.15 -29.52 6.53
N PRO I 365 6.90 -29.19 6.13
CA PRO I 365 5.74 -30.08 6.23
C PRO I 365 5.91 -31.49 5.61
N ASP I 366 6.69 -31.66 4.53
CA ASP I 366 7.05 -32.99 3.98
C ASP I 366 8.50 -32.92 3.89
N ARG I 367 9.15 -34.04 3.65
CA ARG I 367 10.57 -33.93 3.39
C ARG I 367 10.69 -33.35 1.97
N ARG I 368 9.95 -33.94 1.04
CA ARG I 368 9.93 -33.42 -0.33
C ARG I 368 9.70 -31.92 -0.37
N MET I 369 8.57 -31.45 0.16
CA MET I 369 8.25 -30.04 0.11
C MET I 369 9.39 -29.13 0.55
N GLY I 370 10.35 -29.64 1.32
CA GLY I 370 11.43 -28.81 1.84
C GLY I 370 12.59 -28.71 0.89
N VAL I 371 12.79 -29.80 0.15
CA VAL I 371 13.72 -29.80 -0.95
C VAL I 371 13.14 -28.96 -2.06
N GLU I 372 11.84 -28.99 -2.25
CA GLU I 372 11.25 -28.15 -3.27
C GLU I 372 11.32 -26.68 -2.91
N MET I 373 11.24 -26.31 -1.64
CA MET I 373 11.30 -24.91 -1.28
C MET I 373 12.71 -24.49 -1.38
N THR I 374 13.61 -25.35 -0.94
CA THR I 374 15.05 -25.04 -0.97
C THR I 374 15.57 -24.85 -2.38
N LEU I 375 15.19 -25.76 -3.29
CA LEU I 375 15.64 -25.61 -4.67
C LEU I 375 15.01 -24.37 -5.26
N LEU I 376 13.71 -24.18 -5.05
CA LEU I 376 13.00 -23.02 -5.62
C LEU I 376 13.69 -21.77 -5.21
N ARG I 377 14.16 -21.72 -3.97
CA ARG I 377 14.83 -20.51 -3.51
C ARG I 377 16.09 -20.25 -4.32
N ALA I 378 16.98 -21.22 -4.31
CA ALA I 378 18.27 -21.08 -4.97
C ALA I 378 18.05 -20.93 -6.44
N LEU I 379 16.87 -21.31 -6.90
CA LEU I 379 16.59 -21.38 -8.32
C LEU I 379 16.73 -19.98 -8.79
N ALA I 380 15.87 -19.15 -8.23
CA ALA I 380 15.78 -17.76 -8.62
C ALA I 380 16.98 -16.92 -8.17
N PHE I 381 18.19 -17.38 -8.45
CA PHE I 381 19.40 -16.61 -8.18
C PHE I 381 19.95 -16.12 -9.48
N HIS I 382 19.86 -16.97 -10.50
CA HIS I 382 20.81 -16.96 -11.62
C HIS I 382 21.36 -15.61 -12.06
N PRO I 383 20.45 -14.64 -12.42
CA PRO I 383 20.97 -13.33 -12.90
C PRO I 383 21.39 -12.27 -11.82
N ARG I 384 22.58 -11.69 -11.99
CA ARG I 384 23.16 -10.70 -11.05
C ARG I 384 22.67 -9.28 -11.33
N MET I 385 23.31 -8.61 -12.31
CA MET I 385 22.93 -7.26 -12.79
C MET I 385 23.98 -6.59 -13.67
N MET J 1 -8.27 -48.10 14.15
CA MET J 1 -6.99 -48.63 13.66
C MET J 1 -7.23 -49.77 12.68
N ARG J 2 -6.89 -49.53 11.43
CA ARG J 2 -7.23 -50.48 10.36
C ARG J 2 -5.98 -51.01 9.69
N TRP J 3 -6.15 -52.11 8.96
CA TRP J 3 -5.02 -52.78 8.34
C TRP J 3 -5.09 -52.61 6.83
N TYR J 4 -4.07 -51.98 6.26
CA TYR J 4 -4.01 -51.70 4.83
C TYR J 4 -3.12 -52.70 4.12
N PRO J 5 -3.42 -52.98 2.83
CA PRO J 5 -2.87 -54.14 2.12
C PRO J 5 -1.42 -54.00 1.81
N TRP J 6 -0.89 -52.76 1.82
CA TRP J 6 0.55 -52.53 1.51
C TRP J 6 1.48 -52.91 2.65
N LEU J 7 0.90 -53.36 3.76
CA LEU J 7 1.64 -53.76 4.96
C LEU J 7 2.13 -55.19 4.88
N ARG J 8 1.43 -56.02 4.12
CA ARG J 8 1.76 -57.43 4.01
C ARG J 8 3.25 -57.65 3.89
N PRO J 9 3.87 -57.14 2.83
CA PRO J 9 5.27 -57.52 2.67
C PRO J 9 6.14 -56.96 3.78
N ASP J 10 5.91 -55.71 4.17
CA ASP J 10 6.69 -55.08 5.23
C ASP J 10 6.55 -55.89 6.55
N PHE J 11 5.38 -56.48 6.79
CA PHE J 11 5.13 -57.37 7.93
C PHE J 11 5.82 -58.74 7.79
N GLU J 12 5.54 -59.46 6.71
CA GLU J 12 6.21 -60.74 6.46
C GLU J 12 7.74 -60.64 6.58
N LYS J 13 8.34 -59.52 6.18
CA LYS J 13 9.79 -59.32 6.33
C LYS J 13 10.20 -59.14 7.79
N LEU J 14 9.36 -58.43 8.55
CA LEU J 14 9.70 -58.02 9.90
C LEU J 14 9.45 -59.15 10.85
N VAL J 15 8.36 -59.89 10.65
CA VAL J 15 8.08 -61.02 11.53
C VAL J 15 9.19 -62.02 11.44
N ALA J 16 9.38 -62.58 10.25
CA ALA J 16 10.55 -63.39 9.90
C ALA J 16 11.67 -63.38 10.92
N SER J 17 12.37 -62.26 10.93
CA SER J 17 13.45 -62.06 11.86
C SER J 17 13.03 -62.43 13.28
N TYR J 18 11.85 -61.97 13.73
CA TYR J 18 11.32 -62.35 15.06
C TYR J 18 11.08 -63.88 15.17
N GLN J 19 10.58 -64.47 14.08
CA GLN J 19 10.16 -65.87 14.07
C GLN J 19 11.37 -66.75 14.25
N ALA J 20 12.54 -66.21 13.92
CA ALA J 20 13.81 -66.91 14.14
C ALA J 20 14.34 -66.58 15.54
N GLY J 21 13.82 -65.51 16.12
CA GLY J 21 14.29 -65.07 17.43
C GLY J 21 15.40 -64.04 17.38
N ARG J 22 15.90 -63.73 16.18
CA ARG J 22 16.96 -62.74 15.97
C ARG J 22 16.35 -61.34 15.72
N GLY J 23 15.16 -61.14 16.26
CA GLY J 23 14.44 -59.90 16.10
C GLY J 23 15.12 -58.83 16.91
N HIS J 24 15.25 -57.62 16.38
CA HIS J 24 15.85 -56.52 17.12
C HIS J 24 14.86 -56.05 18.20
N HIS J 25 15.35 -55.81 19.41
CA HIS J 25 14.51 -55.56 20.55
C HIS J 25 13.93 -54.17 20.62
N ALA J 26 14.39 -53.29 19.72
CA ALA J 26 13.93 -51.91 19.73
C ALA J 26 13.76 -51.48 18.29
N LEU J 27 12.54 -51.61 17.79
CA LEU J 27 12.24 -51.24 16.40
C LEU J 27 11.65 -49.86 16.39
N LEU J 28 12.24 -48.99 15.59
CA LEU J 28 11.66 -47.69 15.33
C LEU J 28 11.19 -47.80 13.90
N ILE J 29 9.89 -47.65 13.69
CA ILE J 29 9.34 -47.68 12.37
C ILE J 29 9.11 -46.25 12.02
N GLN J 30 9.52 -45.84 10.81
CA GLN J 30 9.16 -44.51 10.34
C GLN J 30 8.18 -44.58 9.21
N ALA J 31 7.06 -43.93 9.43
CA ALA J 31 5.98 -43.98 8.48
C ALA J 31 5.22 -42.67 8.59
N LEU J 32 4.65 -42.22 7.47
CA LEU J 32 3.69 -41.12 7.51
C LEU J 32 2.50 -41.41 8.43
N PRO J 33 1.73 -40.38 8.80
CA PRO J 33 0.49 -40.67 9.49
C PRO J 33 -0.42 -41.38 8.53
N GLY J 34 -1.28 -42.25 9.07
CA GLY J 34 -2.24 -42.99 8.26
C GLY J 34 -1.62 -43.97 7.27
N MET J 35 -0.31 -44.21 7.36
CA MET J 35 0.31 -45.27 6.58
C MET J 35 0.05 -46.64 7.16
N GLY J 36 -0.49 -46.68 8.38
CA GLY J 36 -0.87 -47.91 9.06
C GLY J 36 0.24 -48.48 9.92
N ASP J 37 1.04 -47.62 10.51
CA ASP J 37 2.15 -48.11 11.32
C ASP J 37 1.60 -48.82 12.55
N ASP J 38 0.51 -48.28 13.08
CA ASP J 38 -0.03 -48.76 14.34
C ASP J 38 -0.51 -50.21 14.26
N ALA J 39 -0.92 -50.58 13.06
CA ALA J 39 -1.50 -51.88 12.78
C ALA J 39 -0.39 -52.84 12.50
N LEU J 40 0.62 -52.35 11.80
CA LEU J 40 1.76 -53.19 11.53
C LEU J 40 2.32 -53.61 12.86
N ILE J 41 2.39 -52.69 13.80
CA ILE J 41 2.91 -53.00 15.12
C ILE J 41 1.97 -53.89 15.97
N TYR J 42 0.67 -53.63 15.91
CA TYR J 42 -0.27 -54.47 16.65
C TYR J 42 -0.10 -55.89 16.20
N ALA J 43 0.03 -56.08 14.90
CA ALA J 43 0.24 -57.43 14.37
C ALA J 43 1.53 -58.05 14.90
N LEU J 44 2.61 -57.29 14.95
CA LEU J 44 3.85 -57.82 15.49
C LEU J 44 3.71 -58.04 16.96
N SER J 45 3.02 -57.13 17.65
CA SER J 45 2.79 -57.27 19.08
C SER J 45 2.03 -58.56 19.37
N ARG J 46 0.91 -58.75 18.66
CA ARG J 46 0.04 -59.90 18.91
C ARG J 46 0.76 -61.19 18.68
N TYR J 47 1.69 -61.20 17.74
CA TYR J 47 2.43 -62.41 17.44
C TYR J 47 3.43 -62.73 18.52
N LEU J 48 3.96 -61.70 19.16
CA LEU J 48 4.93 -61.91 20.21
C LEU J 48 4.27 -62.42 21.45
N LEU J 49 3.05 -61.95 21.70
CA LEU J 49 2.34 -62.26 22.93
C LEU J 49 1.55 -63.55 22.89
N CYS J 50 1.46 -64.17 21.72
CA CYS J 50 0.67 -65.40 21.59
C CYS J 50 1.51 -66.64 21.85
N GLN J 51 1.00 -67.50 22.71
CA GLN J 51 1.72 -68.69 23.21
C GLN J 51 1.65 -69.91 22.28
N GLN J 52 0.59 -69.97 21.46
CA GLN J 52 0.38 -71.08 20.54
C GLN J 52 0.37 -70.57 19.08
N PRO J 53 1.37 -69.75 18.70
CA PRO J 53 1.26 -69.05 17.41
C PRO J 53 1.23 -70.04 16.24
N GLN J 54 0.29 -69.86 15.31
CA GLN J 54 0.26 -70.61 14.06
C GLN J 54 1.05 -69.86 12.97
N GLY J 55 2.37 -70.07 12.91
CA GLY J 55 3.24 -69.35 11.99
C GLY J 55 3.37 -67.85 12.30
N HIS J 56 3.07 -67.00 11.30
CA HIS J 56 2.98 -65.52 11.43
C HIS J 56 1.80 -65.11 12.32
N LYS J 57 0.76 -65.94 12.31
CA LYS J 57 -0.54 -65.59 12.88
C LYS J 57 -0.63 -65.73 14.41
N SER J 58 -1.51 -64.93 15.01
CA SER J 58 -1.94 -65.14 16.39
C SER J 58 -3.30 -65.85 16.34
N CYS J 59 -3.43 -66.86 17.20
CA CYS J 59 -4.51 -67.88 17.13
C CYS J 59 -5.93 -67.41 17.50
N GLY J 60 -6.03 -66.72 18.64
CA GLY J 60 -7.28 -66.23 19.18
C GLY J 60 -7.79 -66.97 20.42
N HIS J 61 -7.27 -68.17 20.66
CA HIS J 61 -7.85 -69.08 21.68
C HIS J 61 -6.94 -69.38 22.87
N CYS J 62 -5.72 -68.84 22.85
CA CYS J 62 -4.77 -69.00 23.97
C CYS J 62 -5.04 -67.94 25.03
N ARG J 63 -4.63 -68.19 26.27
CA ARG J 63 -4.93 -67.22 27.33
C ARG J 63 -4.37 -65.86 27.00
N GLY J 64 -3.08 -65.82 26.68
CA GLY J 64 -2.45 -64.62 26.16
C GLY J 64 -3.28 -63.85 25.14
N CYS J 65 -3.68 -64.52 24.06
CA CYS J 65 -4.46 -63.90 22.97
C CYS J 65 -5.81 -63.38 23.46
N GLN J 66 -6.39 -64.10 24.43
CA GLN J 66 -7.70 -63.72 24.97
C GLN J 66 -7.59 -62.32 25.58
N LEU J 67 -6.77 -62.22 26.62
CA LEU J 67 -6.45 -60.97 27.35
C LEU J 67 -6.10 -59.78 26.46
N MET J 68 -5.26 -60.04 25.46
CA MET J 68 -4.91 -59.05 24.48
C MET J 68 -6.17 -58.53 23.85
N GLN J 69 -7.01 -59.48 23.41
CA GLN J 69 -8.27 -59.19 22.71
C GLN J 69 -9.18 -58.27 23.52
N ALA J 70 -9.19 -58.49 24.84
CA ALA J 70 -10.00 -57.71 25.75
C ALA J 70 -9.22 -56.61 26.50
N GLY J 71 -8.31 -55.93 25.81
CA GLY J 71 -7.63 -54.77 26.38
C GLY J 71 -6.53 -55.08 27.36
N THR J 72 -6.84 -55.76 28.45
CA THR J 72 -5.82 -55.99 29.48
C THR J 72 -5.02 -57.26 29.35
N HIS J 73 -3.74 -57.09 29.12
CA HIS J 73 -2.81 -58.18 29.12
C HIS J 73 -1.61 -57.54 29.72
N PRO J 74 -1.39 -57.82 30.99
CA PRO J 74 -0.34 -57.41 31.94
C PRO J 74 1.04 -57.13 31.36
N ASP J 75 1.37 -57.63 30.17
CA ASP J 75 2.72 -57.49 29.68
C ASP J 75 2.84 -56.65 28.43
N TYR J 76 1.76 -55.94 28.13
CA TYR J 76 1.66 -55.08 26.95
C TYR J 76 1.51 -53.68 27.45
N TYR J 77 2.53 -52.87 27.24
CA TYR J 77 2.50 -51.49 27.71
C TYR J 77 2.29 -50.51 26.53
N THR J 78 1.24 -49.69 26.62
CA THR J 78 1.02 -48.63 25.65
C THR J 78 1.48 -47.30 26.18
N LEU J 79 2.47 -46.74 25.50
CA LEU J 79 2.93 -45.41 25.84
C LEU J 79 2.38 -44.28 24.93
N ALA J 80 1.13 -43.86 25.15
CA ALA J 80 0.56 -42.67 24.47
C ALA J 80 0.33 -41.50 25.45
N PRO J 81 -0.28 -40.38 25.00
CA PRO J 81 -0.28 -39.25 25.93
C PRO J 81 -1.57 -39.10 26.74
N GLU J 82 -1.51 -38.47 27.92
CA GLU J 82 -2.71 -38.35 28.74
C GLU J 82 -3.82 -37.86 27.86
N LYS J 83 -5.05 -38.18 28.22
CA LYS J 83 -6.16 -37.87 27.33
C LYS J 83 -6.22 -36.39 26.92
N GLY J 84 -6.30 -35.50 27.91
CA GLY J 84 -6.29 -34.08 27.63
C GLY J 84 -5.07 -33.44 26.94
N LYS J 85 -3.96 -34.18 26.85
CA LYS J 85 -2.67 -33.56 26.54
C LYS J 85 -2.14 -33.94 25.17
N ASN J 86 -0.94 -33.49 24.83
CA ASN J 86 -0.33 -33.76 23.50
C ASN J 86 1.18 -34.05 23.55
N THR J 87 1.73 -34.09 24.75
CA THR J 87 3.07 -34.59 25.01
C THR J 87 3.01 -35.90 25.80
N LEU J 88 4.15 -36.56 25.87
CA LEU J 88 4.23 -37.84 26.51
C LEU J 88 5.27 -37.74 27.60
N GLY J 89 4.83 -37.58 28.86
CA GLY J 89 5.67 -37.17 29.99
C GLY J 89 6.62 -38.21 30.57
N VAL J 90 7.54 -37.77 31.41
CA VAL J 90 8.56 -38.69 31.85
C VAL J 90 7.93 -39.67 32.77
N ASP J 91 7.03 -39.18 33.60
CA ASP J 91 6.54 -40.01 34.66
C ASP J 91 5.93 -41.28 34.04
N ALA J 92 5.15 -41.08 33.00
CA ALA J 92 4.54 -42.18 32.29
C ALA J 92 5.56 -43.20 31.80
N VAL J 93 6.73 -42.73 31.34
CA VAL J 93 7.76 -43.65 30.92
C VAL J 93 8.28 -44.42 32.11
N ARG J 94 8.49 -43.75 33.23
CA ARG J 94 9.08 -44.42 34.38
C ARG J 94 8.27 -45.62 34.94
N GLU J 95 6.96 -45.48 35.08
CA GLU J 95 6.10 -46.62 35.36
C GLU J 95 6.51 -47.78 34.47
N VAL J 96 6.36 -47.59 33.17
CA VAL J 96 6.71 -48.61 32.20
C VAL J 96 8.11 -49.14 32.41
N THR J 97 9.11 -48.29 32.50
CA THR J 97 10.43 -48.85 32.74
C THR J 97 10.58 -49.68 34.02
N GLU J 98 9.95 -49.31 35.13
CA GLU J 98 10.09 -50.08 36.38
C GLU J 98 9.41 -51.43 36.26
N LYS J 99 8.10 -51.40 36.01
CA LYS J 99 7.28 -52.60 35.88
C LYS J 99 7.94 -53.64 35.00
N LEU J 100 8.76 -53.17 34.05
CA LEU J 100 9.48 -54.06 33.13
C LEU J 100 10.50 -54.95 33.83
N ASN J 101 10.88 -54.63 35.07
CA ASN J 101 11.82 -55.47 35.80
C ASN J 101 11.17 -56.60 36.59
N GLU J 102 9.87 -56.47 36.77
CA GLU J 102 9.11 -57.60 37.22
C GLU J 102 9.05 -58.69 36.14
N HIS J 103 9.45 -59.91 36.52
CA HIS J 103 9.22 -61.08 35.69
C HIS J 103 7.82 -60.96 35.11
N ALA J 104 7.70 -61.13 33.79
CA ALA J 104 6.42 -61.04 33.11
C ALA J 104 5.25 -61.55 33.93
N ARG J 105 4.32 -60.68 34.33
CA ARG J 105 3.15 -61.07 35.13
C ARG J 105 2.37 -62.29 34.60
N LEU J 106 2.46 -62.54 33.30
CA LEU J 106 1.89 -63.76 32.70
C LEU J 106 2.97 -64.63 32.00
N GLY J 107 4.17 -64.68 32.60
CA GLY J 107 5.27 -65.54 32.16
C GLY J 107 5.45 -65.62 30.67
N GLY J 108 5.54 -64.45 30.03
CA GLY J 108 5.76 -64.38 28.60
C GLY J 108 6.78 -63.33 28.20
N ALA J 109 6.49 -62.73 27.08
CA ALA J 109 7.30 -61.67 26.62
C ALA J 109 6.61 -60.38 27.00
N LYS J 110 7.35 -59.30 27.15
CA LYS J 110 6.75 -58.00 27.40
C LYS J 110 6.95 -57.10 26.18
N VAL J 111 5.87 -56.47 25.71
CA VAL J 111 5.98 -55.45 24.64
C VAL J 111 5.56 -54.03 25.02
N VAL J 112 6.31 -53.04 24.54
CA VAL J 112 6.06 -51.65 24.83
C VAL J 112 5.91 -50.91 23.53
N TRP J 113 4.72 -50.35 23.31
CA TRP J 113 4.40 -49.62 22.10
C TRP J 113 4.40 -48.16 22.43
N VAL J 114 5.42 -47.43 21.97
CA VAL J 114 5.45 -45.99 22.12
C VAL J 114 4.83 -45.40 20.87
N THR J 115 3.64 -44.83 21.01
CA THR J 115 2.82 -44.50 19.83
C THR J 115 3.47 -43.50 18.89
N ASP J 116 3.92 -42.38 19.45
CA ASP J 116 4.67 -41.41 18.68
C ASP J 116 5.87 -40.85 19.40
N ALA J 117 7.03 -41.32 18.98
CA ALA J 117 8.27 -40.99 19.63
C ALA J 117 8.57 -39.48 19.63
N ALA J 118 7.91 -38.79 18.72
CA ALA J 118 8.06 -37.36 18.57
C ALA J 118 7.52 -36.66 19.80
N LEU J 119 6.51 -37.26 20.44
CA LEU J 119 5.80 -36.67 21.54
C LEU J 119 6.53 -36.84 22.89
N LEU J 120 7.48 -37.76 22.95
CA LEU J 120 8.32 -37.90 24.11
C LEU J 120 8.87 -36.54 24.43
N THR J 121 8.68 -36.07 25.65
CA THR J 121 9.34 -34.91 26.19
C THR J 121 10.85 -35.10 26.17
N ASP J 122 11.61 -34.04 26.32
CA ASP J 122 13.06 -34.17 26.43
C ASP J 122 13.40 -35.10 27.57
N ALA J 123 12.79 -34.88 28.74
CA ALA J 123 12.99 -35.71 29.95
C ALA J 123 12.53 -37.11 29.76
N ALA J 124 11.36 -37.26 29.17
CA ALA J 124 10.89 -38.59 28.80
C ALA J 124 11.83 -39.41 27.93
N ALA J 125 12.25 -38.89 26.77
CA ALA J 125 13.17 -39.61 25.89
C ALA J 125 14.42 -40.06 26.64
N ASN J 126 15.07 -39.19 27.40
CA ASN J 126 16.22 -39.66 28.16
C ASN J 126 15.87 -40.76 29.18
N ALA J 127 14.75 -40.68 29.86
CA ALA J 127 14.42 -41.73 30.82
C ALA J 127 14.25 -43.07 30.12
N LEU J 128 14.00 -42.98 28.83
CA LEU J 128 13.75 -44.14 28.05
C LEU J 128 15.07 -44.81 27.60
N LEU J 129 16.18 -44.07 27.73
CA LEU J 129 17.45 -44.43 27.09
C LEU J 129 18.14 -45.68 27.56
N LYS J 130 18.37 -45.76 28.86
CA LYS J 130 19.15 -46.85 29.41
C LYS J 130 18.38 -48.16 29.34
N THR J 131 17.06 -48.11 29.58
CA THR J 131 16.23 -49.31 29.45
C THR J 131 16.20 -49.76 28.02
N LEU J 132 16.18 -48.81 27.11
CA LEU J 132 15.99 -49.15 25.74
C LEU J 132 17.26 -49.74 25.19
N GLU J 133 18.40 -49.43 25.78
CA GLU J 133 19.66 -49.89 25.21
C GLU J 133 19.82 -51.33 25.54
N GLU J 134 19.49 -51.67 26.78
CA GLU J 134 19.61 -53.03 27.24
C GLU J 134 18.51 -53.39 28.20
N PRO J 135 17.35 -53.76 27.68
CA PRO J 135 16.23 -54.03 28.54
C PRO J 135 16.38 -55.43 29.10
N PRO J 136 15.46 -55.85 29.96
CA PRO J 136 15.41 -57.24 30.40
C PRO J 136 15.25 -58.14 29.21
N ALA J 137 15.03 -59.43 29.46
CA ALA J 137 15.02 -60.35 28.34
C ALA J 137 13.61 -60.48 27.82
N GLU J 138 13.49 -60.91 26.57
CA GLU J 138 12.18 -61.14 26.02
C GLU J 138 11.34 -59.91 26.19
N THR J 139 11.99 -58.76 26.13
CA THR J 139 11.32 -57.46 26.05
C THR J 139 11.41 -56.94 24.62
N TRP J 140 10.29 -56.47 24.10
CA TRP J 140 10.28 -55.94 22.77
C TRP J 140 9.67 -54.55 22.74
N PHE J 141 10.44 -53.59 22.24
CA PHE J 141 9.95 -52.25 22.04
C PHE J 141 9.60 -51.97 20.56
N PHE J 142 8.55 -51.15 20.39
CA PHE J 142 8.13 -50.55 19.11
C PHE J 142 7.87 -49.05 19.20
N LEU J 143 8.67 -48.26 18.50
CA LEU J 143 8.48 -46.83 18.45
C LEU J 143 8.05 -46.47 17.02
N ALA J 144 7.33 -45.36 16.86
CA ALA J 144 6.98 -44.89 15.52
C ALA J 144 7.07 -43.35 15.40
N THR J 145 7.67 -42.85 14.31
CA THR J 145 7.61 -41.42 14.02
C THR J 145 7.42 -41.09 12.57
N ARG J 146 7.17 -39.80 12.34
CA ARG J 146 7.09 -39.23 11.02
C ARG J 146 8.53 -39.01 10.57
N GLU J 147 9.32 -38.45 11.47
CA GLU J 147 10.59 -37.88 11.08
C GLU J 147 11.62 -38.25 12.14
N PRO J 148 12.37 -39.33 11.91
CA PRO J 148 13.38 -39.66 12.90
C PRO J 148 14.36 -38.53 13.21
N GLU J 149 14.64 -37.59 12.30
CA GLU J 149 15.71 -36.59 12.61
C GLU J 149 15.29 -35.63 13.75
N ARG J 150 14.01 -35.58 14.06
CA ARG J 150 13.50 -34.71 15.11
C ARG J 150 13.62 -35.37 16.46
N LEU J 151 14.28 -36.52 16.46
CA LEU J 151 14.22 -37.46 17.58
C LEU J 151 15.58 -37.48 18.23
N LEU J 152 15.59 -37.51 19.56
CA LEU J 152 16.82 -37.41 20.31
C LEU J 152 17.96 -38.24 19.71
N ALA J 153 18.98 -37.54 19.23
CA ALA J 153 20.32 -38.08 18.93
C ALA J 153 20.59 -39.58 19.34
N THR J 154 20.52 -39.79 20.66
CA THR J 154 21.07 -40.95 21.36
C THR J 154 20.07 -42.03 21.47
N LEU J 155 18.82 -41.67 21.32
CA LEU J 155 17.78 -42.66 21.38
C LEU J 155 17.68 -43.25 19.99
N ARG J 156 17.89 -42.42 18.97
CA ARG J 156 17.82 -42.96 17.61
C ARG J 156 18.85 -44.09 17.36
N SER J 157 19.92 -44.08 18.13
CA SER J 157 21.00 -45.00 17.86
C SER J 157 20.85 -46.34 18.59
N ARG J 158 19.85 -46.43 19.47
CA ARG J 158 19.59 -47.68 20.14
C ARG J 158 18.63 -48.51 19.33
N CYS J 159 17.98 -47.89 18.35
CA CYS J 159 16.96 -48.59 17.58
C CYS J 159 17.41 -49.08 16.23
N ARG J 160 16.65 -50.02 15.70
CA ARG J 160 16.77 -50.38 14.30
C ARG J 160 15.65 -49.70 13.57
N LEU J 161 15.96 -49.15 12.40
CA LEU J 161 15.00 -48.41 11.62
C LEU J 161 14.27 -49.38 10.69
N HIS J 162 12.98 -49.13 10.49
CA HIS J 162 12.26 -49.75 9.39
C HIS J 162 11.38 -48.73 8.71
N TYR J 163 11.58 -48.56 7.41
CA TYR J 163 10.88 -47.53 6.65
C TYR J 163 9.63 -48.11 5.98
N LEU J 164 8.50 -47.48 6.27
CA LEU J 164 7.21 -47.85 5.73
C LEU J 164 6.91 -46.91 4.57
N ALA J 165 7.49 -47.20 3.41
CA ALA J 165 7.33 -46.36 2.22
C ALA J 165 5.95 -46.59 1.67
N PRO J 166 5.31 -45.50 1.14
CA PRO J 166 3.93 -45.59 0.67
C PRO J 166 3.89 -46.15 -0.73
N PRO J 167 2.76 -46.77 -1.06
CA PRO J 167 2.57 -47.43 -2.33
C PRO J 167 2.65 -46.36 -3.40
N PRO J 168 3.16 -46.68 -4.59
CA PRO J 168 3.04 -45.89 -5.81
C PRO J 168 1.70 -45.16 -5.91
N GLU J 169 1.70 -43.94 -6.48
CA GLU J 169 0.51 -43.06 -6.53
C GLU J 169 -0.64 -43.78 -7.19
N GLN J 170 -0.31 -44.40 -8.30
CA GLN J 170 -1.32 -45.09 -9.04
C GLN J 170 -2.09 -46.12 -8.21
N TYR J 171 -1.38 -46.95 -7.45
CA TYR J 171 -2.01 -47.91 -6.56
C TYR J 171 -2.93 -47.14 -5.62
N ALA J 172 -2.40 -46.07 -5.08
CA ALA J 172 -3.06 -45.37 -4.01
C ALA J 172 -4.35 -44.75 -4.49
N VAL J 173 -4.32 -44.29 -5.72
CA VAL J 173 -5.50 -43.66 -6.26
C VAL J 173 -6.56 -44.69 -6.55
N THR J 174 -6.14 -45.80 -7.13
CA THR J 174 -7.07 -46.84 -7.34
C THR J 174 -7.58 -47.36 -5.99
N TRP J 175 -6.72 -47.49 -4.97
CA TRP J 175 -7.20 -47.83 -3.63
C TRP J 175 -8.36 -46.92 -3.21
N LEU J 176 -8.11 -45.61 -3.34
CA LEU J 176 -9.02 -44.59 -2.85
C LEU J 176 -10.36 -44.64 -3.54
N SER J 177 -10.33 -44.63 -4.88
CA SER J 177 -11.55 -44.63 -5.66
C SER J 177 -12.55 -45.69 -5.19
N ARG J 178 -12.07 -46.65 -4.39
CA ARG J 178 -12.89 -47.75 -3.91
C ARG J 178 -13.43 -47.50 -2.49
N GLU J 179 -12.98 -46.43 -1.85
CA GLU J 179 -13.45 -46.08 -0.51
C GLU J 179 -14.28 -44.81 -0.50
N VAL J 180 -13.91 -43.87 -1.37
CA VAL J 180 -14.74 -42.70 -1.56
C VAL J 180 -15.06 -42.52 -3.00
N THR J 181 -16.16 -41.84 -3.24
CA THR J 181 -16.51 -41.48 -4.59
C THR J 181 -16.31 -39.98 -4.75
N MET J 182 -15.25 -39.63 -5.45
CA MET J 182 -14.83 -38.27 -5.58
C MET J 182 -14.25 -38.15 -6.95
N SER J 183 -13.94 -36.93 -7.37
CA SER J 183 -13.30 -36.75 -8.69
C SER J 183 -11.89 -37.36 -8.72
N GLN J 184 -11.45 -37.81 -9.89
CA GLN J 184 -10.09 -38.33 -10.03
C GLN J 184 -9.09 -37.28 -9.60
N ASP J 185 -9.41 -36.01 -9.90
CA ASP J 185 -8.50 -34.91 -9.58
C ASP J 185 -8.43 -34.75 -8.07
N ALA J 186 -9.58 -34.88 -7.44
CA ALA J 186 -9.74 -34.74 -5.99
C ALA J 186 -8.86 -35.70 -5.22
N LEU J 187 -9.06 -37.01 -5.48
CA LEU J 187 -8.26 -38.03 -4.83
C LEU J 187 -6.81 -37.60 -4.93
N LEU J 188 -6.29 -37.69 -6.15
CA LEU J 188 -4.93 -37.28 -6.48
C LEU J 188 -4.43 -36.06 -5.67
N ALA J 189 -5.30 -35.13 -5.35
CA ALA J 189 -4.83 -33.97 -4.64
C ALA J 189 -4.71 -34.32 -3.18
N ALA J 190 -5.80 -34.88 -2.67
CA ALA J 190 -5.84 -35.32 -1.29
C ALA J 190 -4.59 -36.17 -1.05
N LEU J 191 -4.35 -37.09 -1.97
CA LEU J 191 -3.27 -38.04 -1.81
C LEU J 191 -1.96 -37.31 -1.76
N ARG J 192 -1.90 -36.17 -2.43
CA ARG J 192 -0.64 -35.48 -2.61
C ARG J 192 -0.44 -34.49 -1.50
N LEU J 193 -1.54 -34.07 -0.91
CA LEU J 193 -1.51 -33.17 0.21
C LEU J 193 -0.92 -33.95 1.35
N SER J 194 -1.21 -35.24 1.35
CA SER J 194 -0.91 -36.10 2.48
C SER J 194 0.37 -36.89 2.25
N ALA J 195 1.25 -36.29 1.44
CA ALA J 195 2.63 -36.75 1.20
C ALA J 195 2.77 -38.14 0.59
N GLY J 196 1.66 -38.69 0.11
CA GLY J 196 1.68 -39.97 -0.57
C GLY J 196 0.89 -41.05 0.13
N SER J 197 0.57 -40.89 1.42
CA SER J 197 -0.02 -41.94 2.19
C SER J 197 -1.53 -42.00 1.92
N PRO J 198 -2.05 -43.14 1.42
CA PRO J 198 -3.52 -43.24 1.28
C PRO J 198 -4.11 -43.28 2.66
N GLY J 199 -5.41 -43.10 2.80
CA GLY J 199 -5.97 -43.27 4.12
C GLY J 199 -5.73 -42.12 5.09
N ALA J 200 -4.48 -41.60 5.11
CA ALA J 200 -4.21 -40.26 5.59
C ALA J 200 -4.88 -39.29 4.59
N ALA J 201 -4.79 -39.67 3.32
CA ALA J 201 -5.60 -39.12 2.25
C ALA J 201 -7.05 -39.37 2.58
N LEU J 202 -7.43 -40.63 2.53
CA LEU J 202 -8.79 -41.03 2.84
C LEU J 202 -9.36 -40.32 4.07
N ALA J 203 -8.53 -40.10 5.09
CA ALA J 203 -8.93 -39.34 6.27
C ALA J 203 -9.60 -38.01 5.90
N LEU J 204 -8.99 -37.27 4.96
CA LEU J 204 -9.49 -35.96 4.55
C LEU J 204 -10.96 -35.98 4.15
N PHE J 205 -11.35 -37.01 3.40
CA PHE J 205 -12.73 -37.06 2.93
C PHE J 205 -13.75 -37.37 4.01
N GLN J 206 -13.27 -38.05 5.05
CA GLN J 206 -14.14 -38.52 6.09
C GLN J 206 -14.61 -37.47 7.07
N GLY J 207 -13.76 -36.47 7.32
CA GLY J 207 -14.10 -35.47 8.31
C GLY J 207 -15.10 -34.35 7.98
N ASP J 208 -14.90 -33.25 8.68
CA ASP J 208 -15.51 -31.98 8.38
C ASP J 208 -14.50 -31.37 7.44
N ASN J 209 -13.42 -32.11 7.28
CA ASN J 209 -12.16 -31.64 6.75
C ASN J 209 -12.11 -31.11 5.33
N TRP J 210 -12.46 -31.96 4.38
CA TRP J 210 -12.46 -31.54 3.00
C TRP J 210 -13.42 -30.38 2.77
N GLN J 211 -14.56 -30.34 3.46
CA GLN J 211 -15.43 -29.17 3.40
C GLN J 211 -14.71 -27.93 3.88
N ALA J 212 -13.75 -28.08 4.80
CA ALA J 212 -12.95 -26.95 5.30
C ALA J 212 -11.86 -26.48 4.36
N ARG J 213 -11.29 -27.40 3.59
CA ARG J 213 -10.43 -26.97 2.50
C ARG J 213 -11.24 -26.08 1.54
N GLU J 214 -12.40 -26.54 1.07
CA GLU J 214 -13.18 -25.78 0.11
C GLU J 214 -13.39 -24.39 0.68
N THR J 215 -13.57 -24.29 1.99
CA THR J 215 -13.76 -22.98 2.66
C THR J 215 -12.51 -22.09 2.66
N LEU J 216 -11.36 -22.72 2.81
CA LEU J 216 -10.09 -22.03 2.77
C LEU J 216 -9.87 -21.58 1.35
N CYS J 217 -10.30 -22.37 0.39
CA CYS J 217 -10.16 -21.99 -0.99
C CYS J 217 -11.12 -20.90 -1.30
N GLN J 218 -12.33 -20.95 -0.75
CA GLN J 218 -13.27 -19.89 -1.10
C GLN J 218 -12.69 -18.57 -0.68
N ALA J 219 -12.35 -18.45 0.62
CA ALA J 219 -11.77 -17.22 1.15
C ALA J 219 -10.53 -16.78 0.38
N LEU J 220 -9.64 -17.73 0.13
CA LEU J 220 -8.39 -17.42 -0.54
C LEU J 220 -8.67 -16.75 -1.86
N ALA J 221 -9.71 -17.21 -2.51
CA ALA J 221 -10.06 -16.77 -3.83
C ALA J 221 -10.59 -15.36 -3.75
N TYR J 222 -10.71 -14.85 -2.54
CA TYR J 222 -11.14 -13.49 -2.36
C TYR J 222 -9.99 -12.65 -1.91
N SER J 223 -9.18 -13.19 -1.02
CA SER J 223 -8.16 -12.38 -0.44
C SER J 223 -7.12 -12.04 -1.48
N VAL J 224 -6.82 -12.99 -2.36
CA VAL J 224 -5.75 -12.76 -3.31
C VAL J 224 -6.03 -11.47 -4.05
N PRO J 225 -7.06 -11.47 -4.88
CA PRO J 225 -7.37 -10.34 -5.75
C PRO J 225 -7.48 -9.07 -5.00
N SER J 226 -8.16 -9.08 -3.87
CA SER J 226 -8.45 -7.85 -3.15
C SER J 226 -7.36 -7.44 -2.18
N GLY J 227 -6.44 -8.33 -1.86
CA GLY J 227 -5.41 -7.98 -0.90
C GLY J 227 -5.86 -7.90 0.56
N ASP J 228 -7.00 -8.52 0.86
CA ASP J 228 -7.46 -8.66 2.24
C ASP J 228 -7.16 -10.04 2.74
N TRP J 229 -6.04 -10.19 3.45
CA TRP J 229 -5.63 -11.50 3.94
C TRP J 229 -6.00 -11.65 5.37
N TYR J 230 -6.23 -10.55 6.07
CA TYR J 230 -6.67 -10.72 7.43
C TYR J 230 -8.01 -11.45 7.41
N SER J 231 -8.66 -11.49 6.25
CA SER J 231 -9.94 -12.19 6.07
C SER J 231 -9.84 -13.72 6.17
N LEU J 232 -8.64 -14.27 6.00
CA LEU J 232 -8.45 -15.70 6.18
C LEU J 232 -8.62 -16.16 7.63
N LEU J 233 -8.61 -15.23 8.60
CA LEU J 233 -8.56 -15.65 10.00
C LEU J 233 -9.58 -16.71 10.21
N ALA J 234 -10.84 -16.32 10.03
CA ALA J 234 -11.96 -17.26 10.05
C ALA J 234 -11.56 -18.69 9.68
N ALA J 235 -11.15 -18.91 8.42
CA ALA J 235 -10.85 -20.26 7.89
C ALA J 235 -9.64 -20.93 8.48
N LEU J 236 -8.74 -20.15 9.05
CA LEU J 236 -7.51 -20.71 9.59
C LEU J 236 -7.60 -20.84 11.09
N ASN J 237 -8.30 -19.93 11.75
CA ASN J 237 -8.32 -19.99 13.20
C ASN J 237 -9.24 -21.07 13.75
N HIS J 238 -8.68 -22.26 13.85
CA HIS J 238 -9.45 -23.40 14.24
C HIS J 238 -8.38 -24.15 14.93
N GLU J 239 -8.70 -25.30 15.50
CA GLU J 239 -7.69 -26.03 16.28
C GLU J 239 -6.82 -26.87 15.40
N GLN J 240 -7.40 -27.19 14.24
CA GLN J 240 -6.73 -27.88 13.17
C GLN J 240 -5.82 -26.97 12.31
N ALA J 241 -5.44 -25.81 12.85
CA ALA J 241 -4.76 -24.78 12.08
C ALA J 241 -3.48 -25.23 11.42
N PRO J 242 -2.70 -26.06 12.09
CA PRO J 242 -1.41 -26.47 11.51
C PRO J 242 -1.67 -27.17 10.21
N ALA J 243 -2.72 -27.97 10.22
CA ALA J 243 -3.14 -28.70 9.04
C ALA J 243 -3.58 -27.80 7.88
N ARG J 244 -4.41 -26.81 8.19
CA ARG J 244 -4.94 -25.90 7.18
C ARG J 244 -3.83 -24.94 6.72
N LEU J 245 -2.97 -24.55 7.64
CA LEU J 245 -1.83 -23.76 7.29
C LEU J 245 -0.98 -24.47 6.22
N HIS J 246 -0.85 -25.79 6.36
CA HIS J 246 -0.15 -26.60 5.36
C HIS J 246 -0.84 -26.59 4.01
N TRP J 247 -2.18 -26.63 4.03
CA TRP J 247 -2.98 -26.52 2.79
C TRP J 247 -2.62 -25.21 2.14
N LEU J 248 -2.65 -24.15 2.93
CA LEU J 248 -2.33 -22.83 2.42
C LEU J 248 -0.89 -22.79 1.90
N ALA J 249 -0.01 -23.53 2.57
CA ALA J 249 1.39 -23.53 2.17
C ALA J 249 1.54 -24.14 0.81
N THR J 250 0.80 -25.21 0.55
CA THR J 250 1.02 -25.97 -0.65
C THR J 250 0.40 -25.26 -1.79
N LEU J 251 -0.57 -24.41 -1.55
CA LEU J 251 -1.16 -23.62 -2.65
C LEU J 251 -0.15 -22.59 -3.17
N LEU J 252 0.41 -21.87 -2.21
CA LEU J 252 1.49 -20.95 -2.45
C LEU J 252 2.62 -21.61 -3.21
N MET J 253 2.92 -22.86 -2.92
CA MET J 253 4.04 -23.46 -3.58
C MET J 253 3.68 -23.89 -4.98
N ASP J 254 2.43 -24.17 -5.23
CA ASP J 254 2.07 -24.62 -6.56
C ASP J 254 2.11 -23.47 -7.51
N ALA J 255 1.70 -22.33 -6.99
CA ALA J 255 1.76 -21.09 -7.71
C ALA J 255 3.21 -20.76 -8.05
N LEU J 256 4.10 -20.97 -7.11
CA LEU J 256 5.48 -20.72 -7.39
C LEU J 256 5.95 -21.71 -8.47
N LYS J 257 5.33 -22.88 -8.52
CA LYS J 257 5.85 -23.89 -9.44
C LYS J 257 5.41 -23.47 -10.80
N ARG J 258 4.21 -22.93 -10.90
CA ARG J 258 3.76 -22.44 -12.19
C ARG J 258 4.54 -21.23 -12.70
N HIS J 259 5.11 -20.43 -11.81
CA HIS J 259 5.95 -19.37 -12.33
C HIS J 259 7.20 -19.87 -12.87
N HIS J 260 7.45 -21.17 -12.69
CA HIS J 260 8.56 -21.83 -13.33
C HIS J 260 8.06 -22.87 -14.28
N GLY J 261 6.75 -22.90 -14.55
CA GLY J 261 6.18 -23.79 -15.54
C GLY J 261 6.35 -25.29 -15.33
N ALA J 262 6.17 -25.73 -14.08
CA ALA J 262 6.41 -27.10 -13.65
C ALA J 262 5.22 -28.00 -14.04
N ALA J 263 5.51 -29.28 -14.26
CA ALA J 263 4.49 -30.32 -14.49
C ALA J 263 3.58 -30.62 -13.26
N GLN J 264 4.10 -31.33 -12.25
CA GLN J 264 3.29 -31.67 -11.09
C GLN J 264 3.03 -30.42 -10.33
N VAL J 265 1.77 -30.25 -9.96
CA VAL J 265 1.38 -29.46 -8.80
C VAL J 265 0.75 -30.34 -7.73
N THR J 266 0.65 -29.83 -6.52
CA THR J 266 0.04 -30.59 -5.46
C THR J 266 -1.46 -30.46 -5.55
N ASN J 267 -1.99 -29.24 -5.63
CA ASN J 267 -3.42 -29.03 -5.53
C ASN J 267 -4.07 -29.14 -6.87
N VAL J 268 -3.82 -30.26 -7.53
CA VAL J 268 -4.39 -30.62 -8.83
C VAL J 268 -5.85 -30.25 -9.05
N ASP J 269 -6.64 -30.26 -8.01
CA ASP J 269 -8.06 -30.12 -8.18
C ASP J 269 -8.58 -28.69 -8.19
N VAL J 270 -7.79 -27.72 -7.73
CA VAL J 270 -8.17 -26.31 -7.82
C VAL J 270 -7.22 -25.54 -8.76
N PRO J 271 -7.16 -25.89 -10.05
CA PRO J 271 -5.98 -25.34 -10.70
C PRO J 271 -6.35 -23.92 -11.00
N GLY J 272 -7.61 -23.55 -10.72
CA GLY J 272 -8.12 -22.21 -10.87
C GLY J 272 -7.48 -21.30 -9.85
N LEU J 273 -7.61 -21.68 -8.59
CA LEU J 273 -7.04 -20.89 -7.51
C LEU J 273 -5.52 -20.80 -7.60
N VAL J 274 -4.87 -21.86 -8.05
CA VAL J 274 -3.44 -21.81 -8.26
C VAL J 274 -3.08 -20.74 -9.25
N ALA J 275 -3.67 -20.78 -10.44
CA ALA J 275 -3.37 -19.78 -11.44
C ALA J 275 -3.62 -18.38 -10.90
N GLU J 276 -4.67 -18.19 -10.12
CA GLU J 276 -4.88 -16.83 -9.68
C GLU J 276 -3.91 -16.32 -8.64
N LEU J 277 -3.21 -17.23 -8.00
CA LEU J 277 -2.13 -16.78 -7.17
C LEU J 277 -0.98 -16.39 -8.11
N ALA J 278 -0.66 -17.20 -9.12
CA ALA J 278 0.50 -16.90 -9.95
C ALA J 278 0.28 -15.57 -10.61
N ASN J 279 -0.96 -15.10 -10.59
CA ASN J 279 -1.29 -13.90 -11.33
C ASN J 279 -1.17 -12.66 -10.53
N HIS J 280 -1.67 -12.66 -9.31
CA HIS J 280 -1.62 -11.45 -8.50
C HIS J 280 -0.53 -11.38 -7.44
N LEU J 281 0.49 -12.24 -7.53
CA LEU J 281 1.62 -12.18 -6.64
C LEU J 281 2.89 -12.44 -7.38
N SER J 282 3.91 -11.67 -7.07
CA SER J 282 5.21 -11.83 -7.67
C SER J 282 5.75 -13.06 -7.12
N PRO J 283 6.69 -13.66 -7.81
CA PRO J 283 7.44 -14.76 -7.25
C PRO J 283 8.08 -14.33 -5.94
N SER J 284 8.61 -13.11 -5.89
CA SER J 284 9.28 -12.66 -4.67
C SER J 284 8.38 -12.77 -3.44
N ARG J 285 7.11 -12.38 -3.57
CA ARG J 285 6.21 -12.41 -2.44
C ARG J 285 5.47 -13.71 -2.31
N LEU J 286 5.32 -14.43 -3.39
CA LEU J 286 4.76 -15.75 -3.25
C LEU J 286 5.68 -16.52 -2.33
N GLN J 287 6.98 -16.35 -2.53
CA GLN J 287 7.93 -17.12 -1.80
C GLN J 287 8.14 -16.72 -0.35
N ALA J 288 8.27 -15.42 -0.11
CA ALA J 288 8.30 -14.92 1.26
C ALA J 288 7.12 -15.43 2.08
N ILE J 289 5.90 -15.38 1.53
CA ILE J 289 4.67 -15.80 2.23
C ILE J 289 4.62 -17.28 2.48
N LEU J 290 5.13 -18.07 1.53
CA LEU J 290 5.39 -19.49 1.77
C LEU J 290 6.34 -19.65 2.97
N GLY J 291 7.37 -18.82 3.02
CA GLY J 291 8.28 -18.78 4.13
C GLY J 291 7.57 -18.64 5.46
N ASP J 292 6.80 -17.58 5.64
CA ASP J 292 6.20 -17.34 6.95
C ASP J 292 5.12 -18.31 7.28
N VAL J 293 4.46 -18.83 6.27
CA VAL J 293 3.34 -19.68 6.53
C VAL J 293 3.81 -20.98 7.13
N CYS J 294 4.93 -21.50 6.65
CA CYS J 294 5.51 -22.68 7.27
C CYS J 294 6.11 -22.38 8.59
N HIS J 295 6.78 -21.24 8.69
CA HIS J 295 7.40 -20.88 9.96
C HIS J 295 6.41 -20.76 11.12
N ILE J 296 5.28 -20.11 10.93
CA ILE J 296 4.25 -20.08 11.94
C ILE J 296 3.76 -21.49 12.20
N ARG J 297 3.59 -22.29 11.15
CA ARG J 297 3.06 -23.64 11.35
C ARG J 297 3.93 -24.36 12.35
N GLU J 298 5.24 -24.24 12.22
CA GLU J 298 6.10 -24.91 13.16
C GLU J 298 5.79 -24.48 14.58
N GLN J 299 5.94 -23.19 14.83
CA GLN J 299 5.62 -22.60 16.11
C GLN J 299 4.27 -23.01 16.69
N LEU J 300 3.28 -23.11 15.82
CA LEU J 300 1.98 -23.49 16.30
C LEU J 300 1.93 -24.88 16.83
N MET J 301 2.86 -25.72 16.37
CA MET J 301 2.85 -27.12 16.72
C MET J 301 3.87 -27.40 17.78
N SER J 302 4.89 -26.55 17.79
CA SER J 302 6.05 -26.81 18.62
C SER J 302 6.09 -26.05 19.96
N VAL J 303 5.59 -24.81 20.00
CA VAL J 303 5.60 -24.00 21.24
C VAL J 303 4.43 -24.35 22.12
N THR J 304 4.71 -24.89 23.29
CA THR J 304 3.60 -25.38 24.11
C THR J 304 2.78 -24.19 24.61
N GLY J 305 1.48 -24.28 24.34
CA GLY J 305 0.52 -23.34 24.87
C GLY J 305 0.36 -22.04 24.10
N ILE J 306 1.19 -21.83 23.08
CA ILE J 306 1.15 -20.55 22.40
C ILE J 306 -0.23 -20.22 21.85
N ASN J 307 -0.55 -18.91 21.77
CA ASN J 307 -1.88 -18.47 21.33
C ASN J 307 -2.06 -18.39 19.80
N ARG J 308 -2.94 -19.25 19.30
CA ARG J 308 -3.17 -19.39 17.89
C ARG J 308 -3.72 -18.12 17.28
N GLU J 309 -4.91 -17.75 17.69
CA GLU J 309 -5.47 -16.50 17.26
C GLU J 309 -4.44 -15.41 17.17
N LEU J 310 -3.65 -15.20 18.23
CA LEU J 310 -2.71 -14.08 18.17
C LEU J 310 -1.64 -14.32 17.13
N LEU J 311 -1.12 -15.53 17.05
CA LEU J 311 -0.10 -15.81 16.05
C LEU J 311 -0.64 -15.71 14.64
N ILE J 312 -1.73 -16.39 14.33
CA ILE J 312 -2.22 -16.34 12.98
C ILE J 312 -2.59 -14.91 12.66
N THR J 313 -3.16 -14.16 13.60
CA THR J 313 -3.46 -12.77 13.30
C THR J 313 -2.19 -12.00 12.93
N ASP J 314 -1.12 -12.06 13.70
CA ASP J 314 0.13 -11.42 13.29
C ASP J 314 0.50 -11.80 11.83
N LEU J 315 0.57 -13.09 11.53
CA LEU J 315 0.92 -13.55 10.20
C LEU J 315 0.09 -12.88 9.15
N LEU J 316 -1.21 -12.80 9.33
CA LEU J 316 -2.03 -12.30 8.25
C LEU J 316 -1.83 -10.80 8.04
N LEU J 317 -1.73 -10.03 9.11
CA LEU J 317 -1.39 -8.61 9.01
C LEU J 317 -0.04 -8.40 8.40
N ARG J 318 0.89 -9.26 8.74
CA ARG J 318 2.26 -9.12 8.32
C ARG J 318 2.38 -9.47 6.86
N ILE J 319 1.52 -10.37 6.40
CA ILE J 319 1.53 -10.77 5.01
C ILE J 319 1.10 -9.58 4.22
N GLU J 320 0.02 -8.96 4.63
CA GLU J 320 -0.46 -7.84 3.90
C GLU J 320 0.56 -6.75 3.77
N HIS J 321 1.51 -6.70 4.67
CA HIS J 321 2.54 -5.69 4.59
C HIS J 321 3.49 -6.06 3.46
N TYR J 322 3.96 -7.31 3.42
CA TYR J 322 4.78 -7.81 2.32
C TYR J 322 4.17 -7.47 0.97
N LEU J 323 2.86 -7.34 0.92
CA LEU J 323 2.21 -7.13 -0.36
C LEU J 323 2.53 -5.77 -0.94
N GLN J 324 2.72 -4.77 -0.06
CA GLN J 324 3.26 -3.45 -0.43
C GLN J 324 4.54 -3.49 -1.27
N PRO J 325 4.75 -2.43 -2.06
CA PRO J 325 5.97 -2.44 -2.87
C PRO J 325 7.11 -2.10 -1.94
N GLY J 326 8.34 -2.49 -2.27
CA GLY J 326 9.50 -2.02 -1.53
C GLY J 326 9.70 -2.46 -0.09
N VAL J 327 8.84 -3.32 0.44
CA VAL J 327 9.10 -3.84 1.76
C VAL J 327 10.20 -4.90 1.73
N VAL J 328 10.95 -4.93 2.82
CA VAL J 328 12.01 -5.90 2.94
C VAL J 328 11.49 -7.30 3.33
N LEU J 329 11.78 -8.28 2.48
CA LEU J 329 11.26 -9.62 2.71
C LEU J 329 12.27 -10.51 3.44
N PRO J 330 11.77 -11.38 4.33
CA PRO J 330 12.42 -12.41 5.15
C PRO J 330 13.37 -13.34 4.34
N VAL J 331 14.42 -13.90 4.96
CA VAL J 331 15.37 -14.84 4.27
C VAL J 331 16.04 -15.84 5.24
N PRO J 332 15.77 -17.16 5.08
CA PRO J 332 16.15 -18.21 6.06
C PRO J 332 17.58 -18.11 6.67
N HIS J 333 17.70 -18.53 7.93
CA HIS J 333 18.82 -18.12 8.77
C HIS J 333 19.76 -19.25 9.14
N LEU J 334 21.06 -18.94 9.11
CA LEU J 334 22.08 -19.70 9.87
C LEU J 334 22.69 -20.88 9.09
#